data_3JD1
#
_entry.id   3JD1
#
_cell.length_a   1.000
_cell.length_b   1.000
_cell.length_c   1.000
_cell.angle_alpha   90.00
_cell.angle_beta   90.00
_cell.angle_gamma   90.00
#
_symmetry.space_group_name_H-M   'P 1'
#
loop_
_entity.id
_entity.type
_entity.pdbx_description
1 polymer 'Glutamate dehydrogenase 1, mitochondrial'
2 non-polymer '1,4-DIHYDRONICOTINAMIDE ADENINE DINUCLEOTIDE'
#
_entity_poly.entity_id   1
_entity_poly.type   'polypeptide(L)'
_entity_poly.pdbx_seq_one_letter_code
;ADREDDPNFFKMVEGFFDRGASIVEDKLVEDLKTRETEEQKRNRVRSILRIIKPCNHVLSLSFPIRRDDGSWEVIEGYRA
QHSQHRTPCKGGIRYSTDVSVDEVKALASLMTYKCAVVDVPFGGAKAGVKINPKNYTDNELEKITRRFTMELAKKGFIGP
GVDVPAPDMSTGEREMSWIADTYASTIGHYDINAHACVTGKPISQGGIHGRISATGRGVFHGIENFINEASYMSILGMTP
GFGDKTFVVQGFGNVGLHSMRYLHRFGAKCITVGESDGSIWNPDGIDPKELEDFKLQHGTILGFPKAKIYEGSILEVDCD
ILIPAASEKQLTKSNAPRVKAKIIAEGANGPTTPEADKIFLERNIMVIPDLYLNAGGVTVSYFEWLNNLNHVSYGRLTFK
YERDSNYHLLMSVQESLERKFGKHGGTIPIVPTAEFQDRISGASEKDIVHSGLAYTMERSARQIMRTAMKYNLGLDLRTA
AYVNAIEKVFRVYNEAGVTFT
;
_entity_poly.pdbx_strand_id   A,B,C,D,E,F
#
loop_
_chem_comp.id
_chem_comp.type
_chem_comp.name
_chem_comp.formula
NAI non-polymer '1,4-DIHYDRONICOTINAMIDE ADENINE DINUCLEOTIDE' 'C21 H29 N7 O14 P2'
#
# COMPACT_ATOMS: atom_id res chain seq x y z
N ASP A 6 -26.20 -35.92 15.04
CA ASP A 6 -27.34 -35.92 15.94
C ASP A 6 -27.68 -34.51 16.40
N PRO A 7 -26.77 -33.92 17.26
CA PRO A 7 -27.12 -32.56 17.69
C PRO A 7 -26.32 -31.50 16.95
N ASN A 8 -26.59 -30.23 17.26
CA ASN A 8 -25.87 -29.13 16.63
C ASN A 8 -24.40 -29.28 16.95
N PHE A 9 -23.65 -29.78 15.99
CA PHE A 9 -22.21 -30.00 16.18
C PHE A 9 -21.54 -28.80 16.81
N PHE A 10 -22.04 -27.59 16.51
CA PHE A 10 -21.46 -26.40 17.10
C PHE A 10 -21.78 -26.30 18.57
N LYS A 11 -23.02 -26.62 18.94
CA LYS A 11 -23.40 -26.56 20.35
C LYS A 11 -22.76 -27.68 21.15
N MET A 12 -22.64 -28.86 20.56
CA MET A 12 -21.90 -29.93 21.21
C MET A 12 -20.57 -29.41 21.75
N VAL A 13 -19.70 -28.95 20.86
CA VAL A 13 -18.43 -28.37 21.29
C VAL A 13 -18.66 -27.32 22.35
N GLU A 14 -19.73 -26.55 22.20
CA GLU A 14 -20.00 -25.47 23.12
C GLU A 14 -20.42 -26.01 24.48
N GLY A 15 -21.18 -27.11 24.47
CA GLY A 15 -21.56 -27.73 25.71
C GLY A 15 -20.36 -28.20 26.50
N PHE A 16 -19.38 -28.77 25.81
CA PHE A 16 -18.13 -29.11 26.47
C PHE A 16 -17.50 -27.88 27.11
N PHE A 17 -17.15 -26.89 26.28
CA PHE A 17 -16.43 -25.72 26.73
C PHE A 17 -16.94 -25.22 28.07
N ASP A 18 -18.26 -25.22 28.26
CA ASP A 18 -18.81 -24.82 29.55
C ASP A 18 -18.33 -25.72 30.66
N ARG A 19 -18.45 -27.03 30.49
CA ARG A 19 -18.01 -27.96 31.52
C ARG A 19 -16.65 -27.54 32.07
N GLY A 20 -15.70 -27.23 31.19
CA GLY A 20 -14.39 -26.81 31.63
C GLY A 20 -14.43 -25.48 32.36
N ALA A 21 -15.25 -24.55 31.88
CA ALA A 21 -15.26 -23.21 32.45
C ALA A 21 -15.98 -23.19 33.79
N SER A 22 -17.00 -24.02 33.95
CA SER A 22 -17.66 -24.14 35.24
C SER A 22 -16.68 -24.45 36.35
N ILE A 23 -15.55 -25.06 36.02
CA ILE A 23 -14.63 -25.62 36.98
C ILE A 23 -13.55 -24.61 37.27
N VAL A 24 -12.89 -24.14 36.21
CA VAL A 24 -11.74 -23.26 36.37
C VAL A 24 -12.17 -21.90 36.89
N GLU A 25 -13.44 -21.56 36.74
CA GLU A 25 -13.96 -20.27 37.19
C GLU A 25 -13.45 -19.92 38.57
N ASP A 26 -13.64 -20.85 39.51
CA ASP A 26 -13.31 -20.58 40.90
C ASP A 26 -11.84 -20.20 41.06
N LYS A 27 -10.94 -21.12 40.72
CA LYS A 27 -9.51 -20.81 40.79
C LYS A 27 -9.19 -19.61 39.94
N LEU A 28 -9.88 -19.46 38.82
CA LEU A 28 -9.58 -18.40 37.87
C LEU A 28 -9.82 -17.04 38.49
N VAL A 29 -10.80 -16.94 39.38
CA VAL A 29 -11.06 -15.70 40.07
C VAL A 29 -9.96 -15.41 41.07
N GLU A 30 -9.50 -16.44 41.77
CA GLU A 30 -8.45 -16.28 42.75
C GLU A 30 -7.17 -15.75 42.11
N ASP A 31 -6.78 -16.33 40.97
CA ASP A 31 -5.62 -15.83 40.24
C ASP A 31 -5.79 -14.35 39.91
N LEU A 32 -6.97 -13.96 39.44
CA LEU A 32 -7.22 -12.57 39.09
C LEU A 32 -6.96 -11.67 40.29
N LYS A 33 -6.03 -10.74 40.12
CA LYS A 33 -5.66 -9.80 41.17
C LYS A 33 -6.22 -8.41 40.87
N THR A 34 -6.95 -7.87 41.85
CA THR A 34 -7.58 -6.56 41.69
C THR A 34 -8.20 -6.13 43.01
N ARG A 35 -8.83 -4.95 43.03
CA ARG A 35 -9.53 -4.46 44.20
C ARG A 35 -11.04 -4.59 44.07
N GLU A 36 -11.54 -5.18 42.99
CA GLU A 36 -12.96 -5.36 42.82
C GLU A 36 -13.56 -6.21 43.94
N THR A 37 -14.88 -6.17 44.01
CA THR A 37 -15.61 -7.08 44.88
C THR A 37 -15.47 -8.51 44.36
N GLU A 38 -15.61 -9.47 45.28
CA GLU A 38 -15.50 -10.88 44.91
C GLU A 38 -16.47 -11.22 43.79
N GLU A 39 -17.68 -10.68 43.87
CA GLU A 39 -18.67 -10.96 42.84
C GLU A 39 -18.32 -10.25 41.53
N GLN A 40 -17.80 -9.02 41.63
CA GLN A 40 -17.44 -8.29 40.43
C GLN A 40 -16.38 -9.02 39.63
N LYS A 41 -15.38 -9.55 40.33
CA LYS A 41 -14.40 -10.40 39.64
C LYS A 41 -15.09 -11.53 38.90
N ARG A 42 -16.06 -12.18 39.55
CA ARG A 42 -16.79 -13.25 38.88
C ARG A 42 -17.50 -12.73 37.64
N ASN A 43 -17.88 -11.46 37.63
CA ASN A 43 -18.53 -10.90 36.46
C ASN A 43 -17.51 -10.41 35.44
N ARG A 44 -16.24 -10.31 35.83
CA ARG A 44 -15.19 -10.07 34.86
C ARG A 44 -14.89 -11.34 34.08
N VAL A 45 -14.68 -12.44 34.78
CA VAL A 45 -14.31 -13.69 34.12
C VAL A 45 -15.46 -14.20 33.27
N ARG A 46 -16.67 -14.22 33.81
CA ARG A 46 -17.80 -14.72 33.05
C ARG A 46 -18.01 -13.91 31.78
N SER A 47 -17.82 -12.60 31.87
CA SER A 47 -17.98 -11.76 30.69
C SER A 47 -16.96 -12.14 29.63
N ILE A 48 -15.70 -12.30 30.02
CA ILE A 48 -14.68 -12.70 29.08
C ILE A 48 -15.04 -14.04 28.45
N LEU A 49 -15.42 -15.00 29.26
CA LEU A 49 -15.78 -16.31 28.75
C LEU A 49 -16.96 -16.23 27.79
N ARG A 50 -17.76 -15.17 27.88
CA ARG A 50 -18.84 -14.99 26.91
C ARG A 50 -18.30 -14.39 25.62
N ILE A 51 -17.04 -13.95 25.62
CA ILE A 51 -16.43 -13.39 24.43
C ILE A 51 -15.64 -14.45 23.70
N ILE A 52 -14.95 -15.32 24.44
CA ILE A 52 -14.12 -16.35 23.85
C ILE A 52 -14.97 -17.30 23.02
N LYS A 53 -16.07 -17.77 23.60
CA LYS A 53 -16.81 -18.91 23.05
C LYS A 53 -17.23 -18.73 21.61
N PRO A 54 -17.67 -17.57 21.16
CA PRO A 54 -18.14 -17.43 19.79
C PRO A 54 -17.04 -17.07 18.81
N CYS A 55 -17.35 -17.28 17.54
CA CYS A 55 -16.45 -16.94 16.46
C CYS A 55 -16.66 -15.50 16.02
N ASN A 56 -15.55 -14.86 15.66
CA ASN A 56 -15.51 -13.42 15.43
C ASN A 56 -15.77 -13.05 13.98
N HIS A 57 -15.32 -13.87 13.05
CA HIS A 57 -15.52 -13.61 11.64
C HIS A 57 -15.96 -14.88 10.94
N VAL A 58 -16.98 -14.75 10.12
CA VAL A 58 -17.47 -15.84 9.27
C VAL A 58 -17.80 -15.24 7.92
N LEU A 59 -17.37 -15.91 6.87
CA LEU A 59 -17.58 -15.45 5.51
C LEU A 59 -18.24 -16.55 4.69
N SER A 60 -19.34 -16.22 4.06
CA SER A 60 -20.06 -17.10 3.18
C SER A 60 -20.09 -16.48 1.79
N LEU A 61 -19.63 -17.22 0.79
CA LEU A 61 -19.52 -16.65 -0.54
C LEU A 61 -19.89 -17.68 -1.58
N SER A 62 -20.14 -17.18 -2.79
CA SER A 62 -20.63 -17.98 -3.90
C SER A 62 -19.86 -17.64 -5.17
N PHE A 63 -19.59 -18.65 -5.98
CA PHE A 63 -18.73 -18.55 -7.14
C PHE A 63 -19.44 -18.89 -8.42
N PRO A 64 -19.31 -18.09 -9.43
CA PRO A 64 -19.60 -18.57 -10.77
C PRO A 64 -18.38 -19.22 -11.37
N ILE A 65 -18.52 -20.45 -11.82
CA ILE A 65 -17.44 -21.13 -12.53
C ILE A 65 -18.00 -21.80 -13.77
N ARG A 66 -17.20 -21.84 -14.82
CA ARG A 66 -17.58 -22.50 -16.06
C ARG A 66 -16.92 -23.87 -16.11
N ARG A 67 -17.72 -24.87 -16.41
CA ARG A 67 -17.26 -26.24 -16.47
C ARG A 67 -16.54 -26.52 -17.78
N ASP A 68 -16.19 -27.79 -17.98
CA ASP A 68 -15.60 -28.22 -19.24
C ASP A 68 -16.63 -28.26 -20.35
N ASP A 69 -17.87 -28.64 -20.03
CA ASP A 69 -18.94 -28.69 -21.02
C ASP A 69 -19.52 -27.33 -21.34
N GLY A 70 -18.88 -26.24 -20.90
CA GLY A 70 -19.35 -24.90 -21.17
C GLY A 70 -20.42 -24.39 -20.24
N SER A 71 -21.03 -25.25 -19.42
CA SER A 71 -22.09 -24.84 -18.52
C SER A 71 -21.52 -24.34 -17.20
N TRP A 72 -22.14 -23.27 -16.69
CA TRP A 72 -21.78 -22.69 -15.41
C TRP A 72 -22.54 -23.40 -14.29
N GLU A 73 -21.96 -23.36 -13.10
CA GLU A 73 -22.68 -23.65 -11.87
C GLU A 73 -22.09 -22.78 -10.77
N VAL A 74 -22.79 -22.77 -9.64
CA VAL A 74 -22.35 -21.97 -8.51
C VAL A 74 -21.82 -22.87 -7.42
N ILE A 75 -20.99 -22.30 -6.58
CA ILE A 75 -20.32 -23.02 -5.52
C ILE A 75 -20.41 -22.20 -4.24
N GLU A 76 -20.66 -22.88 -3.13
CA GLU A 76 -20.80 -22.24 -1.84
C GLU A 76 -19.58 -22.55 -0.99
N GLY A 77 -18.93 -21.50 -0.50
CA GLY A 77 -17.72 -21.65 0.26
C GLY A 77 -17.76 -20.83 1.53
N TYR A 78 -17.05 -21.31 2.55
CA TYR A 78 -17.09 -20.74 3.89
C TYR A 78 -15.68 -20.58 4.41
N ARG A 79 -15.52 -19.70 5.39
CA ARG A 79 -14.22 -19.47 6.02
C ARG A 79 -14.46 -18.75 7.32
N ALA A 80 -14.17 -19.40 8.43
CA ALA A 80 -14.37 -18.85 9.74
C ALA A 80 -13.05 -18.58 10.45
N GLN A 81 -13.04 -17.51 11.23
CA GLN A 81 -11.97 -17.19 12.15
C GLN A 81 -12.56 -17.05 13.53
N HIS A 82 -12.01 -17.80 14.48
CA HIS A 82 -12.57 -17.86 15.81
C HIS A 82 -12.02 -16.78 16.70
N SER A 83 -10.71 -16.68 16.77
CA SER A 83 -10.07 -15.86 17.78
C SER A 83 -8.89 -15.13 17.16
N GLN A 84 -8.78 -13.86 17.50
CA GLN A 84 -7.65 -13.03 17.11
C GLN A 84 -6.70 -12.78 18.27
N HIS A 85 -6.86 -13.51 19.37
CA HIS A 85 -5.97 -13.33 20.51
C HIS A 85 -4.53 -13.53 20.11
N ARG A 86 -4.30 -14.20 18.99
CA ARG A 86 -2.96 -14.56 18.58
C ARG A 86 -3.00 -14.97 17.13
N THR A 87 -2.31 -14.21 16.29
CA THR A 87 -2.28 -14.42 14.85
C THR A 87 -0.94 -15.00 14.46
N PRO A 88 -0.88 -15.67 13.31
CA PRO A 88 -1.98 -15.95 12.38
C PRO A 88 -3.03 -16.92 12.87
N CYS A 89 -4.10 -16.98 12.09
CA CYS A 89 -5.14 -17.97 12.27
C CYS A 89 -4.98 -19.08 11.25
N LYS A 90 -5.28 -20.29 11.67
CA LYS A 90 -5.12 -21.43 10.79
C LYS A 90 -6.34 -22.33 10.75
N GLY A 91 -6.26 -23.25 9.82
CA GLY A 91 -7.28 -24.26 9.62
C GLY A 91 -7.22 -24.74 8.21
N GLY A 92 -7.94 -25.82 7.95
CA GLY A 92 -7.87 -26.50 6.70
C GLY A 92 -9.05 -26.21 5.80
N ILE A 93 -8.94 -26.71 4.58
CA ILE A 93 -9.96 -26.58 3.57
C ILE A 93 -10.55 -27.95 3.35
N ARG A 94 -11.84 -28.08 3.63
CA ARG A 94 -12.55 -29.32 3.51
C ARG A 94 -13.48 -29.28 2.32
N TYR A 95 -13.26 -30.17 1.37
CA TYR A 95 -14.15 -30.35 0.24
C TYR A 95 -15.14 -31.45 0.58
N SER A 96 -16.42 -31.11 0.62
CA SER A 96 -17.46 -32.06 0.96
C SER A 96 -18.82 -31.43 0.74
N THR A 97 -19.81 -32.29 0.55
CA THR A 97 -21.19 -31.86 0.37
C THR A 97 -21.92 -31.67 1.69
N ASP A 98 -21.39 -32.18 2.79
CA ASP A 98 -21.98 -31.98 4.10
C ASP A 98 -21.32 -30.82 4.84
N VAL A 99 -20.90 -29.80 4.10
CA VAL A 99 -20.30 -28.62 4.72
C VAL A 99 -21.42 -27.66 5.08
N SER A 100 -21.24 -26.95 6.19
CA SER A 100 -22.25 -26.06 6.72
C SER A 100 -21.58 -25.04 7.62
N VAL A 101 -22.24 -23.90 7.75
CA VAL A 101 -21.70 -22.82 8.56
C VAL A 101 -21.43 -23.29 9.98
N ASP A 102 -22.28 -24.18 10.48
CA ASP A 102 -22.17 -24.59 11.88
C ASP A 102 -21.01 -25.56 12.09
N GLU A 103 -20.75 -26.43 11.12
CA GLU A 103 -19.58 -27.30 11.21
C GLU A 103 -18.30 -26.48 11.18
N VAL A 104 -18.28 -25.44 10.36
CA VAL A 104 -17.08 -24.63 10.21
C VAL A 104 -16.79 -23.87 11.50
N LYS A 105 -17.80 -23.20 12.04
CA LYS A 105 -17.62 -22.47 13.29
C LYS A 105 -17.12 -23.39 14.39
N ALA A 106 -17.67 -24.60 14.46
CA ALA A 106 -17.24 -25.56 15.47
C ALA A 106 -15.76 -25.88 15.32
N LEU A 107 -15.37 -26.41 14.17
CA LEU A 107 -14.00 -26.85 13.97
C LEU A 107 -13.03 -25.71 14.18
N ALA A 108 -13.42 -24.51 13.79
CA ALA A 108 -12.59 -23.35 14.04
C ALA A 108 -12.29 -23.21 15.53
N SER A 109 -13.32 -23.34 16.35
CA SER A 109 -13.14 -23.24 17.79
C SER A 109 -12.13 -24.24 18.29
N LEU A 110 -12.18 -25.48 17.82
CA LEU A 110 -11.24 -26.48 18.29
C LEU A 110 -9.81 -26.09 17.96
N MET A 111 -9.53 -25.76 16.71
CA MET A 111 -8.18 -25.36 16.33
C MET A 111 -7.64 -24.29 17.25
N THR A 112 -8.52 -23.47 17.81
CA THR A 112 -8.08 -22.43 18.72
C THR A 112 -7.62 -23.01 20.04
N TYR A 113 -8.32 -24.04 20.52
CA TYR A 113 -8.01 -24.61 21.80
C TYR A 113 -6.89 -25.63 21.67
N LYS A 114 -6.94 -26.43 20.62
CA LYS A 114 -5.87 -27.37 20.33
C LYS A 114 -4.52 -26.67 20.29
N CYS A 115 -4.42 -25.59 19.53
CA CYS A 115 -3.17 -24.87 19.41
C CYS A 115 -2.68 -24.34 20.74
N ALA A 116 -3.58 -24.21 21.72
CA ALA A 116 -3.16 -23.69 23.02
C ALA A 116 -2.71 -24.82 23.93
N VAL A 117 -3.22 -26.02 23.70
CA VAL A 117 -2.75 -27.19 24.41
C VAL A 117 -1.28 -27.42 24.14
N VAL A 118 -0.88 -27.35 22.87
CA VAL A 118 0.47 -27.65 22.45
C VAL A 118 1.30 -26.38 22.26
N ASP A 119 0.78 -25.25 22.71
CA ASP A 119 1.55 -24.01 22.76
C ASP A 119 2.13 -23.64 21.41
N VAL A 120 1.26 -23.52 20.42
CA VAL A 120 1.67 -22.95 19.14
C VAL A 120 0.96 -21.62 18.96
N PRO A 121 1.64 -20.60 18.54
CA PRO A 121 1.08 -19.26 18.59
C PRO A 121 0.08 -18.96 17.49
N PHE A 122 -0.97 -19.74 17.36
CA PHE A 122 -1.93 -19.53 16.30
C PHE A 122 -3.33 -19.52 16.86
N GLY A 123 -4.22 -18.96 16.07
CA GLY A 123 -5.62 -18.98 16.38
C GLY A 123 -6.29 -20.06 15.59
N GLY A 124 -7.59 -20.00 15.48
CA GLY A 124 -8.32 -21.03 14.79
C GLY A 124 -9.10 -20.53 13.60
N ALA A 125 -9.09 -21.35 12.57
CA ALA A 125 -9.92 -21.12 11.40
C ALA A 125 -10.29 -22.47 10.83
N LYS A 126 -11.17 -22.43 9.84
CA LYS A 126 -11.57 -23.60 9.09
C LYS A 126 -12.38 -23.14 7.91
N ALA A 127 -12.16 -23.77 6.77
CA ALA A 127 -12.88 -23.46 5.56
C ALA A 127 -13.72 -24.65 5.11
N GLY A 128 -14.36 -24.48 3.98
CA GLY A 128 -15.29 -25.48 3.49
C GLY A 128 -15.77 -25.12 2.11
N VAL A 129 -16.22 -26.14 1.38
CA VAL A 129 -16.76 -25.97 0.05
C VAL A 129 -17.78 -27.07 -0.17
N LYS A 130 -19.02 -26.70 -0.48
CA LYS A 130 -20.03 -27.67 -0.87
C LYS A 130 -19.65 -28.18 -2.25
N ILE A 131 -19.07 -29.36 -2.26
CA ILE A 131 -18.56 -29.94 -3.49
C ILE A 131 -18.24 -31.41 -3.23
N ASN A 132 -18.27 -32.20 -4.28
CA ASN A 132 -17.80 -33.58 -4.24
C ASN A 132 -16.74 -33.72 -5.33
N PRO A 133 -15.47 -33.79 -4.95
CA PRO A 133 -14.41 -33.77 -5.97
C PRO A 133 -14.50 -34.88 -6.97
N LYS A 134 -14.98 -36.04 -6.56
CA LYS A 134 -15.04 -37.20 -7.43
C LYS A 134 -15.78 -36.93 -8.73
N ASN A 135 -16.71 -35.98 -8.73
CA ASN A 135 -17.53 -35.71 -9.89
C ASN A 135 -16.89 -34.72 -10.85
N TYR A 136 -15.72 -34.17 -10.50
CA TYR A 136 -15.10 -33.10 -11.27
C TYR A 136 -13.71 -33.53 -11.70
N THR A 137 -13.22 -32.90 -12.76
CA THR A 137 -11.92 -33.22 -13.29
C THR A 137 -10.81 -32.57 -12.48
N ASP A 138 -9.58 -32.68 -12.98
CA ASP A 138 -8.47 -31.96 -12.41
C ASP A 138 -8.34 -30.57 -13.02
N ASN A 139 -9.09 -30.32 -14.10
CA ASN A 139 -9.08 -28.99 -14.69
C ASN A 139 -10.25 -28.18 -14.19
N GLU A 140 -11.16 -28.81 -13.46
CA GLU A 140 -12.27 -28.09 -12.84
C GLU A 140 -11.99 -27.83 -11.36
N LEU A 141 -11.31 -28.75 -10.70
CA LEU A 141 -10.94 -28.55 -9.31
C LEU A 141 -9.88 -27.47 -9.18
N GLU A 142 -9.08 -27.28 -10.21
CA GLU A 142 -8.03 -26.28 -10.16
C GLU A 142 -8.57 -24.92 -10.54
N LYS A 143 -9.69 -24.90 -11.24
CA LYS A 143 -10.33 -23.65 -11.64
C LYS A 143 -11.25 -23.16 -10.55
N ILE A 144 -11.64 -24.06 -9.65
CA ILE A 144 -12.34 -23.68 -8.43
C ILE A 144 -11.35 -23.11 -7.42
N THR A 145 -10.38 -23.92 -7.03
CA THR A 145 -9.42 -23.54 -6.02
C THR A 145 -8.80 -22.19 -6.30
N ARG A 146 -8.33 -21.96 -7.53
CA ARG A 146 -7.65 -20.72 -7.84
C ARG A 146 -8.61 -19.54 -7.82
N ARG A 147 -9.91 -19.81 -7.82
CA ARG A 147 -10.89 -18.74 -7.73
C ARG A 147 -11.30 -18.52 -6.28
N PHE A 148 -11.44 -19.60 -5.53
CA PHE A 148 -11.66 -19.51 -4.10
C PHE A 148 -10.58 -18.68 -3.44
N THR A 149 -9.32 -18.94 -3.77
CA THR A 149 -8.23 -18.22 -3.15
C THR A 149 -8.33 -16.73 -3.39
N MET A 150 -8.64 -16.33 -4.60
CA MET A 150 -8.69 -14.90 -4.92
C MET A 150 -9.69 -14.18 -4.03
N GLU A 151 -10.93 -14.65 -4.04
CA GLU A 151 -11.99 -13.95 -3.33
C GLU A 151 -11.65 -13.73 -1.88
N LEU A 152 -11.00 -14.69 -1.24
CA LEU A 152 -10.64 -14.53 0.16
C LEU A 152 -9.54 -13.50 0.34
N ALA A 153 -8.38 -13.73 -0.28
CA ALA A 153 -7.33 -12.73 -0.30
C ALA A 153 -7.89 -11.37 -0.65
N LYS A 154 -8.85 -11.35 -1.56
CA LYS A 154 -9.48 -10.11 -1.99
C LYS A 154 -10.27 -9.46 -0.86
N LYS A 155 -10.47 -10.19 0.24
CA LYS A 155 -11.21 -9.70 1.39
C LYS A 155 -10.46 -9.93 2.69
N GLY A 156 -9.16 -10.20 2.62
CA GLY A 156 -8.35 -10.24 3.82
C GLY A 156 -8.49 -11.47 4.68
N PHE A 157 -8.64 -12.64 4.09
CA PHE A 157 -8.67 -13.88 4.84
C PHE A 157 -7.61 -14.88 4.39
N ILE A 158 -6.60 -14.42 3.66
CA ILE A 158 -5.45 -15.25 3.32
C ILE A 158 -4.23 -14.37 3.37
N GLY A 159 -3.15 -14.89 3.95
CA GLY A 159 -1.97 -14.11 4.17
C GLY A 159 -1.05 -14.72 5.19
N PRO A 160 0.25 -14.50 5.02
CA PRO A 160 1.21 -15.05 5.98
C PRO A 160 0.99 -14.59 7.39
N GLY A 161 0.41 -13.42 7.57
CA GLY A 161 0.35 -12.79 8.86
C GLY A 161 -1.05 -12.59 9.37
N VAL A 162 -2.03 -13.06 8.60
CA VAL A 162 -3.43 -12.92 8.99
C VAL A 162 -4.10 -14.29 9.06
N ASP A 163 -3.88 -15.12 8.04
CA ASP A 163 -4.57 -16.40 7.98
C ASP A 163 -3.85 -17.32 7.02
N VAL A 164 -3.78 -18.60 7.37
CA VAL A 164 -2.91 -19.57 6.72
C VAL A 164 -3.66 -20.88 6.59
N PRO A 165 -4.06 -21.28 5.40
CA PRO A 165 -4.77 -22.55 5.24
C PRO A 165 -3.86 -23.76 5.15
N ALA A 166 -4.46 -24.92 5.34
CA ALA A 166 -3.75 -26.19 5.36
C ALA A 166 -4.65 -27.26 4.79
N PRO A 167 -4.15 -28.48 4.64
CA PRO A 167 -4.99 -29.55 4.10
C PRO A 167 -5.94 -30.12 5.13
N ASP A 168 -6.96 -30.79 4.62
CA ASP A 168 -7.98 -31.44 5.43
C ASP A 168 -8.65 -32.46 4.54
N MET A 169 -9.79 -32.99 5.00
CA MET A 169 -10.50 -34.00 4.26
C MET A 169 -10.62 -33.66 2.77
N SER A 170 -10.24 -34.62 1.95
CA SER A 170 -10.48 -34.59 0.51
C SER A 170 -9.59 -33.58 -0.20
N THR A 171 -8.53 -33.15 0.44
CA THR A 171 -7.52 -32.31 -0.19
C THR A 171 -6.15 -32.94 -0.03
N GLY A 172 -5.14 -32.21 -0.48
CA GLY A 172 -3.78 -32.71 -0.44
C GLY A 172 -2.80 -31.62 -0.79
N GLU A 173 -1.66 -32.05 -1.32
CA GLU A 173 -0.61 -31.12 -1.67
C GLU A 173 -0.90 -30.35 -2.94
N ARG A 174 -1.51 -30.99 -3.94
CA ARG A 174 -1.89 -30.27 -5.15
C ARG A 174 -2.60 -28.97 -4.80
N GLU A 175 -3.73 -29.07 -4.11
CA GLU A 175 -4.55 -27.90 -3.85
C GLU A 175 -3.74 -26.81 -3.16
N MET A 176 -2.69 -27.20 -2.44
CA MET A 176 -1.85 -26.20 -1.79
C MET A 176 -0.86 -25.60 -2.78
N SER A 177 -0.53 -26.35 -3.82
CA SER A 177 0.33 -25.83 -4.87
C SER A 177 -0.43 -24.87 -5.78
N TRP A 178 -1.76 -24.93 -5.73
CA TRP A 178 -2.57 -24.08 -6.59
C TRP A 178 -2.96 -22.82 -5.86
N ILE A 179 -2.93 -22.86 -4.54
CA ILE A 179 -3.22 -21.68 -3.74
C ILE A 179 -1.99 -20.77 -3.68
N ALA A 180 -0.82 -21.37 -3.52
CA ALA A 180 0.40 -20.60 -3.43
C ALA A 180 0.66 -19.79 -4.69
N ASP A 181 0.60 -20.43 -5.85
CA ASP A 181 0.91 -19.74 -7.09
C ASP A 181 -0.09 -18.63 -7.37
N THR A 182 -1.27 -18.72 -6.75
CA THR A 182 -2.32 -17.75 -7.02
C THR A 182 -2.15 -16.50 -6.16
N TYR A 183 -1.85 -16.70 -4.88
CA TYR A 183 -1.55 -15.58 -4.00
C TYR A 183 -0.25 -14.91 -4.41
N ALA A 184 0.79 -15.71 -4.64
CA ALA A 184 2.11 -15.19 -4.95
C ALA A 184 2.11 -14.47 -6.29
N SER A 185 1.14 -14.75 -7.14
CA SER A 185 1.15 -14.20 -8.48
C SER A 185 0.14 -13.09 -8.67
N THR A 186 -0.59 -12.72 -7.62
CA THR A 186 -1.49 -11.58 -7.67
C THR A 186 -1.06 -10.58 -6.61
N ILE A 187 -0.95 -10.99 -5.35
CA ILE A 187 -0.70 -10.05 -4.27
C ILE A 187 0.70 -10.25 -3.70
N GLY A 188 1.06 -11.49 -3.42
CA GLY A 188 2.32 -11.82 -2.81
C GLY A 188 3.54 -11.38 -3.57
N HIS A 189 3.39 -10.82 -4.77
CA HIS A 189 4.55 -10.53 -5.59
C HIS A 189 5.56 -9.67 -4.86
N TYR A 190 5.08 -8.65 -4.14
CA TYR A 190 5.95 -7.73 -3.43
C TYR A 190 6.20 -8.17 -1.99
N ASP A 191 5.49 -9.19 -1.53
CA ASP A 191 5.64 -9.70 -0.18
C ASP A 191 6.78 -10.71 -0.20
N ILE A 192 7.73 -10.55 0.70
CA ILE A 192 8.90 -11.40 0.76
C ILE A 192 8.54 -12.75 1.35
N ASN A 193 7.40 -12.81 2.01
CA ASN A 193 6.93 -13.99 2.70
C ASN A 193 5.71 -14.62 2.05
N ALA A 194 5.67 -14.70 0.73
CA ALA A 194 4.48 -15.12 0.02
C ALA A 194 4.23 -16.62 0.13
N HIS A 195 5.29 -17.41 0.22
CA HIS A 195 5.12 -18.85 0.28
C HIS A 195 4.76 -19.31 1.67
N ALA A 196 4.71 -18.39 2.63
CA ALA A 196 4.22 -18.73 3.95
C ALA A 196 2.72 -18.58 4.05
N CYS A 197 2.05 -18.27 2.95
CA CYS A 197 0.61 -18.09 2.95
C CYS A 197 -0.13 -19.40 3.13
N VAL A 198 0.56 -20.52 3.07
CA VAL A 198 -0.11 -21.81 3.04
C VAL A 198 0.89 -22.87 3.45
N THR A 199 0.38 -23.91 4.09
CA THR A 199 1.18 -25.05 4.48
C THR A 199 0.63 -26.29 3.80
N GLY A 200 1.32 -27.40 4.01
CA GLY A 200 1.01 -28.61 3.31
C GLY A 200 1.51 -28.64 1.88
N LYS A 201 2.48 -27.81 1.55
CA LYS A 201 2.93 -27.71 0.19
C LYS A 201 3.85 -28.86 -0.16
N PRO A 202 4.04 -29.10 -1.44
CA PRO A 202 5.05 -30.06 -1.86
C PRO A 202 6.44 -29.64 -1.42
N ILE A 203 7.36 -30.59 -1.45
CA ILE A 203 8.71 -30.33 -0.96
C ILE A 203 9.38 -29.28 -1.83
N SER A 204 9.17 -29.37 -3.13
CA SER A 204 9.80 -28.45 -4.08
C SER A 204 9.21 -27.06 -4.01
N GLN A 205 8.14 -26.87 -3.25
CA GLN A 205 7.49 -25.59 -3.11
C GLN A 205 7.56 -25.05 -1.71
N GLY A 206 8.36 -25.66 -0.83
CA GLY A 206 8.57 -25.15 0.50
C GLY A 206 7.97 -26.00 1.60
N GLY A 207 7.94 -27.29 1.39
CA GLY A 207 7.37 -28.19 2.35
C GLY A 207 8.37 -28.75 3.32
N ILE A 208 7.91 -29.74 4.07
CA ILE A 208 8.67 -30.33 5.17
C ILE A 208 8.59 -31.84 5.07
N HIS A 209 9.69 -32.50 5.39
CA HIS A 209 9.68 -33.93 5.57
C HIS A 209 8.71 -34.32 6.67
N GLY A 210 7.99 -35.41 6.45
CA GLY A 210 7.01 -35.85 7.43
C GLY A 210 5.79 -34.98 7.51
N ARG A 211 5.56 -34.18 6.49
CA ARG A 211 4.39 -33.31 6.39
C ARG A 211 3.13 -34.02 6.83
N ILE A 212 2.91 -35.21 6.27
CA ILE A 212 1.67 -35.94 6.49
C ILE A 212 1.85 -37.13 7.39
N SER A 213 2.93 -37.89 7.25
CA SER A 213 3.19 -38.99 8.16
C SER A 213 3.14 -38.55 9.61
N ALA A 214 3.40 -37.28 9.88
CA ALA A 214 3.59 -36.84 11.25
C ALA A 214 2.31 -36.86 12.05
N THR A 215 1.19 -36.55 11.41
CA THR A 215 -0.10 -36.66 12.09
C THR A 215 -0.25 -38.04 12.72
N GLY A 216 -0.11 -39.10 11.92
CA GLY A 216 -0.12 -40.44 12.46
C GLY A 216 0.84 -40.59 13.63
N ARG A 217 2.01 -39.99 13.53
CA ARG A 217 2.99 -40.11 14.59
C ARG A 217 2.57 -39.33 15.83
N GLY A 218 1.96 -38.17 15.64
CA GLY A 218 1.42 -37.45 16.79
C GLY A 218 0.45 -38.32 17.56
N VAL A 219 -0.41 -39.01 16.83
CA VAL A 219 -1.30 -40.00 17.44
C VAL A 219 -0.48 -40.98 18.28
N PHE A 220 0.43 -41.69 17.62
CA PHE A 220 1.31 -42.63 18.31
C PHE A 220 1.93 -42.00 19.55
N HIS A 221 2.70 -40.93 19.38
CA HIS A 221 3.42 -40.37 20.52
C HIS A 221 2.46 -39.92 21.60
N GLY A 222 1.18 -39.74 21.27
CA GLY A 222 0.21 -39.49 22.31
C GLY A 222 -0.13 -40.75 23.07
N ILE A 223 -0.52 -41.81 22.35
CA ILE A 223 -0.79 -43.09 22.98
C ILE A 223 0.42 -43.53 23.80
N GLU A 224 1.59 -43.54 23.18
CA GLU A 224 2.80 -43.97 23.87
C GLU A 224 3.03 -43.20 25.16
N ASN A 225 2.40 -42.02 25.28
CA ASN A 225 2.65 -41.17 26.45
C ASN A 225 1.64 -41.41 27.56
N PHE A 226 0.66 -42.27 27.33
CA PHE A 226 -0.23 -42.75 28.37
C PHE A 226 -0.10 -44.24 28.62
N ILE A 227 0.20 -45.03 27.59
CA ILE A 227 0.40 -46.46 27.77
C ILE A 227 1.57 -46.71 28.71
N ASN A 228 2.53 -45.82 28.73
CA ASN A 228 3.72 -45.93 29.55
C ASN A 228 3.46 -45.68 31.00
N GLU A 229 2.20 -45.52 31.41
CA GLU A 229 1.88 -45.23 32.80
C GLU A 229 0.75 -46.16 33.25
N ALA A 230 1.07 -47.07 34.18
CA ALA A 230 0.03 -47.90 34.77
C ALA A 230 -0.89 -47.08 35.65
N SER A 231 -0.48 -45.88 36.03
CA SER A 231 -1.32 -45.00 36.83
C SER A 231 -2.76 -44.98 36.34
N TYR A 232 -2.96 -45.17 35.04
CA TYR A 232 -4.28 -45.17 34.42
C TYR A 232 -4.66 -46.51 33.82
N MET A 233 -3.68 -47.28 33.32
CA MET A 233 -4.01 -48.58 32.75
C MET A 233 -4.30 -49.61 33.84
N SER A 234 -3.88 -49.35 35.07
CA SER A 234 -4.29 -50.19 36.18
C SER A 234 -5.80 -50.13 36.36
N ILE A 235 -6.40 -48.96 36.17
CA ILE A 235 -7.85 -48.85 36.12
C ILE A 235 -8.40 -49.65 34.95
N LEU A 236 -7.94 -49.34 33.74
CA LEU A 236 -8.46 -50.03 32.55
C LEU A 236 -8.33 -51.54 32.67
N GLY A 237 -7.39 -52.02 33.47
CA GLY A 237 -7.11 -53.44 33.48
C GLY A 237 -6.29 -53.89 32.30
N MET A 238 -5.32 -53.08 31.89
CA MET A 238 -4.48 -53.39 30.75
C MET A 238 -3.01 -53.23 31.13
N THR A 239 -2.14 -53.89 30.36
CA THR A 239 -0.73 -53.85 30.62
C THR A 239 -0.05 -53.00 29.56
N PRO A 240 0.97 -52.22 29.91
CA PRO A 240 1.69 -51.45 28.89
C PRO A 240 2.30 -52.36 27.83
N GLY A 241 2.46 -51.81 26.63
CA GLY A 241 3.13 -52.50 25.55
C GLY A 241 2.32 -52.60 24.28
N PHE A 242 2.88 -52.10 23.17
CA PHE A 242 2.20 -52.15 21.89
C PHE A 242 2.31 -53.52 21.25
N GLY A 243 3.37 -54.27 21.56
CA GLY A 243 3.46 -55.64 21.09
C GLY A 243 2.34 -56.52 21.61
N ASP A 244 1.53 -56.00 22.54
CA ASP A 244 0.47 -56.75 23.19
C ASP A 244 -0.92 -56.28 22.81
N LYS A 245 -1.02 -55.34 21.86
CA LYS A 245 -2.27 -54.64 21.60
C LYS A 245 -2.78 -54.92 20.19
N THR A 246 -4.09 -54.98 20.05
CA THR A 246 -4.76 -55.02 18.77
C THR A 246 -5.61 -53.75 18.61
N PHE A 247 -5.66 -53.24 17.39
CA PHE A 247 -6.38 -52.01 17.13
C PHE A 247 -7.08 -52.10 15.79
N VAL A 248 -8.08 -51.23 15.61
CA VAL A 248 -8.84 -51.14 14.39
C VAL A 248 -8.88 -49.68 13.99
N VAL A 249 -9.26 -49.44 12.74
CA VAL A 249 -9.20 -48.11 12.16
C VAL A 249 -10.49 -47.84 11.40
N GLN A 250 -11.02 -46.63 11.54
CA GLN A 250 -12.27 -46.23 10.92
C GLN A 250 -11.94 -45.28 9.78
N GLY A 251 -11.73 -45.84 8.62
CA GLY A 251 -11.43 -45.05 7.44
C GLY A 251 -9.94 -44.93 7.18
N PHE A 252 -9.59 -44.71 5.92
CA PHE A 252 -8.21 -44.54 5.51
C PHE A 252 -8.05 -43.15 4.93
N GLY A 253 -7.87 -42.18 5.80
CA GLY A 253 -7.33 -40.90 5.42
C GLY A 253 -5.82 -40.99 5.37
N ASN A 254 -5.20 -39.84 5.60
CA ASN A 254 -3.77 -39.85 5.90
C ASN A 254 -3.54 -40.25 7.34
N VAL A 255 -4.52 -40.02 8.19
CA VAL A 255 -4.42 -40.46 9.58
C VAL A 255 -4.54 -41.98 9.65
N GLY A 256 -5.57 -42.54 9.01
CA GLY A 256 -5.83 -43.95 9.15
C GLY A 256 -4.67 -44.81 8.66
N LEU A 257 -4.12 -44.47 7.50
CA LEU A 257 -2.96 -45.22 7.01
C LEU A 257 -1.75 -44.99 7.90
N HIS A 258 -1.29 -43.74 7.97
CA HIS A 258 0.02 -43.46 8.54
C HIS A 258 0.02 -43.68 10.04
N SER A 259 -1.15 -43.57 10.68
CA SER A 259 -1.27 -44.00 12.07
C SER A 259 -1.18 -45.51 12.16
N MET A 260 -1.73 -46.20 11.17
CA MET A 260 -1.76 -47.65 11.19
C MET A 260 -0.36 -48.24 11.04
N ARG A 261 0.36 -47.83 10.00
CA ARG A 261 1.65 -48.41 9.72
C ARG A 261 2.68 -47.99 10.76
N TYR A 262 2.57 -46.75 11.25
CA TYR A 262 3.54 -46.26 12.23
C TYR A 262 3.34 -46.96 13.57
N LEU A 263 2.16 -47.54 13.78
CA LEU A 263 1.96 -48.48 14.89
C LEU A 263 2.56 -49.84 14.56
N HIS A 264 2.20 -50.39 13.40
CA HIS A 264 2.65 -51.73 13.01
C HIS A 264 4.14 -51.92 13.24
N ARG A 265 4.92 -50.83 13.19
CA ARG A 265 6.35 -50.94 13.38
C ARG A 265 6.71 -51.45 14.76
N PHE A 266 5.91 -51.14 15.77
CA PHE A 266 6.20 -51.52 17.15
C PHE A 266 5.24 -52.57 17.70
N GLY A 267 4.86 -53.55 16.89
CA GLY A 267 4.16 -54.71 17.40
C GLY A 267 2.69 -54.53 17.64
N ALA A 268 2.13 -53.38 17.31
CA ALA A 268 0.69 -53.20 17.40
C ALA A 268 0.00 -53.87 16.23
N LYS A 269 -0.91 -54.77 16.54
CA LYS A 269 -1.56 -55.63 15.56
C LYS A 269 -2.88 -54.99 15.13
N CYS A 270 -3.07 -54.82 13.83
CA CYS A 270 -4.39 -54.44 13.34
C CYS A 270 -5.20 -55.68 13.05
N ILE A 271 -6.50 -55.63 13.33
CA ILE A 271 -7.37 -56.75 13.06
C ILE A 271 -8.44 -56.43 12.03
N THR A 272 -8.90 -55.17 11.95
CA THR A 272 -9.73 -54.78 10.81
C THR A 272 -9.58 -53.29 10.55
N VAL A 273 -10.33 -52.85 9.55
CA VAL A 273 -10.36 -51.47 9.08
C VAL A 273 -11.67 -51.29 8.32
N GLY A 274 -12.19 -50.07 8.36
CA GLY A 274 -13.46 -49.79 7.74
C GLY A 274 -13.43 -48.51 6.95
N GLU A 275 -13.76 -48.64 5.67
CA GLU A 275 -13.91 -47.52 4.76
C GLU A 275 -15.38 -47.16 4.64
N SER A 276 -15.66 -46.19 3.77
CA SER A 276 -17.04 -45.72 3.62
C SER A 276 -17.90 -46.76 2.90
N ASP A 277 -17.29 -47.80 2.36
CA ASP A 277 -17.98 -48.76 1.52
C ASP A 277 -18.02 -50.16 2.12
N GLY A 278 -17.38 -50.38 3.25
CA GLY A 278 -17.43 -51.67 3.91
C GLY A 278 -16.17 -51.93 4.71
N SER A 279 -16.33 -52.77 5.72
CA SER A 279 -15.23 -53.15 6.60
C SER A 279 -14.56 -54.41 6.10
N ILE A 280 -13.45 -54.77 6.74
CA ILE A 280 -12.72 -55.98 6.41
C ILE A 280 -11.88 -56.37 7.62
N TRP A 281 -11.93 -57.65 7.98
CA TRP A 281 -11.37 -58.12 9.24
C TRP A 281 -10.55 -59.36 9.01
N ASN A 282 -9.44 -59.46 9.75
CA ASN A 282 -8.58 -60.64 9.71
C ASN A 282 -7.89 -60.72 11.07
N PRO A 283 -8.35 -61.58 11.97
CA PRO A 283 -7.77 -61.61 13.32
C PRO A 283 -6.29 -61.93 13.35
N ASP A 284 -5.75 -62.58 12.32
CA ASP A 284 -4.33 -62.91 12.27
C ASP A 284 -3.45 -61.70 11.98
N GLY A 285 -4.03 -60.57 11.65
CA GLY A 285 -3.28 -59.38 11.35
C GLY A 285 -3.53 -58.90 9.94
N ILE A 286 -3.07 -57.67 9.66
CA ILE A 286 -3.19 -57.06 8.34
C ILE A 286 -1.93 -56.25 8.10
N ASP A 287 -1.47 -56.22 6.84
CA ASP A 287 -0.19 -55.63 6.50
C ASP A 287 -0.42 -54.30 5.79
N PRO A 288 -0.14 -53.16 6.41
CA PRO A 288 -0.45 -51.88 5.76
C PRO A 288 0.35 -51.64 4.49
N LYS A 289 1.57 -52.16 4.41
CA LYS A 289 2.30 -52.10 3.15
C LYS A 289 1.50 -52.78 2.05
N GLU A 290 1.09 -54.03 2.29
CA GLU A 290 0.21 -54.72 1.36
C GLU A 290 -1.08 -53.95 1.09
N LEU A 291 -1.50 -53.11 2.03
CA LEU A 291 -2.79 -52.43 1.88
C LEU A 291 -2.68 -51.30 0.86
N GLU A 292 -1.59 -50.55 0.88
CA GLU A 292 -1.40 -49.53 -0.15
C GLU A 292 -1.39 -50.14 -1.54
N ASP A 293 -1.10 -51.43 -1.64
CA ASP A 293 -0.95 -52.05 -2.94
C ASP A 293 -2.28 -52.07 -3.69
N PHE A 294 -3.32 -52.63 -3.08
CA PHE A 294 -4.61 -52.67 -3.75
C PHE A 294 -5.18 -51.27 -3.93
N LYS A 295 -4.82 -50.33 -3.06
CA LYS A 295 -5.36 -48.98 -3.16
C LYS A 295 -4.85 -48.28 -4.42
N LEU A 296 -3.70 -48.71 -4.92
CA LEU A 296 -3.19 -48.16 -6.17
C LEU A 296 -3.76 -48.91 -7.36
N GLN A 297 -4.15 -50.17 -7.15
CA GLN A 297 -4.64 -51.04 -8.21
C GLN A 297 -6.15 -51.18 -8.22
N HIS A 298 -6.84 -50.88 -7.12
CA HIS A 298 -8.28 -51.08 -7.03
C HIS A 298 -9.06 -49.88 -6.52
N GLY A 299 -8.49 -49.05 -5.64
CA GLY A 299 -9.21 -47.96 -5.04
C GLY A 299 -9.85 -48.27 -3.70
N THR A 300 -10.45 -49.45 -3.54
CA THR A 300 -11.10 -49.81 -2.29
C THR A 300 -10.40 -50.99 -1.66
N ILE A 301 -10.80 -51.29 -0.41
CA ILE A 301 -10.21 -52.40 0.32
C ILE A 301 -11.02 -53.67 0.15
N LEU A 302 -12.31 -53.56 -0.18
CA LEU A 302 -13.11 -54.74 -0.44
C LEU A 302 -12.57 -55.45 -1.68
N GLY A 303 -12.14 -56.70 -1.50
CA GLY A 303 -11.41 -57.43 -2.50
C GLY A 303 -9.96 -57.71 -2.14
N PHE A 304 -9.50 -57.21 -1.02
CA PHE A 304 -8.17 -57.53 -0.54
C PHE A 304 -8.08 -59.01 -0.24
N PRO A 305 -7.11 -59.73 -0.77
CA PRO A 305 -7.11 -61.19 -0.62
C PRO A 305 -6.77 -61.71 0.78
N LYS A 306 -5.93 -61.02 1.52
CA LYS A 306 -5.47 -61.52 2.82
C LYS A 306 -6.31 -60.98 3.97
N ALA A 307 -7.60 -60.76 3.74
CA ALA A 307 -8.50 -60.39 4.82
C ALA A 307 -9.92 -60.68 4.40
N LYS A 308 -10.76 -60.93 5.40
CA LYS A 308 -12.14 -61.33 5.16
C LYS A 308 -13.06 -60.12 5.27
N ILE A 309 -13.91 -59.93 4.28
CA ILE A 309 -14.89 -58.84 4.33
C ILE A 309 -15.69 -58.97 5.61
N TYR A 310 -15.71 -57.90 6.41
CA TYR A 310 -16.30 -57.95 7.74
C TYR A 310 -17.68 -57.31 7.70
N GLU A 311 -18.68 -58.08 8.08
CA GLU A 311 -20.06 -57.61 8.11
C GLU A 311 -20.33 -56.92 9.44
N GLY A 312 -20.57 -55.62 9.40
CA GLY A 312 -20.86 -54.85 10.59
C GLY A 312 -19.94 -53.66 10.72
N SER A 313 -20.33 -52.74 11.59
CA SER A 313 -19.55 -51.54 11.83
C SER A 313 -18.28 -51.86 12.61
N ILE A 314 -17.18 -51.20 12.23
CA ILE A 314 -15.94 -51.35 12.98
C ILE A 314 -16.19 -51.11 14.46
N LEU A 315 -17.04 -50.14 14.77
CA LEU A 315 -17.35 -49.78 16.14
C LEU A 315 -17.89 -50.95 16.95
N GLU A 316 -18.29 -52.04 16.29
CA GLU A 316 -18.79 -53.22 16.96
C GLU A 316 -17.75 -54.34 17.03
N VAL A 317 -16.48 -54.02 16.83
CA VAL A 317 -15.42 -55.01 16.78
C VAL A 317 -14.75 -55.10 18.14
N ASP A 318 -14.53 -56.31 18.62
CA ASP A 318 -13.74 -56.53 19.81
C ASP A 318 -12.28 -56.21 19.51
N CYS A 319 -11.67 -55.41 20.38
CA CYS A 319 -10.31 -54.94 20.19
C CYS A 319 -9.81 -54.39 21.51
N ASP A 320 -8.63 -53.78 21.49
CA ASP A 320 -8.08 -53.13 22.68
C ASP A 320 -8.03 -51.61 22.54
N ILE A 321 -7.95 -51.10 21.31
CA ILE A 321 -7.88 -49.68 21.04
C ILE A 321 -8.65 -49.41 19.76
N LEU A 322 -9.54 -48.41 19.80
CA LEU A 322 -10.41 -48.08 18.69
C LEU A 322 -10.04 -46.72 18.13
N ILE A 323 -9.59 -46.68 16.88
CA ILE A 323 -9.14 -45.45 16.25
C ILE A 323 -10.19 -44.92 15.28
N PRO A 324 -11.08 -44.04 15.72
CA PRO A 324 -11.95 -43.34 14.76
C PRO A 324 -11.22 -42.23 14.03
N ALA A 325 -11.18 -42.36 12.71
CA ALA A 325 -10.41 -41.44 11.89
C ALA A 325 -11.21 -40.93 10.69
N ALA A 326 -12.42 -41.46 10.51
CA ALA A 326 -13.17 -41.16 9.31
C ALA A 326 -13.78 -39.78 9.36
N SER A 327 -14.69 -39.55 10.30
CA SER A 327 -15.40 -38.28 10.36
C SER A 327 -16.08 -38.16 11.71
N GLU A 328 -16.32 -36.91 12.11
CA GLU A 328 -16.96 -36.65 13.39
C GLU A 328 -18.33 -37.31 13.45
N LYS A 329 -18.85 -37.43 14.66
CA LYS A 329 -20.18 -37.94 14.96
C LYS A 329 -20.25 -39.45 14.74
N GLN A 330 -19.11 -40.12 14.60
CA GLN A 330 -19.11 -41.51 14.17
C GLN A 330 -19.62 -42.41 15.28
N LEU A 331 -19.43 -42.01 16.53
CA LEU A 331 -19.81 -42.81 17.68
C LEU A 331 -20.80 -42.03 18.53
N THR A 332 -22.01 -42.58 18.70
CA THR A 332 -23.08 -41.90 19.41
C THR A 332 -23.55 -42.75 20.58
N LYS A 333 -24.62 -42.27 21.22
CA LYS A 333 -25.16 -42.95 22.40
C LYS A 333 -25.95 -44.20 22.01
N SER A 334 -26.44 -44.25 20.79
CA SER A 334 -27.17 -45.42 20.31
C SER A 334 -26.30 -46.67 20.25
N ASN A 335 -24.98 -46.51 20.23
CA ASN A 335 -24.06 -47.64 20.12
C ASN A 335 -22.92 -47.58 21.12
N ALA A 336 -22.72 -46.47 21.80
CA ALA A 336 -21.65 -46.38 22.79
C ALA A 336 -21.65 -47.56 23.76
N PRO A 337 -22.79 -48.01 24.29
CA PRO A 337 -22.75 -49.13 25.24
C PRO A 337 -22.06 -50.35 24.69
N ARG A 338 -21.95 -50.47 23.36
CA ARG A 338 -21.33 -51.61 22.70
C ARG A 338 -19.92 -51.30 22.26
N VAL A 339 -19.17 -50.56 23.09
CA VAL A 339 -17.83 -50.13 22.76
C VAL A 339 -16.96 -51.34 22.44
N LYS A 340 -17.01 -52.37 23.30
CA LYS A 340 -16.24 -53.59 23.09
C LYS A 340 -14.74 -53.33 23.08
N ALA A 341 -14.35 -52.16 23.58
CA ALA A 341 -12.96 -51.75 23.53
C ALA A 341 -12.67 -50.88 24.76
N LYS A 342 -11.40 -50.88 25.16
CA LYS A 342 -10.97 -50.29 26.41
C LYS A 342 -10.51 -48.86 26.30
N ILE A 343 -9.82 -48.52 25.22
CA ILE A 343 -9.38 -47.16 24.97
C ILE A 343 -9.94 -46.72 23.64
N ILE A 344 -10.28 -45.45 23.53
CA ILE A 344 -10.68 -44.85 22.28
C ILE A 344 -9.80 -43.63 22.07
N ALA A 345 -9.38 -43.41 20.84
CA ALA A 345 -8.43 -42.36 20.52
C ALA A 345 -8.99 -41.57 19.35
N GLU A 346 -9.50 -40.38 19.66
CA GLU A 346 -10.25 -39.59 18.69
C GLU A 346 -9.28 -38.88 17.75
N GLY A 347 -8.99 -39.56 16.64
CA GLY A 347 -8.25 -38.95 15.56
C GLY A 347 -9.17 -38.33 14.53
N ALA A 348 -10.41 -37.98 14.92
CA ALA A 348 -11.43 -37.63 13.95
C ALA A 348 -12.29 -36.44 14.38
N ASN A 349 -11.70 -35.46 15.04
CA ASN A 349 -12.34 -34.14 15.21
C ASN A 349 -13.75 -34.26 15.78
N GLY A 350 -13.86 -34.95 16.90
CA GLY A 350 -15.11 -35.03 17.61
C GLY A 350 -16.02 -36.11 17.08
N PRO A 351 -15.51 -37.32 16.98
CA PRO A 351 -16.37 -38.46 16.63
C PRO A 351 -17.42 -38.76 17.69
N THR A 352 -17.10 -38.57 18.95
CA THR A 352 -17.96 -38.95 20.06
C THR A 352 -18.92 -37.82 20.41
N THR A 353 -19.61 -37.99 21.53
CA THR A 353 -20.68 -37.10 21.94
C THR A 353 -20.57 -36.80 23.43
N PRO A 354 -21.33 -35.83 23.93
CA PRO A 354 -21.38 -35.61 25.37
C PRO A 354 -22.00 -36.77 26.12
N GLU A 355 -22.98 -37.43 25.51
CA GLU A 355 -23.57 -38.62 26.11
C GLU A 355 -22.58 -39.77 26.13
N ALA A 356 -22.06 -40.14 24.96
CA ALA A 356 -21.03 -41.17 24.92
C ALA A 356 -20.01 -40.97 26.02
N ASP A 357 -19.53 -39.74 26.19
CA ASP A 357 -18.64 -39.43 27.31
C ASP A 357 -19.24 -39.90 28.62
N LYS A 358 -20.53 -39.64 28.82
CA LYS A 358 -21.20 -40.11 30.03
C LYS A 358 -21.15 -41.63 30.11
N ILE A 359 -21.47 -42.30 29.01
CA ILE A 359 -21.39 -43.76 28.97
C ILE A 359 -19.99 -44.21 29.34
N PHE A 360 -18.98 -43.59 28.72
CA PHE A 360 -17.62 -44.11 28.80
C PHE A 360 -16.95 -43.79 30.13
N LEU A 361 -17.46 -42.80 30.86
CA LEU A 361 -17.06 -42.67 32.27
C LEU A 361 -17.67 -43.77 33.11
N GLU A 362 -18.95 -44.06 32.89
CA GLU A 362 -19.60 -45.14 33.63
C GLU A 362 -18.92 -46.47 33.36
N ARG A 363 -18.60 -46.75 32.10
CA ARG A 363 -17.94 -48.00 31.72
C ARG A 363 -16.45 -48.00 32.01
N ASN A 364 -15.92 -46.91 32.57
CA ASN A 364 -14.47 -46.78 32.75
C ASN A 364 -13.75 -47.05 31.44
N ILE A 365 -14.02 -46.21 30.45
CA ILE A 365 -13.35 -46.27 29.16
C ILE A 365 -12.50 -45.02 29.00
N MET A 366 -11.19 -45.22 28.81
CA MET A 366 -10.30 -44.11 28.51
C MET A 366 -10.59 -43.61 27.11
N VAL A 367 -10.91 -42.33 27.00
CA VAL A 367 -11.10 -41.68 25.72
C VAL A 367 -10.03 -40.63 25.57
N ILE A 368 -9.22 -40.74 24.52
CA ILE A 368 -8.18 -39.77 24.23
C ILE A 368 -8.79 -38.68 23.35
N PRO A 369 -8.77 -37.43 23.75
CA PRO A 369 -9.48 -36.39 23.00
C PRO A 369 -8.77 -36.00 21.73
N ASP A 370 -9.56 -35.55 20.75
CA ASP A 370 -8.97 -34.89 19.60
C ASP A 370 -7.86 -33.95 20.04
N LEU A 371 -8.17 -33.01 20.91
CA LEU A 371 -7.15 -32.19 21.52
C LEU A 371 -6.01 -33.06 22.01
N TYR A 372 -4.81 -32.56 21.84
CA TYR A 372 -3.58 -33.23 22.23
C TYR A 372 -3.32 -34.50 21.42
N LEU A 373 -4.24 -34.91 20.56
CA LEU A 373 -4.01 -36.16 19.85
C LEU A 373 -3.87 -35.92 18.35
N ASN A 374 -4.65 -35.00 17.81
CA ASN A 374 -4.53 -34.60 16.42
C ASN A 374 -3.71 -33.34 16.26
N ALA A 375 -2.89 -33.02 17.26
CA ALA A 375 -2.08 -31.82 17.24
C ALA A 375 -0.71 -32.04 16.63
N GLY A 376 -0.54 -33.14 15.90
CA GLY A 376 0.70 -33.39 15.20
C GLY A 376 0.78 -32.58 13.93
N GLY A 377 -0.30 -32.62 13.16
CA GLY A 377 -0.33 -31.93 11.89
C GLY A 377 -0.26 -30.44 12.03
N VAL A 378 -0.33 -29.94 13.26
CA VAL A 378 -0.27 -28.51 13.50
C VAL A 378 1.15 -28.07 13.77
N THR A 379 1.81 -28.69 14.75
CA THR A 379 3.19 -28.35 15.03
C THR A 379 4.03 -28.41 13.77
N VAL A 380 3.88 -29.46 12.99
CA VAL A 380 4.63 -29.56 11.75
C VAL A 380 4.36 -28.36 10.87
N SER A 381 3.09 -28.04 10.67
CA SER A 381 2.74 -26.87 9.88
C SER A 381 3.25 -25.59 10.53
N TYR A 382 3.62 -25.65 11.79
CA TYR A 382 4.27 -24.51 12.44
C TYR A 382 5.75 -24.47 12.07
N PHE A 383 6.31 -25.62 11.75
CA PHE A 383 7.72 -25.68 11.36
C PHE A 383 7.89 -25.39 9.88
N GLU A 384 6.80 -25.52 9.12
CA GLU A 384 6.86 -25.22 7.69
C GLU A 384 6.60 -23.75 7.46
N TRP A 385 5.90 -23.11 8.38
CA TRP A 385 5.67 -21.67 8.33
C TRP A 385 6.94 -20.93 8.70
N LEU A 386 7.71 -21.51 9.61
CA LEU A 386 9.00 -20.93 9.97
C LEU A 386 10.01 -21.10 8.86
N ASN A 387 10.23 -22.35 8.43
CA ASN A 387 11.14 -22.62 7.33
C ASN A 387 11.02 -21.58 6.23
N ASN A 388 9.80 -21.12 5.98
CA ASN A 388 9.57 -20.23 4.86
C ASN A 388 9.60 -18.77 5.28
N LEU A 389 9.81 -18.50 6.56
CA LEU A 389 10.04 -17.13 7.00
C LEU A 389 11.51 -16.87 7.21
N ASN A 390 12.30 -17.93 7.38
CA ASN A 390 13.72 -17.78 7.63
C ASN A 390 14.52 -18.02 6.36
N HIS A 391 13.86 -18.51 5.31
CA HIS A 391 14.44 -18.59 3.99
C HIS A 391 15.74 -19.38 3.99
N VAL A 392 15.75 -20.47 4.72
CA VAL A 392 16.95 -21.28 4.82
C VAL A 392 16.64 -22.65 5.39
N SER A 393 17.35 -23.66 4.90
CA SER A 393 17.28 -24.98 5.50
C SER A 393 17.87 -24.94 6.89
N TYR A 394 17.26 -25.68 7.81
CA TYR A 394 17.70 -25.64 9.18
C TYR A 394 19.07 -26.28 9.31
N GLY A 395 19.98 -25.55 9.95
CA GLY A 395 21.28 -26.06 10.28
C GLY A 395 22.30 -25.95 9.18
N ARG A 396 21.87 -25.72 7.94
CA ARG A 396 22.79 -25.68 6.82
C ARG A 396 24.06 -24.92 7.15
N LEU A 397 23.92 -23.83 7.89
CA LEU A 397 25.04 -22.94 8.11
C LEU A 397 26.12 -23.54 9.00
N THR A 398 25.79 -24.60 9.73
CA THR A 398 26.63 -25.09 10.81
C THR A 398 27.01 -26.56 10.67
N PHE A 399 26.50 -27.25 9.67
CA PHE A 399 26.75 -28.68 9.56
C PHE A 399 28.24 -28.98 9.62
N LYS A 400 29.05 -28.20 8.92
CA LYS A 400 30.48 -28.46 8.89
C LYS A 400 31.18 -27.94 10.13
N TYR A 401 30.69 -26.84 10.69
CA TYR A 401 31.31 -26.27 11.87
C TYR A 401 31.01 -27.12 13.11
N GLU A 402 29.74 -27.45 13.31
CA GLU A 402 29.36 -28.28 14.45
C GLU A 402 29.99 -29.66 14.35
N ARG A 403 30.26 -30.12 13.14
CA ARG A 403 30.80 -31.47 12.98
C ARG A 403 32.17 -31.60 13.61
N ASP A 404 33.09 -30.75 13.21
CA ASP A 404 34.46 -30.83 13.68
C ASP A 404 34.66 -30.18 15.04
N SER A 405 33.87 -29.17 15.38
CA SER A 405 33.87 -28.68 16.75
C SER A 405 33.69 -29.80 17.75
N ASN A 406 32.88 -30.81 17.42
CA ASN A 406 32.74 -31.95 18.29
C ASN A 406 33.93 -32.89 18.14
N TYR A 407 34.59 -32.83 17.00
CA TYR A 407 35.76 -33.66 16.78
C TYR A 407 36.98 -33.05 17.45
N HIS A 408 37.02 -31.74 17.60
CA HIS A 408 38.11 -31.10 18.30
C HIS A 408 37.89 -31.17 19.81
N LEU A 409 36.65 -31.45 20.20
CA LEU A 409 36.36 -31.65 21.61
C LEU A 409 36.91 -32.98 22.08
N LEU A 410 36.62 -34.04 21.34
CA LEU A 410 37.07 -35.37 21.71
C LEU A 410 38.60 -35.46 21.71
N MET A 411 39.25 -34.68 20.85
CA MET A 411 40.71 -34.67 20.86
C MET A 411 41.24 -33.95 22.07
N SER A 412 40.46 -33.04 22.64
CA SER A 412 40.89 -32.34 23.83
C SER A 412 40.76 -33.22 25.06
N VAL A 413 39.82 -34.17 25.02
CA VAL A 413 39.79 -35.22 26.01
C VAL A 413 40.94 -36.18 25.80
N GLN A 414 41.04 -36.73 24.60
CA GLN A 414 42.07 -37.70 24.28
C GLN A 414 43.45 -37.18 24.65
N GLU A 415 43.76 -35.96 24.22
CA GLU A 415 45.13 -35.47 24.33
C GLU A 415 45.46 -35.11 25.77
N SER A 416 44.46 -34.68 26.53
CA SER A 416 44.70 -34.37 27.94
C SER A 416 44.84 -35.63 28.76
N LEU A 417 44.09 -36.67 28.40
CA LEU A 417 44.22 -37.93 29.08
C LEU A 417 45.57 -38.58 28.80
N GLU A 418 45.88 -38.81 27.53
CA GLU A 418 47.23 -39.22 27.16
C GLU A 418 48.27 -38.41 27.90
N ARG A 419 48.08 -37.10 27.98
CA ARG A 419 49.09 -36.21 28.55
C ARG A 419 49.49 -36.67 29.94
N LYS A 420 48.54 -37.24 30.68
CA LYS A 420 48.80 -37.65 32.04
C LYS A 420 49.26 -39.11 32.09
N PHE A 421 48.47 -40.00 31.52
CA PHE A 421 48.79 -41.42 31.51
C PHE A 421 49.69 -41.78 30.34
N GLY A 422 49.36 -41.32 29.15
CA GLY A 422 50.18 -41.59 27.99
C GLY A 422 50.62 -43.04 27.91
N LYS A 423 51.94 -43.24 28.02
CA LYS A 423 52.57 -44.54 27.94
C LYS A 423 51.84 -45.61 28.73
N HIS A 424 51.16 -45.21 29.81
CA HIS A 424 50.45 -46.17 30.65
C HIS A 424 49.62 -47.13 29.79
N GLY A 425 48.89 -46.59 28.82
CA GLY A 425 48.10 -47.40 27.91
C GLY A 425 48.37 -47.03 26.47
N GLY A 426 49.35 -46.16 26.25
CA GLY A 426 49.72 -45.76 24.90
C GLY A 426 48.86 -44.63 24.38
N THR A 427 48.13 -44.89 23.30
CA THR A 427 47.17 -43.95 22.76
C THR A 427 45.77 -44.42 23.09
N ILE A 428 44.91 -43.45 23.36
CA ILE A 428 43.54 -43.72 23.78
C ILE A 428 42.59 -43.15 22.74
N PRO A 429 42.21 -43.91 21.75
CA PRO A 429 41.29 -43.37 20.73
C PRO A 429 39.93 -43.06 21.31
N ILE A 430 39.53 -41.80 21.20
CA ILE A 430 38.20 -41.36 21.57
C ILE A 430 37.46 -41.11 20.27
N VAL A 431 36.52 -42.00 19.95
CA VAL A 431 35.80 -41.91 18.69
C VAL A 431 34.32 -42.02 18.95
N PRO A 432 33.51 -41.49 18.05
CA PRO A 432 32.05 -41.56 18.21
C PRO A 432 31.58 -43.00 18.33
N THR A 433 30.33 -43.14 18.74
CA THR A 433 29.61 -44.38 18.61
C THR A 433 29.02 -44.50 17.22
N ALA A 434 28.08 -45.43 17.07
CA ALA A 434 27.37 -45.57 15.80
C ALA A 434 26.44 -44.40 15.58
N GLU A 435 25.49 -44.20 16.49
CA GLU A 435 24.45 -43.19 16.27
C GLU A 435 24.97 -41.77 16.40
N PHE A 436 25.91 -41.50 17.31
CA PHE A 436 26.46 -40.17 17.39
C PHE A 436 27.17 -39.79 16.10
N GLN A 437 27.75 -40.78 15.42
CA GLN A 437 28.36 -40.52 14.12
C GLN A 437 27.29 -40.07 13.13
N ASP A 438 26.03 -40.39 13.41
CA ASP A 438 24.95 -39.89 12.56
C ASP A 438 24.52 -38.50 13.00
N ARG A 439 24.80 -38.16 14.24
CA ARG A 439 24.34 -36.91 14.83
C ARG A 439 25.47 -35.97 15.20
N ILE A 440 26.63 -36.13 14.58
CA ILE A 440 27.78 -35.31 14.93
C ILE A 440 27.80 -34.02 14.15
N SER A 441 27.20 -34.01 12.95
CA SER A 441 27.18 -32.83 12.10
C SER A 441 26.10 -31.84 12.48
N GLY A 442 25.20 -32.19 13.39
CA GLY A 442 24.13 -31.31 13.80
C GLY A 442 22.78 -31.79 13.29
N ALA A 443 21.77 -30.97 13.57
CA ALA A 443 20.39 -31.32 13.29
C ALA A 443 20.01 -31.04 11.84
N SER A 444 19.44 -32.03 11.18
CA SER A 444 18.81 -31.85 9.89
C SER A 444 17.29 -31.78 10.07
N GLU A 445 16.61 -31.14 9.11
CA GLU A 445 15.18 -30.93 9.24
C GLU A 445 14.48 -32.23 9.64
N LYS A 446 14.87 -33.34 9.03
CA LYS A 446 14.24 -34.61 9.37
C LYS A 446 14.37 -34.91 10.85
N ASP A 447 15.36 -34.31 11.51
CA ASP A 447 15.63 -34.64 12.90
C ASP A 447 14.95 -33.67 13.83
N ILE A 448 15.00 -32.38 13.48
CA ILE A 448 14.25 -31.37 14.21
C ILE A 448 12.78 -31.77 14.30
N VAL A 449 12.18 -32.08 13.16
CA VAL A 449 10.78 -32.47 13.12
C VAL A 449 10.52 -33.63 14.06
N HIS A 450 11.14 -34.78 13.77
CA HIS A 450 10.89 -35.98 14.55
C HIS A 450 10.98 -35.71 16.04
N SER A 451 11.95 -34.90 16.45
CA SER A 451 12.15 -34.62 17.86
C SER A 451 11.18 -33.59 18.39
N GLY A 452 11.13 -32.40 17.79
CA GLY A 452 10.24 -31.37 18.27
C GLY A 452 8.84 -31.87 18.51
N LEU A 453 8.34 -32.73 17.63
CA LEU A 453 7.01 -33.30 17.79
C LEU A 453 6.92 -34.11 19.07
N ALA A 454 7.77 -35.13 19.19
CA ALA A 454 7.75 -35.99 20.38
C ALA A 454 7.94 -35.19 21.66
N TYR A 455 8.68 -34.09 21.59
CA TYR A 455 8.90 -33.27 22.76
C TYR A 455 7.61 -32.59 23.20
N THR A 456 7.06 -31.76 22.33
CA THR A 456 5.82 -31.07 22.62
C THR A 456 4.78 -32.01 23.21
N MET A 457 4.49 -33.10 22.50
CA MET A 457 3.46 -34.03 22.94
C MET A 457 3.67 -34.47 24.39
N GLU A 458 4.88 -34.87 24.74
CA GLU A 458 5.14 -35.28 26.11
C GLU A 458 4.96 -34.11 27.07
N ARG A 459 5.55 -32.96 26.75
CA ARG A 459 5.41 -31.79 27.59
C ARG A 459 3.95 -31.51 27.90
N SER A 460 3.10 -31.68 26.90
CA SER A 460 1.69 -31.29 27.04
C SER A 460 0.92 -32.30 27.88
N ALA A 461 1.00 -33.58 27.51
CA ALA A 461 0.36 -34.61 28.33
C ALA A 461 0.75 -34.46 29.78
N ARG A 462 2.00 -34.10 30.04
CA ARG A 462 2.42 -33.87 31.41
C ARG A 462 1.56 -32.80 32.07
N GLN A 463 1.35 -31.68 31.37
CA GLN A 463 0.48 -30.63 31.89
C GLN A 463 -0.96 -31.10 32.01
N ILE A 464 -1.39 -31.97 31.09
CA ILE A 464 -2.77 -32.46 31.11
C ILE A 464 -2.99 -33.34 32.34
N MET A 465 -2.25 -34.43 32.43
CA MET A 465 -2.41 -35.35 33.54
C MET A 465 -2.15 -34.65 34.87
N ARG A 466 -1.42 -33.54 34.85
CA ARG A 466 -1.08 -32.85 36.07
C ARG A 466 -2.28 -32.12 36.64
N THR A 467 -3.15 -31.60 35.78
CA THR A 467 -4.35 -30.92 36.24
C THR A 467 -5.50 -31.89 36.48
N ALA A 468 -5.57 -32.95 35.69
CA ALA A 468 -6.60 -33.96 35.93
C ALA A 468 -6.49 -34.52 37.34
N MET A 469 -5.28 -34.58 37.87
CA MET A 469 -5.09 -35.00 39.26
C MET A 469 -5.30 -33.84 40.21
N LYS A 470 -4.99 -32.61 39.78
CA LYS A 470 -5.25 -31.45 40.62
C LYS A 470 -6.73 -31.32 40.92
N TYR A 471 -7.58 -31.78 40.02
CA TYR A 471 -9.03 -31.65 40.15
C TYR A 471 -9.72 -33.00 40.22
N ASN A 472 -8.99 -34.09 40.07
CA ASN A 472 -9.54 -35.43 40.28
C ASN A 472 -10.65 -35.71 39.26
N LEU A 473 -10.32 -35.47 38.00
CA LEU A 473 -11.22 -35.78 36.90
C LEU A 473 -11.14 -37.23 36.48
N GLY A 474 -10.18 -37.98 37.01
CA GLY A 474 -10.08 -39.39 36.66
C GLY A 474 -9.81 -39.58 35.19
N LEU A 475 -10.73 -40.27 34.52
CA LEU A 475 -10.61 -40.60 33.11
C LEU A 475 -11.08 -39.48 32.19
N ASP A 476 -11.77 -38.47 32.72
CA ASP A 476 -12.33 -37.41 31.90
C ASP A 476 -11.19 -36.49 31.48
N LEU A 477 -10.32 -37.02 30.62
CA LEU A 477 -9.23 -36.22 30.09
C LEU A 477 -9.74 -35.02 29.31
N ARG A 478 -10.83 -35.20 28.55
CA ARG A 478 -11.32 -34.13 27.70
C ARG A 478 -11.45 -32.84 28.48
N THR A 479 -12.17 -32.86 29.60
CA THR A 479 -12.31 -31.67 30.41
C THR A 479 -10.98 -31.22 30.96
N ALA A 480 -10.06 -32.15 31.18
CA ALA A 480 -8.76 -31.79 31.69
C ALA A 480 -8.00 -30.92 30.69
N ALA A 481 -8.32 -31.07 29.42
CA ALA A 481 -7.65 -30.30 28.38
C ALA A 481 -8.20 -28.88 28.31
N TYR A 482 -9.51 -28.76 28.11
CA TYR A 482 -10.14 -27.47 27.99
C TYR A 482 -9.72 -26.53 29.11
N VAL A 483 -9.56 -27.06 30.31
CA VAL A 483 -9.22 -26.21 31.44
C VAL A 483 -7.88 -25.51 31.19
N ASN A 484 -6.91 -26.26 30.68
CA ASN A 484 -5.63 -25.65 30.34
C ASN A 484 -5.80 -24.63 29.24
N ALA A 485 -6.45 -25.02 28.15
CA ALA A 485 -6.71 -24.08 27.06
C ALA A 485 -7.35 -22.81 27.57
N ILE A 486 -8.54 -22.94 28.15
CA ILE A 486 -9.27 -21.77 28.64
C ILE A 486 -8.40 -20.95 29.56
N GLU A 487 -7.61 -21.62 30.39
CA GLU A 487 -6.77 -20.92 31.36
C GLU A 487 -5.70 -20.10 30.67
N LYS A 488 -5.23 -20.57 29.52
CA LYS A 488 -4.24 -19.82 28.76
C LYS A 488 -4.89 -18.68 28.00
N VAL A 489 -5.81 -19.01 27.09
CA VAL A 489 -6.51 -18.01 26.32
C VAL A 489 -6.98 -16.87 27.20
N PHE A 490 -7.55 -17.20 28.35
CA PHE A 490 -8.09 -16.18 29.23
C PHE A 490 -7.05 -15.13 29.58
N ARG A 491 -5.87 -15.58 30.01
CA ARG A 491 -4.82 -14.64 30.40
C ARG A 491 -4.53 -13.61 29.32
N VAL A 492 -4.79 -13.97 28.07
CA VAL A 492 -4.44 -13.09 26.97
C VAL A 492 -5.43 -11.95 26.86
N TYR A 493 -6.72 -12.27 26.84
CA TYR A 493 -7.73 -11.23 26.81
C TYR A 493 -7.66 -10.35 28.03
N ASN A 494 -7.45 -10.95 29.19
CA ASN A 494 -7.43 -10.18 30.44
C ASN A 494 -6.29 -9.18 30.45
N GLU A 495 -5.05 -9.68 30.40
CA GLU A 495 -3.89 -8.81 30.43
C GLU A 495 -3.90 -7.81 29.29
N ALA A 496 -4.62 -8.12 28.21
CA ALA A 496 -4.58 -7.29 27.02
C ALA A 496 -5.46 -6.06 27.10
N GLY A 497 -6.30 -5.93 28.12
CA GLY A 497 -7.21 -4.80 28.08
C GLY A 497 -8.37 -5.04 27.14
N VAL A 498 -9.36 -5.85 27.54
CA VAL A 498 -10.14 -6.70 26.65
C VAL A 498 -10.28 -6.12 25.26
N THR A 499 -10.33 -4.80 25.14
CA THR A 499 -10.50 -4.15 23.86
C THR A 499 -9.64 -2.90 23.79
N PHE A 500 -9.45 -2.42 22.57
CA PHE A 500 -8.72 -1.19 22.30
C PHE A 500 -9.63 -0.01 22.04
N THR A 501 -10.94 -0.19 22.19
CA THR A 501 -11.88 0.89 21.96
C THR A 501 -11.80 1.85 23.14
N ASP B 6 19.29 23.42 35.81
CA ASP B 6 20.12 24.62 35.80
C ASP B 6 20.32 25.13 34.38
N PRO B 7 21.12 24.35 33.55
CA PRO B 7 21.29 24.87 32.20
C PRO B 7 20.44 24.13 31.18
N ASN B 8 20.52 24.56 29.92
CA ASN B 8 19.75 23.91 28.86
C ASN B 8 20.17 22.46 28.79
N PHE B 9 19.35 21.58 29.34
CA PHE B 9 19.66 20.16 29.37
C PHE B 9 20.12 19.66 28.01
N PHE B 10 19.60 20.26 26.93
CA PHE B 10 20.01 19.84 25.60
C PHE B 10 21.43 20.29 25.31
N LYS B 11 21.78 21.51 25.71
CA LYS B 11 23.13 21.99 25.46
C LYS B 11 24.14 21.30 26.36
N MET B 12 23.76 21.02 27.60
CA MET B 12 24.62 20.22 28.46
C MET B 12 25.14 19.00 27.71
N VAL B 13 24.23 18.11 27.31
CA VAL B 13 24.63 16.95 26.53
C VAL B 13 25.48 17.36 25.36
N GLU B 14 25.15 18.49 24.75
CA GLU B 14 25.87 18.93 23.56
C GLU B 14 27.27 19.41 23.93
N GLY B 15 27.39 20.04 25.10
CA GLY B 15 28.70 20.46 25.55
C GLY B 15 29.63 19.27 25.75
N PHE B 16 29.10 18.20 26.32
CA PHE B 16 29.87 16.96 26.39
C PHE B 16 30.33 16.51 25.02
N PHE B 17 29.37 16.20 24.14
CA PHE B 17 29.67 15.64 22.83
C PHE B 17 30.87 16.30 22.18
N ASP B 18 30.98 17.62 22.31
CA ASP B 18 32.14 18.30 21.77
C ASP B 18 33.43 17.82 22.43
N ARG B 19 33.47 17.79 23.76
CA ARG B 19 34.66 17.33 24.45
C ARG B 19 35.21 16.07 23.80
N GLY B 20 34.34 15.09 23.53
CA GLY B 20 34.78 13.87 22.89
C GLY B 20 35.28 14.11 21.48
N ALA B 21 34.60 14.98 20.74
CA ALA B 21 34.95 15.17 19.33
C ALA B 21 36.22 15.98 19.17
N SER B 22 36.46 16.92 20.09
CA SER B 22 37.71 17.66 20.07
C SER B 22 38.91 16.73 20.08
N ILE B 23 38.75 15.53 20.62
CA ILE B 23 39.84 14.63 20.90
C ILE B 23 40.01 13.67 19.74
N VAL B 24 38.94 12.99 19.38
CA VAL B 24 39.01 11.95 18.36
C VAL B 24 39.28 12.56 16.99
N GLU B 25 39.01 13.85 16.82
CA GLU B 25 39.19 14.52 15.55
C GLU B 25 40.53 14.16 14.93
N ASP B 26 41.59 14.32 15.71
CA ASP B 26 42.94 14.13 15.18
C ASP B 26 43.11 12.72 14.63
N LYS B 27 42.98 11.70 15.48
CA LYS B 27 43.08 10.32 15.00
C LYS B 27 42.06 10.06 13.92
N LEU B 28 40.89 10.68 14.04
CA LEU B 28 39.80 10.42 13.12
C LEU B 28 40.17 10.85 11.70
N VAL B 29 40.97 11.90 11.58
CA VAL B 29 41.44 12.34 10.28
C VAL B 29 42.44 11.34 9.71
N GLU B 30 43.31 10.84 10.57
CA GLU B 30 44.32 9.88 10.12
C GLU B 30 43.67 8.61 9.57
N ASP B 31 42.67 8.09 10.27
CA ASP B 31 41.94 6.94 9.76
C ASP B 31 41.34 7.22 8.38
N LEU B 32 40.76 8.41 8.21
CA LEU B 32 40.17 8.78 6.94
C LEU B 32 41.21 8.69 5.83
N LYS B 33 40.94 7.86 4.83
CA LYS B 33 41.84 7.66 3.70
C LYS B 33 41.28 8.35 2.46
N THR B 34 42.11 9.19 1.86
CA THR B 34 41.70 9.94 0.66
C THR B 34 42.90 10.70 0.11
N ARG B 35 42.68 11.44 -0.98
CA ARG B 35 43.72 12.27 -1.57
C ARG B 35 43.53 13.75 -1.26
N GLU B 36 42.53 14.09 -0.44
CA GLU B 36 42.31 15.48 -0.09
C GLU B 36 43.52 16.07 0.64
N THR B 37 43.51 17.40 0.74
CA THR B 37 44.48 18.09 1.58
C THR B 37 44.22 17.77 3.04
N GLU B 38 45.26 17.87 3.86
CA GLU B 38 45.15 17.59 5.28
C GLU B 38 44.05 18.43 5.90
N GLU B 39 43.96 19.70 5.51
CA GLU B 39 42.94 20.57 6.05
C GLU B 39 41.56 20.20 5.51
N GLN B 40 41.48 19.82 4.24
CA GLN B 40 40.20 19.44 3.67
C GLN B 40 39.60 18.26 4.40
N LYS B 41 40.42 17.26 4.70
CA LYS B 41 39.95 16.16 5.53
C LYS B 41 39.36 16.67 6.84
N ARG B 42 40.06 17.61 7.48
CA ARG B 42 39.53 18.18 8.72
C ARG B 42 38.18 18.84 8.48
N ASN B 43 37.94 19.35 7.28
CA ASN B 43 36.66 19.96 6.99
C ASN B 43 35.63 18.94 6.56
N ARG B 44 36.07 17.72 6.26
CA ARG B 44 35.13 16.62 6.06
C ARG B 44 34.59 16.13 7.39
N VAL B 45 35.48 15.87 8.33
CA VAL B 45 35.07 15.32 9.61
C VAL B 45 34.25 16.35 10.38
N ARG B 46 34.72 17.58 10.46
CA ARG B 46 33.98 18.60 11.20
C ARG B 46 32.58 18.80 10.63
N SER B 47 32.47 18.75 9.31
CA SER B 47 31.15 18.90 8.69
C SER B 47 30.22 17.78 9.12
N ILE B 48 30.72 16.54 9.07
CA ILE B 48 29.90 15.40 9.50
C ILE B 48 29.48 15.59 10.95
N LEU B 49 30.44 15.93 11.80
CA LEU B 49 30.13 16.11 13.21
C LEU B 49 29.10 17.22 13.42
N ARG B 50 28.97 18.13 12.45
CA ARG B 50 27.92 19.14 12.55
C ARG B 50 26.58 18.58 12.11
N ILE B 51 26.58 17.38 11.54
CA ILE B 51 25.35 16.73 11.10
C ILE B 51 24.85 15.78 12.17
N ILE B 52 25.77 15.07 12.82
CA ILE B 52 25.40 14.10 13.85
C ILE B 52 24.70 14.78 15.01
N LYS B 53 25.28 15.87 15.50
CA LYS B 53 24.88 16.44 16.79
C LYS B 53 23.41 16.78 16.90
N PRO B 54 22.75 17.29 15.87
CA PRO B 54 21.35 17.68 16.01
C PRO B 54 20.39 16.55 15.68
N CYS B 55 19.16 16.74 16.12
CA CYS B 55 18.09 15.80 15.86
C CYS B 55 17.41 16.12 14.54
N ASN B 56 17.00 15.06 13.85
CA ASN B 56 16.54 15.15 12.47
C ASN B 56 15.04 15.34 12.36
N HIS B 57 14.29 14.74 13.26
CA HIS B 57 12.84 14.87 13.26
C HIS B 57 12.34 15.12 14.67
N VAL B 58 11.45 16.08 14.79
CA VAL B 58 10.77 16.39 16.03
C VAL B 58 9.32 16.68 15.71
N LEU B 59 8.42 16.10 16.48
CA LEU B 59 7.00 16.27 16.27
C LEU B 59 6.33 16.73 17.55
N SER B 60 5.60 17.82 17.45
CA SER B 60 4.83 18.37 18.54
C SER B 60 3.37 18.37 18.16
N LEU B 61 2.53 17.76 18.98
CA LEU B 61 1.13 17.61 18.62
C LEU B 61 0.26 17.80 19.85
N SER B 62 -1.04 18.01 19.58
CA SER B 62 -2.02 18.33 20.59
C SER B 62 -3.29 17.50 20.37
N PHE B 63 -3.90 17.08 21.47
CA PHE B 63 -5.00 16.15 21.46
C PHE B 63 -6.26 16.72 22.08
N PRO B 64 -7.37 16.60 21.42
CA PRO B 64 -8.62 16.74 22.14
C PRO B 64 -9.04 15.42 22.74
N ILE B 65 -9.28 15.39 24.03
CA ILE B 65 -9.80 14.20 24.69
C ILE B 65 -10.94 14.61 25.61
N ARG B 66 -11.93 13.73 25.72
CA ARG B 66 -13.07 13.93 26.61
C ARG B 66 -12.85 13.15 27.89
N ARG B 67 -13.02 13.82 29.01
CA ARG B 67 -12.83 13.21 30.31
C ARG B 67 -14.03 12.37 30.71
N ASP B 68 -13.99 11.89 31.95
CA ASP B 68 -15.13 11.16 32.50
C ASP B 68 -16.28 12.09 32.84
N ASP B 69 -15.98 13.30 33.30
CA ASP B 69 -16.99 14.29 33.63
C ASP B 69 -17.57 14.98 32.40
N GLY B 70 -17.28 14.49 31.20
CA GLY B 70 -17.79 15.07 29.98
C GLY B 70 -17.02 16.26 29.45
N SER B 71 -16.11 16.82 30.23
CA SER B 71 -15.36 17.99 29.81
C SER B 71 -14.10 17.58 29.04
N TRP B 72 -13.82 18.33 27.98
CA TRP B 72 -12.62 18.15 27.18
C TRP B 72 -11.45 18.90 27.77
N GLU B 73 -10.25 18.41 27.47
CA GLU B 73 -9.04 19.19 27.66
C GLU B 73 -8.07 18.78 26.57
N VAL B 74 -7.00 19.55 26.44
CA VAL B 74 -5.98 19.29 25.43
C VAL B 74 -4.74 18.75 26.09
N ILE B 75 -3.96 18.04 25.30
CA ILE B 75 -2.75 17.38 25.76
C ILE B 75 -1.64 17.65 24.76
N GLU B 76 -0.45 17.91 25.28
CA GLU B 76 0.71 18.22 24.46
C GLU B 76 1.66 17.04 24.49
N GLY B 77 2.01 16.54 23.32
CA GLY B 77 2.86 15.37 23.20
C GLY B 77 3.97 15.59 22.19
N TYR B 78 5.09 14.92 22.43
CA TYR B 78 6.31 15.11 21.65
C TYR B 78 6.88 13.77 21.26
N ARG B 79 7.70 13.77 20.22
CA ARG B 79 8.36 12.56 19.75
C ARG B 79 9.51 12.97 18.87
N ALA B 80 10.72 12.68 19.30
CA ALA B 80 11.91 13.05 18.57
C ALA B 80 12.65 11.82 18.03
N GLN B 81 13.23 11.98 16.86
CA GLN B 81 14.14 11.01 16.28
C GLN B 81 15.44 11.71 16.00
N HIS B 82 16.53 11.16 16.52
CA HIS B 82 17.82 11.81 16.43
C HIS B 82 18.55 11.44 15.16
N SER B 83 18.68 10.15 14.91
CA SER B 83 19.57 9.68 13.87
C SER B 83 18.90 8.54 13.13
N GLN B 84 19.03 8.58 11.80
CA GLN B 84 18.58 7.52 10.92
C GLN B 84 19.74 6.70 10.39
N HIS B 85 20.93 6.86 10.94
CA HIS B 85 22.07 6.08 10.49
C HIS B 85 21.79 4.60 10.59
N ARG B 86 20.81 4.22 11.39
CA ARG B 86 20.54 2.82 11.66
C ARG B 86 19.18 2.71 12.30
N THR B 87 18.27 2.04 11.61
CA THR B 87 16.89 1.89 12.04
C THR B 87 16.67 0.47 12.52
N PRO B 88 15.66 0.26 13.35
CA PRO B 88 14.73 1.24 13.89
C PRO B 88 15.31 2.22 14.89
N CYS B 89 14.49 3.22 15.19
CA CYS B 89 14.78 4.16 16.24
C CYS B 89 13.97 3.82 17.48
N LYS B 90 14.57 4.03 18.64
CA LYS B 90 13.90 3.69 19.88
C LYS B 90 13.94 4.79 20.90
N GLY B 91 13.17 4.55 21.96
CA GLY B 91 13.10 5.45 23.08
C GLY B 91 11.78 5.23 23.77
N GLY B 92 11.67 5.82 24.96
CA GLY B 92 10.55 5.59 25.83
C GLY B 92 9.56 6.73 25.81
N ILE B 93 8.44 6.46 26.47
CA ILE B 93 7.37 7.41 26.63
C ILE B 93 7.35 7.85 28.08
N ARG B 94 7.57 9.13 28.30
CA ARG B 94 7.63 9.70 29.62
C ARG B 94 6.38 10.54 29.87
N TYR B 95 5.61 10.16 30.87
CA TYR B 95 4.48 10.95 31.33
C TYR B 95 4.94 11.84 32.47
N SER B 96 4.84 13.14 32.27
CA SER B 96 5.29 14.10 33.26
C SER B 96 4.88 15.50 32.83
N THR B 97 4.79 16.38 33.82
CA THR B 97 4.46 17.77 33.59
C THR B 97 5.69 18.62 33.27
N ASP B 98 6.88 18.12 33.55
CA ASP B 98 8.11 18.82 33.20
C ASP B 98 8.68 18.34 31.88
N VAL B 99 7.81 17.97 30.94
CA VAL B 99 8.26 17.56 29.62
C VAL B 99 8.39 18.78 28.74
N SER B 100 9.37 18.76 27.85
CA SER B 100 9.68 19.89 27.01
C SER B 100 10.44 19.41 25.80
N VAL B 101 10.35 20.19 24.73
CA VAL B 101 11.00 19.82 23.47
C VAL B 101 12.49 19.61 23.68
N ASP B 102 13.08 20.39 24.57
CA ASP B 102 14.53 20.35 24.74
C ASP B 102 14.97 19.12 25.53
N GLU B 103 14.17 18.70 26.52
CA GLU B 103 14.46 17.46 27.21
C GLU B 103 14.37 16.27 26.27
N VAL B 104 13.40 16.30 25.38
CA VAL B 104 13.18 15.17 24.47
C VAL B 104 14.33 15.06 23.49
N LYS B 105 14.70 16.17 22.85
CA LYS B 105 15.82 16.16 21.92
C LYS B 105 17.08 15.66 22.60
N ALA B 106 17.33 16.07 23.83
CA ALA B 106 18.50 15.62 24.56
C ALA B 106 18.49 14.11 24.72
N LEU B 107 17.46 13.59 25.39
CA LEU B 107 17.42 12.18 25.70
C LEU B 107 17.49 11.34 24.43
N ALA B 108 16.89 11.82 23.36
CA ALA B 108 17.00 11.13 22.09
C ALA B 108 18.45 10.96 21.69
N SER B 109 19.22 12.03 21.80
CA SER B 109 20.63 11.97 21.45
C SER B 109 21.35 10.90 22.23
N LEU B 110 21.09 10.79 23.53
CA LEU B 110 21.77 9.79 24.34
C LEU B 110 21.47 8.39 23.84
N MET B 111 20.19 8.05 23.69
CA MET B 111 19.83 6.73 23.21
C MET B 111 20.59 6.37 21.95
N THR B 112 20.95 7.36 21.15
CA THR B 112 21.70 7.10 19.93
C THR B 112 23.12 6.69 20.25
N TYR B 113 23.71 7.31 21.26
CA TYR B 113 25.10 7.04 21.59
C TYR B 113 25.20 5.81 22.47
N LYS B 114 24.30 5.70 23.43
CA LYS B 114 24.24 4.52 24.27
C LYS B 114 24.15 3.25 23.45
N CYS B 115 23.23 3.21 22.49
CA CYS B 115 23.05 2.02 21.67
C CYS B 115 24.31 1.70 20.87
N ALA B 116 25.20 2.67 20.69
CA ALA B 116 26.42 2.41 19.94
C ALA B 116 27.52 1.91 20.84
N VAL B 117 27.48 2.29 22.11
CA VAL B 117 28.40 1.75 23.09
C VAL B 117 28.25 0.24 23.19
N VAL B 118 27.01 -0.24 23.28
CA VAL B 118 26.73 -1.64 23.49
C VAL B 118 26.38 -2.34 22.18
N ASP B 119 26.60 -1.69 21.06
CA ASP B 119 26.49 -2.31 19.75
C ASP B 119 25.12 -2.95 19.54
N VAL B 120 24.08 -2.14 19.68
CA VAL B 120 22.75 -2.59 19.28
C VAL B 120 22.30 -1.77 18.08
N PRO B 121 21.76 -2.37 17.07
CA PRO B 121 21.56 -1.67 15.81
C PRO B 121 20.37 -0.73 15.81
N PHE B 122 20.32 0.22 16.71
CA PHE B 122 19.18 1.11 16.78
C PHE B 122 19.65 2.55 16.84
N GLY B 123 18.74 3.44 16.51
CA GLY B 123 18.96 4.85 16.65
C GLY B 123 18.32 5.33 17.91
N GLY B 124 18.12 6.62 18.01
CA GLY B 124 17.58 7.20 19.21
C GLY B 124 16.29 7.93 19.00
N ALA B 125 15.41 7.77 19.98
CA ALA B 125 14.18 8.53 20.03
C ALA B 125 13.81 8.70 21.49
N LYS B 126 12.78 9.50 21.70
CA LYS B 126 12.22 9.73 23.02
C LYS B 126 10.93 10.49 22.84
N ALA B 127 9.93 10.13 23.62
CA ALA B 127 8.64 10.78 23.59
C ALA B 127 8.35 11.45 24.92
N GLY B 128 7.17 12.03 25.01
CA GLY B 128 6.81 12.82 26.17
C GLY B 128 5.36 13.23 26.09
N VAL B 129 4.79 13.51 27.25
CA VAL B 129 3.41 13.96 27.37
C VAL B 129 3.32 14.84 28.60
N LYS B 130 2.90 16.09 28.41
CA LYS B 130 2.62 16.97 29.55
C LYS B 130 1.36 16.44 30.22
N ILE B 131 1.57 15.73 31.32
CA ILE B 131 0.49 15.07 32.02
C ILE B 131 1.01 14.63 33.38
N ASN B 132 0.10 14.51 34.33
CA ASN B 132 0.40 13.90 35.62
C ASN B 132 -0.58 12.76 35.82
N PRO B 133 -0.14 11.50 35.68
CA PRO B 133 -1.08 10.39 35.70
C PRO B 133 -1.89 10.29 36.96
N LYS B 134 -1.32 10.68 38.09
CA LYS B 134 -1.99 10.54 39.37
C LYS B 134 -3.35 11.21 39.40
N ASN B 135 -3.57 12.23 38.57
CA ASN B 135 -4.79 13.00 38.57
C ASN B 135 -5.87 12.39 37.69
N TYR B 136 -5.54 11.31 36.96
CA TYR B 136 -6.45 10.75 35.97
C TYR B 136 -6.72 9.29 36.30
N THR B 137 -7.84 8.79 35.79
CA THR B 137 -8.25 7.42 36.04
C THR B 137 -7.49 6.45 35.15
N ASP B 138 -7.89 5.19 35.20
CA ASP B 138 -7.39 4.20 34.27
C ASP B 138 -8.21 4.18 33.00
N ASN B 139 -9.36 4.86 33.00
CA ASN B 139 -10.17 4.94 31.79
C ASN B 139 -9.87 6.23 31.05
N GLU B 140 -9.09 7.12 31.66
CA GLU B 140 -8.67 8.34 30.98
C GLU B 140 -7.24 8.19 30.46
N LEU B 141 -6.40 7.48 31.18
CA LEU B 141 -5.05 7.24 30.72
C LEU B 141 -5.03 6.30 29.53
N GLU B 142 -6.04 5.45 29.41
CA GLU B 142 -6.10 4.52 28.30
C GLU B 142 -6.73 5.16 27.09
N LYS B 143 -7.48 6.22 27.30
CA LYS B 143 -8.11 6.96 26.22
C LYS B 143 -7.17 8.01 25.67
N ILE B 144 -6.16 8.37 26.46
CA ILE B 144 -5.06 9.18 25.97
C ILE B 144 -4.11 8.34 25.14
N THR B 145 -3.54 7.32 25.76
CA THR B 145 -2.54 6.48 25.12
C THR B 145 -3.02 5.98 23.76
N ARG B 146 -4.23 5.45 23.68
CA ARG B 146 -4.70 4.89 22.44
C ARG B 146 -4.94 5.96 21.39
N ARG B 147 -4.97 7.22 21.80
CA ARG B 147 -5.11 8.31 20.84
C ARG B 147 -3.75 8.84 20.44
N PHE B 148 -2.84 8.93 21.40
CA PHE B 148 -1.45 9.26 21.10
C PHE B 148 -0.88 8.32 20.06
N THR B 149 -1.09 7.03 20.23
CA THR B 149 -0.54 6.06 19.31
C THR B 149 -1.02 6.30 17.89
N MET B 150 -2.32 6.55 17.72
CA MET B 150 -2.86 6.73 16.38
C MET B 150 -2.16 7.86 15.65
N GLU B 151 -2.16 9.04 16.25
CA GLU B 151 -1.64 10.22 15.57
C GLU B 151 -0.23 10.01 15.08
N LEU B 152 0.60 9.31 15.84
CA LEU B 152 1.97 9.07 15.43
C LEU B 152 2.03 8.10 14.27
N ALA B 153 1.54 6.88 14.46
CA ALA B 153 1.41 5.94 13.36
C ALA B 153 0.81 6.62 12.14
N LYS B 154 -0.15 7.50 12.37
CA LYS B 154 -0.80 8.22 11.30
C LYS B 154 0.14 9.15 10.58
N LYS B 155 1.34 9.35 11.14
CA LYS B 155 2.35 10.22 10.56
C LYS B 155 3.71 9.56 10.50
N GLY B 156 3.76 8.23 10.63
CA GLY B 156 4.99 7.51 10.39
C GLY B 156 6.03 7.59 11.46
N PHE B 157 5.64 7.58 12.73
CA PHE B 157 6.58 7.54 13.84
C PHE B 157 6.36 6.34 14.75
N ILE B 158 5.63 5.33 14.31
CA ILE B 158 5.50 4.09 15.04
C ILE B 158 5.46 2.97 14.04
N GLY B 159 6.18 1.90 14.33
CA GLY B 159 6.33 0.82 13.40
C GLY B 159 7.50 -0.09 13.73
N PRO B 160 7.37 -1.36 13.39
CA PRO B 160 8.46 -2.30 13.67
C PRO B 160 9.75 -1.94 13.02
N GLY B 161 9.70 -1.22 11.90
CA GLY B 161 10.87 -1.00 11.10
C GLY B 161 11.26 0.45 10.99
N VAL B 162 10.52 1.31 11.67
CA VAL B 162 10.81 2.74 11.63
C VAL B 162 11.06 3.28 13.04
N ASP B 163 10.21 2.89 13.99
CA ASP B 163 10.33 3.45 15.33
C ASP B 163 9.57 2.57 16.31
N VAL B 164 10.13 2.39 17.50
CA VAL B 164 9.70 1.37 18.45
C VAL B 164 9.75 1.97 19.84
N PRO B 165 8.62 2.25 20.48
CA PRO B 165 8.63 2.81 21.83
C PRO B 165 8.80 1.77 22.92
N ALA B 166 9.15 2.26 24.09
CA ALA B 166 9.41 1.43 25.25
C ALA B 166 8.99 2.18 26.50
N PRO B 167 9.07 1.54 27.66
CA PRO B 167 8.67 2.22 28.90
C PRO B 167 9.72 3.19 29.40
N ASP B 168 9.28 4.10 30.25
CA ASP B 168 10.12 5.09 30.87
C ASP B 168 9.37 5.59 32.10
N MET B 169 9.84 6.69 32.66
CA MET B 169 9.25 7.24 33.87
C MET B 169 7.73 7.29 33.77
N SER B 170 7.09 6.75 34.80
CA SER B 170 5.66 6.88 35.03
C SER B 170 4.84 6.06 34.06
N THR B 171 5.46 5.09 33.41
CA THR B 171 4.76 4.14 32.57
C THR B 171 5.10 2.72 33.01
N GLY B 172 4.59 1.76 32.25
CA GLY B 172 4.79 0.37 32.57
C GLY B 172 4.32 -0.52 31.45
N GLU B 173 3.93 -1.73 31.83
CA GLU B 173 3.49 -2.71 30.86
C GLU B 173 2.10 -2.44 30.34
N ARG B 174 1.19 -1.98 31.19
CA ARG B 174 -0.14 -1.61 30.72
C ARG B 174 -0.06 -0.75 29.47
N GLU B 175 0.58 0.41 29.58
CA GLU B 175 0.59 1.36 28.48
C GLU B 175 1.12 0.72 27.22
N MET B 176 1.97 -0.30 27.37
CA MET B 176 2.49 -0.98 26.19
C MET B 176 1.48 -1.97 25.65
N SER B 177 0.59 -2.46 26.51
CA SER B 177 -0.48 -3.33 26.07
C SER B 177 -1.58 -2.55 25.36
N TRP B 178 -1.60 -1.24 25.56
CA TRP B 178 -2.63 -0.41 24.96
C TRP B 178 -2.15 0.15 23.64
N ILE B 179 -0.84 0.22 23.47
CA ILE B 179 -0.26 0.69 22.22
C ILE B 179 -0.29 -0.43 21.19
N ALA B 180 0.04 -1.64 21.61
CA ALA B 180 0.07 -2.77 20.71
C ALA B 180 -1.29 -3.03 20.07
N ASP B 181 -2.33 -3.13 20.90
CA ASP B 181 -3.65 -3.44 20.39
C ASP B 181 -4.16 -2.36 19.45
N THR B 182 -3.61 -1.16 19.57
CA THR B 182 -4.10 -0.04 18.78
C THR B 182 -3.45 -0.01 17.41
N TYR B 183 -2.15 -0.25 17.36
CA TYR B 183 -1.44 -0.35 16.09
C TYR B 183 -1.88 -1.61 15.36
N ALA B 184 -1.91 -2.73 16.06
CA ALA B 184 -2.23 -4.01 15.45
C ALA B 184 -3.67 -4.05 14.95
N SER B 185 -4.51 -3.17 15.47
CA SER B 185 -5.93 -3.23 15.14
C SER B 185 -6.35 -2.12 14.20
N THR B 186 -5.42 -1.28 13.75
CA THR B 186 -5.71 -0.27 12.74
C THR B 186 -4.81 -0.52 11.55
N ILE B 187 -3.50 -0.58 11.74
CA ILE B 187 -2.57 -0.66 10.61
C ILE B 187 -1.89 -2.02 10.55
N GLY B 188 -1.40 -2.48 11.70
CA GLY B 188 -0.67 -3.72 11.78
C GLY B 188 -1.42 -4.95 11.32
N HIS B 189 -2.70 -4.82 10.99
CA HIS B 189 -3.50 -6.01 10.70
C HIS B 189 -2.86 -6.87 9.62
N TYR B 190 -2.35 -6.23 8.58
CA TYR B 190 -1.76 -6.95 7.46
C TYR B 190 -0.26 -7.14 7.64
N ASP B 191 0.33 -6.50 8.63
CA ASP B 191 1.75 -6.60 8.91
C ASP B 191 1.96 -7.84 9.77
N ILE B 192 2.88 -8.70 9.35
CA ILE B 192 3.14 -9.95 10.05
C ILE B 192 3.93 -9.68 11.32
N ASN B 193 4.52 -8.50 11.41
CA ASN B 193 5.38 -8.11 12.51
C ASN B 193 4.77 -7.00 13.37
N ALA B 194 3.48 -7.08 13.66
CA ALA B 194 2.78 -5.99 14.32
C ALA B 194 3.13 -5.89 15.80
N HIS B 195 3.40 -7.02 16.44
CA HIS B 195 3.70 -6.99 17.86
C HIS B 195 5.12 -6.58 18.14
N ALA B 196 5.91 -6.36 17.10
CA ALA B 196 7.24 -5.82 17.26
C ALA B 196 7.24 -4.31 17.26
N CYS B 197 6.06 -3.69 17.21
CA CYS B 197 5.95 -2.24 17.21
C CYS B 197 6.31 -1.62 18.54
N VAL B 198 6.45 -2.43 19.58
CA VAL B 198 6.61 -1.91 20.92
C VAL B 198 7.24 -2.97 21.78
N THR B 199 8.02 -2.53 22.76
CA THR B 199 8.64 -3.40 23.73
C THR B 199 8.14 -3.04 25.11
N GLY B 200 8.58 -3.83 26.09
CA GLY B 200 8.07 -3.69 27.43
C GLY B 200 6.70 -4.29 27.62
N LYS B 201 6.29 -5.19 26.75
CA LYS B 201 4.96 -5.73 26.81
C LYS B 201 4.86 -6.78 27.90
N PRO B 202 3.64 -7.10 28.31
CA PRO B 202 3.44 -8.23 29.21
C PRO B 202 3.88 -9.54 28.56
N ILE B 203 4.07 -10.55 29.40
CA ILE B 203 4.58 -11.82 28.92
C ILE B 203 3.59 -12.44 27.95
N SER B 204 2.31 -12.34 28.27
CA SER B 204 1.27 -12.93 27.45
C SER B 204 1.07 -12.21 26.13
N GLN B 205 1.72 -11.07 25.96
CA GLN B 205 1.61 -10.29 24.74
C GLN B 205 2.91 -10.20 23.98
N GLY B 206 3.91 -10.98 24.36
CA GLY B 206 5.15 -11.04 23.62
C GLY B 206 6.34 -10.46 24.34
N GLY B 207 6.35 -10.58 25.64
CA GLY B 207 7.42 -10.02 26.44
C GLY B 207 8.52 -11.00 26.73
N ILE B 208 9.40 -10.59 27.63
CA ILE B 208 10.62 -11.32 27.95
C ILE B 208 10.77 -11.41 29.44
N HIS B 209 11.25 -12.54 29.92
CA HIS B 209 11.67 -12.67 31.30
C HIS B 209 12.76 -11.67 31.61
N GLY B 210 12.69 -11.08 32.80
CA GLY B 210 13.66 -10.09 33.19
C GLY B 210 13.53 -8.78 32.45
N ARG B 211 12.38 -8.53 31.86
CA ARG B 211 12.08 -7.30 31.16
C ARG B 211 12.55 -6.09 31.93
N ILE B 212 12.19 -6.03 33.20
CA ILE B 212 12.44 -4.87 34.03
C ILE B 212 13.56 -5.09 35.03
N SER B 213 13.60 -6.26 35.68
CA SER B 213 14.69 -6.56 36.59
C SER B 213 16.05 -6.35 35.93
N ALA B 214 16.11 -6.46 34.60
CA ALA B 214 17.40 -6.51 33.93
C ALA B 214 18.11 -5.17 33.97
N THR B 215 17.37 -4.08 33.90
CA THR B 215 17.98 -2.77 34.04
C THR B 215 18.83 -2.71 35.31
N GLY B 216 18.23 -3.02 36.46
CA GLY B 216 18.98 -3.10 37.69
C GLY B 216 20.21 -3.99 37.55
N ARG B 217 20.08 -5.09 36.83
CA ARG B 217 21.20 -6.00 36.67
C ARG B 217 22.26 -5.40 35.77
N GLY B 218 21.85 -4.70 34.73
CA GLY B 218 22.83 -4.01 33.90
C GLY B 218 23.67 -3.07 34.74
N VAL B 219 23.02 -2.34 35.64
CA VAL B 219 23.74 -1.53 36.60
C VAL B 219 24.78 -2.37 37.34
N PHE B 220 24.30 -3.39 38.04
CA PHE B 220 25.18 -4.32 38.75
C PHE B 220 26.34 -4.77 37.87
N HIS B 221 26.03 -5.44 36.76
CA HIS B 221 27.10 -6.01 35.94
C HIS B 221 28.03 -4.93 35.44
N GLY B 222 27.61 -3.68 35.45
CA GLY B 222 28.54 -2.60 35.16
C GLY B 222 29.47 -2.34 36.32
N ILE B 223 28.92 -2.11 37.51
CA ILE B 223 29.73 -1.94 38.70
C ILE B 223 30.68 -3.11 38.86
N GLU B 224 30.15 -4.32 38.84
CA GLU B 224 30.96 -5.52 39.01
C GLU B 224 32.11 -5.57 38.02
N ASN B 225 32.01 -4.82 36.91
CA ASN B 225 33.02 -4.89 35.88
C ASN B 225 34.11 -3.83 36.05
N PHE B 226 33.97 -2.97 37.04
CA PHE B 226 35.02 -2.06 37.45
C PHE B 226 35.52 -2.32 38.85
N ILE B 227 34.66 -2.77 39.75
CA ILE B 227 35.08 -3.10 41.11
C ILE B 227 36.11 -4.21 41.08
N ASN B 228 36.04 -5.08 40.08
CA ASN B 228 36.93 -6.21 39.93
C ASN B 228 38.30 -5.82 39.48
N GLU B 229 38.61 -4.52 39.40
CA GLU B 229 39.91 -4.07 38.93
C GLU B 229 40.44 -3.02 39.90
N ALA B 230 41.52 -3.36 40.61
CA ALA B 230 42.19 -2.37 41.45
C ALA B 230 42.87 -1.30 40.61
N SER B 231 43.06 -1.56 39.32
CA SER B 231 43.66 -0.58 38.43
C SER B 231 43.09 0.81 38.65
N TYR B 232 41.83 0.90 39.07
CA TYR B 232 41.15 2.16 39.32
C TYR B 232 40.76 2.36 40.77
N MET B 233 40.44 1.27 41.49
CA MET B 233 40.09 1.42 42.89
C MET B 233 41.31 1.69 43.76
N SER B 234 42.51 1.38 43.25
CA SER B 234 43.71 1.80 43.97
C SER B 234 43.80 3.31 44.04
N ILE B 235 43.37 4.00 42.99
CA ILE B 235 43.23 5.46 43.05
C ILE B 235 42.18 5.83 44.09
N LEU B 236 40.96 5.31 43.93
CA LEU B 236 39.88 5.67 44.84
C LEU B 236 40.25 5.40 46.30
N GLY B 237 41.18 4.48 46.54
CA GLY B 237 41.44 4.06 47.90
C GLY B 237 40.40 3.10 48.43
N MET B 238 39.91 2.20 47.59
CA MET B 238 38.89 1.25 47.98
C MET B 238 39.32 -0.16 47.61
N THR B 239 38.73 -1.15 48.27
CA THR B 239 39.05 -2.54 48.02
C THR B 239 37.90 -3.20 47.28
N PRO B 240 38.18 -4.10 46.34
CA PRO B 240 37.08 -4.80 45.68
C PRO B 240 36.23 -5.59 46.67
N GLY B 241 34.96 -5.78 46.30
CA GLY B 241 34.06 -6.60 47.07
C GLY B 241 32.77 -5.90 47.46
N PHE B 242 31.63 -6.49 47.09
CA PHE B 242 30.33 -5.91 47.41
C PHE B 242 29.94 -6.20 48.85
N GLY B 243 30.43 -7.30 49.42
CA GLY B 243 30.20 -7.57 50.84
C GLY B 243 30.80 -6.51 51.74
N ASP B 244 31.58 -5.60 51.17
CA ASP B 244 32.28 -4.58 51.92
C ASP B 244 31.75 -3.18 51.68
N LYS B 245 30.66 -3.04 50.92
CA LYS B 245 30.21 -1.76 50.41
C LYS B 245 28.84 -1.39 50.97
N THR B 246 28.65 -0.09 51.19
CA THR B 246 27.35 0.47 51.51
C THR B 246 26.93 1.43 50.40
N PHE B 247 25.64 1.44 50.09
CA PHE B 247 25.15 2.26 49.00
C PHE B 247 23.80 2.85 49.39
N VAL B 248 23.43 3.91 48.68
CA VAL B 248 22.16 4.59 48.87
C VAL B 248 21.52 4.75 47.51
N VAL B 249 20.23 5.06 47.51
CA VAL B 249 19.44 5.09 46.29
C VAL B 249 18.58 6.35 46.30
N GLN B 250 18.49 7.00 45.14
CA GLN B 250 17.74 8.23 44.99
C GLN B 250 16.48 7.93 44.20
N GLY B 251 15.43 7.56 44.92
CA GLY B 251 14.16 7.27 44.30
C GLY B 251 13.98 5.79 44.05
N PHE B 252 12.72 5.37 43.99
CA PHE B 252 12.36 3.98 43.73
C PHE B 252 11.57 3.93 42.45
N GLY B 253 12.28 3.91 41.33
CA GLY B 253 11.73 3.48 40.08
C GLY B 253 11.76 1.97 40.01
N ASN B 254 11.84 1.48 38.77
CA ASN B 254 12.21 0.09 38.56
C ASN B 254 13.71 -0.08 38.71
N VAL B 255 14.46 0.99 38.46
CA VAL B 255 15.90 0.95 38.67
C VAL B 255 16.22 0.92 40.15
N GLY B 256 15.62 1.82 40.91
CA GLY B 256 15.97 1.95 42.32
C GLY B 256 15.71 0.68 43.10
N LEU B 257 14.54 0.08 42.90
CA LEU B 257 14.25 -1.18 43.57
C LEU B 257 15.16 -2.29 43.06
N HIS B 258 15.04 -2.61 41.78
CA HIS B 258 15.63 -3.84 41.27
C HIS B 258 17.15 -3.75 41.23
N SER B 259 17.69 -2.54 41.16
CA SER B 259 19.12 -2.35 41.38
C SER B 259 19.47 -2.60 42.84
N MET B 260 18.58 -2.20 43.73
CA MET B 260 18.84 -2.31 45.15
C MET B 260 18.87 -3.77 45.59
N ARG B 261 17.81 -4.52 45.27
CA ARG B 261 17.71 -5.89 45.75
C ARG B 261 18.72 -6.78 45.05
N TYR B 262 18.99 -6.52 43.78
CA TYR B 262 19.92 -7.35 43.03
C TYR B 262 21.35 -7.12 43.52
N LEU B 263 21.58 -6.00 44.19
CA LEU B 263 22.81 -5.82 44.96
C LEU B 263 22.76 -6.57 46.27
N HIS B 264 21.69 -6.36 47.04
CA HIS B 264 21.55 -6.97 48.36
C HIS B 264 21.89 -8.45 48.34
N ARG B 265 21.70 -9.11 47.20
CA ARG B 265 21.99 -10.54 47.12
C ARG B 265 23.46 -10.84 47.35
N PHE B 266 24.36 -9.93 46.98
CA PHE B 266 25.79 -10.17 47.10
C PHE B 266 26.46 -9.27 48.15
N GLY B 267 25.80 -9.07 49.29
CA GLY B 267 26.44 -8.46 50.42
C GLY B 267 26.58 -6.95 50.36
N ALA B 268 26.02 -6.31 49.36
CA ALA B 268 26.02 -4.85 49.33
C ALA B 268 24.92 -4.32 50.25
N LYS B 269 25.33 -3.49 51.19
CA LYS B 269 24.47 -3.01 52.26
C LYS B 269 23.87 -1.67 51.85
N CYS B 270 22.55 -1.55 51.92
CA CYS B 270 21.93 -0.24 51.76
C CYS B 270 21.80 0.41 53.13
N ILE B 271 22.00 1.72 53.17
CA ILE B 271 21.87 2.46 54.42
C ILE B 271 20.74 3.48 54.38
N THR B 272 20.42 4.05 53.22
CA THR B 272 19.20 4.84 53.11
C THR B 272 18.70 4.82 51.67
N VAL B 273 17.60 5.53 51.48
CA VAL B 273 16.91 5.67 50.21
C VAL B 273 16.06 6.93 50.30
N GLY B 274 15.86 7.57 49.16
CA GLY B 274 15.13 8.82 49.13
C GLY B 274 14.14 8.86 47.99
N GLU B 275 12.89 9.09 48.36
CA GLU B 275 11.80 9.28 47.42
C GLU B 275 11.54 10.76 47.26
N SER B 276 10.51 11.08 46.48
CA SER B 276 10.20 12.48 46.20
C SER B 276 9.62 13.17 47.42
N ASP B 277 9.28 12.42 48.46
CA ASP B 277 8.58 12.95 49.61
C ASP B 277 9.40 12.88 50.90
N GLY B 278 10.59 12.31 50.86
CA GLY B 278 11.46 12.28 52.02
C GLY B 278 12.35 11.06 52.01
N SER B 279 13.48 11.20 52.69
CA SER B 279 14.47 10.14 52.80
C SER B 279 14.22 9.31 54.04
N ILE B 280 14.97 8.22 54.17
CA ILE B 280 14.90 7.36 55.32
C ILE B 280 16.20 6.57 55.42
N TRP B 281 16.76 6.51 56.62
CA TRP B 281 18.11 6.01 56.83
C TRP B 281 18.13 5.04 57.99
N ASN B 282 18.94 3.98 57.84
CA ASN B 282 19.16 3.02 58.90
C ASN B 282 20.54 2.42 58.68
N PRO B 283 21.54 2.85 59.43
CA PRO B 283 22.91 2.38 59.18
C PRO B 283 23.07 0.87 59.33
N ASP B 284 22.21 0.20 60.06
CA ASP B 284 22.29 -1.25 60.24
C ASP B 284 21.84 -2.02 59.01
N GLY B 285 21.30 -1.35 58.01
CA GLY B 285 20.85 -2.00 56.80
C GLY B 285 19.37 -1.81 56.58
N ILE B 286 18.92 -2.15 55.37
CA ILE B 286 17.51 -2.07 54.99
C ILE B 286 17.20 -3.26 54.10
N ASP B 287 15.99 -3.80 54.22
CA ASP B 287 15.62 -5.04 53.54
C ASP B 287 14.70 -4.72 52.38
N PRO B 288 15.13 -4.84 51.14
CA PRO B 288 14.27 -4.45 50.02
C PRO B 288 13.02 -5.31 49.90
N LYS B 289 13.10 -6.58 50.28
CA LYS B 289 11.89 -7.39 50.34
C LYS B 289 10.87 -6.75 51.27
N GLU B 290 11.29 -6.44 52.51
CA GLU B 290 10.44 -5.71 53.43
C GLU B 290 9.97 -4.39 52.86
N LEU B 291 10.74 -3.80 51.94
CA LEU B 291 10.40 -2.48 51.43
C LEU B 291 9.22 -2.53 50.48
N GLU B 292 9.16 -3.55 49.62
CA GLU B 292 8.00 -3.71 48.75
C GLU B 292 6.73 -3.88 49.58
N ASP B 293 6.87 -4.31 50.82
CA ASP B 293 5.69 -4.61 51.63
C ASP B 293 4.88 -3.36 51.91
N PHE B 294 5.52 -2.33 52.48
CA PHE B 294 4.80 -1.10 52.78
C PHE B 294 4.36 -0.41 51.50
N LYS B 295 5.07 -0.61 50.40
CA LYS B 295 4.72 0.05 49.15
C LYS B 295 3.39 -0.46 48.61
N LEU B 296 3.04 -1.70 48.97
CA LEU B 296 1.75 -2.23 48.57
C LEU B 296 0.66 -1.83 49.57
N GLN B 297 1.06 -1.56 50.81
CA GLN B 297 0.14 -1.24 51.88
C GLN B 297 0.05 0.24 52.20
N HIS B 298 1.06 1.04 51.81
CA HIS B 298 1.10 2.46 52.16
C HIS B 298 1.36 3.39 50.98
N GLY B 299 2.11 2.97 49.97
CA GLY B 299 2.49 3.84 48.87
C GLY B 299 3.81 4.54 49.05
N THR B 300 4.14 5.03 50.25
CA THR B 300 5.39 5.73 50.48
C THR B 300 6.25 4.96 51.45
N ILE B 301 7.50 5.42 51.60
CA ILE B 301 8.44 4.78 52.51
C ILE B 301 8.45 5.44 53.86
N LEU B 302 8.03 6.70 53.95
CA LEU B 302 7.91 7.35 55.24
C LEU B 302 6.85 6.65 56.07
N GLY B 303 7.26 6.12 57.22
CA GLY B 303 6.43 5.24 58.01
C GLY B 303 6.92 3.81 58.07
N PHE B 304 7.97 3.48 57.34
CA PHE B 304 8.56 2.16 57.43
C PHE B 304 9.11 1.95 58.84
N PRO B 305 8.76 0.87 59.51
CA PRO B 305 9.15 0.73 60.92
C PRO B 305 10.64 0.45 61.17
N LYS B 306 11.30 -0.27 60.27
CA LYS B 306 12.68 -0.67 60.50
C LYS B 306 13.68 0.30 59.89
N ALA B 307 13.35 1.58 59.85
CA ALA B 307 14.30 2.59 59.42
C ALA B 307 13.85 3.94 59.94
N LYS B 308 14.83 4.83 60.13
CA LYS B 308 14.58 6.14 60.71
C LYS B 308 14.44 7.17 59.60
N ILE B 309 13.38 7.97 59.67
CA ILE B 309 13.19 9.05 58.70
C ILE B 309 14.43 9.93 58.71
N TYR B 310 15.04 10.12 57.55
CA TYR B 310 16.32 10.80 57.45
C TYR B 310 16.10 12.22 56.98
N GLU B 311 16.55 13.18 57.80
CA GLU B 311 16.42 14.59 57.48
C GLU B 311 17.60 15.03 56.64
N GLY B 312 17.34 15.40 55.39
CA GLY B 312 18.36 15.85 54.48
C GLY B 312 18.34 15.06 53.18
N SER B 313 19.02 15.61 52.18
CA SER B 313 19.10 14.98 50.87
C SER B 313 20.00 13.75 50.93
N ILE B 314 19.58 12.70 50.22
CA ILE B 314 20.42 11.51 50.10
C ILE B 314 21.81 11.89 49.67
N LEU B 315 21.90 12.86 48.76
CA LEU B 315 23.19 13.31 48.22
C LEU B 315 24.14 13.78 49.31
N GLU B 316 23.64 14.01 50.52
CA GLU B 316 24.48 14.44 51.64
C GLU B 316 24.79 13.30 52.60
N VAL B 317 24.61 12.05 52.17
CA VAL B 317 24.79 10.89 53.03
C VAL B 317 26.18 10.32 52.82
N ASP B 318 26.86 10.02 53.92
CA ASP B 318 28.13 9.30 53.84
C ASP B 318 27.85 7.87 53.42
N CYS B 319 28.60 7.40 52.43
CA CYS B 319 28.41 6.08 51.84
C CYS B 319 29.66 5.74 51.03
N ASP B 320 29.61 4.64 50.30
CA ASP B 320 30.70 4.24 49.41
C ASP B 320 30.30 4.34 47.95
N ILE B 321 29.02 4.23 47.64
CA ILE B 321 28.53 4.29 46.27
C ILE B 321 27.18 4.98 46.29
N LEU B 322 27.00 5.97 45.42
CA LEU B 322 25.80 6.78 45.37
C LEU B 322 25.04 6.51 44.07
N ILE B 323 23.83 5.99 44.19
CA ILE B 323 23.04 5.61 43.02
C ILE B 323 21.93 6.63 42.78
N PRO B 324 22.16 7.64 41.95
CA PRO B 324 21.06 8.51 41.52
C PRO B 324 20.20 7.83 40.46
N ALA B 325 18.92 7.69 40.78
CA ALA B 325 18.00 6.95 39.93
C ALA B 325 16.69 7.71 39.72
N ALA B 326 16.53 8.84 40.39
CA ALA B 326 15.26 9.54 40.38
C ALA B 326 15.04 10.28 39.08
N SER B 327 15.88 11.27 38.81
CA SER B 327 15.68 12.12 37.64
C SER B 327 16.96 12.90 37.39
N GLU B 328 17.13 13.30 36.13
CA GLU B 328 18.31 14.05 35.74
C GLU B 328 18.41 15.35 36.53
N LYS B 329 19.59 15.94 36.52
CA LYS B 329 19.89 17.24 37.12
C LYS B 329 19.91 17.12 38.64
N GLN B 330 19.95 15.92 39.19
CA GLN B 330 19.77 15.75 40.63
C GLN B 330 20.98 16.25 41.40
N LEU B 331 22.16 16.19 40.78
CA LEU B 331 23.40 16.57 41.42
C LEU B 331 24.06 17.70 40.63
N THR B 332 24.24 18.85 41.28
CA THR B 332 24.77 20.03 40.62
C THR B 332 26.04 20.50 41.32
N LYS B 333 26.53 21.66 40.88
CA LYS B 333 27.76 22.21 41.42
C LYS B 333 27.55 22.84 42.79
N SER B 334 26.32 23.23 43.10
CA SER B 334 26.01 23.80 44.40
C SER B 334 26.20 22.80 45.53
N ASN B 335 26.23 21.51 45.23
CA ASN B 335 26.36 20.47 46.25
C ASN B 335 27.39 19.42 45.91
N ALA B 336 27.91 19.39 44.68
CA ALA B 336 28.92 18.41 44.32
C ALA B 336 30.07 18.35 45.31
N PRO B 337 30.60 19.48 45.81
CA PRO B 337 31.72 19.40 46.76
C PRO B 337 31.42 18.55 47.96
N ARG B 338 30.15 18.33 48.27
CA ARG B 338 29.71 17.55 49.42
C ARG B 338 29.31 16.15 49.03
N VAL B 339 30.05 15.55 48.09
CA VAL B 339 29.72 14.22 47.57
C VAL B 339 29.66 13.22 48.70
N LYS B 340 30.67 13.22 49.58
CA LYS B 340 30.72 12.33 50.73
C LYS B 340 30.75 10.86 50.30
N ALA B 341 31.08 10.63 49.03
CA ALA B 341 31.03 9.29 48.48
C ALA B 341 32.11 9.18 47.41
N LYS B 342 32.58 7.96 47.19
CA LYS B 342 33.74 7.68 46.37
C LYS B 342 33.41 7.36 44.94
N ILE B 343 32.33 6.63 44.69
CA ILE B 343 31.88 6.31 43.35
C ILE B 343 30.47 6.82 43.20
N ILE B 344 30.13 7.27 42.00
CA ILE B 344 28.78 7.64 41.65
C ILE B 344 28.42 6.88 40.39
N ALA B 345 27.19 6.39 40.33
CA ALA B 345 26.75 5.53 39.24
C ALA B 345 25.45 6.09 38.71
N GLU B 346 25.52 6.74 37.56
CA GLU B 346 24.39 7.49 37.02
C GLU B 346 23.41 6.53 36.37
N GLY B 347 22.45 6.08 37.17
CA GLY B 347 21.32 5.35 36.66
C GLY B 347 20.15 6.24 36.33
N ALA B 348 20.42 7.53 36.05
CA ALA B 348 19.33 8.51 35.98
C ALA B 348 19.52 9.52 34.84
N ASN B 349 20.04 9.09 33.70
CA ASN B 349 19.95 9.86 32.47
C ASN B 349 20.46 11.29 32.65
N GLY B 350 21.66 11.42 33.16
CA GLY B 350 22.31 12.71 33.27
C GLY B 350 21.91 13.46 34.51
N PRO B 351 22.04 12.81 35.67
CA PRO B 351 21.84 13.53 36.94
C PRO B 351 22.87 14.62 37.18
N THR B 352 24.11 14.42 36.75
CA THR B 352 25.20 15.31 37.05
C THR B 352 25.31 16.40 35.99
N THR B 353 26.40 17.15 36.06
CA THR B 353 26.60 18.33 35.23
C THR B 353 28.02 18.37 34.70
N PRO B 354 28.30 19.26 33.76
CA PRO B 354 29.69 19.44 33.31
C PRO B 354 30.59 19.99 34.39
N GLU B 355 30.04 20.85 35.26
CA GLU B 355 30.79 21.36 36.40
C GLU B 355 31.06 20.26 37.41
N ALA B 356 30.00 19.61 37.89
CA ALA B 356 30.18 18.48 38.80
C ALA B 356 31.30 17.58 38.31
N ASP B 357 31.29 17.25 37.02
CA ASP B 357 32.38 16.47 36.44
C ASP B 357 33.72 17.11 36.75
N LYS B 358 33.80 18.43 36.62
CA LYS B 358 35.03 19.15 36.97
C LYS B 358 35.37 18.95 38.44
N ILE B 359 34.38 19.11 39.31
CA ILE B 359 34.59 18.88 40.73
C ILE B 359 35.10 17.47 40.96
N PHE B 360 34.45 16.48 40.34
CA PHE B 360 34.69 15.09 40.68
C PHE B 360 35.98 14.56 40.08
N LEU B 361 36.51 15.22 39.05
CA LEU B 361 37.89 14.94 38.66
C LEU B 361 38.87 15.49 39.67
N GLU B 362 38.63 16.72 40.14
CA GLU B 362 39.50 17.31 41.15
C GLU B 362 39.50 16.47 42.41
N ARG B 363 38.32 16.03 42.85
CA ARG B 363 38.19 15.22 44.06
C ARG B 363 38.57 13.77 43.85
N ASN B 364 38.96 13.39 42.63
CA ASN B 364 39.20 11.99 42.31
C ASN B 364 37.99 11.14 42.70
N ILE B 365 36.86 11.42 42.07
CA ILE B 365 35.64 10.66 42.26
C ILE B 365 35.32 9.93 40.96
N MET B 366 35.25 8.61 41.03
CA MET B 366 34.82 7.81 39.89
C MET B 366 33.34 8.04 39.66
N VAL B 367 33.00 8.48 38.46
CA VAL B 367 31.62 8.65 38.05
C VAL B 367 31.36 7.67 36.91
N ILE B 368 30.39 6.79 37.11
CA ILE B 368 30.00 5.83 36.08
C ILE B 368 28.91 6.48 35.23
N PRO B 369 29.11 6.61 33.92
CA PRO B 369 28.15 7.38 33.11
C PRO B 369 26.87 6.62 32.85
N ASP B 370 25.79 7.37 32.66
CA ASP B 370 24.58 6.77 32.12
C ASP B 370 24.92 5.80 31.01
N LEU B 371 25.62 6.27 29.98
CA LEU B 371 26.13 5.39 28.96
C LEU B 371 26.82 4.20 29.61
N TYR B 372 26.64 3.05 29.00
CA TYR B 372 27.20 1.79 29.46
C TYR B 372 26.64 1.34 30.80
N LEU B 373 25.81 2.15 31.45
CA LEU B 373 25.32 1.74 32.76
C LEU B 373 23.81 1.52 32.75
N ASN B 374 23.08 2.35 32.02
CA ASN B 374 21.65 2.16 31.84
C ASN B 374 21.34 1.46 30.53
N ALA B 375 22.32 0.76 29.97
CA ALA B 375 22.14 0.09 28.70
C ALA B 375 21.66 -1.35 28.87
N GLY B 376 21.13 -1.69 30.03
CA GLY B 376 20.55 -2.99 30.25
C GLY B 376 19.17 -3.08 29.65
N GLY B 377 18.36 -2.07 29.94
CA GLY B 377 16.99 -2.07 29.47
C GLY B 377 16.88 -1.98 27.96
N VAL B 378 18.01 -1.76 27.30
CA VAL B 378 18.01 -1.65 25.85
C VAL B 378 18.29 -3.00 25.21
N THR B 379 19.39 -3.64 25.59
CA THR B 379 19.68 -4.96 25.05
C THR B 379 18.50 -5.89 25.22
N VAL B 380 17.89 -5.91 26.40
CA VAL B 380 16.74 -6.75 26.60
C VAL B 380 15.65 -6.43 25.59
N SER B 381 15.33 -5.15 25.46
CA SER B 381 14.34 -4.75 24.47
C SER B 381 14.80 -5.07 23.06
N TYR B 382 16.08 -5.35 22.87
CA TYR B 382 16.55 -5.83 21.58
C TYR B 382 16.28 -7.32 21.43
N PHE B 383 16.18 -8.02 22.54
CA PHE B 383 15.89 -9.45 22.51
C PHE B 383 14.40 -9.69 22.44
N GLU B 384 13.60 -8.69 22.82
CA GLU B 384 12.15 -8.82 22.73
C GLU B 384 11.66 -8.43 21.35
N TRP B 385 12.43 -7.60 20.66
CA TRP B 385 12.12 -7.23 19.29
C TRP B 385 12.43 -8.39 18.35
N LEU B 386 13.47 -9.14 18.69
CA LEU B 386 13.80 -10.34 17.92
C LEU B 386 12.79 -11.44 18.15
N ASN B 387 12.59 -11.82 19.42
CA ASN B 387 11.60 -12.83 19.76
C ASN B 387 10.35 -12.68 18.92
N ASN B 388 9.95 -11.45 18.65
CA ASN B 388 8.69 -11.20 17.99
C ASN B 388 8.86 -11.05 16.49
N LEU B 389 10.08 -11.14 16.00
CA LEU B 389 10.30 -11.20 14.55
C LEU B 389 10.55 -12.61 14.09
N ASN B 390 10.94 -13.49 15.01
CA ASN B 390 11.23 -14.86 14.68
C ASN B 390 10.07 -15.78 15.02
N HIS B 391 9.09 -15.25 15.74
CA HIS B 391 7.83 -15.94 15.96
C HIS B 391 8.04 -17.30 16.59
N VAL B 392 8.94 -17.36 17.54
CA VAL B 392 9.23 -18.64 18.18
C VAL B 392 10.01 -18.43 19.47
N SER B 393 9.73 -19.27 20.46
CA SER B 393 10.54 -19.29 21.66
C SER B 393 11.94 -19.77 21.34
N TYR B 394 12.92 -19.17 21.99
CA TYR B 394 14.29 -19.51 21.69
C TYR B 394 14.61 -20.92 22.12
N GLY B 395 15.17 -21.70 21.21
CA GLY B 395 15.65 -23.02 21.51
C GLY B 395 14.61 -24.11 21.46
N ARG B 396 13.32 -23.75 21.48
CA ARG B 396 12.26 -24.74 21.52
C ARG B 396 12.53 -25.89 20.58
N LEU B 397 13.07 -25.59 19.41
CA LEU B 397 13.21 -26.60 18.36
C LEU B 397 14.25 -27.65 18.70
N THR B 398 15.11 -27.39 19.67
CA THR B 398 16.31 -28.19 19.87
C THR B 398 16.45 -28.72 21.28
N PHE B 399 15.53 -28.37 22.19
CA PHE B 399 15.68 -28.77 23.58
C PHE B 399 15.88 -30.28 23.69
N LYS B 400 15.11 -31.05 22.94
CA LYS B 400 15.19 -32.49 23.05
C LYS B 400 16.37 -33.04 22.26
N TYR B 401 16.72 -32.40 21.15
CA TYR B 401 17.82 -32.86 20.33
C TYR B 401 19.16 -32.57 21.00
N GLU B 402 19.34 -31.33 21.43
CA GLU B 402 20.58 -30.96 22.11
C GLU B 402 20.75 -31.72 23.41
N ARG B 403 19.65 -32.13 24.03
CA ARG B 403 19.73 -32.81 25.32
C ARG B 403 20.45 -34.15 25.18
N ASP B 404 19.98 -35.00 24.30
CA ASP B 404 20.53 -36.33 24.15
C ASP B 404 21.78 -36.36 23.29
N SER B 405 21.90 -35.45 22.32
CA SER B 405 23.17 -35.30 21.62
C SER B 405 24.33 -35.15 22.59
N ASN B 406 24.13 -34.48 23.71
CA ASN B 406 25.16 -34.39 24.72
C ASN B 406 25.24 -35.68 25.53
N TYR B 407 24.13 -36.42 25.58
CA TYR B 407 24.13 -37.68 26.30
C TYR B 407 24.76 -38.78 25.46
N HIS B 408 24.68 -38.67 24.14
CA HIS B 408 25.34 -39.64 23.26
C HIS B 408 26.81 -39.32 23.13
N LEU B 409 27.18 -38.09 23.47
CA LEU B 409 28.59 -37.71 23.49
C LEU B 409 29.31 -38.36 24.65
N LEU B 410 28.74 -38.23 25.84
CA LEU B 410 29.34 -38.79 27.04
C LEU B 410 29.44 -40.31 26.95
N MET B 411 28.50 -40.95 26.25
CA MET B 411 28.58 -42.39 26.07
C MET B 411 29.70 -42.75 25.11
N SER B 412 30.06 -41.85 24.22
CA SER B 412 31.15 -42.11 23.30
C SER B 412 32.49 -41.98 23.98
N VAL B 413 32.55 -41.16 25.01
CA VAL B 413 33.71 -41.15 25.90
C VAL B 413 33.72 -42.41 26.74
N GLN B 414 32.63 -42.66 27.46
CA GLN B 414 32.54 -43.80 28.35
C GLN B 414 32.89 -45.08 27.62
N GLU B 415 32.29 -45.31 26.46
CA GLU B 415 32.39 -46.59 25.81
C GLU B 415 33.77 -46.79 25.18
N SER B 416 34.39 -45.69 24.76
CA SER B 416 35.74 -45.79 24.20
C SER B 416 36.76 -45.99 25.29
N LEU B 417 36.54 -45.40 26.45
CA LEU B 417 37.43 -45.59 27.57
C LEU B 417 37.34 -47.02 28.09
N GLU B 418 36.14 -47.45 28.49
CA GLU B 418 35.91 -48.86 28.80
C GLU B 418 36.57 -49.76 27.76
N ARG B 419 36.42 -49.43 26.49
CA ARG B 419 36.89 -50.29 25.41
C ARG B 419 38.36 -50.63 25.60
N LYS B 420 39.13 -49.70 26.15
CA LYS B 420 40.55 -49.90 26.31
C LYS B 420 40.87 -50.50 27.66
N PHE B 421 40.41 -49.84 28.73
CA PHE B 421 40.65 -50.31 30.08
C PHE B 421 39.61 -51.32 30.52
N GLY B 422 38.34 -51.04 30.30
CA GLY B 422 37.29 -51.97 30.66
C GLY B 422 37.48 -52.56 32.04
N LYS B 423 37.70 -53.88 32.07
CA LYS B 423 37.87 -54.65 33.28
C LYS B 423 38.79 -53.97 34.29
N HIS B 424 39.74 -53.18 33.81
CA HIS B 424 40.69 -52.50 34.69
C HIS B 424 39.96 -51.84 35.86
N GLY B 425 38.87 -51.14 35.58
CA GLY B 425 38.07 -50.51 36.60
C GLY B 425 36.60 -50.85 36.43
N GLY B 426 36.29 -51.74 35.50
CA GLY B 426 34.93 -52.17 35.28
C GLY B 426 34.17 -51.24 34.36
N THR B 427 33.11 -50.63 34.87
CA THR B 427 32.37 -49.61 34.14
C THR B 427 32.69 -48.25 34.71
N ILE B 428 32.74 -47.27 33.81
CA ILE B 428 33.13 -45.91 34.17
C ILE B 428 31.96 -44.98 33.87
N PRO B 429 31.09 -44.76 34.83
CA PRO B 429 29.95 -43.87 34.56
C PRO B 429 30.38 -42.45 34.32
N ILE B 430 30.05 -41.93 33.15
CA ILE B 430 30.26 -40.54 32.81
C ILE B 430 28.90 -39.87 32.86
N VAL B 431 28.68 -39.06 33.89
CA VAL B 431 27.38 -38.43 34.07
C VAL B 431 27.57 -36.94 34.31
N PRO B 432 26.55 -36.15 34.03
CA PRO B 432 26.63 -34.71 34.24
C PRO B 432 26.96 -34.38 35.68
N THR B 433 27.32 -33.13 35.89
CA THR B 433 27.36 -32.54 37.22
C THR B 433 25.98 -32.08 37.62
N ALA B 434 25.94 -31.25 38.66
CA ALA B 434 24.67 -30.66 39.08
C ALA B 434 24.20 -29.62 38.08
N GLU B 435 25.01 -28.59 37.84
CA GLU B 435 24.58 -27.48 37.01
C GLU B 435 24.50 -27.84 35.53
N PHE B 436 25.40 -28.67 35.02
CA PHE B 436 25.29 -29.08 33.63
C PHE B 436 23.99 -29.83 33.39
N GLN B 437 23.52 -30.57 34.40
CA GLN B 437 22.23 -31.24 34.29
C GLN B 437 21.12 -30.21 34.12
N ASP B 438 21.37 -28.98 34.53
CA ASP B 438 20.40 -27.91 34.31
C ASP B 438 20.57 -27.31 32.93
N ARG B 439 21.76 -27.46 32.35
CA ARG B 439 22.11 -26.83 31.08
C ARG B 439 22.38 -27.83 29.98
N ILE B 440 21.85 -29.04 30.10
CA ILE B 440 22.13 -30.07 29.11
C ILE B 440 21.14 -30.02 27.96
N SER B 441 19.94 -29.51 28.21
CA SER B 441 18.90 -29.43 27.20
C SER B 441 19.05 -28.22 26.29
N GLY B 442 19.96 -27.30 26.59
CA GLY B 442 20.15 -26.12 25.78
C GLY B 442 19.65 -24.87 26.48
N ALA B 443 19.73 -23.77 25.75
CA ALA B 443 19.43 -22.46 26.30
C ALA B 443 17.94 -22.17 26.29
N SER B 444 17.42 -21.73 27.44
CA SER B 444 16.09 -21.18 27.54
C SER B 444 16.16 -19.67 27.61
N GLU B 445 15.08 -19.00 27.20
CA GLU B 445 15.09 -17.55 27.15
C GLU B 445 15.66 -16.95 28.43
N LYS B 446 15.26 -17.50 29.58
CA LYS B 446 15.78 -16.98 30.84
C LYS B 446 17.29 -17.03 30.88
N ASP B 447 17.89 -17.90 30.08
CA ASP B 447 19.33 -18.11 30.16
C ASP B 447 20.05 -17.26 29.13
N ILE B 448 19.50 -17.20 27.92
CA ILE B 448 20.01 -16.30 26.90
C ILE B 448 20.08 -14.88 27.43
N VAL B 449 18.97 -14.40 27.99
CA VAL B 449 18.92 -13.05 28.53
C VAL B 449 20.01 -12.85 29.57
N HIS B 450 19.96 -13.60 30.66
CA HIS B 450 20.91 -13.42 31.75
C HIS B 450 22.34 -13.37 31.23
N SER B 451 22.66 -14.21 30.26
CA SER B 451 24.01 -14.29 29.74
C SER B 451 24.32 -13.17 28.76
N GLY B 452 23.52 -13.04 27.69
CA GLY B 452 23.77 -12.02 26.70
C GLY B 452 24.02 -10.66 27.32
N LEU B 453 23.27 -10.32 28.35
CA LEU B 453 23.44 -9.05 29.04
C LEU B 453 24.83 -8.95 29.64
N ALA B 454 25.17 -9.88 30.52
CA ALA B 454 26.48 -9.87 31.18
C ALA B 454 27.61 -9.88 30.17
N TYR B 455 27.41 -10.51 29.02
CA TYR B 455 28.44 -10.55 28.00
C TYR B 455 28.69 -9.17 27.41
N THR B 456 27.66 -8.61 26.79
CA THR B 456 27.76 -7.28 26.21
C THR B 456 28.43 -6.31 27.17
N MET B 457 27.90 -6.18 28.37
CA MET B 457 28.43 -5.23 29.34
C MET B 457 29.93 -5.37 29.51
N GLU B 458 30.43 -6.58 29.71
CA GLU B 458 31.86 -6.78 29.86
C GLU B 458 32.60 -6.41 28.59
N ARG B 459 32.12 -6.91 27.45
CA ARG B 459 32.74 -6.58 26.18
C ARG B 459 32.92 -5.08 26.02
N SER B 460 31.92 -4.32 26.45
CA SER B 460 31.91 -2.89 26.19
C SER B 460 32.86 -2.17 27.14
N ALA B 461 32.72 -2.39 28.45
CA ALA B 461 33.66 -1.80 29.39
C ALA B 461 35.09 -2.06 28.98
N ARG B 462 35.36 -3.25 28.45
CA ARG B 462 36.69 -3.55 27.95
C ARG B 462 37.10 -2.54 26.89
N GLN B 463 36.22 -2.26 25.93
CA GLN B 463 36.51 -1.25 24.92
C GLN B 463 36.62 0.14 25.53
N ILE B 464 35.84 0.40 26.56
CA ILE B 464 35.87 1.73 27.19
C ILE B 464 37.21 1.94 27.89
N MET B 465 37.51 1.10 28.87
CA MET B 465 38.75 1.25 29.61
C MET B 465 39.97 1.17 28.69
N ARG B 466 39.80 0.56 27.52
CA ARG B 466 40.91 0.38 26.60
C ARG B 466 41.29 1.69 25.93
N THR B 467 40.29 2.54 25.66
CA THR B 467 40.57 3.83 25.06
C THR B 467 40.90 4.88 26.10
N ALA B 468 40.30 4.79 27.27
CA ALA B 468 40.64 5.73 28.35
C ALA B 468 42.13 5.67 28.65
N MET B 469 42.73 4.50 28.49
CA MET B 469 44.17 4.37 28.66
C MET B 469 44.91 4.77 27.39
N LYS B 470 44.30 4.55 26.23
CA LYS B 470 44.91 4.99 24.99
C LYS B 470 45.11 6.50 24.97
N TYR B 471 44.25 7.22 25.67
CA TYR B 471 44.28 8.68 25.68
C TYR B 471 44.52 9.24 27.07
N ASN B 472 44.60 8.39 28.08
CA ASN B 472 45.00 8.82 29.42
C ASN B 472 43.99 9.81 29.98
N LEU B 473 42.72 9.42 29.92
CA LEU B 473 41.64 10.20 30.50
C LEU B 473 41.47 9.93 31.98
N GLY B 474 42.17 8.95 32.53
CA GLY B 474 42.07 8.67 33.94
C GLY B 474 40.67 8.28 34.33
N LEU B 475 40.07 9.07 35.22
CA LEU B 475 38.74 8.81 35.75
C LEU B 475 37.62 9.32 34.86
N ASP B 476 37.94 10.16 33.87
CA ASP B 476 36.91 10.76 33.02
C ASP B 476 36.42 9.70 32.05
N LEU B 477 35.72 8.71 32.60
CA LEU B 477 35.12 7.68 31.78
C LEU B 477 34.13 8.25 30.79
N ARG B 478 33.35 9.25 31.21
CA ARG B 478 32.30 9.78 30.35
C ARG B 478 32.85 10.10 28.97
N THR B 479 33.92 10.90 28.91
CA THR B 479 34.51 11.22 27.62
C THR B 479 35.04 9.98 26.93
N ALA B 480 35.47 8.99 27.72
CA ALA B 480 35.99 7.77 27.13
C ALA B 480 34.90 7.04 26.35
N ALA B 481 33.65 7.25 26.74
CA ALA B 481 32.55 6.58 26.06
C ALA B 481 32.21 7.27 24.76
N TYR B 482 31.91 8.58 24.82
CA TYR B 482 31.54 9.31 23.63
C TYR B 482 32.51 9.09 22.50
N VAL B 483 33.80 8.96 22.80
CA VAL B 483 34.79 8.79 21.75
C VAL B 483 34.50 7.52 20.96
N ASN B 484 34.18 6.43 21.66
CA ASN B 484 33.81 5.21 20.98
C ASN B 484 32.55 5.40 20.16
N ALA B 485 31.51 5.92 20.79
CA ALA B 485 30.27 6.20 20.07
C ALA B 485 30.53 7.00 18.82
N ILE B 486 31.05 8.21 18.99
CA ILE B 486 31.29 9.09 17.85
C ILE B 486 32.11 8.38 16.80
N GLU B 487 33.08 7.58 17.23
CA GLU B 487 33.97 6.90 16.30
C GLU B 487 33.21 5.87 15.48
N LYS B 488 32.19 5.27 16.08
CA LYS B 488 31.37 4.31 15.34
C LYS B 488 30.39 5.01 14.42
N VAL B 489 29.50 5.82 15.00
CA VAL B 489 28.53 6.56 14.22
C VAL B 489 29.19 7.21 13.00
N PHE B 490 30.34 7.83 13.21
CA PHE B 490 31.01 8.53 12.14
C PHE B 490 31.23 7.63 10.93
N ARG B 491 31.80 6.45 11.16
CA ARG B 491 32.09 5.54 10.07
C ARG B 491 30.87 5.28 9.21
N VAL B 492 29.68 5.40 9.78
CA VAL B 492 28.46 5.06 9.06
C VAL B 492 28.12 6.15 8.06
N TYR B 493 28.08 7.40 8.53
CA TYR B 493 27.82 8.50 7.62
C TYR B 493 28.88 8.61 6.56
N ASN B 494 30.15 8.44 6.94
CA ASN B 494 31.23 8.58 5.99
C ASN B 494 31.14 7.55 4.88
N GLU B 495 31.26 6.27 5.24
CA GLU B 495 31.21 5.21 4.24
C GLU B 495 29.91 5.24 3.45
N ALA B 496 28.87 5.85 3.99
CA ALA B 496 27.55 5.79 3.38
C ALA B 496 27.38 6.80 2.25
N GLY B 497 28.31 7.72 2.05
CA GLY B 497 28.04 8.75 1.06
C GLY B 497 27.09 9.80 1.57
N VAL B 498 27.55 10.72 2.41
CA VAL B 498 26.78 11.35 3.48
C VAL B 498 25.30 11.45 3.15
N THR B 499 24.97 11.62 1.88
CA THR B 499 23.58 11.76 1.47
C THR B 499 23.36 11.03 0.16
N PHE B 500 22.09 10.80 -0.15
CA PHE B 500 21.67 10.18 -1.39
C PHE B 500 21.16 11.19 -2.40
N THR B 501 21.26 12.47 -2.10
CA THR B 501 20.80 13.50 -3.02
C THR B 501 21.81 13.61 -4.16
N ASP C 6 32.45 -14.09 -30.85
CA ASP C 6 32.29 -14.78 -32.12
C ASP C 6 30.81 -15.03 -32.42
N PRO C 7 30.19 -15.96 -31.61
CA PRO C 7 28.77 -16.18 -31.92
C PRO C 7 27.84 -15.49 -30.95
N ASN C 8 26.53 -15.61 -31.16
CA ASN C 8 25.56 -15.00 -30.28
C ASN C 8 25.75 -15.57 -28.89
N PHE C 9 26.40 -14.80 -28.02
CA PHE C 9 26.67 -15.25 -26.66
C PHE C 9 25.44 -15.86 -26.01
N PHE C 10 24.26 -15.36 -26.37
CA PHE C 10 23.04 -15.91 -25.80
C PHE C 10 22.76 -17.29 -26.35
N LYS C 11 22.97 -17.49 -27.65
CA LYS C 11 22.72 -18.80 -28.24
C LYS C 11 23.77 -19.80 -27.81
N MET C 12 25.02 -19.37 -27.70
CA MET C 12 26.05 -20.24 -27.15
C MET C 12 25.54 -20.93 -25.90
N VAL C 13 25.24 -20.16 -24.85
CA VAL C 13 24.69 -20.73 -23.63
C VAL C 13 23.52 -21.62 -23.95
N GLU C 14 22.71 -21.22 -24.92
CA GLU C 14 21.51 -21.98 -25.25
C GLU C 14 21.88 -23.29 -25.93
N GLY C 15 22.92 -23.25 -26.75
CA GLY C 15 23.38 -24.48 -27.38
C GLY C 15 23.82 -25.50 -26.35
N PHE C 16 24.53 -25.05 -25.32
CA PHE C 16 24.86 -25.93 -24.22
C PHE C 16 23.60 -26.53 -23.60
N PHE C 17 22.73 -25.69 -23.07
CA PHE C 17 21.55 -26.13 -22.33
C PHE C 17 20.88 -27.30 -23.01
N ASP C 18 20.78 -27.27 -24.34
CA ASP C 18 20.21 -28.40 -25.05
C ASP C 18 21.00 -29.67 -24.82
N ARG C 19 22.32 -29.61 -25.02
CA ARG C 19 23.15 -30.79 -24.81
C ARG C 19 22.75 -31.52 -23.54
N GLY C 20 22.59 -30.77 -22.44
CA GLY C 20 22.19 -31.38 -21.18
C GLY C 20 20.80 -31.95 -21.25
N ALA C 21 19.87 -31.25 -21.90
CA ALA C 21 18.48 -31.67 -21.90
C ALA C 21 18.27 -32.87 -22.82
N SER C 22 19.02 -32.94 -23.92
CA SER C 22 18.96 -34.11 -24.78
C SER C 22 19.19 -35.39 -24.01
N ILE C 23 19.90 -35.32 -22.90
CA ILE C 23 20.39 -36.47 -22.18
C ILE C 23 19.42 -36.83 -21.08
N VAL C 24 19.11 -35.85 -20.23
CA VAL C 24 18.29 -36.11 -19.07
C VAL C 24 16.86 -36.41 -19.47
N GLU C 25 16.47 -36.01 -20.67
CA GLU C 25 15.11 -36.23 -21.15
C GLU C 25 14.63 -37.64 -20.85
N ASP C 26 15.43 -38.63 -21.25
CA ASP C 26 15.03 -40.01 -21.13
C ASP C 26 14.72 -40.37 -19.69
N LYS C 27 15.72 -40.29 -18.82
CA LYS C 27 15.49 -40.56 -17.39
C LYS C 27 14.41 -39.65 -16.84
N LEU C 28 14.35 -38.43 -17.34
CA LEU C 28 13.42 -37.44 -16.81
C LEU C 28 11.98 -37.87 -17.05
N VAL C 29 11.73 -38.57 -18.15
CA VAL C 29 10.41 -39.08 -18.43
C VAL C 29 10.07 -40.21 -17.48
N GLU C 30 11.04 -41.07 -17.21
CA GLU C 30 10.82 -42.20 -16.32
C GLU C 30 10.45 -41.73 -14.92
N ASP C 31 11.18 -40.73 -14.40
CA ASP C 31 10.82 -40.16 -13.10
C ASP C 31 9.39 -39.65 -13.11
N LEU C 32 8.98 -38.96 -14.17
CA LEU C 32 7.64 -38.43 -14.26
C LEU C 32 6.62 -39.55 -14.12
N LYS C 33 5.76 -39.45 -13.12
CA LYS C 33 4.73 -40.44 -12.85
C LYS C 33 3.37 -39.91 -13.25
N THR C 34 2.67 -40.70 -14.08
CA THR C 34 1.35 -40.30 -14.58
C THR C 34 0.75 -41.45 -15.37
N ARG C 35 -0.46 -41.24 -15.90
CA ARG C 35 -1.12 -42.23 -16.74
C ARG C 35 -1.06 -41.86 -18.22
N GLU C 36 -0.38 -40.78 -18.57
CA GLU C 36 -0.26 -40.39 -19.97
C GLU C 36 0.41 -41.48 -20.79
N THR C 37 0.29 -41.32 -22.11
CA THR C 37 1.06 -42.15 -23.03
C THR C 37 2.54 -41.81 -22.92
N GLU C 38 3.38 -42.78 -23.27
CA GLU C 38 4.82 -42.59 -23.20
C GLU C 38 5.23 -41.36 -24.01
N GLU C 39 4.63 -41.18 -25.18
CA GLU C 39 4.96 -40.03 -26.00
C GLU C 39 4.42 -38.74 -25.40
N GLN C 40 3.23 -38.80 -24.81
CA GLN C 40 2.66 -37.61 -24.22
C GLN C 40 3.53 -37.08 -23.09
N LYS C 41 4.03 -37.97 -22.25
CA LYS C 41 5.01 -37.56 -21.24
C LYS C 41 6.18 -36.83 -21.90
N ARG C 42 6.70 -37.37 -23.00
CA ARG C 42 7.79 -36.70 -23.69
C ARG C 42 7.38 -35.31 -24.16
N ASN C 43 6.09 -35.12 -24.43
CA ASN C 43 5.64 -33.80 -24.85
C ASN C 43 5.33 -32.92 -23.65
N ARG C 44 5.25 -33.50 -22.45
CA ARG C 44 5.18 -32.70 -21.25
C ARG C 44 6.54 -32.12 -20.91
N VAL C 45 7.57 -32.95 -20.90
CA VAL C 45 8.90 -32.49 -20.53
C VAL C 45 9.44 -31.52 -21.56
N ARG C 46 9.34 -31.85 -22.84
CA ARG C 46 9.86 -30.96 -23.87
C ARG C 46 9.18 -29.61 -23.82
N SER C 47 7.88 -29.59 -23.54
CA SER C 47 7.17 -28.32 -23.45
C SER C 47 7.72 -27.48 -22.31
N ILE C 48 7.92 -28.10 -21.15
CA ILE C 48 8.48 -27.38 -20.01
C ILE C 48 9.85 -26.84 -20.37
N LEU C 49 10.69 -27.68 -20.95
CA LEU C 49 12.04 -27.25 -21.31
C LEU C 49 12.00 -26.10 -22.32
N ARG C 50 10.89 -25.94 -23.04
CA ARG C 50 10.75 -24.81 -23.93
C ARG C 50 10.34 -23.56 -23.16
N ILE C 51 9.98 -23.73 -21.89
CA ILE C 51 9.59 -22.61 -21.05
C ILE C 51 10.77 -22.12 -20.22
N ILE C 52 11.57 -23.07 -19.74
CA ILE C 52 12.73 -22.72 -18.91
C ILE C 52 13.72 -21.87 -19.68
N LYS C 53 14.05 -22.29 -20.89
CA LYS C 53 15.20 -21.75 -21.61
C LYS C 53 15.16 -20.25 -21.79
N PRO C 54 14.03 -19.63 -22.06
CA PRO C 54 14.03 -18.18 -22.30
C PRO C 54 13.83 -17.37 -21.03
N CYS C 55 14.17 -16.09 -21.15
CA CYS C 55 14.02 -15.15 -20.07
C CYS C 55 12.62 -14.54 -20.10
N ASN C 56 12.08 -14.30 -18.90
CA ASN C 56 10.69 -13.93 -18.71
C ASN C 56 10.47 -12.43 -18.72
N HIS C 57 11.41 -11.68 -18.19
CA HIS C 57 11.30 -10.23 -18.14
C HIS C 57 12.62 -9.61 -18.56
N VAL C 58 12.53 -8.61 -19.42
CA VAL C 58 13.67 -7.81 -19.84
C VAL C 58 13.22 -6.38 -19.92
N LEU C 59 14.02 -5.48 -19.37
CA LEU C 59 13.71 -4.06 -19.33
C LEU C 59 14.86 -3.27 -19.93
N SER C 60 14.54 -2.43 -20.89
CA SER C 60 15.47 -1.54 -21.51
C SER C 60 15.02 -0.11 -21.29
N LEU C 61 15.88 0.72 -20.71
CA LEU C 61 15.48 2.06 -20.37
C LEU C 61 16.60 3.04 -20.65
N SER C 62 16.23 4.33 -20.66
CA SER C 62 17.11 5.41 -21.02
C SER C 62 16.96 6.57 -20.03
N PHE C 63 18.08 7.21 -19.72
CA PHE C 63 18.16 8.21 -18.68
C PHE C 63 18.60 9.55 -19.20
N PRO C 64 17.92 10.60 -18.85
CA PRO C 64 18.53 11.91 -18.96
C PRO C 64 19.32 12.23 -17.71
N ILE C 65 20.58 12.57 -17.87
CA ILE C 65 21.40 13.01 -16.75
C ILE C 65 22.17 14.26 -17.15
N ARG C 66 22.37 15.15 -16.20
CA ARG C 66 23.14 16.36 -16.42
C ARG C 66 24.55 16.16 -15.87
N ARG C 67 25.54 16.48 -16.69
CA ARG C 67 26.92 16.33 -16.31
C ARG C 67 27.38 17.46 -15.41
N ASP C 68 28.69 17.47 -15.14
CA ASP C 68 29.29 18.56 -14.40
C ASP C 68 29.40 19.82 -15.24
N ASP C 69 29.67 19.68 -16.53
CA ASP C 69 29.78 20.82 -17.43
C ASP C 69 28.42 21.37 -17.84
N GLY C 70 27.34 20.94 -17.21
CA GLY C 70 26.01 21.42 -17.53
C GLY C 70 25.33 20.74 -18.69
N SER C 71 26.06 19.95 -19.48
CA SER C 71 25.50 19.29 -20.65
C SER C 71 24.88 17.95 -20.26
N TRP C 72 23.73 17.66 -20.87
CA TRP C 72 23.03 16.40 -20.68
C TRP C 72 23.55 15.36 -21.65
N GLU C 73 23.41 14.09 -21.26
CA GLU C 73 23.53 12.98 -22.19
C GLU C 73 22.58 11.90 -21.73
N VAL C 74 22.40 10.91 -22.59
CA VAL C 74 21.50 9.81 -22.28
C VAL C 74 22.30 8.56 -22.00
N ILE C 75 21.68 7.65 -21.27
CA ILE C 75 22.32 6.42 -20.83
C ILE C 75 21.36 5.28 -21.07
N GLU C 76 21.89 4.16 -21.53
CA GLU C 76 21.09 2.98 -21.84
C GLU C 76 21.38 1.92 -20.79
N GLY C 77 20.32 1.43 -20.16
CA GLY C 77 20.45 0.46 -19.09
C GLY C 77 19.48 -0.69 -19.27
N TYR C 78 19.89 -1.85 -18.77
CA TYR C 78 19.17 -3.10 -18.98
C TYR C 78 19.03 -3.83 -17.67
N ARG C 79 18.06 -4.73 -17.59
CA ARG C 79 17.83 -5.53 -16.40
C ARG C 79 16.96 -6.71 -16.80
N ALA C 80 17.49 -7.90 -16.72
CA ALA C 80 16.78 -9.10 -17.10
C ALA C 80 16.51 -10.00 -15.90
N GLN C 81 15.36 -10.64 -15.92
CA GLN C 81 15.00 -11.69 -15.00
C GLN C 81 14.67 -12.94 -15.79
N HIS C 82 15.34 -14.03 -15.45
CA HIS C 82 15.22 -15.24 -16.21
C HIS C 82 14.07 -16.10 -15.73
N SER C 83 14.04 -16.38 -14.44
CA SER C 83 13.15 -17.39 -13.91
C SER C 83 12.57 -16.91 -12.61
N GLN C 84 11.27 -17.13 -12.46
CA GLN C 84 10.56 -16.85 -11.22
C GLN C 84 10.23 -18.12 -10.45
N HIS C 85 10.82 -19.24 -10.83
CA HIS C 85 10.56 -20.49 -10.13
C HIS C 85 10.89 -20.36 -8.67
N ARG C 86 11.70 -19.36 -8.30
CA ARG C 86 12.17 -19.23 -6.95
C ARG C 86 12.74 -17.83 -6.78
N THR C 87 12.12 -17.05 -5.92
CA THR C 87 12.49 -15.67 -5.68
C THR C 87 13.19 -15.56 -4.34
N PRO C 88 13.98 -14.52 -4.15
CA PRO C 88 14.30 -13.46 -5.10
C PRO C 88 15.16 -13.86 -6.28
N CYS C 89 15.24 -12.92 -7.22
CA CYS C 89 16.14 -13.03 -8.34
C CYS C 89 17.36 -12.17 -8.10
N LYS C 90 18.51 -12.65 -8.56
CA LYS C 90 19.74 -11.94 -8.35
C LYS C 90 20.57 -11.78 -9.60
N GLY C 91 21.60 -10.98 -9.46
CA GLY C 91 22.56 -10.72 -10.50
C GLY C 91 23.21 -9.39 -10.24
N GLY C 92 24.26 -9.13 -11.00
CA GLY C 92 25.09 -7.98 -10.78
C GLY C 92 24.83 -6.88 -11.78
N ILE C 93 25.47 -5.75 -11.51
CA ILE C 93 25.40 -4.58 -12.34
C ILE C 93 26.75 -4.40 -12.99
N ARG C 94 26.77 -4.48 -14.32
CA ARG C 94 27.98 -4.37 -15.09
C ARG C 94 28.02 -3.04 -15.81
N TYR C 95 29.03 -2.23 -15.51
CA TYR C 95 29.28 -0.99 -16.22
C TYR C 95 30.28 -1.28 -17.33
N SER C 96 29.86 -1.07 -18.57
CA SER C 96 30.70 -1.34 -19.71
C SER C 96 30.03 -0.82 -20.98
N THR C 97 30.84 -0.56 -21.98
CA THR C 97 30.37 -0.11 -23.29
C THR C 97 29.98 -1.26 -24.19
N ASP C 98 30.40 -2.48 -23.89
CA ASP C 98 30.01 -3.65 -24.66
C ASP C 98 28.82 -4.36 -24.04
N VAL C 99 27.92 -3.61 -23.43
CA VAL C 99 26.72 -4.19 -22.86
C VAL C 99 25.65 -4.27 -23.94
N SER C 100 24.83 -5.30 -23.88
CA SER C 100 23.84 -5.56 -24.90
C SER C 100 22.76 -6.45 -24.32
N VAL C 101 21.57 -6.37 -24.90
CA VAL C 101 20.44 -7.13 -24.42
C VAL C 101 20.76 -8.62 -24.41
N ASP C 102 21.54 -9.06 -25.39
CA ASP C 102 21.79 -10.49 -25.53
C ASP C 102 22.80 -10.99 -24.51
N GLU C 103 23.80 -10.17 -24.16
CA GLU C 103 24.71 -10.54 -23.09
C GLU C 103 23.98 -10.64 -21.76
N VAL C 104 23.03 -9.73 -21.53
CA VAL C 104 22.31 -9.71 -20.27
C VAL C 104 21.43 -10.94 -20.13
N LYS C 105 20.64 -11.23 -21.16
CA LYS C 105 19.80 -12.41 -21.13
C LYS C 105 20.61 -13.67 -20.88
N ALA C 106 21.77 -13.78 -21.52
CA ALA C 106 22.62 -14.93 -21.31
C ALA C 106 23.04 -15.06 -19.87
N LEU C 107 23.72 -14.05 -19.35
CA LEU C 107 24.26 -14.13 -17.99
C LEU C 107 23.16 -14.38 -16.99
N ALA C 108 21.99 -13.81 -17.22
CA ALA C 108 20.86 -14.08 -16.36
C ALA C 108 20.57 -15.57 -16.29
N SER C 109 20.55 -16.22 -17.44
CA SER C 109 20.29 -17.65 -17.49
C SER C 109 21.29 -18.41 -16.64
N LEU C 110 22.57 -18.07 -16.72
CA LEU C 110 23.56 -18.79 -15.94
C LEU C 110 23.29 -18.67 -14.45
N MET C 111 23.12 -17.45 -13.95
CA MET C 111 22.85 -17.26 -12.54
C MET C 111 21.71 -18.14 -12.06
N THR C 112 20.78 -18.46 -12.96
CA THR C 112 19.67 -19.31 -12.59
C THR C 112 20.12 -20.75 -12.40
N TYR C 113 21.05 -21.20 -13.24
CA TYR C 113 21.49 -22.58 -13.18
C TYR C 113 22.58 -22.74 -12.13
N LYS C 114 23.49 -21.79 -12.07
CA LYS C 114 24.52 -21.77 -11.04
C LYS C 114 23.91 -21.88 -9.65
N CYS C 115 22.92 -21.05 -9.36
CA CYS C 115 22.29 -21.06 -8.04
C CYS C 115 21.63 -22.39 -7.74
N ALA C 116 21.35 -23.19 -8.77
CA ALA C 116 20.72 -24.48 -8.53
C ALA C 116 21.75 -25.56 -8.30
N VAL C 117 22.94 -25.38 -8.87
CA VAL C 117 24.05 -26.28 -8.60
C VAL C 117 24.39 -26.27 -7.13
N VAL C 118 24.49 -25.09 -6.54
CA VAL C 118 24.91 -24.93 -5.15
C VAL C 118 23.72 -24.76 -4.22
N ASP C 119 22.52 -24.99 -4.71
CA ASP C 119 21.33 -25.05 -3.87
C ASP C 119 21.14 -23.78 -3.06
N VAL C 120 21.09 -22.65 -3.75
CA VAL C 120 20.69 -21.40 -3.10
C VAL C 120 19.35 -20.97 -3.67
N PRO C 121 18.43 -20.57 -2.86
CA PRO C 121 17.06 -20.39 -3.32
C PRO C 121 16.83 -19.12 -4.11
N PHE C 122 17.56 -18.89 -5.17
CA PHE C 122 17.42 -17.67 -5.94
C PHE C 122 17.27 -17.98 -7.41
N GLY C 123 16.74 -17.01 -8.12
CA GLY C 123 16.66 -17.08 -9.54
C GLY C 123 17.78 -16.30 -10.15
N GLY C 124 17.65 -15.96 -11.41
CA GLY C 124 18.71 -15.28 -12.10
C GLY C 124 18.31 -13.94 -12.64
N ALA C 125 19.24 -13.01 -12.53
CA ALA C 125 19.10 -11.70 -13.15
C ALA C 125 20.48 -11.22 -13.52
N LYS C 126 20.51 -10.10 -14.22
CA LYS C 126 21.73 -9.41 -14.59
C LYS C 126 21.36 -8.07 -15.16
N ALA C 127 22.13 -7.05 -14.81
CA ALA C 127 21.93 -5.72 -15.31
C ALA C 127 23.10 -5.26 -16.14
N GLY C 128 23.02 -4.03 -16.59
CA GLY C 128 24.01 -3.50 -17.51
C GLY C 128 23.79 -2.02 -17.73
N VAL C 129 24.85 -1.34 -18.12
CA VAL C 129 24.81 0.08 -18.43
C VAL C 129 25.88 0.35 -19.48
N LYS C 130 25.46 0.89 -20.63
CA LYS C 130 26.42 1.34 -21.63
C LYS C 130 27.10 2.58 -21.08
N ILE C 131 28.31 2.38 -20.59
CA ILE C 131 29.05 3.44 -19.94
C ILE C 131 30.49 2.97 -19.77
N ASN C 132 31.40 3.94 -19.70
CA ASN C 132 32.79 3.67 -19.34
C ASN C 132 33.11 4.54 -18.14
N PRO C 133 33.21 3.96 -16.94
CA PRO C 133 33.35 4.78 -15.74
C PRO C 133 34.57 5.67 -15.75
N LYS C 134 35.65 5.23 -16.38
CA LYS C 134 36.90 5.97 -16.38
C LYS C 134 36.73 7.40 -16.88
N ASN C 135 35.74 7.65 -17.72
CA ASN C 135 35.55 8.94 -18.34
C ASN C 135 34.72 9.88 -17.47
N TYR C 136 34.20 9.40 -16.34
CA TYR C 136 33.26 10.16 -15.54
C TYR C 136 33.81 10.30 -14.13
N THR C 137 33.34 11.33 -13.43
CA THR C 137 33.79 11.61 -12.08
C THR C 137 33.10 10.69 -11.07
N ASP C 138 33.35 10.97 -9.79
CA ASP C 138 32.63 10.30 -8.73
C ASP C 138 31.33 11.02 -8.41
N ASN C 139 31.15 12.22 -8.95
CA ASN C 139 29.91 12.95 -8.75
C ASN C 139 28.98 12.73 -9.93
N GLU C 140 29.47 12.09 -10.99
CA GLU C 140 28.62 11.75 -12.12
C GLU C 140 28.22 10.28 -12.07
N LEU C 141 29.10 9.43 -11.57
CA LEU C 141 28.75 8.02 -11.41
C LEU C 141 27.74 7.82 -10.31
N GLU C 142 27.71 8.73 -9.34
CA GLU C 142 26.77 8.61 -8.23
C GLU C 142 25.43 9.21 -8.60
N LYS C 143 25.42 10.08 -9.59
CA LYS C 143 24.20 10.71 -10.07
C LYS C 143 23.54 9.84 -11.12
N ILE C 144 24.31 8.94 -11.71
CA ILE C 144 23.75 7.88 -12.57
C ILE C 144 23.13 6.79 -11.71
N THR C 145 23.94 6.17 -10.87
CA THR C 145 23.51 5.05 -10.06
C THR C 145 22.22 5.36 -9.30
N ARG C 146 22.17 6.52 -8.64
CA ARG C 146 21.01 6.83 -7.82
C ARG C 146 19.79 7.09 -8.68
N ARG C 147 19.98 7.29 -9.98
CA ARG C 147 18.85 7.47 -10.88
C ARG C 147 18.45 6.14 -11.50
N PHE C 148 19.43 5.32 -11.83
CA PHE C 148 19.16 3.96 -12.28
C PHE C 148 18.32 3.21 -11.25
N THR C 149 18.69 3.31 -9.99
CA THR C 149 17.97 2.58 -8.95
C THR C 149 16.51 2.98 -8.90
N MET C 150 16.23 4.28 -8.98
CA MET C 150 14.85 4.74 -8.88
C MET C 150 13.98 4.11 -9.95
N GLU C 151 14.37 4.28 -11.20
CA GLU C 151 13.54 3.83 -12.31
C GLU C 151 13.17 2.36 -12.20
N LEU C 152 14.09 1.53 -11.72
CA LEU C 152 13.79 0.12 -11.57
C LEU C 152 12.81 -0.13 -10.44
N ALA C 153 13.18 0.25 -9.23
CA ALA C 153 12.24 0.20 -8.11
C ALA C 153 10.91 0.78 -8.51
N LYS C 154 10.94 1.84 -9.31
CA LYS C 154 9.72 2.49 -9.77
C LYS C 154 8.90 1.58 -10.68
N LYS C 155 9.49 0.46 -11.09
CA LYS C 155 8.83 -0.50 -11.98
C LYS C 155 8.96 -1.92 -11.47
N GLY C 156 9.31 -2.10 -10.20
CA GLY C 156 9.26 -3.41 -9.59
C GLY C 156 10.37 -4.35 -9.95
N PHE C 157 11.59 -3.87 -10.10
CA PHE C 157 12.74 -4.73 -10.33
C PHE C 157 13.83 -4.57 -9.28
N ILE C 158 13.52 -3.97 -8.15
CA ILE C 158 14.44 -3.92 -7.03
C ILE C 158 13.64 -4.07 -5.76
N GLY C 159 14.14 -4.88 -4.84
CA GLY C 159 13.42 -5.20 -3.65
C GLY C 159 13.96 -6.43 -2.95
N PRO C 160 13.83 -6.45 -1.62
CA PRO C 160 14.32 -7.60 -0.87
C PRO C 160 13.69 -8.91 -1.27
N GLY C 161 12.47 -8.86 -1.79
CA GLY C 161 11.71 -10.06 -2.02
C GLY C 161 11.37 -10.31 -3.46
N VAL C 162 11.87 -9.43 -4.34
CA VAL C 162 11.60 -9.58 -5.77
C VAL C 162 12.92 -9.66 -6.53
N ASP C 163 13.87 -8.80 -6.22
CA ASP C 163 15.11 -8.75 -6.99
C ASP C 163 16.17 -8.02 -6.19
N VAL C 164 17.40 -8.50 -6.28
CA VAL C 164 18.49 -8.12 -5.38
C VAL C 164 19.76 -8.00 -6.20
N PRO C 165 20.27 -6.80 -6.44
CA PRO C 165 21.51 -6.66 -7.20
C PRO C 165 22.77 -6.85 -6.37
N ALA C 166 23.86 -7.06 -7.09
CA ALA C 166 25.16 -7.32 -6.49
C ALA C 166 26.24 -6.72 -7.37
N PRO C 167 27.50 -6.78 -6.93
CA PRO C 167 28.56 -6.23 -7.75
C PRO C 167 28.96 -7.14 -8.90
N ASP C 168 29.62 -6.54 -9.88
CA ASP C 168 30.12 -7.23 -11.04
C ASP C 168 31.20 -6.35 -11.65
N MET C 169 31.60 -6.66 -12.88
CA MET C 169 32.66 -5.92 -13.54
C MET C 169 32.47 -4.41 -13.40
N SER C 170 33.55 -3.76 -12.96
CA SER C 170 33.67 -2.31 -12.96
C SER C 170 32.80 -1.65 -11.90
N THR C 171 32.35 -2.42 -10.92
CA THR C 171 31.65 -1.88 -9.77
C THR C 171 32.33 -2.33 -8.49
N GLY C 172 31.71 -1.99 -7.37
CA GLY C 172 32.28 -2.30 -6.08
C GLY C 172 31.30 -2.00 -4.98
N GLU C 173 31.84 -1.72 -3.81
CA GLU C 173 31.03 -1.45 -2.64
C GLU C 173 30.39 -0.08 -2.67
N ARG C 174 31.10 0.93 -3.15
CA ARG C 174 30.50 2.25 -3.29
C ARG C 174 29.14 2.17 -3.95
N GLU C 175 29.10 1.66 -5.18
CA GLU C 175 27.85 1.66 -5.94
C GLU C 175 26.74 0.98 -5.16
N MET C 176 27.10 0.05 -4.28
CA MET C 176 26.09 -0.63 -3.48
C MET C 176 25.66 0.24 -2.31
N SER C 177 26.54 1.13 -1.87
CA SER C 177 26.19 2.08 -0.81
C SER C 177 25.30 3.19 -1.35
N TRP C 178 25.28 3.36 -2.67
CA TRP C 178 24.49 4.42 -3.27
C TRP C 178 23.13 3.90 -3.67
N ILE C 179 23.02 2.59 -3.86
CA ILE C 179 21.74 1.98 -4.18
C ILE C 179 20.92 1.81 -2.92
N ALA C 180 21.55 1.40 -1.84
CA ALA C 180 20.85 1.19 -0.58
C ALA C 180 20.20 2.46 -0.07
N ASP C 181 20.96 3.54 0.01
CA ASP C 181 20.43 4.78 0.55
C ASP C 181 19.31 5.32 -0.31
N THR C 182 19.26 4.91 -1.57
CA THR C 182 18.28 5.46 -2.48
C THR C 182 16.95 4.71 -2.37
N TYR C 183 17.01 3.39 -2.28
CA TYR C 183 15.82 2.59 -2.05
C TYR C 183 15.28 2.84 -0.65
N ALA C 184 16.16 2.80 0.34
CA ALA C 184 15.74 2.95 1.73
C ALA C 184 15.19 4.33 2.00
N SER C 185 15.50 5.30 1.16
CA SER C 185 15.11 6.67 1.43
C SER C 185 13.97 7.14 0.55
N THR C 186 13.44 6.27 -0.31
CA THR C 186 12.27 6.58 -1.11
C THR C 186 11.19 5.58 -0.78
N ILE C 187 11.45 4.27 -0.90
CA ILE C 187 10.41 3.27 -0.75
C ILE C 187 10.62 2.45 0.52
N GLY C 188 11.84 2.00 0.74
CA GLY C 188 12.17 1.15 1.86
C GLY C 188 11.89 1.74 3.22
N HIS C 189 11.47 3.00 3.29
CA HIS C 189 11.34 3.66 4.59
C HIS C 189 10.45 2.85 5.53
N TYR C 190 9.34 2.33 5.02
CA TYR C 190 8.40 1.59 5.83
C TYR C 190 8.69 0.09 5.82
N ASP C 191 9.59 -0.35 4.97
CA ASP C 191 9.96 -1.75 4.87
C ASP C 191 11.03 -2.02 5.91
N ILE C 192 10.82 -3.05 6.72
CA ILE C 192 11.73 -3.39 7.80
C ILE C 192 12.97 -4.05 7.25
N ASN C 193 12.89 -4.51 6.01
CA ASN C 193 13.97 -5.23 5.36
C ASN C 193 14.59 -4.46 4.21
N ALA C 194 14.82 -3.16 4.37
CA ALA C 194 15.26 -2.31 3.28
C ALA C 194 16.71 -2.54 2.90
N HIS C 195 17.54 -2.88 3.88
CA HIS C 195 18.96 -3.06 3.60
C HIS C 195 19.24 -4.41 2.99
N ALA C 196 18.22 -5.24 2.85
CA ALA C 196 18.37 -6.50 2.14
C ALA C 196 18.12 -6.34 0.66
N CYS C 197 17.91 -5.11 0.20
CA CYS C 197 17.65 -4.85 -1.21
C CYS C 197 18.88 -5.04 -2.06
N VAL C 198 20.04 -5.20 -1.46
CA VAL C 198 21.28 -5.20 -2.21
C VAL C 198 22.34 -5.88 -1.37
N THR C 199 23.27 -6.53 -2.04
CA THR C 199 24.41 -7.16 -1.42
C THR C 199 25.69 -6.53 -1.94
N GLY C 200 26.80 -6.97 -1.37
CA GLY C 200 28.06 -6.35 -1.65
C GLY C 200 28.28 -5.04 -0.94
N LYS C 201 27.55 -4.79 0.13
CA LYS C 201 27.63 -3.52 0.80
C LYS C 201 28.86 -3.44 1.67
N PRO C 202 29.26 -2.24 2.06
CA PRO C 202 30.31 -2.09 3.04
C PRO C 202 29.93 -2.71 4.37
N ILE C 203 30.93 -2.94 5.20
CA ILE C 203 30.69 -3.61 6.47
C ILE C 203 29.78 -2.77 7.36
N SER C 204 30.01 -1.46 7.35
CA SER C 204 29.24 -0.55 8.19
C SER C 204 27.82 -0.37 7.70
N GLN C 205 27.49 -0.92 6.54
CA GLN C 205 26.16 -0.82 5.97
C GLN C 205 25.46 -2.16 5.86
N GLY C 206 26.03 -3.20 6.46
CA GLY C 206 25.37 -4.49 6.49
C GLY C 206 26.06 -5.56 5.67
N GLY C 207 27.36 -5.48 5.58
CA GLY C 207 28.11 -6.42 4.79
C GLY C 207 28.62 -7.60 5.58
N ILE C 208 29.49 -8.36 4.93
CA ILE C 208 29.99 -9.62 5.46
C ILE C 208 31.49 -9.67 5.29
N HIS C 209 32.16 -10.23 6.28
CA HIS C 209 33.58 -10.55 6.13
C HIS C 209 33.78 -11.51 4.97
N GLY C 210 34.85 -11.29 4.21
CA GLY C 210 35.12 -12.13 3.07
C GLY C 210 34.18 -11.91 1.91
N ARG C 211 33.48 -10.79 1.90
CA ARG C 211 32.56 -10.42 0.84
C ARG C 211 33.15 -10.71 -0.53
N ILE C 212 34.39 -10.24 -0.75
CA ILE C 212 35.01 -10.32 -2.05
C ILE C 212 36.10 -11.37 -2.11
N SER C 213 36.93 -11.48 -1.08
CA SER C 213 37.93 -12.54 -1.05
C SER C 213 37.33 -13.91 -1.30
N ALA C 214 36.05 -14.08 -0.99
CA ALA C 214 35.47 -15.41 -0.98
C ALA C 214 35.33 -15.98 -2.38
N THR C 215 35.03 -15.14 -3.36
CA THR C 215 34.99 -15.60 -4.73
C THR C 215 36.28 -16.33 -5.10
N GLY C 216 37.43 -15.68 -4.90
CA GLY C 216 38.69 -16.35 -5.09
C GLY C 216 38.78 -17.67 -4.35
N ARG C 217 38.25 -17.70 -3.14
CA ARG C 217 38.29 -18.92 -2.34
C ARG C 217 37.37 -19.98 -2.90
N GLY C 218 36.20 -19.59 -3.39
CA GLY C 218 35.33 -20.54 -4.05
C GLY C 218 36.04 -21.22 -5.19
N VAL C 219 36.77 -20.44 -5.98
CA VAL C 219 37.63 -21.00 -7.02
C VAL C 219 38.55 -22.05 -6.42
N PHE C 220 39.39 -21.63 -5.47
CA PHE C 220 40.28 -22.54 -4.77
C PHE C 220 39.56 -23.80 -4.32
N HIS C 221 38.56 -23.65 -3.45
CA HIS C 221 37.92 -24.83 -2.89
C HIS C 221 37.29 -25.69 -3.98
N GLY C 222 37.08 -25.13 -5.16
CA GLY C 222 36.66 -25.97 -6.27
C GLY C 222 37.80 -26.79 -6.83
N ILE C 223 38.91 -26.12 -7.17
CA ILE C 223 40.09 -26.83 -7.62
C ILE C 223 40.50 -27.88 -6.60
N GLU C 224 40.66 -27.46 -5.35
CA GLU C 224 41.07 -28.39 -4.29
C GLU C 224 40.17 -29.61 -4.22
N ASN C 225 38.95 -29.51 -4.77
CA ASN C 225 38.00 -30.60 -4.65
C ASN C 225 38.05 -31.55 -5.84
N PHE C 226 38.88 -31.25 -6.83
CA PHE C 226 39.18 -32.17 -7.90
C PHE C 226 40.64 -32.59 -7.93
N ILE C 227 41.54 -31.72 -7.52
CA ILE C 227 42.96 -32.07 -7.47
C ILE C 227 43.18 -33.20 -6.49
N ASN C 228 42.33 -33.30 -5.47
CA ASN C 228 42.42 -34.31 -4.44
C ASN C 228 42.00 -35.66 -4.92
N GLU C 229 41.71 -35.85 -6.20
CA GLU C 229 41.26 -37.12 -6.73
C GLU C 229 42.06 -37.47 -7.96
N ALA C 230 42.88 -38.52 -7.87
CA ALA C 230 43.58 -39.02 -9.05
C ALA C 230 42.62 -39.64 -10.04
N SER C 231 41.39 -39.96 -9.60
CA SER C 231 40.39 -40.52 -10.49
C SER C 231 40.35 -39.80 -11.82
N TYR C 232 40.68 -38.50 -11.83
CA TYR C 232 40.67 -37.69 -13.04
C TYR C 232 42.04 -37.17 -13.41
N MET C 233 42.91 -36.92 -12.43
CA MET C 233 44.26 -36.44 -12.75
C MET C 233 45.13 -37.57 -13.29
N SER C 234 44.75 -38.82 -13.05
CA SER C 234 45.45 -39.92 -13.70
C SER C 234 45.28 -39.84 -15.21
N ILE C 235 44.10 -39.43 -15.67
CA ILE C 235 43.91 -39.13 -17.09
C ILE C 235 44.82 -37.97 -17.51
N LEU C 236 44.69 -36.83 -16.84
CA LEU C 236 45.46 -35.65 -17.21
C LEU C 236 46.95 -35.94 -17.21
N GLY C 237 47.39 -36.94 -16.46
CA GLY C 237 48.82 -37.14 -16.29
C GLY C 237 49.44 -36.16 -15.32
N MET C 238 48.74 -35.84 -14.25
CA MET C 238 49.22 -34.89 -13.26
C MET C 238 49.11 -35.49 -11.87
N THR C 239 49.89 -34.96 -10.94
CA THR C 239 49.90 -35.43 -9.57
C THR C 239 49.23 -34.42 -8.67
N PRO C 240 48.46 -34.85 -7.67
CA PRO C 240 47.86 -33.89 -6.75
C PRO C 240 48.91 -33.05 -6.04
N GLY C 241 48.51 -31.84 -5.66
CA GLY C 241 49.36 -30.97 -4.87
C GLY C 241 49.55 -29.60 -5.47
N PHE C 242 49.22 -28.55 -4.71
CA PHE C 242 49.37 -27.18 -5.18
C PHE C 242 50.81 -26.71 -5.08
N GLY C 243 51.58 -27.27 -4.14
CA GLY C 243 53.00 -26.97 -4.08
C GLY C 243 53.75 -27.38 -5.33
N ASP C 244 53.09 -28.11 -6.22
CA ASP C 244 53.70 -28.64 -7.42
C ASP C 244 53.19 -27.99 -8.70
N LYS C 245 52.36 -26.95 -8.59
CA LYS C 245 51.63 -26.41 -9.71
C LYS C 245 52.04 -24.97 -10.01
N THR C 246 52.03 -24.63 -11.29
CA THR C 246 52.18 -23.26 -11.75
C THR C 246 50.90 -22.83 -12.46
N PHE C 247 50.52 -21.57 -12.28
CA PHE C 247 49.29 -21.08 -12.86
C PHE C 247 49.49 -19.65 -13.34
N VAL C 248 48.60 -19.23 -14.23
CA VAL C 248 48.60 -17.89 -14.78
C VAL C 248 47.19 -17.34 -14.65
N VAL C 249 47.07 -16.03 -14.80
CA VAL C 249 45.83 -15.33 -14.56
C VAL C 249 45.58 -14.35 -15.70
N GLN C 250 44.33 -14.27 -16.14
CA GLN C 250 43.93 -13.42 -17.24
C GLN C 250 43.13 -12.26 -16.67
N GLY C 251 43.83 -11.20 -16.31
CA GLY C 251 43.20 -10.02 -15.77
C GLY C 251 43.19 -10.00 -14.26
N PHE C 252 43.14 -8.80 -13.70
CA PHE C 252 43.09 -8.61 -12.26
C PHE C 252 41.79 -7.93 -11.91
N GLY C 253 40.74 -8.71 -11.80
CA GLY C 253 39.55 -8.30 -11.11
C GLY C 253 39.72 -8.50 -9.63
N ASN C 254 38.59 -8.72 -8.96
CA ASN C 254 38.64 -9.24 -7.60
C ASN C 254 38.90 -10.74 -7.63
N VAL C 255 38.52 -11.39 -8.72
CA VAL C 255 38.80 -12.81 -8.88
C VAL C 255 40.29 -13.02 -9.12
N GLY C 256 40.85 -12.28 -10.06
CA GLY C 256 42.24 -12.51 -10.45
C GLY C 256 43.20 -12.32 -9.30
N LEU C 257 43.04 -11.23 -8.54
CA LEU C 257 43.90 -11.02 -7.39
C LEU C 257 43.63 -12.08 -6.32
N HIS C 258 42.41 -12.09 -5.78
CA HIS C 258 42.15 -12.83 -4.57
C HIS C 258 42.18 -14.34 -4.82
N SER C 259 41.94 -14.75 -6.06
CA SER C 259 42.21 -16.14 -6.44
C SER C 259 43.70 -16.40 -6.47
N MET C 260 44.46 -15.41 -6.90
CA MET C 260 45.90 -15.57 -7.05
C MET C 260 46.57 -15.72 -5.69
N ARG C 261 46.33 -14.77 -4.79
CA ARG C 261 47.01 -14.78 -3.51
C ARG C 261 46.53 -15.92 -2.62
N TYR C 262 45.25 -16.26 -2.72
CA TYR C 262 44.71 -17.32 -1.89
C TYR C 262 45.24 -18.68 -2.35
N LEU C 263 45.73 -18.75 -3.59
CA LEU C 263 46.51 -19.90 -4.03
C LEU C 263 47.93 -19.81 -3.49
N HIS C 264 48.59 -18.68 -3.70
CA HIS C 264 49.98 -18.51 -3.30
C HIS C 264 50.24 -18.99 -1.87
N ARG C 265 49.20 -18.96 -1.03
CA ARG C 265 49.37 -19.40 0.35
C ARG C 265 49.74 -20.87 0.45
N PHE C 266 49.27 -21.70 -0.49
CA PHE C 266 49.51 -23.13 -0.44
C PHE C 266 50.44 -23.62 -1.55
N GLY C 267 51.48 -22.87 -1.87
CA GLY C 267 52.54 -23.36 -2.72
C GLY C 267 52.24 -23.35 -4.20
N ALA C 268 51.11 -22.80 -4.62
CA ALA C 268 50.84 -22.64 -6.04
C ALA C 268 51.59 -21.44 -6.57
N LYS C 269 52.41 -21.69 -7.59
CA LYS C 269 53.33 -20.71 -8.14
C LYS C 269 52.67 -20.01 -9.31
N CYS C 270 52.63 -18.68 -9.29
CA CYS C 270 52.23 -17.94 -10.48
C CYS C 270 53.46 -17.64 -11.31
N ILE C 271 53.30 -17.70 -12.64
CA ILE C 271 54.40 -17.41 -13.54
C ILE C 271 54.13 -16.19 -14.40
N THR C 272 52.88 -15.90 -14.75
CA THR C 272 52.56 -14.61 -15.35
C THR C 272 51.13 -14.22 -15.07
N VAL C 273 50.76 -13.07 -15.61
CA VAL C 273 49.45 -12.47 -15.46
C VAL C 273 49.27 -11.49 -16.61
N GLY C 274 48.03 -11.31 -17.04
CA GLY C 274 47.76 -10.46 -18.18
C GLY C 274 46.58 -9.56 -17.92
N GLU C 275 46.83 -8.27 -18.06
CA GLU C 275 45.81 -7.24 -17.98
C GLU C 275 45.39 -6.84 -19.37
N SER C 276 44.51 -5.84 -19.45
CA SER C 276 43.99 -5.40 -20.73
C SER C 276 45.04 -4.67 -21.54
N ASP C 277 46.17 -4.34 -20.93
CA ASP C 277 47.18 -3.51 -21.56
C ASP C 277 48.49 -4.23 -21.79
N GLY C 278 48.62 -5.48 -21.36
CA GLY C 278 49.83 -6.24 -21.61
C GLY C 278 50.07 -7.26 -20.53
N SER C 279 50.78 -8.31 -20.90
CA SER C 279 51.11 -9.39 -19.98
C SER C 279 52.46 -9.14 -19.33
N ILE C 280 52.80 -10.00 -18.37
CA ILE C 280 54.08 -9.92 -17.70
C ILE C 280 54.38 -11.29 -17.09
N TRP C 281 55.61 -11.76 -17.29
CA TRP C 281 55.96 -13.14 -16.98
C TRP C 281 57.27 -13.17 -16.22
N ASN C 282 57.34 -14.10 -15.25
CA ASN C 282 58.57 -14.32 -14.49
C ASN C 282 58.53 -15.77 -14.02
N PRO C 283 59.25 -16.67 -14.69
CA PRO C 283 59.16 -18.10 -14.33
C PRO C 283 59.56 -18.40 -12.90
N ASP C 284 60.35 -17.55 -12.26
CA ASP C 284 60.77 -17.77 -10.88
C ASP C 284 59.66 -17.50 -9.88
N GLY C 285 58.53 -16.97 -10.31
CA GLY C 285 57.43 -16.68 -9.43
C GLY C 285 57.10 -15.20 -9.41
N ILE C 286 55.94 -14.88 -8.84
CA ILE C 286 55.47 -13.51 -8.70
C ILE C 286 54.77 -13.39 -7.35
N ASP C 287 54.91 -12.23 -6.70
CA ASP C 287 54.43 -12.04 -5.34
C ASP C 287 53.18 -11.18 -5.37
N PRO C 288 52.00 -11.72 -5.09
CA PRO C 288 50.79 -10.90 -5.20
C PRO C 288 50.74 -9.76 -4.20
N LYS C 289 51.33 -9.94 -3.03
CA LYS C 289 51.46 -8.82 -2.10
C LYS C 289 52.22 -7.68 -2.76
N GLU C 290 53.40 -7.97 -3.31
CA GLU C 290 54.14 -6.98 -4.07
C GLU C 290 53.33 -6.42 -5.23
N LEU C 291 52.37 -7.20 -5.74
CA LEU C 291 51.64 -6.76 -6.93
C LEU C 291 50.64 -5.66 -6.59
N GLU C 292 49.96 -5.77 -5.45
CA GLU C 292 49.07 -4.70 -5.03
C GLU C 292 49.83 -3.40 -4.84
N ASP C 293 51.14 -3.48 -4.63
CA ASP C 293 51.91 -2.29 -4.32
C ASP C 293 51.94 -1.34 -5.51
N PHE C 294 52.37 -1.83 -6.68
CA PHE C 294 52.41 -0.96 -7.85
C PHE C 294 51.02 -0.54 -8.28
N LYS C 295 50.01 -1.36 -7.99
CA LYS C 295 48.64 -1.04 -8.40
C LYS C 295 48.12 0.18 -7.66
N LEU C 296 48.66 0.44 -6.46
CA LEU C 296 48.29 1.64 -5.73
C LEU C 296 49.14 2.83 -6.16
N GLN C 297 50.34 2.55 -6.68
CA GLN C 297 51.29 3.59 -7.04
C GLN C 297 51.36 3.84 -8.54
N HIS C 298 50.89 2.90 -9.37
CA HIS C 298 51.00 3.03 -10.82
C HIS C 298 49.70 2.78 -11.58
N GLY C 299 48.82 1.92 -11.10
CA GLY C 299 47.62 1.55 -11.82
C GLY C 299 47.75 0.32 -12.69
N THR C 300 48.86 0.14 -13.39
CA THR C 300 49.04 -1.02 -14.26
C THR C 300 50.18 -1.88 -13.75
N ILE C 301 50.32 -3.06 -14.37
CA ILE C 301 51.37 -3.99 -13.98
C ILE C 301 52.60 -3.83 -14.86
N LEU C 302 52.45 -3.28 -16.06
CA LEU C 302 53.61 -3.00 -16.89
C LEU C 302 54.48 -1.96 -16.22
N GLY C 303 55.73 -2.33 -15.92
CA GLY C 303 56.61 -1.54 -15.09
C GLY C 303 56.93 -2.16 -13.75
N PHE C 304 56.32 -3.30 -13.44
CA PHE C 304 56.67 -4.01 -12.22
C PHE C 304 58.11 -4.48 -12.30
N PRO C 305 58.93 -4.19 -11.31
CA PRO C 305 60.37 -4.49 -11.44
C PRO C 305 60.75 -5.96 -11.37
N LYS C 306 60.02 -6.77 -10.61
CA LYS C 306 60.39 -8.16 -10.39
C LYS C 306 59.68 -9.10 -11.36
N ALA C 307 59.42 -8.64 -12.58
CA ALA C 307 58.88 -9.51 -13.61
C ALA C 307 59.14 -8.89 -14.97
N LYS C 308 59.23 -9.75 -15.97
CA LYS C 308 59.57 -9.34 -17.33
C LYS C 308 58.30 -9.17 -18.15
N ILE C 309 58.18 -8.03 -18.82
CA ILE C 309 57.03 -7.81 -19.70
C ILE C 309 56.97 -8.94 -20.71
N TYR C 310 55.83 -9.62 -20.78
CA TYR C 310 55.69 -10.82 -21.58
C TYR C 310 54.98 -10.49 -22.88
N GLU C 311 55.65 -10.78 -23.99
CA GLU C 311 55.09 -10.53 -25.31
C GLU C 311 54.25 -11.72 -25.74
N GLY C 312 52.95 -11.51 -25.88
CA GLY C 312 52.03 -12.55 -26.29
C GLY C 312 50.89 -12.70 -25.30
N SER C 313 49.85 -13.40 -25.77
CA SER C 313 48.68 -13.64 -24.95
C SER C 313 48.98 -14.66 -23.85
N ILE C 314 48.43 -14.39 -22.65
CA ILE C 314 48.56 -15.35 -21.56
C ILE C 314 48.14 -16.74 -22.03
N LEU C 315 47.10 -16.79 -22.84
CA LEU C 315 46.57 -18.06 -23.34
C LEU C 315 47.62 -18.88 -24.09
N GLU C 316 48.74 -18.27 -24.45
CA GLU C 316 49.81 -18.97 -25.14
C GLU C 316 50.97 -19.33 -24.22
N VAL C 317 50.75 -19.31 -22.90
CA VAL C 317 51.80 -19.54 -21.93
C VAL C 317 51.77 -20.99 -21.48
N ASP C 318 52.93 -21.62 -21.44
CA ASP C 318 53.05 -22.95 -20.86
C ASP C 318 52.85 -22.86 -19.36
N CYS C 319 52.00 -23.73 -18.83
CA CYS C 319 51.63 -23.72 -17.43
C CYS C 319 50.96 -25.05 -17.11
N ASP C 320 50.42 -25.16 -15.90
CA ASP C 320 49.68 -26.35 -15.49
C ASP C 320 48.19 -26.06 -15.32
N ILE C 321 47.83 -24.82 -15.01
CA ILE C 321 46.45 -24.42 -14.79
C ILE C 321 46.28 -23.01 -15.32
N LEU C 322 45.24 -22.81 -16.14
CA LEU C 322 44.99 -21.54 -16.79
C LEU C 322 43.72 -20.90 -16.23
N ILE C 323 43.85 -19.75 -15.60
CA ILE C 323 42.72 -19.08 -14.95
C ILE C 323 42.25 -17.90 -15.79
N PRO C 324 41.28 -18.09 -16.67
CA PRO C 324 40.65 -16.94 -17.33
C PRO C 324 39.68 -16.23 -16.40
N ALA C 325 39.94 -14.96 -16.17
CA ALA C 325 39.17 -14.18 -15.20
C ALA C 325 38.76 -12.83 -15.76
N ALA C 326 39.23 -12.50 -16.97
CA ALA C 326 39.03 -11.17 -17.51
C ALA C 326 37.62 -10.97 -18.00
N SER C 327 37.23 -11.72 -19.03
CA SER C 327 35.93 -11.53 -19.65
C SER C 327 35.62 -12.73 -20.52
N GLU C 328 34.33 -12.95 -20.74
CA GLU C 328 33.88 -14.08 -21.54
C GLU C 328 34.45 -13.98 -22.94
N LYS C 329 34.41 -15.09 -23.67
CA LYS C 329 34.81 -15.21 -25.06
C LYS C 329 36.32 -15.13 -25.19
N GLN C 330 37.06 -15.25 -24.10
CA GLN C 330 38.49 -14.99 -24.14
C GLN C 330 39.24 -16.08 -24.89
N LEU C 331 38.71 -17.29 -24.87
CA LEU C 331 39.35 -18.44 -25.49
C LEU C 331 38.42 -19.04 -26.54
N THR C 332 38.87 -19.05 -27.79
CA THR C 332 38.06 -19.51 -28.91
C THR C 332 38.74 -20.67 -29.63
N LYS C 333 38.14 -21.07 -30.75
CA LYS C 333 38.65 -22.19 -31.52
C LYS C 333 39.89 -21.82 -32.33
N SER C 334 40.05 -20.53 -32.62
CA SER C 334 41.23 -20.07 -33.35
C SER C 334 42.52 -20.28 -32.57
N ASN C 335 42.44 -20.46 -31.26
CA ASN C 335 43.62 -20.62 -30.42
C ASN C 335 43.52 -21.78 -29.45
N ALA C 336 42.34 -22.38 -29.29
CA ALA C 336 42.21 -23.52 -28.38
C ALA C 336 43.26 -24.59 -28.61
N PRO C 337 43.59 -24.95 -29.86
CA PRO C 337 44.60 -26.01 -30.06
C PRO C 337 45.91 -25.71 -29.38
N ARG C 338 46.18 -24.44 -29.07
CA ARG C 338 47.42 -24.02 -28.45
C ARG C 338 47.24 -23.79 -26.95
N VAL C 339 46.46 -24.65 -26.30
CA VAL C 339 46.15 -24.50 -24.88
C VAL C 339 47.42 -24.46 -24.07
N LYS C 340 48.34 -25.40 -24.33
CA LYS C 340 49.63 -25.44 -23.64
C LYS C 340 49.45 -25.66 -22.14
N ALA C 341 48.26 -26.09 -21.74
CA ALA C 341 47.93 -26.24 -20.33
C ALA C 341 46.96 -27.40 -20.19
N LYS C 342 46.97 -28.00 -19.00
CA LYS C 342 46.28 -29.24 -18.73
C LYS C 342 44.90 -29.06 -18.15
N ILE C 343 44.73 -28.07 -17.27
CA ILE C 343 43.43 -27.77 -16.69
C ILE C 343 43.11 -26.32 -17.01
N ILE C 344 41.84 -26.04 -17.23
CA ILE C 344 41.36 -24.68 -17.37
C ILE C 344 40.22 -24.50 -16.40
N ALA C 345 40.18 -23.33 -15.77
CA ALA C 345 39.23 -23.06 -14.70
C ALA C 345 38.53 -21.75 -15.01
N GLU C 346 37.29 -21.84 -15.48
CA GLU C 346 36.57 -20.68 -16.00
C GLU C 346 36.04 -19.85 -14.84
N GLY C 347 36.85 -18.89 -14.43
CA GLY C 347 36.41 -17.88 -13.49
C GLY C 347 35.86 -16.66 -14.18
N ALA C 348 35.39 -16.80 -15.43
CA ALA C 348 35.09 -15.65 -16.26
C ALA C 348 33.82 -15.79 -17.08
N ASN C 349 32.80 -16.45 -16.54
CA ASN C 349 31.46 -16.36 -17.10
C ASN C 349 31.42 -16.71 -18.59
N GLY C 350 31.98 -17.86 -18.93
CA GLY C 350 31.90 -18.36 -20.27
C GLY C 350 32.98 -17.79 -21.17
N PRO C 351 34.23 -17.90 -20.73
CA PRO C 351 35.35 -17.54 -21.61
C PRO C 351 35.46 -18.43 -22.83
N THR C 352 35.15 -19.70 -22.71
CA THR C 352 35.35 -20.69 -23.77
C THR C 352 34.14 -20.75 -24.68
N THR C 353 34.14 -21.75 -25.55
CA THR C 353 33.15 -21.89 -26.60
C THR C 353 32.69 -23.33 -26.70
N PRO C 354 31.64 -23.59 -27.46
CA PRO C 354 31.24 -24.99 -27.72
C PRO C 354 32.27 -25.74 -28.54
N GLU C 355 32.94 -25.04 -29.46
CA GLU C 355 34.02 -25.65 -30.22
C GLU C 355 35.21 -25.96 -29.34
N ALA C 356 35.73 -24.94 -28.66
CA ALA C 356 36.83 -25.17 -27.72
C ALA C 356 36.56 -26.40 -26.87
N ASP C 357 35.35 -26.52 -26.34
CA ASP C 357 34.97 -27.72 -25.61
C ASP C 357 35.25 -28.97 -26.45
N LYS C 358 34.90 -28.93 -27.73
CA LYS C 358 35.20 -30.04 -28.63
C LYS C 358 36.68 -30.29 -28.70
N ILE C 359 37.46 -29.23 -28.89
CA ILE C 359 38.91 -29.36 -28.92
C ILE C 359 39.40 -29.99 -27.62
N PHE C 360 38.91 -29.49 -26.48
CA PHE C 360 39.50 -29.84 -25.19
C PHE C 360 39.07 -31.23 -24.73
N LEU C 361 37.98 -31.76 -25.27
CA LEU C 361 37.71 -33.19 -25.09
C LEU C 361 38.67 -34.03 -25.91
N GLU C 362 38.92 -33.62 -27.15
CA GLU C 362 39.86 -34.35 -27.98
C GLU C 362 41.25 -34.34 -27.37
N ARG C 363 41.69 -33.19 -26.89
CA ARG C 363 43.00 -33.05 -26.26
C ARG C 363 43.06 -33.59 -24.85
N ASN C 364 41.94 -34.12 -24.33
CA ASN C 364 41.87 -34.52 -22.93
C ASN C 364 42.33 -33.38 -22.02
N ILE C 365 41.60 -32.27 -22.07
CA ILE C 365 41.84 -31.12 -21.21
C ILE C 365 40.67 -30.98 -20.25
N MET C 366 40.96 -31.04 -18.95
CA MET C 366 39.94 -30.78 -17.95
C MET C 366 39.59 -29.30 -17.96
N VAL C 367 38.31 -29.01 -18.17
CA VAL C 367 37.81 -27.65 -18.11
C VAL C 367 36.84 -27.59 -16.95
N ILE C 368 37.11 -26.70 -16.00
CA ILE C 368 36.25 -26.48 -14.85
C ILE C 368 35.24 -25.40 -15.24
N PRO C 369 33.94 -25.68 -15.18
CA PRO C 369 32.96 -24.72 -15.70
C PRO C 369 32.75 -23.55 -14.75
N ASP C 370 32.38 -22.41 -15.34
CA ASP C 370 31.88 -21.32 -14.53
C ASP C 370 30.97 -21.83 -13.43
N LEU C 371 29.92 -22.54 -13.82
CA LEU C 371 29.09 -23.22 -12.85
C LEU C 371 29.97 -23.97 -11.87
N TYR C 372 29.54 -23.96 -10.62
CA TYR C 372 30.25 -24.61 -9.53
C TYR C 372 31.61 -23.99 -9.22
N LEU C 373 32.06 -23.04 -10.03
CA LEU C 373 33.40 -22.51 -9.79
C LEU C 373 33.33 -21.04 -9.40
N ASN C 374 32.44 -20.28 -10.00
CA ASN C 374 32.21 -18.90 -9.64
C ASN C 374 31.02 -18.75 -8.71
N ALA C 375 30.64 -19.84 -8.04
CA ALA C 375 29.49 -19.83 -7.15
C ALA C 375 29.87 -19.48 -5.73
N GLY C 376 31.04 -18.91 -5.51
CA GLY C 376 31.43 -18.45 -4.20
C GLY C 376 30.79 -17.13 -3.87
N GLY C 377 30.86 -16.20 -4.81
CA GLY C 377 30.31 -14.88 -4.58
C GLY C 377 28.81 -14.88 -4.42
N VAL C 378 28.18 -16.02 -4.66
CA VAL C 378 26.73 -16.12 -4.53
C VAL C 378 26.35 -16.57 -3.14
N THR C 379 26.88 -17.71 -2.69
CA THR C 379 26.61 -18.17 -1.35
C THR C 379 26.85 -17.09 -0.33
N VAL C 380 27.97 -16.40 -0.43
CA VAL C 380 28.26 -15.32 0.50
C VAL C 380 27.15 -14.29 0.46
N SER C 381 26.78 -13.85 -0.73
CA SER C 381 25.69 -12.90 -0.86
C SER C 381 24.37 -13.49 -0.37
N TYR C 382 24.31 -14.80 -0.20
CA TYR C 382 23.15 -15.42 0.41
C TYR C 382 23.23 -15.31 1.92
N PHE C 383 24.44 -15.20 2.45
CA PHE C 383 24.62 -15.07 3.88
C PHE C 383 24.52 -13.61 4.30
N GLU C 384 24.67 -12.69 3.36
CA GLU C 384 24.53 -11.28 3.65
C GLU C 384 23.08 -10.85 3.55
N TRP C 385 22.31 -11.58 2.76
CA TRP C 385 20.87 -11.33 2.65
C TRP C 385 20.17 -11.83 3.89
N LEU C 386 20.67 -12.91 4.47
CA LEU C 386 20.14 -13.42 5.72
C LEU C 386 20.50 -12.52 6.88
N ASN C 387 21.80 -12.26 7.07
CA ASN C 387 22.24 -11.35 8.13
C ASN C 387 21.32 -10.16 8.26
N ASN C 388 20.83 -9.66 7.14
CA ASN C 388 20.06 -8.43 7.14
C ASN C 388 18.57 -8.70 7.21
N LEU C 389 18.16 -9.96 7.25
CA LEU C 389 16.77 -10.29 7.50
C LEU C 389 16.56 -10.72 8.93
N ASN C 390 17.64 -11.12 9.61
CA ASN C 390 17.55 -11.58 10.97
C ASN C 390 17.97 -10.50 11.95
N HIS C 391 18.54 -9.41 11.43
CA HIS C 391 18.80 -8.22 12.21
C HIS C 391 19.65 -8.52 13.42
N VAL C 392 20.66 -9.35 13.23
CA VAL C 392 21.52 -9.72 14.34
C VAL C 392 22.79 -10.37 13.84
N SER C 393 23.89 -10.12 14.54
CA SER C 393 25.13 -10.83 14.28
C SER C 393 24.97 -12.29 14.65
N TYR C 394 25.56 -13.16 13.84
CA TYR C 394 25.39 -14.57 14.06
C TYR C 394 26.08 -15.00 15.35
N GLY C 395 25.34 -15.70 16.20
CA GLY C 395 25.88 -16.29 17.39
C GLY C 395 25.96 -15.37 18.58
N ARG C 396 25.85 -14.06 18.36
CA ARG C 396 25.98 -13.11 19.46
C ARG C 396 25.27 -13.56 20.71
N LEU C 397 24.10 -14.16 20.53
CA LEU C 397 23.25 -14.46 21.67
C LEU C 397 23.80 -15.59 22.53
N THR C 398 24.76 -16.35 22.02
CA THR C 398 25.16 -17.60 22.65
C THR C 398 26.65 -17.69 22.92
N PHE C 399 27.43 -16.68 22.53
CA PHE C 399 28.88 -16.76 22.69
C PHE C 399 29.26 -17.10 24.13
N LYS C 400 28.60 -16.47 25.09
CA LYS C 400 28.94 -16.70 26.48
C LYS C 400 28.33 -17.98 27.02
N TYR C 401 27.14 -18.33 26.52
CA TYR C 401 26.48 -19.54 26.98
C TYR C 401 27.17 -20.79 26.44
N GLU C 402 27.40 -20.81 25.13
CA GLU C 402 28.07 -21.95 24.52
C GLU C 402 29.49 -22.10 25.04
N ARG C 403 30.09 -21.01 25.47
CA ARG C 403 31.49 -21.06 25.92
C ARG C 403 31.62 -21.93 27.17
N ASP C 404 30.87 -21.60 28.20
CA ASP C 404 30.97 -22.30 29.47
C ASP C 404 30.19 -23.60 29.49
N SER C 405 29.11 -23.70 28.73
CA SER C 405 28.46 -25.00 28.55
C SER C 405 29.45 -26.06 28.13
N ASN C 406 30.43 -25.71 27.32
CA ASN C 406 31.47 -26.65 26.95
C ASN C 406 32.49 -26.80 28.08
N TYR C 407 32.60 -25.78 28.91
CA TYR C 407 33.50 -25.85 30.05
C TYR C 407 32.89 -26.66 31.19
N HIS C 408 31.57 -26.66 31.29
CA HIS C 408 30.92 -27.47 32.31
C HIS C 408 30.82 -28.91 31.85
N LEU C 409 30.97 -29.13 30.54
CA LEU C 409 31.00 -30.48 30.01
C LEU C 409 32.30 -31.17 30.39
N LEU C 410 33.42 -30.51 30.13
CA LEU C 410 34.71 -31.08 30.43
C LEU C 410 34.89 -31.33 31.92
N MET C 411 34.25 -30.53 32.76
CA MET C 411 34.32 -30.77 34.19
C MET C 411 33.50 -31.98 34.58
N SER C 412 32.49 -32.31 33.78
CA SER C 412 31.69 -33.48 34.07
C SER C 412 32.42 -34.76 33.67
N VAL C 413 33.31 -34.65 32.70
CA VAL C 413 34.23 -35.74 32.42
C VAL C 413 35.27 -35.81 33.53
N GLN C 414 35.97 -34.71 33.77
CA GLN C 414 37.02 -34.67 34.77
C GLN C 414 36.54 -35.20 36.10
N GLU C 415 35.40 -34.71 36.57
CA GLU C 415 34.97 -35.00 37.93
C GLU C 415 34.47 -36.43 38.06
N SER C 416 33.91 -36.96 36.97
CA SER C 416 33.45 -38.35 37.02
C SER C 416 34.61 -39.30 36.93
N LEU C 417 35.64 -38.94 36.17
CA LEU C 417 36.83 -39.76 36.08
C LEU C 417 37.57 -39.78 37.42
N GLU C 418 37.96 -38.60 37.92
CA GLU C 418 38.49 -38.50 39.27
C GLU C 418 37.66 -39.32 40.24
N ARG C 419 36.34 -39.23 40.14
CA ARG C 419 35.45 -39.86 41.11
C ARG C 419 35.78 -41.35 41.24
N LYS C 420 36.21 -41.97 40.15
CA LYS C 420 36.47 -43.40 40.16
C LYS C 420 37.93 -43.67 40.50
N PHE C 421 38.84 -43.07 39.73
CA PHE C 421 40.26 -43.26 39.95
C PHE C 421 40.80 -42.30 41.00
N GLY C 422 40.47 -41.02 40.90
CA GLY C 422 40.92 -40.05 41.87
C GLY C 422 42.39 -40.20 42.21
N LYS C 423 42.65 -40.54 43.48
CA LYS C 423 43.98 -40.70 44.01
C LYS C 423 44.92 -41.46 43.08
N HIS C 424 44.35 -42.37 42.28
CA HIS C 424 45.17 -43.17 41.37
C HIS C 424 46.17 -42.30 40.62
N GLY C 425 45.71 -41.17 40.10
CA GLY C 425 46.57 -40.23 39.41
C GLY C 425 46.38 -38.82 39.93
N GLY C 426 45.59 -38.68 40.99
CA GLY C 426 45.37 -37.38 41.59
C GLY C 426 44.26 -36.61 40.92
N THR C 427 44.60 -35.45 40.36
CA THR C 427 43.67 -34.67 39.57
C THR C 427 44.03 -34.80 38.10
N ILE C 428 42.99 -34.82 37.27
CA ILE C 428 43.13 -35.04 35.84
C ILE C 428 42.63 -33.80 35.11
N PRO C 429 43.48 -32.85 34.84
CA PRO C 429 43.00 -31.64 34.14
C PRO C 429 42.56 -31.94 32.72
N ILE C 430 41.29 -31.65 32.45
CA ILE C 430 40.74 -31.74 31.12
C ILE C 430 40.60 -30.32 30.60
N VAL C 431 41.47 -29.94 29.67
CA VAL C 431 41.48 -28.57 29.17
C VAL C 431 41.46 -28.60 27.65
N PRO C 432 41.00 -27.52 27.04
CA PRO C 432 40.98 -27.44 25.58
C PRO C 432 42.36 -27.64 24.99
N THR C 433 42.38 -27.84 23.69
CA THR C 433 43.59 -27.72 22.90
C THR C 433 43.83 -26.27 22.54
N ALA C 434 44.72 -26.07 21.56
CA ALA C 434 44.95 -24.72 21.05
C ALA C 434 43.77 -24.22 20.26
N GLU C 435 43.41 -24.94 19.20
CA GLU C 435 42.38 -24.45 18.28
C GLU C 435 40.99 -24.52 18.88
N PHE C 436 40.68 -25.53 19.68
CA PHE C 436 39.36 -25.58 20.31
C PHE C 436 39.18 -24.38 21.23
N GLN C 437 40.27 -23.92 21.84
CA GLN C 437 40.20 -22.71 22.66
C GLN C 437 39.80 -21.52 21.81
N ASP C 438 40.01 -21.61 20.51
CA ASP C 438 39.56 -20.56 19.61
C ASP C 438 38.11 -20.77 19.22
N ARG C 439 37.64 -22.00 19.32
CA ARG C 439 36.30 -22.38 18.87
C ARG C 439 35.40 -22.83 19.99
N ILE C 440 35.69 -22.42 21.23
CA ILE C 440 34.90 -22.88 22.36
C ILE C 440 33.72 -21.98 22.60
N SER C 441 33.80 -20.72 22.19
CA SER C 441 32.73 -19.75 22.39
C SER C 441 31.64 -19.85 21.34
N GLY C 442 31.84 -20.63 20.29
CA GLY C 442 30.85 -20.76 19.23
C GLY C 442 31.31 -20.08 17.96
N ALA C 443 30.41 -20.10 16.98
CA ALA C 443 30.72 -19.63 15.64
C ALA C 443 30.58 -18.12 15.53
N SER C 444 31.60 -17.48 14.98
CA SER C 444 31.54 -16.09 14.58
C SER C 444 31.36 -16.01 13.07
N GLU C 445 30.79 -14.89 12.60
CA GLU C 445 30.50 -14.76 11.18
C GLU C 445 31.69 -15.16 10.34
N LYS C 446 32.88 -14.74 10.73
CA LYS C 446 34.08 -15.10 9.97
C LYS C 446 34.21 -16.61 9.83
N ASP C 447 33.60 -17.35 10.75
CA ASP C 447 33.78 -18.80 10.77
C ASP C 447 32.67 -19.50 10.03
N ILE C 448 31.45 -19.03 10.22
CA ILE C 448 30.31 -19.52 9.45
C ILE C 448 30.61 -19.40 7.96
N VAL C 449 31.02 -18.22 7.52
CA VAL C 449 31.33 -17.98 6.12
C VAL C 449 32.37 -18.98 5.63
N HIS C 450 33.57 -18.92 6.21
CA HIS C 450 34.66 -19.77 5.74
C HIS C 450 34.22 -21.22 5.61
N SER C 451 33.43 -21.70 6.56
CA SER C 451 33.00 -23.08 6.56
C SER C 451 31.87 -23.34 5.59
N GLY C 452 30.76 -22.61 5.73
CA GLY C 452 29.63 -22.83 4.85
C GLY C 452 30.02 -22.89 3.39
N LEU C 453 30.94 -22.03 2.98
CA LEU C 453 31.41 -22.03 1.61
C LEU C 453 32.06 -23.36 1.25
N ALA C 454 33.11 -23.72 1.99
CA ALA C 454 33.83 -24.96 1.72
C ALA C 454 32.90 -26.17 1.76
N TYR C 455 31.86 -26.11 2.59
CA TYR C 455 30.92 -27.22 2.67
C TYR C 455 30.13 -27.37 1.39
N THR C 456 29.37 -26.34 1.04
CA THR C 456 28.58 -26.33 -0.17
C THR C 456 29.40 -26.84 -1.36
N MET C 457 30.54 -26.20 -1.61
CA MET C 457 31.35 -26.57 -2.76
C MET C 457 31.63 -28.06 -2.81
N GLU C 458 32.06 -28.65 -1.71
CA GLU C 458 32.32 -30.08 -1.71
C GLU C 458 31.05 -30.87 -1.95
N ARG C 459 29.98 -30.54 -1.23
CA ARG C 459 28.71 -31.22 -1.42
C ARG C 459 28.32 -31.25 -2.89
N SER C 460 28.55 -30.15 -3.58
CA SER C 460 28.06 -30.02 -4.94
C SER C 460 28.93 -30.81 -5.91
N ALA C 461 30.25 -30.60 -5.89
CA ALA C 461 31.14 -31.40 -6.72
C ALA C 461 30.85 -32.87 -6.56
N ARG C 462 30.54 -33.30 -5.34
CA ARG C 462 30.18 -34.68 -5.12
C ARG C 462 28.99 -35.07 -5.99
N GLN C 463 27.95 -34.24 -6.01
CA GLN C 463 26.80 -34.50 -6.88
C GLN C 463 27.17 -34.42 -8.34
N ILE C 464 28.11 -33.54 -8.68
CA ILE C 464 28.50 -33.39 -10.08
C ILE C 464 29.24 -34.64 -10.56
N MET C 465 30.36 -34.96 -9.92
CA MET C 465 31.13 -36.12 -10.32
C MET C 465 30.30 -37.40 -10.23
N ARG C 466 29.25 -37.38 -9.43
CA ARG C 466 28.43 -38.57 -9.24
C ARG C 466 27.58 -38.85 -10.46
N THR C 467 27.12 -37.80 -11.13
CA THR C 467 26.32 -37.99 -12.33
C THR C 467 27.19 -38.13 -13.57
N ALA C 468 28.33 -37.45 -13.60
CA ALA C 468 29.24 -37.63 -14.72
C ALA C 468 29.65 -39.08 -14.89
N MET C 469 29.71 -39.82 -13.78
CA MET C 469 29.99 -41.24 -13.85
C MET C 469 28.71 -42.03 -14.12
N LYS C 470 27.57 -41.53 -13.66
CA LYS C 470 26.30 -42.19 -13.96
C LYS C 470 26.05 -42.23 -15.46
N TYR C 471 26.56 -41.25 -16.18
CA TYR C 471 26.34 -41.12 -17.61
C TYR C 471 27.63 -41.21 -18.42
N ASN C 472 28.77 -41.31 -17.75
CA ASN C 472 30.04 -41.55 -18.42
C ASN C 472 30.37 -40.40 -19.37
N LEU C 473 30.30 -39.20 -18.83
CA LEU C 473 30.68 -38.00 -19.57
C LEU C 473 32.17 -37.74 -19.52
N GLY C 474 32.91 -38.50 -18.72
CA GLY C 474 34.35 -38.33 -18.67
C GLY C 474 34.72 -36.94 -18.19
N LEU C 475 35.43 -36.21 -19.04
CA LEU C 475 35.92 -34.88 -18.72
C LEU C 475 34.90 -33.78 -18.95
N ASP C 476 33.80 -34.08 -19.64
CA ASP C 476 32.80 -33.07 -19.99
C ASP C 476 31.99 -32.76 -18.73
N LEU C 477 32.67 -32.12 -17.77
CA LEU C 477 32.00 -31.69 -16.56
C LEU C 477 30.87 -30.72 -16.85
N ARG C 478 31.07 -29.82 -17.81
CA ARG C 478 30.08 -28.79 -18.08
C ARG C 478 28.70 -29.40 -18.24
N THR C 479 28.56 -30.38 -19.13
CA THR C 479 27.28 -31.04 -19.31
C THR C 479 26.84 -31.74 -18.05
N ALA C 480 27.79 -32.20 -17.24
CA ALA C 480 27.45 -32.89 -16.01
C ALA C 480 26.74 -31.95 -15.05
N ALA C 481 27.01 -30.65 -15.17
CA ALA C 481 26.41 -29.68 -14.29
C ALA C 481 24.99 -29.36 -14.72
N TYR C 482 24.81 -28.94 -15.97
CA TYR C 482 23.50 -28.58 -16.46
C TYR C 482 22.47 -29.65 -16.17
N VAL C 483 22.87 -30.91 -16.25
CA VAL C 483 21.91 -32.00 -16.02
C VAL C 483 21.33 -31.89 -14.62
N ASN C 484 22.18 -31.64 -13.63
CA ASN C 484 21.70 -31.45 -12.27
C ASN C 484 20.79 -30.24 -12.18
N ALA C 485 21.26 -29.10 -12.68
CA ALA C 485 20.44 -27.89 -12.69
C ALA C 485 19.09 -28.16 -13.31
N ILE C 486 19.09 -28.54 -14.59
CA ILE C 486 17.83 -28.78 -15.30
C ILE C 486 16.95 -29.75 -14.52
N GLU C 487 17.57 -30.76 -13.92
CA GLU C 487 16.82 -31.77 -13.20
C GLU C 487 16.14 -31.20 -11.98
N LYS C 488 16.76 -30.19 -11.37
CA LYS C 488 16.16 -29.53 -10.22
C LYS C 488 15.08 -28.56 -10.65
N VAL C 489 15.46 -27.56 -11.44
CA VAL C 489 14.52 -26.58 -11.93
C VAL C 489 13.25 -27.25 -12.45
N PHE C 490 13.42 -28.31 -13.22
CA PHE C 490 12.29 -28.99 -13.81
C PHE C 490 11.25 -29.39 -12.76
N ARG C 491 11.72 -30.06 -11.70
CA ARG C 491 10.80 -30.52 -10.67
C ARG C 491 9.93 -29.40 -10.14
N VAL C 492 10.41 -28.16 -10.21
CA VAL C 492 9.68 -27.05 -9.63
C VAL C 492 8.50 -26.67 -10.51
N TYR C 493 8.75 -26.47 -11.80
CA TYR C 493 7.67 -26.16 -12.71
C TYR C 493 6.65 -27.28 -12.76
N ASN C 494 7.13 -28.52 -12.79
CA ASN C 494 6.23 -29.66 -12.91
C ASN C 494 5.31 -29.76 -11.71
N GLU C 495 5.88 -29.97 -10.52
CA GLU C 495 5.07 -30.11 -9.32
C GLU C 495 4.21 -28.88 -9.08
N ALA C 496 4.59 -27.73 -9.64
CA ALA C 496 3.92 -26.49 -9.35
C ALA C 496 2.64 -26.29 -10.13
N GLY C 497 2.34 -27.14 -11.11
CA GLY C 497 1.18 -26.83 -11.92
C GLY C 497 1.45 -25.74 -12.93
N VAL C 498 2.15 -26.06 -14.02
CA VAL C 498 3.05 -25.14 -14.72
C VAL C 498 2.63 -23.69 -14.59
N THR C 499 1.33 -23.44 -14.52
CA THR C 499 0.83 -22.07 -14.44
C THR C 499 -0.36 -22.02 -13.49
N PHE C 500 -0.69 -20.81 -13.07
CA PHE C 500 -1.84 -20.55 -12.22
C PHE C 500 -3.03 -20.02 -12.99
N THR C 501 -2.94 -19.96 -14.32
CA THR C 501 -4.05 -19.47 -15.12
C THR C 501 -5.13 -20.54 -15.16
N ASP D 6 7.59 42.75 17.83
CA ASP D 6 7.45 43.23 19.18
C ASP D 6 6.99 42.11 20.11
N PRO D 7 5.69 41.66 19.93
CA PRO D 7 5.29 40.58 20.84
C PRO D 7 5.29 39.22 20.15
N ASN D 8 4.97 38.18 20.91
CA ASN D 8 4.93 36.83 20.36
C ASN D 8 3.90 36.81 19.24
N PHE D 9 4.38 36.85 18.01
CA PHE D 9 3.51 36.87 16.84
C PHE D 9 2.43 35.81 16.95
N PHE D 10 2.73 34.69 17.59
CA PHE D 10 1.72 33.64 17.74
C PHE D 10 0.65 34.06 18.73
N LYS D 11 1.06 34.69 19.83
CA LYS D 11 0.08 35.11 20.82
C LYS D 11 -0.74 36.30 20.32
N MET D 12 -0.10 37.21 19.58
CA MET D 12 -0.86 38.28 18.94
C MET D 12 -2.09 37.72 18.25
N VAL D 13 -1.89 36.87 17.26
CA VAL D 13 -3.02 36.25 16.57
C VAL D 13 -3.97 35.62 17.58
N GLU D 14 -3.41 35.04 18.64
CA GLU D 14 -4.22 34.35 19.62
C GLU D 14 -5.01 35.35 20.45
N GLY D 15 -4.42 36.51 20.73
CA GLY D 15 -5.14 37.53 21.44
C GLY D 15 -6.35 38.00 20.67
N PHE D 16 -6.20 38.17 19.35
CA PHE D 16 -7.36 38.47 18.52
C PHE D 16 -8.43 37.41 18.67
N PHE D 17 -8.10 36.17 18.30
CA PHE D 17 -9.06 35.06 18.26
C PHE D 17 -9.99 35.09 19.47
N ASP D 18 -9.45 35.40 20.65
CA ASP D 18 -10.29 35.49 21.83
C ASP D 18 -11.32 36.59 21.67
N ARG D 19 -10.88 37.80 21.30
CA ARG D 19 -11.82 38.91 21.12
C ARG D 19 -13.06 38.45 20.38
N GLY D 20 -12.88 37.73 19.28
CA GLY D 20 -14.02 37.23 18.53
C GLY D 20 -14.83 36.23 19.30
N ALA D 21 -14.16 35.35 20.04
CA ALA D 21 -14.86 34.27 20.72
C ALA D 21 -15.60 34.78 21.95
N SER D 22 -15.05 35.79 22.62
CA SER D 22 -15.75 36.41 23.73
C SER D 22 -17.13 36.87 23.34
N ILE D 23 -17.35 37.14 22.07
CA ILE D 23 -18.54 37.80 21.58
C ILE D 23 -19.54 36.75 21.12
N VAL D 24 -19.08 35.88 20.22
CA VAL D 24 -19.97 34.91 19.61
C VAL D 24 -20.41 33.86 20.63
N GLU D 25 -19.67 33.71 21.72
CA GLU D 25 -20.00 32.73 22.74
C GLU D 25 -21.47 32.75 23.07
N ASP D 26 -21.99 33.93 23.39
CA ASP D 26 -23.37 34.04 23.84
C ASP D 26 -24.34 33.49 22.82
N LYS D 27 -24.38 34.09 21.63
CA LYS D 27 -25.24 33.57 20.57
C LYS D 27 -24.92 32.12 20.27
N LEU D 28 -23.64 31.77 20.37
CA LEU D 28 -23.21 30.44 19.99
C LEU D 28 -23.83 29.38 20.90
N VAL D 29 -24.06 29.75 22.16
CA VAL D 29 -24.70 28.83 23.09
C VAL D 29 -26.18 28.67 22.72
N GLU D 30 -26.82 29.78 22.35
CA GLU D 30 -28.23 29.74 21.98
C GLU D 30 -28.45 28.84 20.77
N ASP D 31 -27.62 28.95 19.75
CA ASP D 31 -27.71 28.06 18.60
C ASP D 31 -27.60 26.61 19.03
N LEU D 32 -26.66 26.30 19.91
CA LEU D 32 -26.47 24.95 20.38
C LEU D 32 -27.76 24.42 21.00
N LYS D 33 -28.27 23.32 20.44
CA LYS D 33 -29.50 22.71 20.91
C LYS D 33 -29.19 21.42 21.65
N THR D 34 -29.71 21.33 22.89
CA THR D 34 -29.48 20.17 23.73
C THR D 34 -30.32 20.27 24.99
N ARG D 35 -30.20 19.29 25.88
CA ARG D 35 -30.89 19.31 27.16
C ARG D 35 -29.96 19.64 28.32
N GLU D 36 -28.71 19.95 28.04
CA GLU D 36 -27.76 20.31 29.09
C GLU D 36 -28.23 21.55 29.85
N THR D 37 -27.60 21.77 31.00
CA THR D 37 -27.79 23.01 31.72
C THR D 37 -27.17 24.16 30.94
N GLU D 38 -27.70 25.37 31.18
CA GLU D 38 -27.21 26.55 30.49
C GLU D 38 -25.71 26.70 30.67
N GLU D 39 -25.22 26.43 31.88
CA GLU D 39 -23.79 26.54 32.14
C GLU D 39 -23.03 25.42 31.45
N GLN D 40 -23.59 24.22 31.44
CA GLN D 40 -22.91 23.10 30.81
C GLN D 40 -22.69 23.36 29.33
N LYS D 41 -23.70 23.90 28.65
CA LYS D 41 -23.50 24.31 27.27
C LYS D 41 -22.33 25.27 27.15
N ARG D 42 -22.24 26.25 28.06
CA ARG D 42 -21.10 27.16 28.03
C ARG D 42 -19.79 26.43 28.19
N ASN D 43 -19.81 25.30 28.90
CA ASN D 43 -18.58 24.52 29.06
C ASN D 43 -18.36 23.59 27.89
N ARG D 44 -19.37 23.39 27.05
CA ARG D 44 -19.16 22.69 25.80
C ARG D 44 -18.46 23.57 24.80
N VAL D 45 -18.96 24.80 24.61
CA VAL D 45 -18.40 25.69 23.62
C VAL D 45 -16.99 26.10 24.02
N ARG D 46 -16.79 26.51 25.27
CA ARG D 46 -15.47 26.94 25.71
C ARG D 46 -14.46 25.82 25.53
N SER D 47 -14.86 24.59 25.82
CA SER D 47 -13.94 23.48 25.65
C SER D 47 -13.53 23.33 24.19
N ILE D 48 -14.50 23.39 23.29
CA ILE D 48 -14.18 23.30 21.87
C ILE D 48 -13.23 24.41 21.48
N LEU D 49 -13.54 25.64 21.87
CA LEU D 49 -12.70 26.77 21.53
C LEU D 49 -11.29 26.60 22.10
N ARG D 50 -11.13 25.77 23.12
CA ARG D 50 -9.79 25.49 23.62
C ARG D 50 -9.10 24.45 22.76
N ILE D 51 -9.85 23.83 21.85
CA ILE D 51 -9.28 22.83 20.95
C ILE D 51 -8.91 23.46 19.62
N ILE D 52 -9.74 24.37 19.14
CA ILE D 52 -9.50 25.03 17.87
C ILE D 52 -8.20 25.81 17.89
N LYS D 53 -8.02 26.62 18.93
CA LYS D 53 -6.98 27.64 18.94
C LYS D 53 -5.58 27.11 18.67
N PRO D 54 -5.18 25.96 19.18
CA PRO D 54 -3.82 25.50 18.97
C PRO D 54 -3.65 24.67 17.72
N CYS D 55 -2.40 24.53 17.31
CA CYS D 55 -2.03 23.73 16.16
C CYS D 55 -1.81 22.28 16.57
N ASN D 56 -2.20 21.38 15.68
CA ASN D 56 -2.28 19.96 15.98
C ASN D 56 -1.00 19.21 15.63
N HIS D 57 -0.32 19.61 14.58
CA HIS D 57 0.91 18.97 14.17
C HIS D 57 1.94 20.03 13.82
N VAL D 58 3.15 19.83 14.33
CA VAL D 58 4.29 20.67 14.00
C VAL D 58 5.49 19.77 13.83
N LEU D 59 6.25 19.99 12.78
CA LEU D 59 7.41 19.18 12.46
C LEU D 59 8.62 20.08 12.28
N SER D 60 9.67 19.76 13.01
CA SER D 60 10.94 20.46 12.92
C SER D 60 12.00 19.45 12.50
N LEU D 61 12.70 19.75 11.42
CA LEU D 61 13.66 18.81 10.88
C LEU D 61 14.91 19.51 10.39
N SER D 62 15.95 18.72 10.19
CA SER D 62 17.27 19.20 9.83
C SER D 62 17.86 18.38 8.70
N PHE D 63 18.57 19.03 7.80
CA PHE D 63 19.05 18.44 6.56
C PHE D 63 20.55 18.49 6.46
N PRO D 64 21.17 17.40 6.12
CA PRO D 64 22.53 17.49 5.60
C PRO D 64 22.49 17.71 4.11
N ILE D 65 23.15 18.76 3.63
CA ILE D 65 23.29 18.99 2.20
C ILE D 65 24.73 19.32 1.89
N ARG D 66 25.19 18.91 0.71
CA ARG D 66 26.53 19.21 0.26
C ARG D 66 26.47 20.36 -0.73
N ARG D 67 27.31 21.36 -0.52
CA ARG D 67 27.35 22.54 -1.35
C ARG D 67 28.11 22.26 -2.64
N ASP D 68 28.31 23.34 -3.40
CA ASP D 68 29.11 23.26 -4.61
C ASP D 68 30.60 23.13 -4.29
N ASP D 69 31.05 23.81 -3.23
CA ASP D 69 32.44 23.74 -2.82
C ASP D 69 32.78 22.45 -2.07
N GLY D 70 31.89 21.47 -2.06
CA GLY D 70 32.13 20.21 -1.39
C GLY D 70 31.84 20.20 0.09
N SER D 71 31.63 21.35 0.71
CA SER D 71 31.37 21.43 2.14
C SER D 71 29.88 21.26 2.44
N TRP D 72 29.60 20.52 3.51
CA TRP D 72 28.25 20.32 3.99
C TRP D 72 27.84 21.44 4.93
N GLU D 73 26.54 21.67 5.00
CA GLU D 73 25.95 22.45 6.09
C GLU D 73 24.59 21.87 6.38
N VAL D 74 24.00 22.32 7.48
CA VAL D 74 22.70 21.84 7.90
C VAL D 74 21.67 22.94 7.69
N ILE D 75 20.42 22.51 7.56
CA ILE D 75 19.31 23.39 7.28
C ILE D 75 18.16 23.03 8.20
N GLU D 76 17.49 24.03 8.72
CA GLU D 76 16.39 23.86 9.64
C GLU D 76 15.09 24.20 8.93
N GLY D 77 14.16 23.26 8.93
CA GLY D 77 12.90 23.42 8.23
C GLY D 77 11.73 23.03 9.11
N TYR D 78 10.59 23.68 8.86
CA TYR D 78 9.41 23.56 9.68
C TYR D 78 8.19 23.33 8.80
N ARG D 79 7.14 22.77 9.39
CA ARG D 79 5.90 22.54 8.68
C ARG D 79 4.82 22.29 9.71
N ALA D 80 3.85 23.19 9.77
CA ALA D 80 2.77 23.10 10.72
C ALA D 80 1.44 22.85 10.05
N GLN D 81 0.61 22.07 10.73
CA GLN D 81 -0.79 21.87 10.37
C GLN D 81 -1.65 22.26 11.54
N HIS D 82 -2.58 23.16 11.30
CA HIS D 82 -3.38 23.72 12.36
C HIS D 82 -4.61 22.89 12.65
N SER D 83 -5.38 22.58 11.62
CA SER D 83 -6.70 22.02 11.81
C SER D 83 -6.93 20.95 10.77
N GLN D 84 -7.49 19.83 11.22
CA GLN D 84 -7.91 18.74 10.36
C GLN D 84 -9.41 18.69 10.19
N HIS D 85 -10.12 19.75 10.60
CA HIS D 85 -11.57 19.77 10.45
C HIS D 85 -11.96 19.59 9.01
N ARG D 86 -11.04 19.82 8.09
CA ARG D 86 -11.35 19.81 6.68
C ARG D 86 -10.05 19.76 5.91
N THR D 87 -9.85 18.68 5.17
CA THR D 87 -8.64 18.42 4.42
C THR D 87 -8.92 18.62 2.94
N PRO D 88 -7.88 18.89 2.16
CA PRO D 88 -6.48 19.06 2.55
C PRO D 88 -6.16 20.29 3.35
N CYS D 89 -4.94 20.29 3.86
CA CYS D 89 -4.37 21.45 4.51
C CYS D 89 -3.41 22.15 3.56
N LYS D 90 -3.39 23.48 3.64
CA LYS D 90 -2.54 24.25 2.76
C LYS D 90 -1.71 25.28 3.47
N GLY D 91 -0.82 25.86 2.68
CA GLY D 91 0.05 26.91 3.14
C GLY D 91 1.27 26.92 2.27
N GLY D 92 2.06 27.98 2.43
CA GLY D 92 3.19 28.22 1.58
C GLY D 92 4.51 27.88 2.23
N ILE D 93 5.54 27.96 1.41
CA ILE D 93 6.90 27.70 1.83
C ILE D 93 7.63 29.02 1.80
N ARG D 94 8.10 29.45 2.96
CA ARG D 94 8.79 30.71 3.12
C ARG D 94 10.27 30.46 3.35
N TYR D 95 11.10 30.97 2.45
CA TYR D 95 12.55 30.94 2.61
C TYR D 95 12.97 32.25 3.26
N SER D 96 13.55 32.16 4.44
CA SER D 96 13.98 33.34 5.17
C SER D 96 14.78 32.91 6.39
N THR D 97 15.61 33.83 6.86
CA THR D 97 16.42 33.62 8.05
C THR D 97 15.67 33.95 9.34
N ASP D 98 14.57 34.69 9.25
CA ASP D 98 13.75 34.99 10.41
C ASP D 98 12.60 34.02 10.57
N VAL D 99 12.80 32.76 10.18
CA VAL D 99 11.78 31.75 10.34
C VAL D 99 11.89 31.15 11.72
N SER D 100 10.76 30.80 12.30
CA SER D 100 10.70 30.30 13.66
C SER D 100 9.43 29.51 13.84
N VAL D 101 9.47 28.59 14.80
CA VAL D 101 8.33 27.73 15.06
C VAL D 101 7.09 28.55 15.35
N ASP D 102 7.26 29.69 16.01
CA ASP D 102 6.12 30.48 16.45
C ASP D 102 5.50 31.26 15.29
N GLU D 103 6.32 31.74 14.36
CA GLU D 103 5.78 32.37 13.16
C GLU D 103 4.98 31.38 12.34
N VAL D 104 5.47 30.15 12.26
CA VAL D 104 4.82 29.14 11.43
C VAL D 104 3.47 28.76 12.03
N LYS D 105 3.43 28.47 13.32
CA LYS D 105 2.18 28.15 13.97
C LYS D 105 1.16 29.26 13.80
N ALA D 106 1.60 30.50 13.92
CA ALA D 106 0.69 31.63 13.73
C ALA D 106 0.09 31.62 12.34
N LEU D 107 0.94 31.71 11.32
CA LEU D 107 0.45 31.83 9.96
C LEU D 107 -0.44 30.65 9.59
N ALA D 108 -0.11 29.47 10.10
CA ALA D 108 -0.97 28.31 9.88
C ALA D 108 -2.38 28.59 10.37
N SER D 109 -2.49 29.14 11.57
CA SER D 109 -3.79 29.46 12.12
C SER D 109 -4.59 30.37 11.20
N LEU D 110 -3.94 31.40 10.66
CA LEU D 110 -4.66 32.31 9.79
C LEU D 110 -5.23 31.60 8.56
N MET D 111 -4.39 30.87 7.85
CA MET D 111 -4.85 30.15 6.67
C MET D 111 -6.09 29.33 6.98
N THR D 112 -6.23 28.89 8.22
CA THR D 112 -7.40 28.11 8.60
C THR D 112 -8.63 28.98 8.66
N TYR D 113 -8.48 30.20 9.15
CA TYR D 113 -9.61 31.09 9.31
C TYR D 113 -9.92 31.80 8.01
N LYS D 114 -8.88 32.23 7.32
CA LYS D 114 -9.05 32.84 6.01
C LYS D 114 -9.85 31.94 5.08
N CYS D 115 -9.46 30.68 4.98
CA CYS D 115 -10.14 29.76 4.10
C CYS D 115 -11.60 29.58 4.47
N ALA D 116 -11.97 29.91 5.71
CA ALA D 116 -13.34 29.75 6.13
C ALA D 116 -14.16 31.00 5.83
N VAL D 117 -13.48 32.15 5.79
CA VAL D 117 -14.13 33.38 5.37
C VAL D 117 -14.64 33.26 3.95
N VAL D 118 -13.80 32.74 3.06
CA VAL D 118 -14.13 32.66 1.64
C VAL D 118 -14.62 31.27 1.25
N ASP D 119 -14.92 30.44 2.24
CA ASP D 119 -15.58 29.17 2.00
C ASP D 119 -14.82 28.30 1.01
N VAL D 120 -13.56 28.04 1.30
CA VAL D 120 -12.82 27.04 0.54
C VAL D 120 -12.51 25.86 1.45
N PRO D 121 -12.71 24.67 1.00
CA PRO D 121 -12.68 23.52 1.89
C PRO D 121 -11.29 23.08 2.31
N PHE D 122 -10.50 23.95 2.88
CA PHE D 122 -9.15 23.59 3.24
C PHE D 122 -8.86 24.00 4.67
N GLY D 123 -7.84 23.37 5.22
CA GLY D 123 -7.35 23.74 6.51
C GLY D 123 -6.15 24.63 6.37
N GLY D 124 -5.38 24.75 7.42
CA GLY D 124 -4.25 25.64 7.39
C GLY D 124 -2.93 24.94 7.64
N ALA D 125 -1.93 25.40 6.91
CA ALA D 125 -0.56 24.98 7.11
C ALA D 125 0.34 26.13 6.74
N LYS D 126 1.62 25.95 7.03
CA LYS D 126 2.65 26.88 6.65
C LYS D 126 3.99 26.23 6.91
N ALA D 127 4.92 26.43 6.01
CA ALA D 127 6.26 25.90 6.14
C ALA D 127 7.27 27.02 6.26
N GLY D 128 8.53 26.63 6.31
CA GLY D 128 9.60 27.57 6.57
C GLY D 128 10.94 26.90 6.42
N VAL D 129 11.95 27.70 6.14
CA VAL D 129 13.32 27.23 6.02
C VAL D 129 14.24 28.37 6.43
N LYS D 130 15.08 28.14 7.43
CA LYS D 130 16.10 29.12 7.79
C LYS D 130 17.14 29.10 6.69
N ILE D 131 17.05 30.10 5.83
CA ILE D 131 17.90 30.19 4.66
C ILE D 131 17.76 31.57 4.07
N ASN D 132 18.80 32.01 3.36
CA ASN D 132 18.75 33.23 2.57
C ASN D 132 19.11 32.86 1.13
N PRO D 133 18.15 32.81 0.23
CA PRO D 133 18.42 32.29 -1.12
C PRO D 133 19.50 33.04 -1.84
N LYS D 134 19.61 34.35 -1.60
CA LYS D 134 20.57 35.17 -2.32
C LYS D 134 21.98 34.65 -2.23
N ASN D 135 22.31 33.92 -1.17
CA ASN D 135 23.66 33.45 -0.94
C ASN D 135 23.95 32.13 -1.62
N TYR D 136 22.95 31.53 -2.26
CA TYR D 136 23.08 30.18 -2.80
C TYR D 136 22.76 30.20 -4.29
N THR D 137 23.28 29.21 -5.00
CA THR D 137 23.08 29.12 -6.43
C THR D 137 21.71 28.55 -6.77
N ASP D 138 21.50 28.31 -8.06
CA ASP D 138 20.31 27.61 -8.50
C ASP D 138 20.52 26.10 -8.46
N ASN D 139 21.76 25.67 -8.27
CA ASN D 139 22.02 24.24 -8.15
C ASN D 139 22.08 23.83 -6.69
N GLU D 140 22.06 24.80 -5.79
CA GLU D 140 22.01 24.51 -4.37
C GLU D 140 20.60 24.67 -3.82
N LEU D 141 19.85 25.62 -4.36
CA LEU D 141 18.46 25.79 -3.96
C LEU D 141 17.61 24.64 -4.44
N GLU D 142 18.00 24.00 -5.54
CA GLU D 142 17.23 22.90 -6.08
C GLU D 142 17.59 21.60 -5.40
N LYS D 143 18.76 21.56 -4.79
CA LYS D 143 19.22 20.39 -4.06
C LYS D 143 18.72 20.42 -2.64
N ILE D 144 18.34 21.61 -2.16
CA ILE D 144 17.62 21.75 -0.90
C ILE D 144 16.17 21.34 -1.08
N THR D 145 15.47 22.05 -1.95
CA THR D 145 14.06 21.84 -2.16
C THR D 145 13.72 20.38 -2.40
N ARG D 146 14.46 19.72 -3.29
CA ARG D 146 14.14 18.35 -3.62
C ARG D 146 14.43 17.41 -2.45
N ARG D 147 15.17 17.89 -1.46
CA ARG D 147 15.42 17.07 -0.27
C ARG D 147 14.41 17.38 0.81
N PHE D 148 14.03 18.65 0.94
CA PHE D 148 12.95 19.04 1.82
C PHE D 148 11.69 18.27 1.49
N THR D 149 11.34 18.21 0.21
CA THR D 149 10.11 17.53 -0.19
C THR D 149 10.11 16.07 0.24
N MET D 150 11.21 15.38 0.05
CA MET D 150 11.27 13.96 0.38
C MET D 150 10.93 13.73 1.85
N GLU D 151 11.68 14.37 2.73
CA GLU D 151 11.53 14.12 4.16
C GLU D 151 10.09 14.29 4.62
N LEU D 152 9.39 15.28 4.08
CA LEU D 152 8.01 15.49 4.48
C LEU D 152 7.10 14.38 3.96
N ALA D 153 7.03 14.22 2.64
CA ALA D 153 6.33 13.08 2.07
C ALA D 153 6.68 11.80 2.79
N LYS D 154 7.94 11.68 3.17
CA LYS D 154 8.42 10.49 3.86
C LYS D 154 7.79 10.38 5.25
N LYS D 155 7.10 11.43 5.70
CA LYS D 155 6.45 11.45 7.00
C LYS D 155 5.02 11.94 6.92
N GLY D 156 4.44 11.93 5.72
CA GLY D 156 3.03 12.20 5.59
C GLY D 156 2.58 13.63 5.73
N PHE D 157 3.37 14.59 5.23
CA PHE D 157 2.97 15.98 5.22
C PHE D 157 2.95 16.58 3.83
N ILE D 158 2.94 15.76 2.78
CA ILE D 158 2.76 16.24 1.42
C ILE D 158 1.92 15.22 0.70
N GLY D 159 0.96 15.70 -0.08
CA GLY D 159 0.02 14.83 -0.72
C GLY D 159 -1.21 15.55 -1.20
N PRO D 160 -1.79 15.07 -2.29
CA PRO D 160 -3.00 15.71 -2.80
C PRO D 160 -4.15 15.74 -1.82
N GLY D 161 -4.19 14.80 -0.90
CA GLY D 161 -5.34 14.63 -0.06
C GLY D 161 -5.04 14.83 1.41
N VAL D 162 -3.81 15.20 1.72
CA VAL D 162 -3.42 15.44 3.10
C VAL D 162 -2.88 16.86 3.27
N ASP D 163 -2.02 17.28 2.35
CA ASP D 163 -1.38 18.58 2.52
C ASP D 163 -0.80 19.02 1.19
N VAL D 164 -0.90 20.33 0.90
CA VAL D 164 -0.67 20.88 -0.42
C VAL D 164 0.07 22.20 -0.26
N PRO D 165 1.35 22.29 -0.60
CA PRO D 165 2.07 23.54 -0.47
C PRO D 165 1.87 24.50 -1.64
N ALA D 166 2.22 25.74 -1.41
CA ALA D 166 2.06 26.81 -2.37
C ALA D 166 3.20 27.80 -2.22
N PRO D 167 3.27 28.81 -3.07
CA PRO D 167 4.33 29.79 -2.96
C PRO D 167 4.09 30.79 -1.86
N ASP D 168 5.17 31.46 -1.45
CA ASP D 168 5.14 32.48 -0.43
C ASP D 168 6.42 33.28 -0.59
N MET D 169 6.72 34.11 0.40
CA MET D 169 7.90 34.96 0.34
C MET D 169 9.13 34.21 -0.15
N SER D 170 9.79 34.79 -1.14
CA SER D 170 11.10 34.36 -1.60
C SER D 170 11.05 33.05 -2.36
N THR D 171 9.87 32.66 -2.82
CA THR D 171 9.72 31.51 -3.70
C THR D 171 8.97 31.91 -4.95
N GLY D 172 8.68 30.91 -5.78
CA GLY D 172 8.02 31.15 -7.04
C GLY D 172 7.60 29.85 -7.68
N GLU D 173 7.51 29.90 -9.00
CA GLU D 173 7.08 28.75 -9.77
C GLU D 173 8.16 27.69 -9.88
N ARG D 174 9.42 28.08 -10.03
CA ARG D 174 10.50 27.11 -10.06
C ARG D 174 10.38 26.12 -8.91
N GLU D 175 10.41 26.62 -7.69
CA GLU D 175 10.42 25.74 -6.53
C GLU D 175 9.23 24.79 -6.55
N MET D 176 8.15 25.19 -7.20
CA MET D 176 6.99 24.32 -7.29
C MET D 176 7.19 23.28 -8.38
N SER D 177 8.00 23.61 -9.38
CA SER D 177 8.33 22.65 -10.42
C SER D 177 9.32 21.61 -9.92
N TRP D 178 9.99 21.90 -8.82
CA TRP D 178 10.99 20.99 -8.29
C TRP D 178 10.37 20.09 -7.23
N ILE D 179 9.27 20.53 -6.66
CA ILE D 179 8.54 19.72 -5.68
C ILE D 179 7.71 18.68 -6.40
N ALA D 180 7.05 19.08 -7.47
CA ALA D 180 6.19 18.18 -8.22
C ALA D 180 6.97 16.98 -8.76
N ASP D 181 8.06 17.25 -9.46
CA ASP D 181 8.82 16.17 -10.08
C ASP D 181 9.39 15.22 -9.04
N THR D 182 9.52 15.69 -7.80
CA THR D 182 10.13 14.88 -6.76
C THR D 182 9.11 13.95 -6.11
N TYR D 183 7.92 14.47 -5.83
CA TYR D 183 6.85 13.64 -5.32
C TYR D 183 6.36 12.66 -6.40
N ALA D 184 6.15 13.17 -7.61
CA ALA D 184 5.63 12.35 -8.69
C ALA D 184 6.60 11.27 -9.10
N SER D 185 7.87 11.45 -8.77
CA SER D 185 8.89 10.51 -9.24
C SER D 185 9.38 9.58 -8.14
N THR D 186 8.83 9.68 -6.93
CA THR D 186 9.16 8.76 -5.87
C THR D 186 7.88 8.07 -5.42
N ILE D 187 6.84 8.83 -5.06
CA ILE D 187 5.64 8.23 -4.48
C ILE D 187 4.47 8.34 -5.43
N GLY D 188 4.26 9.54 -5.98
CA GLY D 188 3.14 9.81 -6.85
C GLY D 188 3.05 8.95 -8.07
N HIS D 189 4.04 8.10 -8.34
CA HIS D 189 4.05 7.37 -9.60
C HIS D 189 2.76 6.61 -9.83
N TYR D 190 2.25 5.97 -8.78
CA TYR D 190 1.03 5.17 -8.90
C TYR D 190 -0.22 5.97 -8.57
N ASP D 191 -0.05 7.19 -8.08
CA ASP D 191 -1.16 8.06 -7.73
C ASP D 191 -1.57 8.80 -8.99
N ILE D 192 -2.85 8.75 -9.31
CA ILE D 192 -3.38 9.37 -10.52
C ILE D 192 -3.44 10.88 -10.35
N ASN D 193 -3.37 11.33 -9.11
CA ASN D 193 -3.50 12.74 -8.76
C ASN D 193 -2.20 13.32 -8.24
N ALA D 194 -1.06 13.01 -8.85
CA ALA D 194 0.23 13.39 -8.32
C ALA D 194 0.53 14.87 -8.51
N HIS D 195 0.03 15.45 -9.60
CA HIS D 195 0.30 16.85 -9.87
C HIS D 195 -0.57 17.78 -9.07
N ALA D 196 -1.50 17.22 -8.29
CA ALA D 196 -2.28 18.01 -7.37
C ALA D 196 -1.60 18.16 -6.04
N CYS D 197 -0.38 17.66 -5.89
CA CYS D 197 0.35 17.75 -4.65
C CYS D 197 0.82 19.14 -4.34
N VAL D 198 0.71 20.06 -5.29
CA VAL D 198 1.30 21.36 -5.14
C VAL D 198 0.61 22.31 -6.10
N THR D 199 0.53 23.57 -5.70
CA THR D 199 -0.01 24.62 -6.52
C THR D 199 1.05 25.68 -6.76
N GLY D 200 0.70 26.65 -7.58
CA GLY D 200 1.66 27.63 -8.02
C GLY D 200 2.59 27.14 -9.11
N LYS D 201 2.20 26.10 -9.82
CA LYS D 201 3.07 25.50 -10.79
C LYS D 201 3.08 26.32 -12.07
N PRO D 202 4.08 26.12 -12.91
CA PRO D 202 4.07 26.72 -14.23
C PRO D 202 2.89 26.21 -15.04
N ILE D 203 2.60 26.94 -16.11
CA ILE D 203 1.43 26.61 -16.92
C ILE D 203 1.62 25.25 -17.57
N SER D 204 2.82 24.96 -18.03
CA SER D 204 3.11 23.72 -18.71
C SER D 204 3.13 22.54 -17.77
N GLN D 205 3.03 22.78 -16.47
CA GLN D 205 3.04 21.72 -15.47
C GLN D 205 1.73 21.63 -14.72
N GLY D 206 0.69 22.34 -15.16
CA GLY D 206 -0.61 22.24 -14.55
C GLY D 206 -1.05 23.46 -13.80
N GLY D 207 -0.65 24.62 -14.27
CA GLY D 207 -0.99 25.85 -13.62
C GLY D 207 -2.22 26.50 -14.17
N ILE D 208 -2.43 27.73 -13.74
CA ILE D 208 -3.64 28.48 -14.03
C ILE D 208 -3.26 29.89 -14.47
N HIS D 209 -4.00 30.40 -15.44
CA HIS D 209 -3.89 31.81 -15.79
C HIS D 209 -4.22 32.68 -14.59
N GLY D 210 -3.47 33.76 -14.43
CA GLY D 210 -3.68 34.63 -13.29
C GLY D 210 -3.26 34.05 -11.98
N ARG D 211 -2.43 33.03 -12.02
CA ARG D 211 -1.89 32.39 -10.83
C ARG D 211 -1.46 33.41 -9.79
N ILE D 212 -0.66 34.38 -10.23
CA ILE D 212 -0.06 35.34 -9.32
C ILE D 212 -0.71 36.72 -9.41
N SER D 213 -1.03 37.20 -10.61
CA SER D 213 -1.73 38.47 -10.73
C SER D 213 -2.98 38.50 -9.88
N ALA D 214 -3.57 37.34 -9.59
CA ALA D 214 -4.89 37.31 -8.97
C ALA D 214 -4.85 37.79 -7.53
N THR D 215 -3.79 37.50 -6.81
CA THR D 215 -3.66 38.04 -5.46
C THR D 215 -3.86 39.55 -5.46
N GLY D 216 -3.08 40.27 -6.27
CA GLY D 216 -3.30 41.69 -6.43
C GLY D 216 -4.75 42.04 -6.72
N ARG D 217 -5.39 41.22 -7.55
CA ARG D 217 -6.78 41.49 -7.91
C ARG D 217 -7.71 41.23 -6.75
N GLY D 218 -7.43 40.18 -5.98
CA GLY D 218 -8.23 39.95 -4.78
C GLY D 218 -8.20 41.15 -3.87
N VAL D 219 -7.02 41.75 -3.71
CA VAL D 219 -6.89 43.01 -2.99
C VAL D 219 -7.84 44.03 -3.58
N PHE D 220 -7.66 44.34 -4.86
CA PHE D 220 -8.54 45.27 -5.55
C PHE D 220 -10.01 44.97 -5.30
N HIS D 221 -10.45 43.78 -5.69
CA HIS D 221 -11.87 43.47 -5.58
C HIS D 221 -12.35 43.56 -4.15
N GLY D 222 -11.43 43.51 -3.18
CA GLY D 222 -11.81 43.76 -1.81
C GLY D 222 -12.05 45.23 -1.56
N ILE D 223 -11.07 46.05 -1.90
CA ILE D 223 -11.22 47.50 -1.77
C ILE D 223 -12.47 47.96 -2.53
N GLU D 224 -12.58 47.57 -3.79
CA GLU D 224 -13.71 47.98 -4.60
C GLU D 224 -15.04 47.60 -3.96
N ASN D 225 -15.01 46.65 -3.02
CA ASN D 225 -16.26 46.17 -2.42
C ASN D 225 -16.60 46.90 -1.14
N PHE D 226 -15.74 47.81 -0.70
CA PHE D 226 -16.05 48.73 0.38
C PHE D 226 -16.08 50.18 -0.07
N ILE D 227 -15.25 50.55 -1.03
CA ILE D 227 -15.25 51.91 -1.55
C ILE D 227 -16.60 52.24 -2.16
N ASN D 228 -17.28 51.23 -2.68
CA ASN D 228 -18.58 51.39 -3.31
C ASN D 228 -19.69 51.64 -2.35
N GLU D 229 -19.39 51.83 -1.07
CA GLU D 229 -20.42 52.03 -0.05
C GLU D 229 -20.03 53.24 0.80
N ALA D 230 -20.81 54.32 0.70
CA ALA D 230 -20.62 55.46 1.57
C ALA D 230 -21.00 55.13 3.00
N SER D 231 -21.75 54.03 3.21
CA SER D 231 -22.12 53.61 4.54
C SER D 231 -20.95 53.68 5.52
N TYR D 232 -19.73 53.50 5.02
CA TYR D 232 -18.52 53.55 5.82
C TYR D 232 -17.58 54.69 5.45
N MET D 233 -17.55 55.07 4.18
CA MET D 233 -16.69 56.19 3.78
C MET D 233 -17.26 57.52 4.21
N SER D 234 -18.55 57.57 4.52
CA SER D 234 -19.10 58.78 5.13
C SER D 234 -18.47 59.04 6.48
N ILE D 235 -18.20 57.98 7.24
CA ILE D 235 -17.41 58.11 8.46
C ILE D 235 -16.00 58.61 8.12
N LEU D 236 -15.29 57.87 7.28
CA LEU D 236 -13.92 58.24 6.94
C LEU D 236 -13.82 59.67 6.43
N GLY D 237 -14.90 60.21 5.88
CA GLY D 237 -14.81 61.50 5.22
C GLY D 237 -14.19 61.40 3.85
N MET D 238 -14.50 60.36 3.10
CA MET D 238 -13.94 60.15 1.77
C MET D 238 -15.05 59.87 0.78
N THR D 239 -14.77 60.10 -0.49
CA THR D 239 -15.75 59.90 -1.54
C THR D 239 -15.37 58.66 -2.35
N PRO D 240 -16.33 57.85 -2.78
CA PRO D 240 -16.00 56.71 -3.62
C PRO D 240 -15.29 57.13 -4.90
N GLY D 241 -14.46 56.22 -5.42
CA GLY D 241 -13.81 56.42 -6.69
C GLY D 241 -12.31 56.26 -6.64
N PHE D 242 -11.78 55.36 -7.48
CA PHE D 242 -10.34 55.14 -7.52
C PHE D 242 -9.62 56.21 -8.33
N GLY D 243 -10.31 56.82 -9.29
CA GLY D 243 -9.73 57.95 -10.00
C GLY D 243 -9.42 59.13 -9.10
N ASP D 244 -9.87 59.06 -7.85
CA ASP D 244 -9.72 60.14 -6.89
C ASP D 244 -8.74 59.82 -5.77
N LYS D 245 -8.06 58.67 -5.84
CA LYS D 245 -7.30 58.15 -4.71
C LYS D 245 -5.82 58.08 -5.03
N THR D 246 -4.99 58.31 -4.02
CA THR D 246 -3.56 58.07 -4.07
C THR D 246 -3.20 56.99 -3.06
N PHE D 247 -2.24 56.14 -3.42
CA PHE D 247 -1.86 55.03 -2.57
C PHE D 247 -0.36 54.82 -2.65
N VAL D 248 0.15 54.14 -1.64
CA VAL D 248 1.56 53.82 -1.54
C VAL D 248 1.67 52.32 -1.25
N VAL D 249 2.86 51.79 -1.45
CA VAL D 249 3.09 50.36 -1.36
C VAL D 249 4.35 50.10 -0.56
N GLN D 250 4.30 49.09 0.31
CA GLN D 250 5.41 48.74 1.19
C GLN D 250 6.02 47.45 0.67
N GLY D 251 6.97 47.58 -0.22
CA GLY D 251 7.65 46.44 -0.78
C GLY D 251 7.06 45.99 -2.10
N PHE D 252 7.89 45.34 -2.91
CA PHE D 252 7.45 44.81 -4.20
C PHE D 252 7.63 43.31 -4.17
N GLY D 253 6.63 42.63 -3.62
CA GLY D 253 6.45 41.23 -3.86
C GLY D 253 5.71 41.03 -5.15
N ASN D 254 4.98 39.92 -5.22
CA ASN D 254 3.98 39.76 -6.27
C ASN D 254 2.72 40.55 -5.92
N VAL D 255 2.50 40.76 -4.63
CA VAL D 255 1.38 41.59 -4.20
C VAL D 255 1.64 43.04 -4.53
N GLY D 256 2.81 43.54 -4.14
CA GLY D 256 3.08 44.96 -4.30
C GLY D 256 3.03 45.42 -5.74
N LEU D 257 3.63 44.66 -6.64
CA LEU D 257 3.55 45.00 -8.06
C LEU D 257 2.14 44.85 -8.58
N HIS D 258 1.62 43.63 -8.55
CA HIS D 258 0.41 43.31 -9.29
C HIS D 258 -0.80 43.97 -8.65
N SER D 259 -0.74 44.26 -7.36
CA SER D 259 -1.75 45.10 -6.74
C SER D 259 -1.61 46.54 -7.22
N MET D 260 -0.38 46.98 -7.45
CA MET D 260 -0.14 48.35 -7.85
C MET D 260 -0.65 48.61 -9.26
N ARG D 261 -0.23 47.77 -10.22
CA ARG D 261 -0.60 48.02 -11.61
C ARG D 261 -2.08 47.76 -11.84
N TYR D 262 -2.63 46.77 -11.15
CA TYR D 262 -4.03 46.44 -11.34
C TYR D 262 -4.93 47.54 -10.77
N LEU D 263 -4.37 48.36 -9.87
CA LEU D 263 -5.03 49.60 -9.47
C LEU D 263 -4.84 50.68 -10.53
N HIS D 264 -3.59 50.90 -10.95
CA HIS D 264 -3.27 51.95 -11.90
C HIS D 264 -4.22 51.95 -13.10
N ARG D 265 -4.78 50.78 -13.43
CA ARG D 265 -5.68 50.69 -14.58
C ARG D 265 -6.93 51.53 -14.39
N PHE D 266 -7.39 51.69 -13.15
CA PHE D 266 -8.63 52.42 -12.87
C PHE D 266 -8.39 53.72 -12.13
N GLY D 267 -7.36 54.47 -12.49
CA GLY D 267 -7.20 55.83 -12.03
C GLY D 267 -6.66 55.98 -10.64
N ALA D 268 -6.28 54.91 -9.98
CA ALA D 268 -5.64 55.01 -8.69
C ALA D 268 -4.18 55.40 -8.86
N LYS D 269 -3.79 56.50 -8.23
CA LYS D 269 -2.48 57.12 -8.41
C LYS D 269 -1.55 56.61 -7.32
N CYS D 270 -0.39 56.09 -7.71
CA CYS D 270 0.64 55.81 -6.73
C CYS D 270 1.53 57.03 -6.58
N ILE D 271 1.97 57.29 -5.35
CA ILE D 271 2.86 58.40 -5.09
C ILE D 271 4.22 57.97 -4.58
N THR D 272 4.32 56.86 -3.86
CA THR D 272 5.63 56.28 -3.58
C THR D 272 5.52 54.79 -3.37
N VAL D 273 6.67 54.19 -3.08
CA VAL D 273 6.84 52.77 -2.86
C VAL D 273 8.12 52.59 -2.07
N GLY D 274 8.16 51.56 -1.25
CA GLY D 274 9.30 51.32 -0.39
C GLY D 274 9.72 49.87 -0.40
N GLU D 275 10.98 49.66 -0.76
CA GLU D 275 11.61 48.36 -0.72
C GLU D 275 12.44 48.23 0.56
N SER D 276 13.14 47.12 0.69
CA SER D 276 13.91 46.87 1.90
C SER D 276 15.14 47.76 1.96
N ASP D 277 15.45 48.47 0.88
CA ASP D 277 16.68 49.24 0.77
C ASP D 277 16.44 50.73 0.65
N GLY D 278 15.20 51.18 0.59
CA GLY D 278 14.90 52.60 0.54
C GLY D 278 13.62 52.87 -0.21
N SER D 279 13.00 53.98 0.14
CA SER D 279 11.76 54.41 -0.48
C SER D 279 12.04 55.33 -1.66
N ILE D 280 10.98 55.67 -2.39
CA ILE D 280 11.08 56.59 -3.51
C ILE D 280 9.70 57.17 -3.76
N TRP D 281 9.65 58.49 -3.95
CA TRP D 281 8.39 59.22 -3.96
C TRP D 281 8.35 60.17 -5.14
N ASN D 282 7.17 60.29 -5.74
CA ASN D 282 6.95 61.24 -6.84
C ASN D 282 5.47 61.59 -6.80
N PRO D 283 5.11 62.76 -6.26
CA PRO D 283 3.69 63.10 -6.12
C PRO D 283 2.93 63.16 -7.44
N ASP D 284 3.62 63.35 -8.56
CA ASP D 284 2.97 63.41 -9.87
C ASP D 284 2.54 62.04 -10.37
N GLY D 285 2.93 60.98 -9.69
CA GLY D 285 2.56 59.64 -10.10
C GLY D 285 3.79 58.79 -10.39
N ILE D 286 3.57 57.50 -10.53
CA ILE D 286 4.61 56.53 -10.86
C ILE D 286 4.01 55.48 -11.78
N ASP D 287 4.81 55.00 -12.73
CA ASP D 287 4.31 54.11 -13.78
C ASP D 287 4.80 52.69 -13.50
N PRO D 288 3.92 51.77 -13.11
CA PRO D 288 4.41 50.42 -12.76
C PRO D 288 5.01 49.68 -13.94
N LYS D 289 4.52 49.93 -15.14
CA LYS D 289 5.16 49.37 -16.33
C LYS D 289 6.61 49.81 -16.38
N GLU D 290 6.86 51.11 -16.31
CA GLU D 290 8.21 51.64 -16.22
C GLU D 290 8.98 51.04 -15.04
N LEU D 291 8.28 50.62 -14.00
CA LEU D 291 8.98 50.16 -12.79
C LEU D 291 9.58 48.77 -13.01
N GLU D 292 8.84 47.89 -13.68
CA GLU D 292 9.41 46.58 -14.01
C GLU D 292 10.67 46.73 -14.86
N ASP D 293 10.82 47.86 -15.54
CA ASP D 293 11.94 48.02 -16.46
C ASP D 293 13.26 48.03 -15.71
N PHE D 294 13.40 48.93 -14.73
CA PHE D 294 14.65 48.98 -13.97
C PHE D 294 14.87 47.72 -13.16
N LYS D 295 13.79 47.04 -12.77
CA LYS D 295 13.92 45.84 -11.96
C LYS D 295 14.58 44.72 -12.75
N LEU D 296 14.46 44.76 -14.07
CA LEU D 296 15.13 43.78 -14.91
C LEU D 296 16.55 44.22 -15.22
N GLN D 297 16.80 45.53 -15.18
CA GLN D 297 18.09 46.09 -15.54
C GLN D 297 18.93 46.49 -14.33
N HIS D 298 18.32 46.66 -13.15
CA HIS D 298 19.04 47.13 -11.98
C HIS D 298 18.83 46.30 -10.72
N GLY D 299 17.66 45.68 -10.53
CA GLY D 299 17.34 44.96 -9.32
C GLY D 299 16.63 45.78 -8.26
N THR D 300 17.02 47.03 -8.05
CA THR D 300 16.39 47.86 -7.04
C THR D 300 15.70 49.05 -7.68
N ILE D 301 14.92 49.77 -6.86
CA ILE D 301 14.20 50.94 -7.35
C ILE D 301 14.98 52.23 -7.14
N LEU D 302 15.91 52.24 -6.19
CA LEU D 302 16.77 53.40 -6.01
C LEU D 302 17.63 53.60 -7.25
N GLY D 303 17.47 54.74 -7.90
CA GLY D 303 18.04 54.99 -9.20
C GLY D 303 17.03 55.12 -10.32
N PHE D 304 15.76 54.92 -10.03
CA PHE D 304 14.71 55.12 -11.01
C PHE D 304 14.68 56.59 -11.39
N PRO D 305 14.73 56.94 -12.67
CA PRO D 305 14.85 58.36 -13.04
C PRO D 305 13.60 59.21 -12.83
N LYS D 306 12.41 58.63 -12.98
CA LYS D 306 11.18 59.42 -12.90
C LYS D 306 10.57 59.41 -11.50
N ALA D 307 11.41 59.35 -10.47
CA ALA D 307 10.92 59.49 -9.12
C ALA D 307 12.08 59.90 -8.22
N LYS D 308 11.75 60.57 -7.12
CA LYS D 308 12.75 61.11 -6.21
C LYS D 308 12.91 60.17 -5.03
N ILE D 309 14.17 59.83 -4.72
CA ILE D 309 14.45 59.00 -3.56
C ILE D 309 13.84 59.65 -2.33
N TYR D 310 13.00 58.90 -1.63
CA TYR D 310 12.22 59.45 -0.53
C TYR D 310 12.86 59.07 0.79
N GLU D 311 13.22 60.09 1.57
CA GLU D 311 13.84 59.89 2.87
C GLU D 311 12.76 59.71 3.93
N GLY D 312 12.69 58.52 4.51
CA GLY D 312 11.73 58.21 5.53
C GLY D 312 10.92 56.97 5.19
N SER D 313 10.26 56.44 6.21
CA SER D 313 9.42 55.25 6.03
C SER D 313 8.16 55.58 5.25
N ILE D 314 7.78 54.65 4.36
CA ILE D 314 6.53 54.81 3.63
C ILE D 314 5.39 55.07 4.60
N LEU D 315 5.42 54.40 5.75
CA LEU D 315 4.38 54.55 6.76
C LEU D 315 4.20 55.98 7.22
N GLU D 316 5.15 56.87 6.92
CA GLU D 316 5.06 58.27 7.28
C GLU D 316 4.64 59.15 6.11
N VAL D 317 4.09 58.57 5.06
CA VAL D 317 3.73 59.31 3.85
C VAL D 317 2.26 59.67 3.90
N ASP D 318 1.96 60.93 3.58
CA ASP D 318 0.58 61.35 3.41
C ASP D 318 0.01 60.71 2.15
N CYS D 319 -1.18 60.12 2.29
CA CYS D 319 -1.82 59.39 1.22
C CYS D 319 -3.28 59.20 1.59
N ASP D 320 -3.99 58.42 0.79
CA ASP D 320 -5.39 58.07 1.07
C ASP D 320 -5.54 56.60 1.44
N ILE D 321 -4.66 55.74 0.95
CA ILE D 321 -4.72 54.30 1.21
C ILE D 321 -3.30 53.79 1.34
N LEU D 322 -3.03 53.04 2.39
CA LEU D 322 -1.70 52.53 2.70
C LEU D 322 -1.68 51.01 2.54
N ILE D 323 -0.87 50.53 1.60
CA ILE D 323 -0.80 49.10 1.31
C ILE D 323 0.46 48.49 1.88
N PRO D 324 0.42 47.95 3.11
CA PRO D 324 1.56 47.16 3.60
C PRO D 324 1.58 45.78 2.98
N ALA D 325 2.69 45.48 2.30
CA ALA D 325 2.79 44.23 1.55
C ALA D 325 4.12 43.53 1.81
N ALA D 326 5.00 44.18 2.57
CA ALA D 326 6.36 43.67 2.73
C ALA D 326 6.40 42.48 3.68
N SER D 327 6.06 42.71 4.95
CA SER D 327 6.17 41.67 5.95
C SER D 327 5.38 42.08 7.18
N GLU D 328 4.97 41.08 7.95
CA GLU D 328 4.19 41.33 9.15
C GLU D 328 4.98 42.20 10.12
N LYS D 329 4.27 42.78 11.08
CA LYS D 329 4.82 43.59 12.17
C LYS D 329 5.30 44.93 11.66
N GLN D 330 4.92 45.32 10.44
CA GLN D 330 5.53 46.50 9.82
C GLN D 330 5.03 47.78 10.48
N LEU D 331 3.82 47.74 11.03
CA LEU D 331 3.20 48.91 11.64
C LEU D 331 2.88 48.61 13.10
N THR D 332 3.47 49.38 14.01
CA THR D 332 3.34 49.15 15.44
C THR D 332 2.76 50.38 16.12
N LYS D 333 2.71 50.32 17.45
CA LYS D 333 2.14 51.41 18.24
C LYS D 333 3.09 52.59 18.33
N SER D 334 4.39 52.35 18.16
CA SER D 334 5.36 53.43 18.18
C SER D 334 5.17 54.43 17.05
N ASN D 335 4.46 54.05 15.99
CA ASN D 335 4.27 54.91 14.84
C ASN D 335 2.82 54.96 14.37
N ALA D 336 1.95 54.10 14.86
CA ALA D 336 0.55 54.14 14.46
C ALA D 336 -0.05 55.52 14.55
N PRO D 337 0.19 56.31 15.61
CA PRO D 337 -0.43 57.65 15.68
C PRO D 337 -0.12 58.51 14.48
N ARG D 338 0.95 58.18 13.74
CA ARG D 338 1.36 58.95 12.56
C ARG D 338 0.92 58.27 11.27
N VAL D 339 -0.28 57.71 11.27
CA VAL D 339 -0.80 56.96 10.13
C VAL D 339 -0.79 57.86 8.89
N LYS D 340 -1.29 59.08 9.02
CA LYS D 340 -1.31 60.04 7.91
C LYS D 340 -2.15 59.53 6.74
N ALA D 341 -2.98 58.52 7.01
CA ALA D 341 -3.75 57.88 5.95
C ALA D 341 -5.06 57.39 6.55
N LYS D 342 -6.06 57.29 5.69
CA LYS D 342 -7.44 57.06 6.09
C LYS D 342 -7.83 55.59 6.09
N ILE D 343 -7.37 54.83 5.11
CA ILE D 343 -7.63 53.41 5.05
C ILE D 343 -6.29 52.69 5.03
N ILE D 344 -6.25 51.52 5.65
CA ILE D 344 -5.10 50.64 5.58
C ILE D 344 -5.60 49.28 5.13
N ALA D 345 -4.83 48.63 4.27
CA ALA D 345 -5.26 47.38 3.65
C ALA D 345 -4.13 46.37 3.81
N GLU D 346 -4.31 45.45 4.75
CA GLU D 346 -3.25 44.54 5.16
C GLU D 346 -3.11 43.44 4.12
N GLY D 347 -2.23 43.67 3.16
CA GLY D 347 -1.83 42.65 2.23
C GLY D 347 -0.58 41.92 2.70
N ALA D 348 -0.33 41.91 4.02
CA ALA D 348 0.96 41.46 4.51
C ALA D 348 0.86 40.64 5.80
N ASN D 349 -0.18 39.81 5.92
CA ASN D 349 -0.20 38.75 6.92
C ASN D 349 0.09 39.27 8.33
N GLY D 350 -0.66 40.29 8.74
CA GLY D 350 -0.57 40.80 10.08
C GLY D 350 0.54 41.78 10.26
N PRO D 351 0.56 42.82 9.41
CA PRO D 351 1.51 43.92 9.63
C PRO D 351 1.23 44.69 10.90
N THR D 352 -0.01 44.86 11.28
CA THR D 352 -0.42 45.70 12.39
C THR D 352 -0.39 44.91 13.70
N THR D 353 -0.93 45.53 14.75
CA THR D 353 -0.87 45.01 16.09
C THR D 353 -2.21 45.16 16.78
N PRO D 354 -2.38 44.54 17.95
CA PRO D 354 -3.60 44.78 18.72
C PRO D 354 -3.70 46.20 19.24
N GLU D 355 -2.55 46.80 19.57
CA GLU D 355 -2.53 48.19 19.98
C GLU D 355 -2.88 49.11 18.81
N ALA D 356 -2.12 49.01 17.71
CA ALA D 356 -2.45 49.78 16.53
C ALA D 356 -3.94 49.77 16.26
N ASP D 357 -4.54 48.58 16.31
CA ASP D 357 -6.00 48.47 16.19
C ASP D 357 -6.70 49.41 17.15
N LYS D 358 -6.22 49.47 18.39
CA LYS D 358 -6.78 50.38 19.38
C LYS D 358 -6.62 51.83 18.91
N ILE D 359 -5.41 52.18 18.46
CA ILE D 359 -5.18 53.52 17.93
C ILE D 359 -6.15 53.81 16.79
N PHE D 360 -6.27 52.86 15.86
CA PHE D 360 -6.96 53.14 14.61
C PHE D 360 -8.48 53.13 14.78
N LEU D 361 -9.00 52.51 15.84
CA LEU D 361 -10.39 52.74 16.20
C LEU D 361 -10.57 54.14 16.76
N GLU D 362 -9.66 54.57 17.64
CA GLU D 362 -9.75 55.91 18.19
C GLU D 362 -9.66 56.96 17.09
N ARG D 363 -8.73 56.79 16.16
CA ARG D 363 -8.54 57.72 15.05
C ARG D 363 -9.58 57.55 13.95
N ASN D 364 -10.52 56.62 14.10
CA ASN D 364 -11.45 56.30 13.02
C ASN D 364 -10.71 56.03 11.73
N ILE D 365 -9.88 54.98 11.75
CA ILE D 365 -9.16 54.53 10.57
C ILE D 365 -9.69 53.17 10.17
N MET D 366 -10.19 53.07 8.94
CA MET D 366 -10.61 51.79 8.39
C MET D 366 -9.38 50.94 8.13
N VAL D 367 -9.33 49.75 8.74
CA VAL D 367 -8.27 48.80 8.50
C VAL D 367 -8.91 47.57 7.86
N ILE D 368 -8.44 47.22 6.67
CA ILE D 368 -8.93 46.05 5.96
C ILE D 368 -8.05 44.87 6.39
N PRO D 369 -8.62 43.81 6.94
CA PRO D 369 -7.79 42.74 7.50
C PRO D 369 -7.18 41.86 6.43
N ASP D 370 -6.03 41.28 6.77
CA ASP D 370 -5.50 40.20 5.95
C ASP D 370 -6.61 39.26 5.52
N LEU D 371 -7.33 38.71 6.47
CA LEU D 371 -8.52 37.95 6.16
C LEU D 371 -9.38 38.71 5.17
N TYR D 372 -9.97 37.98 4.24
CA TYR D 372 -10.82 38.52 3.20
C TYR D 372 -10.08 39.41 2.21
N LEU D 373 -8.81 39.70 2.46
CA LEU D 373 -8.11 40.61 1.56
C LEU D 373 -6.99 39.91 0.81
N ASN D 374 -6.28 39.01 1.49
CA ASN D 374 -5.25 38.19 0.87
C ASN D 374 -5.79 36.82 0.49
N ALA D 375 -7.09 36.69 0.38
CA ALA D 375 -7.71 35.42 0.07
C ALA D 375 -7.90 35.21 -1.42
N GLY D 376 -7.20 35.98 -2.25
CA GLY D 376 -7.22 35.79 -3.67
C GLY D 376 -6.35 34.64 -4.08
N GLY D 377 -5.13 34.62 -3.57
CA GLY D 377 -4.18 33.60 -3.92
C GLY D 377 -4.59 32.22 -3.46
N VAL D 378 -5.66 32.14 -2.67
CA VAL D 378 -6.13 30.86 -2.17
C VAL D 378 -7.20 30.29 -3.10
N THR D 379 -8.25 31.05 -3.37
CA THR D 379 -9.27 30.59 -4.29
C THR D 379 -8.67 30.11 -5.60
N VAL D 380 -7.75 30.88 -6.15
CA VAL D 380 -7.10 30.48 -7.38
C VAL D 380 -6.43 29.12 -7.20
N SER D 381 -5.65 28.97 -6.14
CA SER D 381 -5.02 27.70 -5.87
C SER D 381 -6.04 26.62 -5.59
N TYR D 382 -7.29 26.99 -5.34
CA TYR D 382 -8.36 26.01 -5.23
C TYR D 382 -8.85 25.61 -6.61
N PHE D 383 -8.68 26.49 -7.58
CA PHE D 383 -9.09 26.18 -8.94
C PHE D 383 -8.00 25.44 -9.69
N GLU D 384 -6.77 25.52 -9.18
CA GLU D 384 -5.66 24.78 -9.79
C GLU D 384 -5.59 23.37 -9.24
N TRP D 385 -6.09 23.18 -8.04
CA TRP D 385 -6.17 21.86 -7.43
C TRP D 385 -7.29 21.06 -8.08
N LEU D 386 -8.36 21.74 -8.48
CA LEU D 386 -9.43 21.09 -9.21
C LEU D 386 -9.02 20.74 -10.62
N ASN D 387 -8.56 21.73 -11.38
CA ASN D 387 -8.08 21.50 -12.74
C ASN D 387 -7.29 20.21 -12.83
N ASN D 388 -6.51 19.91 -11.80
CA ASN D 388 -5.60 18.78 -11.84
C ASN D 388 -6.22 17.54 -11.23
N LEU D 389 -7.44 17.63 -10.73
CA LEU D 389 -8.17 16.44 -10.30
C LEU D 389 -9.17 16.01 -11.34
N ASN D 390 -9.54 16.91 -12.24
CA ASN D 390 -10.53 16.61 -13.26
C ASN D 390 -9.85 16.31 -14.59
N HIS D 391 -8.56 16.56 -14.68
CA HIS D 391 -7.75 16.12 -15.80
C HIS D 391 -8.30 16.64 -17.12
N VAL D 392 -8.73 17.89 -17.12
CA VAL D 392 -9.30 18.47 -18.32
C VAL D 392 -9.37 19.98 -18.21
N SER D 393 -9.17 20.65 -19.33
CA SER D 393 -9.40 22.08 -19.40
C SER D 393 -10.87 22.37 -19.23
N TYR D 394 -11.19 23.44 -18.52
CA TYR D 394 -12.57 23.76 -18.24
C TYR D 394 -13.29 24.15 -19.51
N GLY D 395 -14.44 23.52 -19.75
CA GLY D 395 -15.31 23.87 -20.83
C GLY D 395 -14.95 23.26 -22.16
N ARG D 396 -13.74 22.73 -22.31
CA ARG D 396 -13.29 22.19 -23.58
C ARG D 396 -14.38 21.36 -24.25
N LEU D 397 -15.11 20.60 -23.46
CA LEU D 397 -16.03 19.62 -24.01
C LEU D 397 -17.24 20.27 -24.67
N THR D 398 -17.49 21.56 -24.38
CA THR D 398 -18.74 22.19 -24.73
C THR D 398 -18.58 23.46 -25.55
N PHE D 399 -17.35 23.90 -25.81
CA PHE D 399 -17.16 25.15 -26.51
C PHE D 399 -17.94 25.19 -27.80
N LYS D 400 -17.93 24.11 -28.56
CA LYS D 400 -18.61 24.11 -29.85
C LYS D 400 -20.10 23.88 -29.70
N TYR D 401 -20.49 23.10 -28.69
CA TYR D 401 -21.90 22.82 -28.48
C TYR D 401 -22.62 24.04 -27.91
N GLU D 402 -22.06 24.63 -26.87
CA GLU D 402 -22.66 25.82 -26.27
C GLU D 402 -22.68 26.98 -27.26
N ARG D 403 -21.74 27.00 -28.19
CA ARG D 403 -21.65 28.12 -29.12
C ARG D 403 -22.87 28.19 -30.00
N ASP D 404 -23.18 27.10 -30.70
CA ASP D 404 -24.28 27.08 -31.64
C ASP D 404 -25.63 26.87 -30.98
N SER D 405 -25.67 26.16 -29.85
CA SER D 405 -26.90 26.11 -29.06
C SER D 405 -27.43 27.51 -28.79
N ASN D 406 -26.56 28.48 -28.58
CA ASN D 406 -27.00 29.85 -28.41
C ASN D 406 -27.34 30.48 -29.74
N TYR D 407 -26.76 29.97 -30.81
CA TYR D 407 -27.07 30.47 -32.14
C TYR D 407 -28.37 29.90 -32.66
N HIS D 408 -28.73 28.69 -32.21
CA HIS D 408 -30.02 28.12 -32.60
C HIS D 408 -31.12 28.69 -31.73
N LEU D 409 -30.76 29.28 -30.61
CA LEU D 409 -31.74 29.95 -29.78
C LEU D 409 -32.20 31.25 -30.42
N LEU D 410 -31.23 32.07 -30.84
CA LEU D 410 -31.56 33.34 -31.45
C LEU D 410 -32.35 33.16 -32.75
N MET D 411 -32.12 32.06 -33.45
CA MET D 411 -32.88 31.80 -34.65
C MET D 411 -34.31 31.41 -34.31
N SER D 412 -34.52 30.86 -33.12
CA SER D 412 -35.86 30.49 -32.71
C SER D 412 -36.65 31.71 -32.30
N VAL D 413 -35.97 32.75 -31.83
CA VAL D 413 -36.59 34.05 -31.66
C VAL D 413 -36.86 34.68 -33.01
N GLN D 414 -35.81 34.81 -33.82
CA GLN D 414 -35.94 35.45 -35.12
C GLN D 414 -37.06 34.83 -35.93
N GLU D 415 -37.09 33.51 -36.02
CA GLU D 415 -37.98 32.85 -36.95
C GLU D 415 -39.41 32.89 -36.45
N SER D 416 -39.59 32.89 -35.13
CA SER D 416 -40.93 32.99 -34.58
C SER D 416 -41.47 34.40 -34.70
N LEU D 417 -40.60 35.39 -34.56
CA LEU D 417 -41.02 36.76 -34.73
C LEU D 417 -41.38 37.04 -36.18
N GLU D 418 -40.46 36.82 -37.10
CA GLU D 418 -40.79 36.86 -38.52
C GLU D 418 -42.11 36.14 -38.79
N ARG D 419 -42.29 34.97 -38.20
CA ARG D 419 -43.45 34.14 -38.50
C ARG D 419 -44.74 34.93 -38.33
N LYS D 420 -44.75 35.85 -37.37
CA LYS D 420 -45.95 36.61 -37.08
C LYS D 420 -45.99 37.90 -37.88
N PHE D 421 -44.94 38.71 -37.75
CA PHE D 421 -44.85 39.97 -38.45
C PHE D 421 -44.30 39.80 -39.86
N GLY D 422 -43.20 39.06 -40.00
CA GLY D 422 -42.64 38.82 -41.31
C GLY D 422 -42.56 40.08 -42.16
N LYS D 423 -43.30 40.07 -43.25
CA LYS D 423 -43.35 41.15 -44.22
C LYS D 423 -43.43 42.53 -43.57
N HIS D 424 -44.05 42.60 -42.38
CA HIS D 424 -44.18 43.87 -41.68
C HIS D 424 -42.88 44.65 -41.69
N GLY D 425 -41.78 43.98 -41.37
CA GLY D 425 -40.48 44.60 -41.39
C GLY D 425 -39.48 43.76 -42.17
N GLY D 426 -39.96 42.71 -42.82
CA GLY D 426 -39.11 41.86 -43.64
C GLY D 426 -38.41 40.80 -42.82
N THR D 427 -37.09 40.83 -42.80
CA THR D 427 -36.29 39.95 -41.97
C THR D 427 -35.74 40.73 -40.79
N ILE D 428 -35.67 40.05 -39.65
CA ILE D 428 -35.26 40.68 -38.41
C ILE D 428 -33.99 39.99 -37.93
N PRO D 429 -32.82 40.47 -38.30
CA PRO D 429 -31.60 39.81 -37.86
C PRO D 429 -31.40 39.92 -36.35
N ILE D 430 -31.33 38.78 -35.70
CA ILE D 430 -30.99 38.72 -34.28
C ILE D 430 -29.57 38.22 -34.19
N VAL D 431 -28.66 39.11 -33.84
CA VAL D 431 -27.23 38.76 -33.80
C VAL D 431 -26.65 39.20 -32.47
N PRO D 432 -25.57 38.58 -32.07
CA PRO D 432 -24.92 38.95 -30.81
C PRO D 432 -24.52 40.41 -30.80
N THR D 433 -24.17 40.87 -29.61
CA THR D 433 -23.47 42.13 -29.45
C THR D 433 -21.97 41.91 -29.64
N ALA D 434 -21.20 42.90 -29.22
CA ALA D 434 -19.76 42.77 -29.26
C ALA D 434 -19.26 41.76 -28.23
N GLU D 435 -19.55 42.02 -26.96
CA GLU D 435 -19.00 41.20 -25.89
C GLU D 435 -19.63 39.80 -25.83
N PHE D 436 -20.93 39.68 -26.11
CA PHE D 436 -21.52 38.35 -26.12
C PHE D 436 -20.88 37.49 -27.19
N GLN D 437 -20.46 38.10 -28.29
CA GLN D 437 -19.74 37.36 -29.32
C GLN D 437 -18.44 36.81 -28.76
N ASP D 438 -17.94 37.41 -27.68
CA ASP D 438 -16.76 36.89 -27.03
C ASP D 438 -17.13 35.80 -26.05
N ARG D 439 -18.37 35.80 -25.59
CA ARG D 439 -18.83 34.89 -24.55
C ARG D 439 -19.89 33.92 -25.03
N ILE D 440 -19.96 33.68 -26.33
CA ILE D 440 -21.01 32.82 -26.88
C ILE D 440 -20.59 31.37 -26.86
N SER D 441 -19.29 31.11 -26.92
CA SER D 441 -18.77 29.75 -26.94
C SER D 441 -18.69 29.11 -25.56
N GLY D 442 -18.90 29.88 -24.50
CA GLY D 442 -18.83 29.37 -23.15
C GLY D 442 -17.61 29.88 -22.41
N ALA D 443 -17.45 29.37 -21.20
CA ALA D 443 -16.42 29.86 -20.29
C ALA D 443 -15.07 29.22 -20.57
N SER D 444 -14.04 30.06 -20.70
CA SER D 444 -12.66 29.60 -20.72
C SER D 444 -12.02 29.85 -19.36
N GLU D 445 -10.99 29.07 -19.05
CA GLU D 445 -10.37 29.17 -17.73
C GLU D 445 -10.10 30.62 -17.35
N LYS D 446 -9.61 31.41 -18.30
CA LYS D 446 -9.34 32.81 -18.01
C LYS D 446 -10.60 33.52 -17.52
N ASP D 447 -11.76 33.00 -17.86
CA ASP D 447 -13.01 33.68 -17.54
C ASP D 447 -13.59 33.16 -16.24
N ILE D 448 -13.55 31.85 -16.05
CA ILE D 448 -13.93 31.26 -14.78
C ILE D 448 -13.16 31.91 -13.63
N VAL D 449 -11.84 31.96 -13.77
CA VAL D 449 -11.00 32.55 -12.74
C VAL D 449 -11.44 33.98 -12.44
N HIS D 450 -11.32 34.85 -13.44
CA HIS D 450 -11.64 36.27 -13.23
C HIS D 450 -12.96 36.44 -12.52
N SER D 451 -13.95 35.64 -12.89
CA SER D 451 -15.29 35.77 -12.32
C SER D 451 -15.39 35.14 -10.95
N GLY D 452 -15.07 33.86 -10.83
CA GLY D 452 -15.18 33.18 -9.55
C GLY D 452 -14.55 33.97 -8.43
N LEU D 453 -13.41 34.59 -8.69
CA LEU D 453 -12.74 35.40 -7.69
C LEU D 453 -13.62 36.57 -7.26
N ALA D 454 -13.99 37.42 -8.22
CA ALA D 454 -14.81 38.58 -7.91
C ALA D 454 -16.12 38.19 -7.22
N TYR D 455 -16.64 37.00 -7.54
CA TYR D 455 -17.88 36.56 -6.92
C TYR D 455 -17.67 36.29 -5.44
N THR D 456 -16.80 35.34 -5.14
CA THR D 456 -16.50 34.99 -3.76
C THR D 456 -16.28 36.24 -2.91
N MET D 457 -15.35 37.09 -3.33
CA MET D 457 -15.00 38.27 -2.56
C MET D 457 -16.24 39.08 -2.19
N GLU D 458 -17.11 39.36 -3.16
CA GLU D 458 -18.32 40.11 -2.85
C GLU D 458 -19.22 39.35 -1.90
N ARG D 459 -19.46 38.08 -2.19
CA ARG D 459 -20.29 37.25 -1.32
C ARG D 459 -19.82 37.34 0.12
N SER D 460 -18.50 37.33 0.32
CA SER D 460 -17.96 37.26 1.66
C SER D 460 -18.06 38.59 2.38
N ALA D 461 -17.58 39.66 1.76
CA ALA D 461 -17.73 40.99 2.36
C ALA D 461 -19.18 41.24 2.76
N ARG D 462 -20.11 40.76 1.95
CA ARG D 462 -21.52 40.88 2.30
C ARG D 462 -21.80 40.22 3.65
N GLN D 463 -21.29 39.00 3.85
CA GLN D 463 -21.45 38.33 5.13
C GLN D 463 -20.70 39.06 6.23
N ILE D 464 -19.56 39.66 5.90
CA ILE D 464 -18.77 40.36 6.90
C ILE D 464 -19.51 41.59 7.39
N MET D 465 -19.79 42.53 6.49
CA MET D 465 -20.47 43.76 6.86
C MET D 465 -21.83 43.46 7.48
N ARG D 466 -22.39 42.29 7.20
CA ARG D 466 -23.71 41.96 7.70
C ARG D 466 -23.67 41.65 9.19
N THR D 467 -22.58 41.05 9.66
CA THR D 467 -22.45 40.76 11.08
C THR D 467 -21.88 41.93 11.85
N ALA D 468 -21.00 42.71 11.22
CA ALA D 468 -20.48 43.90 11.87
C ALA D 468 -21.60 44.84 12.28
N MET D 469 -22.69 44.84 11.50
CA MET D 469 -23.86 45.63 11.86
C MET D 469 -24.74 44.87 12.83
N LYS D 470 -24.75 43.54 12.75
CA LYS D 470 -25.52 42.74 13.70
C LYS D 470 -25.01 42.97 15.11
N TYR D 471 -23.73 43.28 15.26
CA TYR D 471 -23.10 43.45 16.56
C TYR D 471 -22.54 44.85 16.76
N ASN D 472 -22.63 45.70 15.75
CA ASN D 472 -22.28 47.10 15.90
C ASN D 472 -20.81 47.25 16.25
N LEU D 473 -19.97 46.60 15.46
CA LEU D 473 -18.52 46.70 15.61
C LEU D 473 -17.96 47.92 14.90
N GLY D 474 -18.78 48.62 14.13
CA GLY D 474 -18.31 49.81 13.45
C GLY D 474 -17.19 49.49 12.49
N LEU D 475 -16.03 50.09 12.73
CA LEU D 475 -14.87 49.95 11.86
C LEU D 475 -14.05 48.71 12.16
N ASP D 476 -14.29 48.05 13.30
CA ASP D 476 -13.50 46.90 13.70
C ASP D 476 -13.91 45.70 12.85
N LEU D 477 -13.57 45.79 11.56
CA LEU D 477 -13.84 44.69 10.65
C LEU D 477 -13.12 43.42 11.08
N ARG D 478 -11.90 43.55 11.57
CA ARG D 478 -11.12 42.38 11.91
C ARG D 478 -11.92 41.41 12.78
N THR D 479 -12.46 41.91 13.88
CA THR D 479 -13.27 41.07 14.74
C THR D 479 -14.50 40.58 14.03
N ALA D 480 -15.02 41.36 13.09
CA ALA D 480 -16.20 40.95 12.35
C ALA D 480 -15.91 39.70 11.52
N ALA D 481 -14.66 39.50 11.15
CA ALA D 481 -14.28 38.35 10.34
C ALA D 481 -14.17 37.10 11.20
N TYR D 482 -13.34 37.16 12.24
CA TYR D 482 -13.13 36.00 13.10
C TYR D 482 -14.43 35.40 13.56
N VAL D 483 -15.43 36.24 13.82
CA VAL D 483 -16.71 35.72 14.32
C VAL D 483 -17.32 34.77 13.31
N ASN D 484 -17.29 35.15 12.03
CA ASN D 484 -17.78 34.25 11.00
C ASN D 484 -16.95 32.98 10.94
N ALA D 485 -15.65 33.12 10.85
CA ALA D 485 -14.76 31.96 10.84
C ALA D 485 -15.07 31.05 12.00
N ILE D 486 -14.89 31.54 13.23
CA ILE D 486 -15.12 30.73 14.41
C ILE D 486 -16.49 30.08 14.36
N GLU D 487 -17.48 30.83 13.89
CA GLU D 487 -18.85 30.33 13.86
C GLU D 487 -18.98 29.17 12.90
N LYS D 488 -18.19 29.17 11.84
CA LYS D 488 -18.22 28.06 10.88
C LYS D 488 -17.43 26.87 11.43
N VAL D 489 -16.14 27.08 11.66
CA VAL D 489 -15.29 26.02 12.19
C VAL D 489 -15.98 25.30 13.33
N PHE D 490 -16.58 26.06 14.24
CA PHE D 490 -17.20 25.46 15.42
C PHE D 490 -18.22 24.40 15.03
N ARG D 491 -19.13 24.75 14.12
CA ARG D 491 -20.17 23.81 13.71
C ARG D 491 -19.60 22.48 13.28
N VAL D 492 -18.36 22.48 12.81
CA VAL D 492 -17.78 21.26 12.27
C VAL D 492 -17.36 20.32 13.39
N TYR D 493 -16.61 20.84 14.35
CA TYR D 493 -16.22 20.02 15.50
C TYR D 493 -17.44 19.55 16.27
N ASN D 494 -18.40 20.44 16.47
CA ASN D 494 -19.58 20.10 17.26
C ASN D 494 -20.37 18.97 16.61
N GLU D 495 -20.90 19.22 15.41
CA GLU D 495 -21.69 18.20 14.73
C GLU D 495 -20.91 16.92 14.52
N ALA D 496 -19.58 17.01 14.52
CA ALA D 496 -18.75 15.86 14.17
C ALA D 496 -18.56 14.88 15.32
N GLY D 497 -18.99 15.21 16.53
CA GLY D 497 -18.67 14.31 17.61
C GLY D 497 -17.24 14.43 18.07
N VAL D 498 -16.91 15.49 18.83
CA VAL D 498 -15.61 16.15 18.80
C VAL D 498 -14.47 15.20 18.45
N THR D 499 -14.58 13.94 18.84
CA THR D 499 -13.53 12.98 18.58
C THR D 499 -14.15 11.64 18.21
N PHE D 500 -13.32 10.77 17.63
CA PHE D 500 -13.71 9.42 17.27
C PHE D 500 -13.20 8.39 18.28
N THR D 501 -12.60 8.83 19.38
CA THR D 501 -12.10 7.91 20.37
C THR D 501 -13.29 7.35 21.15
N ASP E 6 -44.00 -14.36 7.81
CA ASP E 6 -44.65 -15.62 7.49
C ASP E 6 -43.65 -16.56 6.81
N PRO E 7 -43.26 -16.22 5.52
CA PRO E 7 -42.32 -17.15 4.91
C PRO E 7 -40.89 -16.63 4.92
N ASN E 8 -39.96 -17.41 4.40
CA ASN E 8 -38.56 -17.01 4.34
C ASN E 8 -38.47 -15.74 3.51
N PHE E 9 -38.35 -14.61 4.19
CA PHE E 9 -38.28 -13.31 3.51
C PHE E 9 -37.31 -13.35 2.34
N PHE E 10 -36.25 -14.15 2.45
CA PHE E 10 -35.28 -14.24 1.37
C PHE E 10 -35.88 -14.99 0.19
N LYS E 11 -36.60 -16.06 0.46
CA LYS E 11 -37.19 -16.83 -0.63
C LYS E 11 -38.35 -16.08 -1.27
N MET E 12 -39.14 -15.38 -0.46
CA MET E 12 -40.17 -14.51 -1.01
C MET E 12 -39.61 -13.68 -2.16
N VAL E 13 -38.64 -12.83 -1.87
CA VAL E 13 -38.01 -12.03 -2.92
C VAL E 13 -37.56 -12.93 -4.05
N GLU E 14 -37.07 -14.12 -3.72
CA GLU E 14 -36.54 -15.02 -4.73
C GLU E 14 -37.67 -15.60 -5.57
N GLY E 15 -38.81 -15.85 -4.94
CA GLY E 15 -39.95 -16.32 -5.68
C GLY E 15 -40.40 -15.32 -6.72
N PHE E 16 -40.41 -14.04 -6.35
CA PHE E 16 -40.67 -12.99 -7.33
C PHE E 16 -39.69 -13.07 -8.49
N PHE E 17 -38.41 -12.89 -8.20
CA PHE E 17 -37.36 -12.81 -9.22
C PHE E 17 -37.58 -13.84 -10.33
N ASP E 18 -37.98 -15.05 -9.96
CA ASP E 18 -38.26 -16.06 -10.96
C ASP E 18 -39.40 -15.63 -11.87
N ARG E 19 -40.53 -15.20 -11.29
CA ARG E 19 -41.66 -14.75 -12.11
C ARG E 19 -41.19 -13.87 -13.25
N GLY E 20 -40.33 -12.90 -12.94
CA GLY E 20 -39.83 -12.03 -13.98
C GLY E 20 -38.96 -12.75 -14.99
N ALA E 21 -38.14 -13.68 -14.50
CA ALA E 21 -37.18 -14.34 -15.39
C ALA E 21 -37.86 -15.37 -16.28
N SER E 22 -38.91 -16.01 -15.75
CA SER E 22 -39.69 -16.93 -16.58
C SER E 22 -40.18 -16.27 -17.85
N ILE E 23 -40.32 -14.95 -17.83
CA ILE E 23 -40.99 -14.21 -18.88
C ILE E 23 -39.95 -13.69 -19.86
N VAL E 24 -38.96 -12.98 -19.34
CA VAL E 24 -37.98 -12.34 -20.20
C VAL E 24 -37.08 -13.36 -20.87
N GLU E 25 -37.01 -14.58 -20.33
CA GLU E 25 -36.18 -15.63 -20.87
C GLU E 25 -36.31 -15.70 -22.38
N ASP E 26 -37.55 -15.81 -22.85
CA ASP E 26 -37.79 -16.01 -24.28
C ASP E 26 -37.18 -14.90 -25.11
N LYS E 27 -37.64 -13.67 -24.91
CA LYS E 27 -37.06 -12.54 -25.63
C LYS E 27 -35.57 -12.45 -25.37
N LEU E 28 -35.16 -12.79 -24.15
CA LEU E 28 -33.77 -12.63 -23.76
C LEU E 28 -32.86 -13.53 -24.60
N VAL E 29 -33.38 -14.69 -25.01
CA VAL E 29 -32.61 -15.58 -25.86
C VAL E 29 -32.49 -14.99 -27.26
N GLU E 30 -33.58 -14.40 -27.74
CA GLU E 30 -33.58 -13.81 -29.08
C GLU E 30 -32.57 -12.69 -29.18
N ASP E 31 -32.52 -11.82 -28.18
CA ASP E 31 -31.51 -10.77 -28.16
C ASP E 31 -30.11 -11.35 -28.23
N LEU E 32 -29.86 -12.41 -27.46
CA LEU E 32 -28.55 -13.04 -27.45
C LEU E 32 -28.17 -13.48 -28.86
N LYS E 33 -27.05 -12.96 -29.35
CA LYS E 33 -26.56 -13.28 -30.69
C LYS E 33 -25.35 -14.19 -30.59
N THR E 34 -25.43 -15.32 -31.30
CA THR E 34 -24.36 -16.31 -31.30
C THR E 34 -24.66 -17.40 -32.32
N ARG E 35 -23.77 -18.39 -32.42
CA ARG E 35 -23.98 -19.53 -33.30
C ARG E 35 -24.38 -20.78 -32.54
N GLU E 36 -24.59 -20.68 -31.23
CA GLU E 36 -25.01 -21.84 -30.46
C GLU E 36 -26.35 -22.38 -30.94
N THR E 37 -26.67 -23.58 -30.49
CA THR E 37 -27.99 -24.14 -30.69
C THR E 37 -29.01 -23.36 -29.88
N GLU E 38 -30.26 -23.38 -30.35
CA GLU E 38 -31.33 -22.67 -29.67
C GLU E 38 -31.41 -23.07 -28.21
N GLU E 39 -31.26 -24.37 -27.94
CA GLU E 39 -31.32 -24.84 -26.56
C GLU E 39 -30.08 -24.42 -25.79
N GLN E 40 -28.91 -24.44 -26.43
CA GLN E 40 -27.69 -24.04 -25.74
C GLN E 40 -27.78 -22.60 -25.27
N LYS E 41 -28.29 -21.71 -26.12
CA LYS E 41 -28.53 -20.35 -25.67
C LYS E 41 -29.41 -20.33 -24.42
N ARG E 42 -30.46 -21.13 -24.41
CA ARG E 42 -31.31 -21.20 -23.22
C ARG E 42 -30.53 -21.66 -22.01
N ASN E 43 -29.49 -22.45 -22.22
CA ASN E 43 -28.67 -22.90 -21.10
C ASN E 43 -27.59 -21.88 -20.76
N ARG E 44 -27.36 -20.92 -21.63
CA ARG E 44 -26.51 -19.79 -21.28
C ARG E 44 -27.24 -18.83 -20.36
N VAL E 45 -28.45 -18.44 -20.75
CA VAL E 45 -29.19 -17.48 -19.97
C VAL E 45 -29.58 -18.06 -18.61
N ARG E 46 -30.11 -19.28 -18.59
CA ARG E 46 -30.50 -19.87 -17.32
C ARG E 46 -29.33 -20.00 -16.38
N SER E 47 -28.16 -20.33 -16.90
CA SER E 47 -26.98 -20.43 -16.06
C SER E 47 -26.65 -19.08 -15.43
N ILE E 48 -26.65 -18.03 -16.24
CA ILE E 48 -26.39 -16.71 -15.71
C ILE E 48 -27.40 -16.36 -14.63
N LEU E 49 -28.67 -16.57 -14.92
CA LEU E 49 -29.71 -16.27 -13.95
C LEU E 49 -29.52 -17.06 -12.66
N ARG E 50 -28.81 -18.18 -12.72
CA ARG E 50 -28.52 -18.92 -11.50
C ARG E 50 -27.35 -18.30 -10.77
N ILE E 51 -26.66 -17.35 -11.40
CA ILE E 51 -25.54 -16.67 -10.78
C ILE E 51 -26.00 -15.36 -10.15
N ILE E 52 -26.90 -14.66 -10.83
CA ILE E 52 -27.39 -13.37 -10.33
C ILE E 52 -28.09 -13.54 -9.01
N LYS E 53 -29.00 -14.50 -8.93
CA LYS E 53 -29.96 -14.58 -7.83
C LYS E 53 -29.33 -14.61 -6.45
N PRO E 54 -28.22 -15.29 -6.23
CA PRO E 54 -27.66 -15.35 -4.88
C PRO E 54 -26.69 -14.24 -4.58
N CYS E 55 -26.43 -14.07 -3.29
CA CYS E 55 -25.48 -13.08 -2.81
C CYS E 55 -24.08 -13.67 -2.76
N ASN E 56 -23.11 -12.83 -3.07
CA ASN E 56 -21.74 -13.24 -3.31
C ASN E 56 -20.88 -13.20 -2.05
N HIS E 57 -21.13 -12.24 -1.18
CA HIS E 57 -20.38 -12.10 0.05
C HIS E 57 -21.33 -11.83 1.20
N VAL E 58 -21.11 -12.53 2.29
CA VAL E 58 -21.85 -12.33 3.53
C VAL E 58 -20.87 -12.45 4.67
N LEU E 59 -20.92 -11.52 5.60
CA LEU E 59 -20.02 -11.48 6.74
C LEU E 59 -20.82 -11.42 8.02
N SER E 60 -20.53 -12.34 8.92
CA SER E 60 -21.14 -12.39 10.23
C SER E 60 -20.04 -12.26 11.27
N LEU E 61 -20.17 -11.28 12.16
CA LEU E 61 -19.11 -11.01 13.11
C LEU E 61 -19.69 -10.67 14.47
N SER E 62 -18.83 -10.72 15.48
CA SER E 62 -19.19 -10.54 16.87
C SER E 62 -18.21 -9.61 17.56
N PHE E 63 -18.71 -8.78 18.45
CA PHE E 63 -17.96 -7.71 19.08
C PHE E 63 -17.91 -7.85 20.58
N PRO E 64 -16.76 -7.74 21.16
CA PRO E 64 -16.71 -7.44 22.59
C PRO E 64 -16.76 -5.95 22.81
N ILE E 65 -17.71 -5.49 23.61
CA ILE E 65 -17.77 -4.09 23.98
C ILE E 65 -17.99 -3.98 25.48
N ARG E 66 -17.41 -2.95 26.08
CA ARG E 66 -17.59 -2.69 27.51
C ARG E 66 -18.62 -1.59 27.69
N ARG E 67 -19.59 -1.84 28.55
CA ARG E 67 -20.66 -0.91 28.81
C ARG E 67 -20.20 0.20 29.74
N ASP E 68 -21.17 1.03 30.15
CA ASP E 68 -20.91 2.08 31.12
C ASP E 68 -20.73 1.50 32.52
N ASP E 69 -21.50 0.45 32.85
CA ASP E 69 -21.40 -0.19 34.15
C ASP E 69 -20.19 -1.12 34.27
N GLY E 70 -19.26 -1.07 33.31
CA GLY E 70 -18.07 -1.90 33.35
C GLY E 70 -18.25 -3.30 32.82
N SER E 71 -19.48 -3.76 32.60
CA SER E 71 -19.74 -5.11 32.13
C SER E 71 -19.68 -5.18 30.61
N TRP E 72 -19.09 -6.26 30.11
CA TRP E 72 -19.02 -6.52 28.68
C TRP E 72 -20.26 -7.26 28.22
N GLU E 73 -20.57 -7.09 26.93
CA GLU E 73 -21.50 -7.97 26.25
C GLU E 73 -21.03 -8.10 24.81
N VAL E 74 -21.64 -9.04 24.09
CA VAL E 74 -21.28 -9.28 22.71
C VAL E 74 -22.40 -8.79 21.81
N ILE E 75 -22.03 -8.50 20.58
CA ILE E 75 -22.94 -7.95 19.59
C ILE E 75 -22.75 -8.70 18.29
N GLU E 76 -23.85 -8.99 17.62
CA GLU E 76 -23.83 -9.73 16.37
C GLU E 76 -24.16 -8.77 15.24
N GLY E 77 -23.29 -8.73 14.24
CA GLY E 77 -23.43 -7.81 13.13
C GLY E 77 -23.22 -8.52 11.81
N TYR E 78 -23.90 -8.02 10.78
CA TYR E 78 -23.93 -8.64 9.47
C TYR E 78 -23.68 -7.60 8.40
N ARG E 79 -23.25 -8.06 7.23
CA ARG E 79 -23.00 -7.18 6.09
C ARG E 79 -22.94 -8.04 4.86
N ALA E 80 -23.90 -7.85 3.96
CA ALA E 80 -23.98 -8.61 2.74
C ALA E 80 -23.72 -7.75 1.51
N GLN E 81 -23.07 -8.36 0.53
CA GLN E 81 -22.92 -7.79 -0.80
C GLN E 81 -23.49 -8.76 -1.80
N HIS E 82 -24.40 -8.28 -2.62
CA HIS E 82 -25.13 -9.13 -3.54
C HIS E 82 -24.39 -9.29 -4.85
N SER E 83 -24.03 -8.19 -5.47
CA SER E 83 -23.56 -8.21 -6.83
C SER E 83 -22.39 -7.26 -6.98
N GLN E 84 -21.37 -7.73 -7.69
CA GLN E 84 -20.22 -6.92 -8.05
C GLN E 84 -20.23 -6.51 -9.50
N HIS E 85 -21.36 -6.69 -10.19
CA HIS E 85 -21.45 -6.30 -11.58
C HIS E 85 -21.13 -4.84 -11.77
N ARG E 86 -21.21 -4.07 -10.69
CA ARG E 86 -21.05 -2.64 -10.77
C ARG E 86 -20.83 -2.10 -9.36
N THR E 87 -19.67 -1.52 -9.14
CA THR E 87 -19.26 -1.01 -7.84
C THR E 87 -19.31 0.50 -7.87
N PRO E 88 -19.43 1.13 -6.70
CA PRO E 88 -19.56 0.53 -5.38
C PRO E 88 -20.86 -0.19 -5.09
N CYS E 89 -20.85 -0.88 -3.97
CA CYS E 89 -22.04 -1.49 -3.43
C CYS E 89 -22.57 -0.66 -2.29
N LYS E 90 -23.89 -0.60 -2.18
CA LYS E 90 -24.50 0.21 -1.14
C LYS E 90 -25.57 -0.53 -0.37
N GLY E 91 -26.00 0.15 0.68
CA GLY E 91 -27.05 -0.33 1.54
C GLY E 91 -26.89 0.32 2.89
N GLY E 92 -27.91 0.15 3.71
CA GLY E 92 -28.00 0.81 4.98
C GLY E 92 -27.66 -0.08 6.15
N ILE E 93 -27.58 0.56 7.30
CA ILE E 93 -27.30 -0.10 8.55
C ILE E 93 -28.57 -0.06 9.38
N ARG E 94 -29.09 -1.22 9.69
CA ARG E 94 -30.31 -1.37 10.43
C ARG E 94 -30.02 -1.87 11.84
N TYR E 95 -30.37 -1.07 12.83
CA TYR E 95 -30.27 -1.47 14.23
C TYR E 95 -31.63 -2.04 14.64
N SER E 96 -31.64 -3.30 15.03
CA SER E 96 -32.86 -3.97 15.41
C SER E 96 -32.54 -5.35 15.97
N THR E 97 -33.45 -5.85 16.78
CA THR E 97 -33.34 -7.18 17.37
C THR E 97 -33.85 -8.28 16.47
N ASP E 98 -34.63 -7.93 15.45
CA ASP E 98 -35.12 -8.90 14.48
C ASP E 98 -34.24 -8.97 13.25
N VAL E 99 -32.93 -8.75 13.42
CA VAL E 99 -32.00 -8.84 12.30
C VAL E 99 -31.56 -10.28 12.15
N SER E 100 -31.33 -10.69 10.92
CA SER E 100 -31.00 -12.07 10.61
C SER E 100 -30.31 -12.12 9.27
N VAL E 101 -29.50 -13.16 9.10
CA VAL E 101 -28.74 -13.31 7.85
C VAL E 101 -29.66 -13.31 6.65
N ASP E 102 -30.86 -13.86 6.80
CA ASP E 102 -31.75 -14.01 5.67
C ASP E 102 -32.43 -12.70 5.30
N GLU E 103 -32.75 -11.87 6.30
CA GLU E 103 -33.27 -10.55 5.99
C GLU E 103 -32.24 -9.70 5.27
N VAL E 104 -30.98 -9.83 5.67
CA VAL E 104 -29.93 -9.03 5.09
C VAL E 104 -29.70 -9.42 3.64
N LYS E 105 -29.55 -10.71 3.37
CA LYS E 105 -29.37 -11.18 2.00
C LYS E 105 -30.52 -10.72 1.12
N ALA E 106 -31.74 -10.79 1.62
CA ALA E 106 -32.89 -10.33 0.84
C ALA E 106 -32.76 -8.88 0.47
N LEU E 107 -32.69 -8.01 1.48
CA LEU E 107 -32.67 -6.57 1.22
C LEU E 107 -31.52 -6.19 0.31
N ALA E 108 -30.39 -6.87 0.46
CA ALA E 108 -29.26 -6.63 -0.42
C ALA E 108 -29.67 -6.84 -1.87
N SER E 109 -30.36 -7.95 -2.13
CA SER E 109 -30.81 -8.24 -3.48
C SER E 109 -31.66 -7.11 -4.05
N LEU E 110 -32.58 -6.58 -3.25
CA LEU E 110 -33.42 -5.51 -3.75
C LEU E 110 -32.62 -4.29 -4.16
N MET E 111 -31.76 -3.81 -3.27
CA MET E 111 -30.94 -2.65 -3.60
C MET E 111 -30.23 -2.82 -4.93
N THR E 112 -29.94 -4.06 -5.29
CA THR E 112 -29.27 -4.32 -6.57
C THR E 112 -30.21 -4.08 -7.72
N TYR E 113 -31.48 -4.47 -7.55
CA TYR E 113 -32.43 -4.34 -8.64
C TYR E 113 -33.02 -2.95 -8.69
N LYS E 114 -33.31 -2.39 -7.52
CA LYS E 114 -33.77 -1.02 -7.43
C LYS E 114 -32.82 -0.07 -8.13
N CYS E 115 -31.53 -0.16 -7.83
CA CYS E 115 -30.55 0.72 -8.43
C CYS E 115 -30.50 0.57 -9.94
N ALA E 116 -31.00 -0.55 -10.47
CA ALA E 116 -30.96 -0.74 -11.90
C ALA E 116 -32.21 -0.19 -12.56
N VAL E 117 -33.30 -0.15 -11.81
CA VAL E 117 -34.52 0.50 -12.29
C VAL E 117 -34.26 1.97 -12.57
N VAL E 118 -33.60 2.65 -11.65
CA VAL E 118 -33.38 4.09 -11.74
C VAL E 118 -31.99 4.41 -12.28
N ASP E 119 -31.29 3.40 -12.79
CA ASP E 119 -30.03 3.62 -13.50
C ASP E 119 -29.02 4.37 -12.65
N VAL E 120 -28.73 3.86 -11.48
CA VAL E 120 -27.61 4.38 -10.70
C VAL E 120 -26.52 3.31 -10.63
N PRO E 121 -25.30 3.66 -10.84
CA PRO E 121 -24.26 2.66 -11.05
C PRO E 121 -23.79 1.98 -9.77
N PHE E 122 -24.68 1.37 -9.02
CA PHE E 122 -24.29 0.76 -7.77
C PHE E 122 -24.83 -0.64 -7.69
N GLY E 123 -24.22 -1.42 -6.81
CA GLY E 123 -24.71 -2.73 -6.51
C GLY E 123 -25.50 -2.70 -5.24
N GLY E 124 -25.70 -3.85 -4.63
CA GLY E 124 -26.51 -3.91 -3.45
C GLY E 124 -25.77 -4.45 -2.25
N ALA E 125 -26.09 -3.85 -1.12
CA ALA E 125 -25.61 -4.32 0.16
C ALA E 125 -26.67 -3.99 1.20
N LYS E 126 -26.44 -4.49 2.39
CA LYS E 126 -27.27 -4.21 3.54
C LYS E 126 -26.58 -4.75 4.76
N ALA E 127 -26.62 -3.99 5.85
CA ALA E 127 -26.03 -4.41 7.10
C ALA E 127 -27.10 -4.58 8.17
N GLY E 128 -26.65 -4.88 9.36
CA GLY E 128 -27.55 -5.21 10.45
C GLY E 128 -26.79 -5.36 11.74
N VAL E 129 -27.50 -5.16 12.84
CA VAL E 129 -26.94 -5.33 14.18
C VAL E 129 -28.07 -5.76 15.11
N LYS E 130 -27.90 -6.91 15.74
CA LYS E 130 -28.86 -7.33 16.77
C LYS E 130 -28.65 -6.42 17.97
N ILE E 131 -29.55 -5.46 18.09
CA ILE E 131 -29.46 -4.44 19.11
C ILE E 131 -30.78 -3.70 19.18
N ASN E 132 -31.07 -3.14 20.35
CA ASN E 132 -32.19 -2.23 20.52
C ASN E 132 -31.64 -0.92 21.07
N PRO E 133 -31.54 0.13 20.26
CA PRO E 133 -30.87 1.35 20.71
C PRO E 133 -31.46 1.96 21.94
N LYS E 134 -32.78 1.84 22.11
CA LYS E 134 -33.47 2.46 23.22
C LYS E 134 -32.87 2.09 24.57
N ASN E 135 -32.26 0.92 24.67
CA ASN E 135 -31.74 0.42 25.92
C ASN E 135 -30.34 0.91 26.22
N TYR E 136 -29.72 1.64 25.28
CA TYR E 136 -28.32 2.01 25.40
C TYR E 136 -28.19 3.52 25.34
N THR E 137 -27.10 4.03 25.87
CA THR E 137 -26.85 5.46 25.91
C THR E 137 -26.33 5.96 24.57
N ASP E 138 -25.96 7.24 24.54
CA ASP E 138 -25.28 7.79 23.39
C ASP E 138 -23.78 7.56 23.48
N ASN E 139 -23.29 7.13 24.64
CA ASN E 139 -21.88 6.82 24.77
C ASN E 139 -21.63 5.34 24.57
N GLU E 140 -22.70 4.56 24.48
CA GLU E 140 -22.58 3.14 24.18
C GLU E 140 -22.88 2.86 22.72
N LEU E 141 -23.79 3.62 22.13
CA LEU E 141 -24.10 3.46 20.72
C LEU E 141 -22.95 3.96 19.87
N GLU E 142 -22.17 4.90 20.39
CA GLU E 142 -21.06 5.45 19.63
C GLU E 142 -19.82 4.59 19.78
N LYS E 143 -19.79 3.79 20.84
CA LYS E 143 -18.68 2.88 21.08
C LYS E 143 -18.91 1.57 20.36
N ILE E 144 -20.16 1.29 20.00
CA ILE E 144 -20.48 0.19 19.10
C ILE E 144 -20.14 0.56 17.68
N THR E 145 -20.77 1.61 17.18
CA THR E 145 -20.63 2.02 15.80
C THR E 145 -19.17 2.16 15.40
N ARG E 146 -18.37 2.85 16.22
CA ARG E 146 -16.99 3.08 15.85
C ARG E 146 -16.18 1.80 15.89
N ARG E 147 -16.72 0.75 16.49
CA ARG E 147 -16.04 -0.54 16.49
C ARG E 147 -16.51 -1.40 15.34
N PHE E 148 -17.82 -1.34 15.05
CA PHE E 148 -18.36 -1.99 13.87
C PHE E 148 -17.63 -1.53 12.62
N THR E 149 -17.44 -0.22 12.48
CA THR E 149 -16.80 0.31 11.29
C THR E 149 -15.40 -0.27 11.11
N MET E 150 -14.63 -0.33 12.18
CA MET E 150 -13.25 -0.81 12.07
C MET E 150 -13.20 -2.21 11.48
N GLU E 151 -13.90 -3.14 12.13
CA GLU E 151 -13.82 -4.54 11.74
C GLU E 151 -14.14 -4.74 10.27
N LEU E 152 -15.09 -3.99 9.72
CA LEU E 152 -15.42 -4.14 8.33
C LEU E 152 -14.32 -3.59 7.44
N ALA E 153 -14.02 -2.30 7.56
CA ALA E 153 -12.86 -1.74 6.87
C ALA E 153 -11.65 -2.63 7.01
N LYS E 154 -11.49 -3.23 8.18
CA LYS E 154 -10.37 -4.12 8.45
C LYS E 154 -10.45 -5.37 7.61
N LYS E 155 -11.58 -5.59 6.93
CA LYS E 155 -11.79 -6.76 6.08
C LYS E 155 -12.34 -6.39 4.72
N GLY E 156 -12.24 -5.13 4.34
CA GLY E 156 -12.56 -4.73 2.99
C GLY E 156 -14.03 -4.65 2.65
N PHE E 157 -14.87 -4.19 3.56
CA PHE E 157 -16.28 -3.97 3.29
C PHE E 157 -16.71 -2.54 3.53
N ILE E 158 -15.78 -1.60 3.62
CA ILE E 158 -16.12 -0.20 3.69
C ILE E 158 -15.06 0.56 2.92
N GLY E 159 -15.51 1.53 2.12
CA GLY E 159 -14.63 2.23 1.24
C GLY E 159 -15.36 2.96 0.15
N PRO E 160 -14.79 4.08 -0.29
CA PRO E 160 -15.43 4.86 -1.35
C PRO E 160 -15.64 4.09 -2.62
N GLY E 161 -14.82 3.10 -2.88
CA GLY E 161 -14.80 2.45 -4.16
C GLY E 161 -15.16 0.98 -4.08
N VAL E 162 -15.49 0.50 -2.90
CA VAL E 162 -15.86 -0.89 -2.72
C VAL E 162 -17.25 -1.00 -2.11
N ASP E 163 -17.53 -0.20 -1.08
CA ASP E 163 -18.80 -0.34 -0.38
C ASP E 163 -19.06 0.92 0.44
N VAL E 164 -20.31 1.35 0.47
CA VAL E 164 -20.70 2.67 0.96
C VAL E 164 -21.99 2.52 1.75
N PRO E 165 -21.96 2.66 3.07
CA PRO E 165 -23.18 2.54 3.86
C PRO E 165 -24.01 3.81 3.91
N ALA E 166 -25.25 3.65 4.32
CA ALA E 166 -26.21 4.74 4.39
C ALA E 166 -27.15 4.49 5.56
N PRO E 167 -28.04 5.42 5.84
CA PRO E 167 -28.97 5.24 6.95
C PRO E 167 -30.11 4.30 6.60
N ASP E 168 -30.74 3.79 7.65
CA ASP E 168 -31.88 2.90 7.54
C ASP E 168 -32.58 2.93 8.89
N MET E 169 -33.50 1.99 9.09
CA MET E 169 -34.27 1.94 10.32
C MET E 169 -33.40 2.13 11.54
N SER E 170 -33.83 3.06 12.39
CA SER E 170 -33.27 3.26 13.73
C SER E 170 -31.89 3.88 13.71
N THR E 171 -31.51 4.48 12.59
CA THR E 171 -30.28 5.24 12.49
C THR E 171 -30.58 6.64 11.98
N GLY E 172 -29.52 7.40 11.76
CA GLY E 172 -29.65 8.76 11.32
C GLY E 172 -28.32 9.33 10.92
N GLU E 173 -28.22 10.65 11.05
CA GLU E 173 -27.01 11.35 10.65
C GLU E 173 -25.88 11.18 11.66
N ARG E 174 -26.19 11.16 12.96
CA ARG E 174 -25.16 10.90 13.95
C ARG E 174 -24.31 9.70 13.57
N GLU E 175 -24.95 8.54 13.43
CA GLU E 175 -24.21 7.31 13.20
C GLU E 175 -23.33 7.43 11.97
N MET E 176 -23.71 8.29 11.03
CA MET E 176 -22.90 8.48 9.84
C MET E 176 -21.73 9.41 10.13
N SER E 177 -21.90 10.29 11.12
CA SER E 177 -20.82 11.16 11.54
C SER E 177 -19.78 10.40 12.35
N TRP E 178 -20.16 9.24 12.87
CA TRP E 178 -19.26 8.46 13.69
C TRP E 178 -18.53 7.43 12.85
N ILE E 179 -19.09 7.10 11.70
CA ILE E 179 -18.43 6.18 10.78
C ILE E 179 -17.36 6.91 9.99
N ALA E 180 -17.68 8.12 9.54
CA ALA E 180 -16.76 8.90 8.75
C ALA E 180 -15.46 9.18 9.51
N ASP E 181 -15.59 9.70 10.72
CA ASP E 181 -14.40 10.08 11.48
C ASP E 181 -13.54 8.87 11.80
N THR E 182 -14.14 7.67 11.77
CA THR E 182 -13.42 6.47 12.15
C THR E 182 -12.63 5.92 10.98
N TYR E 183 -13.25 5.89 9.80
CA TYR E 183 -12.53 5.48 8.59
C TYR E 183 -11.48 6.51 8.22
N ALA E 184 -11.86 7.79 8.24
CA ALA E 184 -10.95 8.85 7.83
C ALA E 184 -9.78 8.98 8.78
N SER E 185 -9.91 8.47 9.99
CA SER E 185 -8.87 8.66 11.00
C SER E 185 -8.06 7.41 11.25
N THR E 186 -8.32 6.33 10.52
CA THR E 186 -7.51 5.13 10.60
C THR E 186 -6.95 4.84 9.23
N ILE E 187 -7.80 4.74 8.20
CA ILE E 187 -7.33 4.30 6.88
C ILE E 187 -7.41 5.43 5.88
N GLY E 188 -8.55 6.14 5.86
CA GLY E 188 -8.78 7.20 4.91
C GLY E 188 -7.79 8.33 4.95
N HIS E 189 -6.86 8.34 5.90
CA HIS E 189 -6.00 9.50 6.06
C HIS E 189 -5.28 9.86 4.77
N TYR E 190 -4.80 8.86 4.05
CA TYR E 190 -4.06 9.09 2.82
C TYR E 190 -4.96 9.06 1.60
N ASP E 191 -6.22 8.67 1.77
CA ASP E 191 -7.18 8.60 0.68
C ASP E 191 -7.80 9.98 0.54
N ILE E 192 -7.79 10.50 -0.68
CA ILE E 192 -8.29 11.84 -0.96
C ILE E 192 -9.80 11.84 -0.94
N ASN E 193 -10.40 10.66 -1.03
CA ASN E 193 -11.84 10.48 -1.11
C ASN E 193 -12.41 9.81 0.14
N ALA E 194 -11.96 10.19 1.33
CA ALA E 194 -12.33 9.49 2.55
C ALA E 194 -13.76 9.78 2.98
N HIS E 195 -14.24 10.99 2.70
CA HIS E 195 -15.58 11.36 3.12
C HIS E 195 -16.64 10.81 2.19
N ALA E 196 -16.23 10.15 1.13
CA ALA E 196 -17.16 9.46 0.26
C ALA E 196 -17.42 8.05 0.73
N CYS E 197 -16.86 7.66 1.87
CA CYS E 197 -17.06 6.32 2.40
C CYS E 197 -18.45 6.08 2.91
N VAL E 198 -19.26 7.13 3.03
CA VAL E 198 -20.54 7.02 3.68
C VAL E 198 -21.41 8.17 3.23
N THR E 199 -22.71 7.92 3.18
CA THR E 199 -23.69 8.93 2.86
C THR E 199 -24.64 9.10 4.02
N GLY E 200 -25.55 10.05 3.87
CA GLY E 200 -26.41 10.42 4.96
C GLY E 200 -25.74 11.29 6.00
N LYS E 201 -24.65 11.94 5.66
CA LYS E 201 -23.90 12.69 6.63
C LYS E 201 -24.57 14.03 6.90
N PRO E 202 -24.22 14.66 8.01
CA PRO E 202 -24.65 16.03 8.25
C PRO E 202 -24.13 16.96 7.18
N ILE E 203 -24.75 18.13 7.11
CA ILE E 203 -24.39 19.09 6.08
C ILE E 203 -22.96 19.55 6.26
N SER E 204 -22.56 19.78 7.50
CA SER E 204 -21.23 20.27 7.80
C SER E 204 -20.16 19.22 7.57
N GLN E 205 -20.56 17.99 7.30
CA GLN E 205 -19.62 16.90 7.06
C GLN E 205 -19.69 16.36 5.65
N GLY E 206 -20.40 17.05 4.76
CA GLY E 206 -20.44 16.66 3.37
C GLY E 206 -21.76 16.12 2.89
N GLY E 207 -22.84 16.63 3.45
CA GLY E 207 -24.15 16.17 3.10
C GLY E 207 -24.80 16.98 2.03
N ILE E 208 -26.09 16.73 1.85
CA ILE E 208 -26.87 17.29 0.76
C ILE E 208 -28.19 17.80 1.30
N HIS E 209 -28.64 18.93 0.77
CA HIS E 209 -29.98 19.40 1.04
C HIS E 209 -31.00 18.36 0.58
N GLY E 210 -32.05 18.19 1.38
CA GLY E 210 -33.05 17.20 1.05
C GLY E 210 -32.60 15.78 1.21
N ARG E 211 -31.54 15.57 1.97
CA ARG E 211 -31.01 14.26 2.27
C ARG E 211 -32.11 13.28 2.61
N ILE E 212 -32.98 13.67 3.52
CA ILE E 212 -34.01 12.78 4.05
C ILE E 212 -35.39 13.12 3.52
N SER E 213 -35.75 14.40 3.43
CA SER E 213 -37.03 14.77 2.85
C SER E 213 -37.24 14.13 1.49
N ALA E 214 -36.15 13.83 0.78
CA ALA E 214 -36.27 13.43 -0.62
C ALA E 214 -36.91 12.07 -0.78
N THR E 215 -36.64 11.15 0.13
CA THR E 215 -37.32 9.87 0.09
C THR E 215 -38.83 10.05 0.00
N GLY E 216 -39.41 10.79 0.94
CA GLY E 216 -40.82 11.13 0.86
C GLY E 216 -41.20 11.70 -0.49
N ARG E 217 -40.33 12.53 -1.05
CA ARG E 217 -40.65 13.13 -2.33
C ARG E 217 -40.57 12.13 -3.46
N GLY E 218 -39.60 11.21 -3.39
CA GLY E 218 -39.55 10.16 -4.38
C GLY E 218 -40.85 9.38 -4.40
N VAL E 219 -41.39 9.08 -3.22
CA VAL E 219 -42.71 8.49 -3.12
C VAL E 219 -43.72 9.33 -3.89
N PHE E 220 -43.87 10.59 -3.48
CA PHE E 220 -44.76 11.51 -4.17
C PHE E 220 -44.57 11.47 -5.67
N HIS E 221 -43.37 11.81 -6.14
CA HIS E 221 -43.15 11.91 -7.58
C HIS E 221 -43.43 10.58 -8.27
N GLY E 222 -43.44 9.48 -7.52
CA GLY E 222 -43.86 8.23 -8.10
C GLY E 222 -45.37 8.17 -8.27
N ILE E 223 -46.10 8.42 -7.17
CA ILE E 223 -47.55 8.48 -7.24
C ILE E 223 -47.99 9.46 -8.32
N GLU E 224 -47.47 10.69 -8.25
CA GLU E 224 -47.84 11.71 -9.21
C GLU E 224 -47.62 11.26 -10.65
N ASN E 225 -46.78 10.24 -10.85
CA ASN E 225 -46.45 9.81 -12.19
C ASN E 225 -47.33 8.69 -12.68
N PHE E 226 -48.23 8.21 -11.84
CA PHE E 226 -49.29 7.29 -12.25
C PHE E 226 -50.68 7.88 -12.10
N ILE E 227 -50.89 8.74 -11.10
CA ILE E 227 -52.19 9.37 -10.92
C ILE E 227 -52.51 10.24 -12.12
N ASN E 228 -51.49 10.75 -12.79
CA ASN E 228 -51.64 11.61 -13.95
C ASN E 228 -52.07 10.87 -15.18
N GLU E 229 -52.38 9.59 -15.08
CA GLU E 229 -52.77 8.78 -16.24
C GLU E 229 -54.03 8.00 -15.90
N ALA E 230 -55.13 8.35 -16.57
CA ALA E 230 -56.35 7.57 -16.44
C ALA E 230 -56.21 6.20 -17.07
N SER E 231 -55.19 6.02 -17.91
CA SER E 231 -54.94 4.71 -18.53
C SER E 231 -55.06 3.57 -17.52
N TYR E 232 -54.75 3.85 -16.25
CA TYR E 232 -54.82 2.86 -15.19
C TYR E 232 -55.86 3.18 -14.13
N MET E 233 -56.09 4.47 -13.86
CA MET E 233 -57.10 4.83 -12.87
C MET E 233 -58.51 4.63 -13.40
N SER E 234 -58.67 4.54 -14.72
CA SER E 234 -59.97 4.17 -15.26
C SER E 234 -60.34 2.77 -14.84
N ILE E 235 -59.37 1.87 -14.77
CA ILE E 235 -59.59 0.55 -14.17
C ILE E 235 -59.96 0.70 -12.70
N LEU E 236 -59.09 1.34 -11.92
CA LEU E 236 -59.34 1.48 -10.49
C LEU E 236 -60.70 2.12 -10.20
N GLY E 237 -61.23 2.88 -11.14
CA GLY E 237 -62.43 3.65 -10.86
C GLY E 237 -62.15 4.87 -10.03
N MET E 238 -61.04 5.56 -10.29
CA MET E 238 -60.66 6.75 -9.55
C MET E 238 -60.32 7.88 -10.51
N THR E 239 -60.40 9.10 -10.01
CA THR E 239 -60.13 10.27 -10.82
C THR E 239 -58.79 10.87 -10.41
N PRO E 240 -58.00 11.37 -11.35
CA PRO E 240 -56.74 12.03 -10.97
C PRO E 240 -56.98 13.20 -10.03
N GLY E 241 -55.97 13.48 -9.21
CA GLY E 241 -55.98 14.65 -8.35
C GLY E 241 -55.75 14.33 -6.89
N PHE E 242 -54.74 14.97 -6.30
CA PHE E 242 -54.43 14.75 -4.89
C PHE E 242 -55.36 15.54 -3.98
N GLY E 243 -55.89 16.65 -4.46
CA GLY E 243 -56.90 17.37 -3.69
C GLY E 243 -58.15 16.56 -3.44
N ASP E 244 -58.26 15.39 -4.08
CA ASP E 244 -59.43 14.54 -4.01
C ASP E 244 -59.19 13.25 -3.25
N LYS E 245 -58.00 13.08 -2.66
CA LYS E 245 -57.57 11.80 -2.12
C LYS E 245 -57.37 11.86 -0.62
N THR E 246 -57.67 10.75 0.05
CA THR E 246 -57.33 10.54 1.45
C THR E 246 -56.36 9.38 1.56
N PHE E 247 -55.43 9.49 2.50
CA PHE E 247 -54.40 8.47 2.65
C PHE E 247 -54.11 8.28 4.13
N VAL E 248 -53.51 7.13 4.42
CA VAL E 248 -53.12 6.77 5.77
C VAL E 248 -51.67 6.31 5.72
N VAL E 249 -51.04 6.26 6.89
CA VAL E 249 -49.62 5.98 6.99
C VAL E 249 -49.39 4.97 8.09
N GLN E 250 -48.49 4.02 7.82
CA GLN E 250 -48.18 2.93 8.75
C GLN E 250 -46.80 3.21 9.33
N GLY E 251 -46.79 3.94 10.43
CA GLY E 251 -45.54 4.26 11.10
C GLY E 251 -44.99 5.60 10.69
N PHE E 252 -44.20 6.19 11.58
CA PHE E 252 -43.56 7.47 11.33
C PHE E 252 -42.05 7.27 11.38
N GLY E 253 -41.51 6.83 10.26
CA GLY E 253 -40.09 6.94 10.01
C GLY E 253 -39.79 8.31 9.49
N ASN E 254 -38.72 8.39 8.69
CA ASN E 254 -38.51 9.56 7.86
C ASN E 254 -39.40 9.51 6.63
N VAL E 255 -39.77 8.31 6.22
CA VAL E 255 -40.70 8.15 5.11
C VAL E 255 -42.09 8.58 5.52
N GLY E 256 -42.56 8.06 6.65
CA GLY E 256 -43.94 8.32 7.05
C GLY E 256 -44.23 9.79 7.25
N LEU E 257 -43.34 10.50 7.95
CA LEU E 257 -43.53 11.93 8.11
C LEU E 257 -43.39 12.66 6.79
N HIS E 258 -42.21 12.60 6.19
CA HIS E 258 -41.89 13.48 5.09
C HIS E 258 -42.68 13.13 3.84
N SER E 259 -43.12 11.88 3.72
CA SER E 259 -44.08 11.52 2.69
C SER E 259 -45.43 12.13 3.01
N MET E 260 -45.77 12.18 4.29
CA MET E 260 -47.07 12.69 4.70
C MET E 260 -47.20 14.18 4.43
N ARG E 261 -46.24 14.96 4.94
CA ARG E 261 -46.36 16.40 4.82
C ARG E 261 -46.15 16.86 3.38
N TYR E 262 -45.28 16.17 2.65
CA TYR E 262 -45.01 16.56 1.28
C TYR E 262 -46.22 16.26 0.39
N LEU E 263 -47.10 15.37 0.85
CA LEU E 263 -48.41 15.22 0.24
C LEU E 263 -49.35 16.34 0.67
N HIS E 264 -49.46 16.55 1.97
CA HIS E 264 -50.36 17.55 2.52
C HIS E 264 -50.28 18.88 1.78
N ARG E 265 -49.12 19.18 1.20
CA ARG E 265 -48.96 20.44 0.49
C ARG E 265 -49.88 20.55 -0.72
N PHE E 266 -50.20 19.42 -1.36
CA PHE E 266 -51.02 19.43 -2.56
C PHE E 266 -52.39 18.80 -2.35
N GLY E 267 -53.03 19.06 -1.22
CA GLY E 267 -54.41 18.73 -1.03
C GLY E 267 -54.70 17.28 -0.72
N ALA E 268 -53.69 16.46 -0.52
CA ALA E 268 -53.91 15.09 -0.09
C ALA E 268 -54.19 15.06 1.40
N LYS E 269 -55.32 14.50 1.76
CA LYS E 269 -55.84 14.52 3.13
C LYS E 269 -55.41 13.25 3.84
N CYS E 270 -54.79 13.38 5.01
CA CYS E 270 -54.56 12.22 5.84
C CYS E 270 -55.74 12.05 6.79
N ILE E 271 -56.11 10.80 7.04
CA ILE E 271 -57.20 10.50 7.95
C ILE E 271 -56.75 9.74 9.19
N THR E 272 -55.71 8.90 9.08
CA THR E 272 -55.11 8.35 10.29
C THR E 272 -53.65 8.01 10.03
N VAL E 273 -53.03 7.47 11.08
CA VAL E 273 -51.63 7.08 11.10
C VAL E 273 -51.47 6.08 12.22
N GLY E 274 -50.54 5.16 12.06
CA GLY E 274 -50.34 4.11 13.03
C GLY E 274 -48.88 3.90 13.33
N GLU E 275 -48.56 4.01 14.61
CA GLU E 275 -47.23 3.74 15.13
C GLU E 275 -47.21 2.33 15.73
N SER E 276 -46.07 1.98 16.32
CA SER E 276 -45.92 0.64 16.87
C SER E 276 -46.74 0.46 18.14
N ASP E 277 -47.31 1.55 18.67
CA ASP E 277 -47.99 1.52 19.94
C ASP E 277 -49.47 1.84 19.85
N GLY E 278 -49.98 2.15 18.66
CA GLY E 278 -51.39 2.39 18.48
C GLY E 278 -51.65 3.36 17.36
N SER E 279 -52.84 3.24 16.78
CA SER E 279 -53.26 4.10 15.69
C SER E 279 -54.02 5.31 16.22
N ILE E 280 -54.34 6.22 15.32
CA ILE E 280 -55.11 7.40 15.66
C ILE E 280 -55.74 7.94 14.38
N TRP E 281 -57.03 8.27 14.46
CA TRP E 281 -57.82 8.57 13.28
C TRP E 281 -58.63 9.83 13.51
N ASN E 282 -58.75 10.62 12.45
CA ASN E 282 -59.58 11.83 12.46
C ASN E 282 -60.02 12.08 11.04
N PRO E 283 -61.26 11.73 10.68
CA PRO E 283 -61.69 11.86 9.29
C PRO E 283 -61.64 13.29 8.76
N ASP E 284 -61.67 14.29 9.62
CA ASP E 284 -61.61 15.69 9.19
C ASP E 284 -60.23 16.11 8.75
N GLY E 285 -59.22 15.27 8.95
CA GLY E 285 -57.87 15.59 8.55
C GLY E 285 -56.93 15.60 9.75
N ILE E 286 -55.64 15.64 9.44
CA ILE E 286 -54.59 15.69 10.46
C ILE E 286 -53.48 16.58 9.93
N ASP E 287 -52.85 17.33 10.83
CA ASP E 287 -51.88 18.35 10.45
C ASP E 287 -50.47 17.85 10.78
N PRO E 288 -49.65 17.51 9.79
CA PRO E 288 -48.32 16.96 10.11
C PRO E 288 -47.41 17.94 10.83
N LYS E 289 -47.55 19.23 10.56
CA LYS E 289 -46.83 20.23 11.34
C LYS E 289 -47.17 20.08 12.81
N GLU E 290 -48.47 20.09 13.14
CA GLU E 290 -48.92 19.85 14.49
C GLU E 290 -48.42 18.50 15.02
N LEU E 291 -48.16 17.54 14.13
CA LEU E 291 -47.79 16.20 14.59
C LEU E 291 -46.36 16.17 15.11
N GLU E 292 -45.46 16.87 14.44
CA GLU E 292 -44.09 16.96 14.95
C GLU E 292 -44.07 17.59 16.33
N ASP E 293 -45.10 18.35 16.67
CA ASP E 293 -45.10 19.08 17.93
C ASP E 293 -45.11 18.13 19.12
N PHE E 294 -46.11 17.24 19.17
CA PHE E 294 -46.18 16.30 20.28
C PHE E 294 -45.00 15.33 20.27
N LYS E 295 -44.43 15.06 19.10
CA LYS E 295 -43.33 14.11 19.01
C LYS E 295 -42.09 14.67 19.70
N LEU E 296 -41.99 15.99 19.79
CA LEU E 296 -40.88 16.60 20.51
C LEU E 296 -41.20 16.72 22.00
N GLN E 297 -42.50 16.77 22.33
CA GLN E 297 -42.94 16.96 23.70
C GLN E 297 -43.43 15.68 24.36
N HIS E 298 -43.77 14.65 23.59
CA HIS E 298 -44.32 13.42 24.15
C HIS E 298 -43.64 12.14 23.67
N GLY E 299 -43.13 12.09 22.45
CA GLY E 299 -42.57 10.87 21.89
C GLY E 299 -43.54 10.03 21.08
N THR E 300 -44.78 9.89 21.53
CA THR E 300 -45.77 9.08 20.80
C THR E 300 -46.90 9.96 20.30
N ILE E 301 -47.75 9.36 19.48
CA ILE E 301 -48.90 10.07 18.93
C ILE E 301 -50.15 9.87 19.75
N LEU E 302 -50.22 8.79 20.52
CA LEU E 302 -51.35 8.59 21.42
C LEU E 302 -51.34 9.69 22.48
N GLY E 303 -52.42 10.46 22.51
CA GLY E 303 -52.49 11.66 23.30
C GLY E 303 -52.54 12.94 22.49
N PHE E 304 -52.45 12.84 21.17
CA PHE E 304 -52.59 14.01 20.32
C PHE E 304 -54.02 14.54 20.46
N PRO E 305 -54.21 15.82 20.73
CA PRO E 305 -55.57 16.31 21.02
C PRO E 305 -56.51 16.40 19.82
N LYS E 306 -56.00 16.67 18.62
CA LYS E 306 -56.85 16.89 17.46
C LYS E 306 -57.03 15.63 16.64
N ALA E 307 -57.05 14.46 17.30
CA ALA E 307 -57.37 13.22 16.61
C ALA E 307 -57.80 12.19 17.63
N LYS E 308 -58.62 11.25 17.19
CA LYS E 308 -59.20 10.24 18.07
C LYS E 308 -58.39 8.96 17.97
N ILE E 309 -58.02 8.41 19.14
CA ILE E 309 -57.30 7.15 19.16
C ILE E 309 -58.12 6.11 18.41
N TYR E 310 -57.51 5.47 17.42
CA TYR E 310 -58.22 4.59 16.51
C TYR E 310 -57.97 3.14 16.91
N GLU E 311 -59.04 2.43 17.22
CA GLU E 311 -58.95 1.03 17.61
C GLU E 311 -58.96 0.15 16.36
N GLY E 312 -57.84 -0.52 16.12
CA GLY E 312 -57.70 -1.40 14.98
C GLY E 312 -56.48 -1.06 14.15
N SER E 313 -56.10 -2.00 13.29
CA SER E 313 -54.96 -1.82 12.42
C SER E 313 -55.27 -0.81 11.32
N ILE E 314 -54.27 0.04 11.02
CA ILE E 314 -54.41 0.98 9.91
C ILE E 314 -54.85 0.24 8.67
N LEU E 315 -54.31 -0.97 8.46
CA LEU E 315 -54.62 -1.76 7.28
C LEU E 315 -56.11 -2.04 7.14
N GLU E 316 -56.90 -1.80 8.18
CA GLU E 316 -58.34 -2.00 8.14
C GLU E 316 -59.11 -0.69 7.99
N VAL E 317 -58.44 0.37 7.56
CA VAL E 317 -59.05 1.69 7.45
C VAL E 317 -59.51 1.91 6.03
N ASP E 318 -60.74 2.42 5.88
CA ASP E 318 -61.21 2.85 4.57
C ASP E 318 -60.48 4.11 4.17
N CYS E 319 -59.97 4.12 2.94
CA CYS E 319 -59.16 5.20 2.42
C CYS E 319 -59.08 5.06 0.91
N ASP E 320 -58.26 5.88 0.27
CA ASP E 320 -58.03 5.79 -1.17
C ASP E 320 -56.62 5.31 -1.49
N ILE E 321 -55.66 5.56 -0.60
CA ILE E 321 -54.26 5.17 -0.81
C ILE E 321 -53.69 4.76 0.53
N LEU E 322 -53.05 3.59 0.56
CA LEU E 322 -52.51 3.02 1.79
C LEU E 322 -50.99 3.01 1.72
N ILE E 323 -50.35 3.76 2.63
CA ILE E 323 -48.89 3.88 2.64
C ILE E 323 -48.29 3.04 3.75
N PRO E 324 -47.90 1.80 3.48
CA PRO E 324 -47.10 1.06 4.46
C PRO E 324 -45.65 1.52 4.47
N ALA E 325 -45.21 1.97 5.65
CA ALA E 325 -43.89 2.55 5.78
C ALA E 325 -43.16 2.00 7.00
N ALA E 326 -43.83 1.18 7.79
CA ALA E 326 -43.26 0.74 9.06
C ALA E 326 -42.19 -0.32 8.86
N SER E 327 -42.58 -1.48 8.34
CA SER E 327 -41.66 -2.59 8.22
C SER E 327 -42.25 -3.61 7.28
N GLU E 328 -41.37 -4.41 6.67
CA GLU E 328 -41.80 -5.43 5.74
C GLU E 328 -42.73 -6.43 6.42
N LYS E 329 -43.46 -7.19 5.61
CA LYS E 329 -44.34 -8.26 6.04
C LYS E 329 -45.59 -7.70 6.70
N GLN E 330 -45.86 -6.40 6.55
CA GLN E 330 -46.93 -5.79 7.33
C GLN E 330 -48.30 -6.21 6.83
N LEU E 331 -48.39 -6.55 5.55
CA LEU E 331 -49.65 -6.93 4.92
C LEU E 331 -49.54 -8.34 4.36
N THR E 332 -50.37 -9.25 4.86
CA THR E 332 -50.31 -10.66 4.47
C THR E 332 -51.65 -11.11 3.89
N LYS E 333 -51.74 -12.40 3.63
CA LYS E 333 -52.94 -12.97 3.02
C LYS E 333 -54.07 -13.09 4.03
N SER E 334 -53.74 -13.16 5.32
CA SER E 334 -54.76 -13.24 6.35
C SER E 334 -55.63 -12.00 6.41
N ASN E 335 -55.17 -10.88 5.86
CA ASN E 335 -55.91 -9.63 5.91
C ASN E 335 -55.98 -8.92 4.58
N ALA E 336 -55.23 -9.36 3.56
CA ALA E 336 -55.31 -8.72 2.26
C ALA E 336 -56.73 -8.58 1.75
N PRO E 337 -57.61 -9.56 1.88
CA PRO E 337 -58.98 -9.39 1.36
C PRO E 337 -59.68 -8.18 1.92
N ARG E 338 -59.21 -7.66 3.06
CA ARG E 338 -59.82 -6.50 3.71
C ARG E 338 -59.03 -5.23 3.44
N VAL E 339 -58.54 -5.09 2.21
CA VAL E 339 -57.70 -3.96 1.83
C VAL E 339 -58.44 -2.66 2.09
N LYS E 340 -59.70 -2.57 1.68
CA LYS E 340 -60.53 -1.38 1.90
C LYS E 340 -59.94 -0.15 1.23
N ALA E 341 -59.01 -0.38 0.29
CA ALA E 341 -58.31 0.72 -0.34
C ALA E 341 -57.96 0.30 -1.76
N LYS E 342 -57.82 1.30 -2.63
CA LYS E 342 -57.71 1.11 -4.07
C LYS E 342 -56.28 1.03 -4.55
N ILE E 343 -55.38 1.84 -4.00
CA ILE E 343 -53.98 1.80 -4.35
C ILE E 343 -53.19 1.52 -3.09
N ILE E 344 -52.10 0.79 -3.23
CA ILE E 344 -51.15 0.57 -2.16
C ILE E 344 -49.78 0.95 -2.68
N ALA E 345 -49.00 1.60 -1.83
CA ALA E 345 -47.72 2.15 -2.23
C ALA E 345 -46.67 1.71 -1.23
N GLU E 346 -45.87 0.73 -1.63
CA GLU E 346 -44.95 0.06 -0.71
C GLU E 346 -43.73 0.94 -0.49
N GLY E 347 -43.81 1.75 0.54
CA GLY E 347 -42.66 2.49 1.01
C GLY E 347 -41.91 1.75 2.11
N ALA E 348 -42.05 0.42 2.14
CA ALA E 348 -41.59 -0.34 3.31
C ALA E 348 -40.92 -1.65 2.94
N ASN E 349 -40.17 -1.69 1.83
CA ASN E 349 -39.23 -2.78 1.58
C ASN E 349 -39.89 -4.16 1.68
N GLY E 350 -40.99 -4.32 0.95
CA GLY E 350 -41.64 -5.60 0.86
C GLY E 350 -42.59 -5.87 2.00
N PRO E 351 -43.51 -4.93 2.23
CA PRO E 351 -44.57 -5.18 3.21
C PRO E 351 -45.50 -6.31 2.80
N THR E 352 -45.77 -6.46 1.51
CA THR E 352 -46.76 -7.40 1.00
C THR E 352 -46.12 -8.76 0.76
N THR E 353 -46.88 -9.63 0.12
CA THR E 353 -46.52 -11.02 -0.08
C THR E 353 -46.83 -11.46 -1.49
N PRO E 354 -46.35 -12.64 -1.89
CA PRO E 354 -46.75 -13.17 -3.21
C PRO E 354 -48.21 -13.51 -3.28
N GLU E 355 -48.78 -13.97 -2.15
CA GLU E 355 -50.21 -14.23 -2.09
C GLU E 355 -51.01 -12.93 -2.18
N ALA E 356 -50.74 -11.99 -1.28
CA ALA E 356 -51.40 -10.70 -1.34
C ALA E 356 -51.43 -10.18 -2.78
N ASP E 357 -50.29 -10.26 -3.47
CA ASP E 357 -50.25 -9.91 -4.88
C ASP E 357 -51.34 -10.64 -5.66
N LYS E 358 -51.50 -11.94 -5.39
CA LYS E 358 -52.56 -12.71 -6.02
C LYS E 358 -53.93 -12.13 -5.68
N ILE E 359 -54.15 -11.86 -4.40
CA ILE E 359 -55.40 -11.23 -3.98
C ILE E 359 -55.62 -9.92 -4.73
N PHE E 360 -54.58 -9.09 -4.78
CA PHE E 360 -54.75 -7.72 -5.24
C PHE E 360 -54.86 -7.64 -6.75
N LEU E 361 -54.40 -8.65 -7.47
CA LEU E 361 -54.74 -8.75 -8.89
C LEU E 361 -56.20 -9.13 -9.06
N GLU E 362 -56.67 -10.09 -8.27
CA GLU E 362 -58.07 -10.49 -8.35
C GLU E 362 -58.99 -9.32 -8.01
N ARG E 363 -58.66 -8.57 -6.96
CA ARG E 363 -59.44 -7.43 -6.53
C ARG E 363 -59.21 -6.19 -7.39
N ASN E 364 -58.36 -6.27 -8.40
CA ASN E 364 -57.97 -5.10 -9.18
C ASN E 364 -57.51 -3.98 -8.26
N ILE E 365 -56.43 -4.25 -7.52
CA ILE E 365 -55.81 -3.25 -6.65
C ILE E 365 -54.44 -2.91 -7.21
N MET E 366 -54.23 -1.63 -7.52
CA MET E 366 -52.92 -1.16 -7.94
C MET E 366 -51.98 -1.19 -6.75
N VAL E 367 -50.88 -1.92 -6.89
CA VAL E 367 -49.83 -1.96 -5.88
C VAL E 367 -48.58 -1.35 -6.49
N ILE E 368 -48.08 -0.29 -5.87
CA ILE E 368 -46.86 0.37 -6.32
C ILE E 368 -45.68 -0.32 -5.61
N PRO E 369 -44.73 -0.88 -6.35
CA PRO E 369 -43.69 -1.68 -5.70
C PRO E 369 -42.66 -0.82 -4.99
N ASP E 370 -42.05 -1.40 -3.95
CA ASP E 370 -40.86 -0.80 -3.38
C ASP E 370 -39.94 -0.28 -4.47
N LEU E 371 -39.54 -1.16 -5.38
CA LEU E 371 -38.82 -0.73 -6.56
C LEU E 371 -39.52 0.45 -7.19
N TYR E 372 -38.72 1.39 -7.68
CA TYR E 372 -39.18 2.61 -8.31
C TYR E 372 -39.92 3.54 -7.35
N LEU E 373 -40.16 3.12 -6.12
CA LEU E 373 -40.92 3.97 -5.22
C LEU E 373 -40.08 4.45 -4.05
N ASN E 374 -39.22 3.59 -3.53
CA ASN E 374 -38.28 3.93 -2.48
C ASN E 374 -36.91 4.26 -3.04
N ALA E 375 -36.83 4.57 -4.33
CA ALA E 375 -35.57 4.85 -4.98
C ALA E 375 -35.20 6.32 -4.94
N GLY E 376 -35.84 7.09 -4.07
CA GLY E 376 -35.49 8.47 -3.88
C GLY E 376 -34.25 8.62 -3.04
N GLY E 377 -34.23 7.90 -1.92
CA GLY E 377 -33.11 7.99 -1.01
C GLY E 377 -31.82 7.47 -1.59
N VAL E 378 -31.90 6.86 -2.77
CA VAL E 378 -30.71 6.32 -3.41
C VAL E 378 -30.10 7.34 -4.35
N THR E 379 -30.88 7.86 -5.29
CA THR E 379 -30.38 8.88 -6.18
C THR E 379 -29.73 10.01 -5.41
N VAL E 380 -30.38 10.48 -4.35
CA VAL E 380 -29.79 11.55 -3.56
C VAL E 380 -28.43 11.12 -3.03
N SER E 381 -28.36 9.93 -2.43
CA SER E 381 -27.10 9.43 -1.95
C SER E 381 -26.11 9.22 -3.08
N TYR E 382 -26.58 9.21 -4.32
CA TYR E 382 -25.69 9.18 -5.47
C TYR E 382 -25.15 10.58 -5.76
N PHE E 383 -25.90 11.60 -5.38
CA PHE E 383 -25.47 12.96 -5.58
C PHE E 383 -24.58 13.44 -4.45
N GLU E 384 -24.65 12.75 -3.31
CA GLU E 384 -23.79 13.08 -2.18
C GLU E 384 -22.45 12.39 -2.30
N TRP E 385 -22.42 11.27 -3.00
CA TRP E 385 -21.19 10.56 -3.28
C TRP E 385 -20.38 11.30 -4.33
N LEU E 386 -21.08 11.94 -5.26
CA LEU E 386 -20.41 12.76 -6.26
C LEU E 386 -19.88 14.04 -5.65
N ASN E 387 -20.75 14.81 -5.00
CA ASN E 387 -20.34 16.05 -4.33
C ASN E 387 -19.00 15.86 -3.64
N ASN E 388 -18.78 14.69 -3.06
CA ASN E 388 -17.60 14.47 -2.24
C ASN E 388 -16.47 13.85 -3.04
N LEU E 389 -16.69 13.57 -4.31
CA LEU E 389 -15.61 13.14 -5.18
C LEU E 389 -15.12 14.28 -6.04
N ASN E 390 -15.92 15.32 -6.20
CA ASN E 390 -15.57 16.46 -7.02
C ASN E 390 -15.08 17.61 -6.18
N HIS E 391 -15.25 17.51 -4.86
CA HIS E 391 -14.64 18.44 -3.92
C HIS E 391 -15.04 19.87 -4.21
N VAL E 392 -16.31 20.07 -4.54
CA VAL E 392 -16.77 21.41 -4.88
C VAL E 392 -18.28 21.46 -4.85
N SER E 393 -18.82 22.60 -4.42
CA SER E 393 -20.24 22.86 -4.53
C SER E 393 -20.63 22.96 -5.99
N TYR E 394 -21.79 22.43 -6.33
CA TYR E 394 -22.22 22.41 -7.71
C TYR E 394 -22.49 23.82 -8.20
N GLY E 395 -21.91 24.17 -9.33
CA GLY E 395 -22.18 25.42 -9.99
C GLY E 395 -21.40 26.60 -9.48
N ARG E 396 -20.80 26.49 -8.29
CA ARG E 396 -20.09 27.61 -7.69
C ARG E 396 -19.26 28.37 -8.71
N LEU E 397 -18.62 27.64 -9.61
CA LEU E 397 -17.65 28.23 -10.51
C LEU E 397 -18.29 29.13 -11.55
N THR E 398 -19.61 29.03 -11.74
CA THR E 398 -20.27 29.64 -12.88
C THR E 398 -21.43 30.55 -12.50
N PHE E 399 -21.75 30.65 -11.21
CA PHE E 399 -22.92 31.44 -10.80
C PHE E 399 -22.85 32.84 -11.37
N LYS E 400 -21.69 33.46 -11.33
CA LYS E 400 -21.58 34.84 -11.78
C LYS E 400 -21.45 34.91 -13.30
N TYR E 401 -20.82 33.91 -13.90
CA TYR E 401 -20.65 33.91 -15.35
C TYR E 401 -21.96 33.60 -16.05
N GLU E 402 -22.63 32.54 -15.63
CA GLU E 402 -23.91 32.18 -16.22
C GLU E 402 -24.95 33.27 -15.99
N ARG E 403 -24.81 34.03 -14.91
CA ARG E 403 -25.81 35.04 -14.60
C ARG E 403 -25.85 36.12 -15.66
N ASP E 404 -24.71 36.73 -15.94
CA ASP E 404 -24.65 37.85 -16.87
C ASP E 404 -24.60 37.39 -18.32
N SER E 405 -24.02 36.22 -18.59
CA SER E 405 -24.13 35.65 -19.92
C SER E 405 -25.57 35.61 -20.39
N ASN E 406 -26.51 35.36 -19.49
CA ASN E 406 -27.92 35.41 -19.86
C ASN E 406 -28.40 36.84 -19.94
N TYR E 407 -27.74 37.74 -19.23
CA TYR E 407 -28.11 39.15 -19.27
C TYR E 407 -27.56 39.81 -20.52
N HIS E 408 -26.43 39.31 -21.03
CA HIS E 408 -25.90 39.84 -22.29
C HIS E 408 -26.62 39.24 -23.47
N LEU E 409 -27.31 38.14 -23.25
CA LEU E 409 -28.13 37.54 -24.29
C LEU E 409 -29.37 38.39 -24.55
N LEU E 410 -30.07 38.72 -23.47
CA LEU E 410 -31.29 39.51 -23.59
C LEU E 410 -31.01 40.89 -24.17
N MET E 411 -29.83 41.43 -23.92
CA MET E 411 -29.47 42.71 -24.51
C MET E 411 -29.20 42.57 -26.00
N SER E 412 -28.81 41.38 -26.43
CA SER E 412 -28.56 41.17 -27.84
C SER E 412 -29.87 41.02 -28.60
N VAL E 413 -30.91 40.55 -27.92
CA VAL E 413 -32.25 40.62 -28.47
C VAL E 413 -32.74 42.05 -28.47
N GLN E 414 -32.72 42.68 -27.30
CA GLN E 414 -33.21 44.05 -27.17
C GLN E 414 -32.57 44.97 -28.19
N GLU E 415 -31.26 44.93 -28.29
CA GLU E 415 -30.54 45.92 -29.08
C GLU E 415 -30.71 45.66 -30.57
N SER E 416 -30.88 44.40 -30.95
CA SER E 416 -31.11 44.10 -32.36
C SER E 416 -32.53 44.44 -32.77
N LEU E 417 -33.48 44.26 -31.86
CA LEU E 417 -34.85 44.64 -32.14
C LEU E 417 -34.98 46.15 -32.25
N GLU E 418 -34.59 46.88 -31.20
CA GLU E 418 -34.50 48.33 -31.30
C GLU E 418 -33.84 48.75 -32.61
N ARG E 419 -32.74 48.08 -32.97
CA ARG E 419 -31.95 48.48 -34.13
C ARG E 419 -32.83 48.60 -35.36
N LYS E 420 -33.85 47.76 -35.46
CA LYS E 420 -34.71 47.75 -36.63
C LYS E 420 -35.90 48.67 -36.45
N PHE E 421 -36.65 48.46 -35.37
CA PHE E 421 -37.82 49.26 -35.08
C PHE E 421 -37.47 50.53 -34.32
N GLY E 422 -36.65 50.42 -33.27
CA GLY E 422 -36.24 51.58 -32.53
C GLY E 422 -37.38 52.52 -32.22
N LYS E 423 -37.28 53.73 -32.78
CA LYS E 423 -38.26 54.80 -32.60
C LYS E 423 -39.70 54.31 -32.68
N HIS E 424 -39.94 53.25 -33.46
CA HIS E 424 -41.29 52.72 -33.62
C HIS E 424 -41.99 52.59 -32.28
N GLY E 425 -41.29 52.03 -31.29
CA GLY E 425 -41.83 51.90 -29.95
C GLY E 425 -40.86 52.40 -28.91
N GLY E 426 -39.77 53.01 -29.37
CA GLY E 426 -38.79 53.59 -28.47
C GLY E 426 -37.79 52.56 -27.99
N THR E 427 -37.74 52.33 -26.68
CA THR E 427 -36.92 51.28 -26.10
C THR E 427 -37.80 50.12 -25.68
N ILE E 428 -37.26 48.92 -25.84
CA ILE E 428 -37.99 47.70 -25.59
C ILE E 428 -37.29 46.94 -24.47
N PRO E 429 -37.65 47.17 -23.23
CA PRO E 429 -36.99 46.46 -22.14
C PRO E 429 -37.26 44.96 -22.17
N ILE E 430 -36.20 44.19 -22.29
CA ILE E 430 -36.27 42.74 -22.20
C ILE E 430 -35.71 42.36 -20.84
N VAL E 431 -36.59 41.96 -19.93
CA VAL E 431 -36.15 41.65 -18.57
C VAL E 431 -36.71 40.29 -18.17
N PRO E 432 -36.08 39.65 -17.21
CA PRO E 432 -36.55 38.35 -16.74
C PRO E 432 -37.98 38.42 -16.25
N THR E 433 -38.55 37.24 -16.06
CA THR E 433 -39.78 37.11 -15.30
C THR E 433 -39.45 37.03 -13.81
N ALA E 434 -40.44 36.57 -13.05
CA ALA E 434 -40.23 36.36 -11.63
C ALA E 434 -39.32 35.17 -11.38
N GLU E 435 -39.72 34.00 -11.85
CA GLU E 435 -39.00 32.78 -11.54
C GLU E 435 -37.66 32.68 -12.27
N PHE E 436 -37.59 33.14 -13.51
CA PHE E 436 -36.30 33.13 -14.19
C PHE E 436 -35.28 33.98 -13.45
N GLN E 437 -35.75 35.05 -12.82
CA GLN E 437 -34.85 35.86 -12.00
C GLN E 437 -34.30 35.06 -10.85
N ASP E 438 -34.99 33.98 -10.48
CA ASP E 438 -34.47 33.08 -9.46
C ASP E 438 -33.53 32.06 -10.07
N ARG E 439 -33.65 31.82 -11.37
CA ARG E 439 -32.89 30.78 -12.05
C ARG E 439 -31.94 31.34 -13.09
N ILE E 440 -31.55 32.60 -12.97
CA ILE E 440 -30.70 33.21 -13.98
C ILE E 440 -29.23 32.99 -13.68
N SER E 441 -28.90 32.80 -12.41
CA SER E 441 -27.52 32.59 -11.99
C SER E 441 -27.04 31.16 -12.17
N GLY E 442 -27.93 30.23 -12.50
CA GLY E 442 -27.58 28.84 -12.68
C GLY E 442 -28.10 27.97 -11.56
N ALA E 443 -27.72 26.70 -11.63
CA ALA E 443 -28.25 25.69 -10.73
C ALA E 443 -27.50 25.67 -9.40
N SER E 444 -28.26 25.71 -8.31
CA SER E 444 -27.73 25.46 -6.98
C SER E 444 -28.10 24.04 -6.55
N GLU E 445 -27.29 23.49 -5.64
CA GLU E 445 -27.51 22.11 -5.23
C GLU E 445 -28.97 21.84 -4.91
N LYS E 446 -29.63 22.76 -4.22
CA LYS E 446 -31.03 22.59 -3.90
C LYS E 446 -31.86 22.39 -5.16
N ASP E 447 -31.37 22.85 -6.30
CA ASP E 447 -32.16 22.81 -7.52
C ASP E 447 -31.82 21.58 -8.33
N ILE E 448 -30.54 21.26 -8.43
CA ILE E 448 -30.12 20.01 -9.05
C ILE E 448 -30.85 18.83 -8.42
N VAL E 449 -30.81 18.75 -7.10
CA VAL E 449 -31.47 17.66 -6.39
C VAL E 449 -32.94 17.59 -6.76
N HIS E 450 -33.68 18.64 -6.43
CA HIS E 450 -35.12 18.64 -6.66
C HIS E 450 -35.46 18.17 -8.07
N SER E 451 -34.67 18.62 -9.05
CA SER E 451 -34.95 18.30 -10.44
C SER E 451 -34.48 16.90 -10.80
N GLY E 452 -33.20 16.60 -10.60
CA GLY E 452 -32.69 15.29 -10.96
C GLY E 452 -33.56 14.17 -10.46
N LEU E 453 -34.08 14.30 -9.25
CA LEU E 453 -34.96 13.29 -8.69
C LEU E 453 -36.23 13.13 -9.54
N ALA E 454 -36.98 14.21 -9.70
CA ALA E 454 -38.20 14.17 -10.47
C ALA E 454 -37.97 13.68 -11.88
N TYR E 455 -36.79 13.96 -12.43
CA TYR E 455 -36.50 13.51 -13.79
C TYR E 455 -36.37 12.00 -13.85
N THR E 456 -35.41 11.46 -13.11
CA THR E 456 -35.21 10.02 -13.06
C THR E 456 -36.53 9.29 -12.87
N MET E 457 -37.27 9.63 -11.83
CA MET E 457 -38.52 8.93 -11.53
C MET E 457 -39.43 8.85 -12.74
N GLU E 458 -39.65 9.97 -13.42
CA GLU E 458 -40.51 9.95 -14.61
C GLU E 458 -39.90 9.10 -15.70
N ARG E 459 -38.61 9.29 -15.99
CA ARG E 459 -37.95 8.49 -17.00
C ARG E 459 -38.16 7.01 -16.77
N SER E 460 -38.11 6.60 -15.50
CA SER E 460 -38.16 5.18 -15.18
C SER E 460 -39.57 4.62 -15.30
N ALA E 461 -40.54 5.26 -14.64
CA ALA E 461 -41.92 4.83 -14.80
C ALA E 461 -42.30 4.71 -16.26
N ARG E 462 -41.78 5.61 -17.09
CA ARG E 462 -42.03 5.51 -18.53
C ARG E 462 -41.55 4.17 -19.06
N GLN E 463 -40.32 3.76 -18.68
CA GLN E 463 -39.81 2.46 -19.09
C GLN E 463 -40.62 1.33 -18.47
N ILE E 464 -41.11 1.52 -17.26
CA ILE E 464 -41.88 0.48 -16.59
C ILE E 464 -43.20 0.26 -17.30
N MET E 465 -44.03 1.29 -17.36
CA MET E 465 -45.34 1.16 -18.00
C MET E 465 -45.19 0.75 -19.45
N ARG E 466 -44.02 0.99 -20.05
CA ARG E 466 -43.82 0.69 -21.46
C ARG E 466 -43.69 -0.81 -21.68
N THR E 467 -43.08 -1.51 -20.72
CA THR E 467 -42.95 -2.96 -20.84
C THR E 467 -44.18 -3.69 -20.31
N ALA E 468 -44.82 -3.13 -19.29
CA ALA E 468 -46.05 -3.73 -18.79
C ALA E 468 -47.08 -3.85 -19.90
N MET E 469 -47.07 -2.90 -20.83
CA MET E 469 -47.95 -2.99 -21.99
C MET E 469 -47.36 -3.87 -23.08
N LYS E 470 -46.02 -3.93 -23.17
CA LYS E 470 -45.39 -4.81 -24.13
C LYS E 470 -45.75 -6.26 -23.84
N TYR E 471 -46.00 -6.59 -22.58
CA TYR E 471 -46.28 -7.95 -22.15
C TYR E 471 -47.66 -8.10 -21.54
N ASN E 472 -48.40 -7.00 -21.40
CA ASN E 472 -49.78 -7.06 -20.97
C ASN E 472 -49.89 -7.64 -19.57
N LEU E 473 -49.10 -7.07 -18.67
CA LEU E 473 -49.14 -7.44 -17.26
C LEU E 473 -50.24 -6.71 -16.50
N GLY E 474 -50.89 -5.74 -17.13
CA GLY E 474 -51.97 -5.04 -16.47
C GLY E 474 -51.47 -4.32 -15.25
N LEU E 475 -52.03 -4.69 -14.10
CA LEU E 475 -51.73 -4.04 -12.82
C LEU E 475 -50.49 -4.60 -12.15
N ASP E 476 -49.98 -5.73 -12.62
CA ASP E 476 -48.83 -6.38 -11.99
C ASP E 476 -47.57 -5.60 -12.35
N LEU E 477 -47.49 -4.39 -11.81
CA LEU E 477 -46.32 -3.56 -12.02
C LEU E 477 -45.06 -4.23 -11.47
N ARG E 478 -45.18 -4.90 -10.33
CA ARG E 478 -44.01 -5.49 -9.70
C ARG E 478 -43.19 -6.30 -10.69
N THR E 479 -43.85 -7.25 -11.37
CA THR E 479 -43.16 -8.04 -12.36
C THR E 479 -42.65 -7.19 -13.51
N ALA E 480 -43.36 -6.10 -13.80
CA ALA E 480 -42.93 -5.22 -14.87
C ALA E 480 -41.59 -4.59 -14.55
N ALA E 481 -41.28 -4.46 -13.27
CA ALA E 481 -40.02 -3.85 -12.87
C ALA E 481 -38.87 -4.83 -12.98
N TYR E 482 -39.00 -5.97 -12.32
CA TYR E 482 -37.94 -6.97 -12.34
C TYR E 482 -37.47 -7.27 -13.74
N VAL E 483 -38.38 -7.29 -14.71
CA VAL E 483 -38.00 -7.60 -16.08
C VAL E 483 -36.97 -6.61 -16.59
N ASN E 484 -37.21 -5.33 -16.33
CA ASN E 484 -36.22 -4.32 -16.71
C ASN E 484 -34.91 -4.53 -15.99
N ALA E 485 -34.97 -4.64 -14.67
CA ALA E 485 -33.77 -4.90 -13.89
C ALA E 485 -33.00 -6.09 -14.45
N ILE E 486 -33.62 -7.26 -14.43
CA ILE E 486 -32.96 -8.47 -14.90
C ILE E 486 -32.41 -8.27 -16.28
N GLU E 487 -33.14 -7.55 -17.13
CA GLU E 487 -32.72 -7.36 -18.51
C GLU E 487 -31.46 -6.51 -18.58
N LYS E 488 -31.30 -5.59 -17.63
CA LYS E 488 -30.10 -4.77 -17.58
C LYS E 488 -28.94 -5.55 -16.98
N VAL E 489 -29.09 -5.98 -15.74
CA VAL E 489 -28.05 -6.75 -15.07
C VAL E 489 -27.50 -7.82 -15.98
N PHE E 490 -28.40 -8.54 -16.65
CA PHE E 490 -27.97 -9.65 -17.49
C PHE E 490 -26.94 -9.21 -18.52
N ARG E 491 -27.23 -8.13 -19.24
CA ARG E 491 -26.31 -7.65 -20.27
C ARG E 491 -24.91 -7.46 -19.74
N VAL E 492 -24.78 -7.20 -18.44
CA VAL E 492 -23.48 -6.89 -17.88
C VAL E 492 -22.65 -8.16 -17.72
N TYR E 493 -23.23 -9.18 -17.09
CA TYR E 493 -22.53 -10.45 -16.95
C TYR E 493 -22.23 -11.06 -18.30
N ASN E 494 -23.18 -11.00 -19.22
CA ASN E 494 -22.99 -11.61 -20.52
C ASN E 494 -21.85 -10.96 -21.29
N GLU E 495 -21.99 -9.67 -21.61
CA GLU E 495 -20.94 -8.98 -22.35
C GLU E 495 -19.61 -9.03 -21.63
N ALA E 496 -19.61 -9.24 -20.33
CA ALA E 496 -18.40 -9.16 -19.54
C ALA E 496 -17.54 -10.41 -19.61
N GLY E 497 -18.03 -11.50 -20.20
CA GLY E 497 -17.24 -12.71 -20.12
C GLY E 497 -17.34 -13.38 -18.77
N VAL E 498 -18.45 -14.07 -18.49
CA VAL E 498 -19.04 -14.20 -17.16
C VAL E 498 -17.99 -14.13 -16.05
N THR E 499 -16.79 -14.62 -16.31
CA THR E 499 -15.75 -14.64 -15.31
C THR E 499 -14.40 -14.31 -15.96
N PHE E 500 -13.43 -13.98 -15.12
CA PHE E 500 -12.07 -13.70 -15.54
C PHE E 500 -11.14 -14.88 -15.28
N THR E 501 -11.67 -16.00 -14.83
CA THR E 501 -10.84 -17.16 -14.57
C THR E 501 -10.44 -17.78 -15.90
N ASP F 6 10.87 -1.83 -45.62
CA ASP F 6 12.13 -1.53 -46.30
C ASP F 6 13.20 -1.13 -45.29
N PRO F 7 13.02 0.10 -44.67
CA PRO F 7 14.07 0.46 -43.71
C PRO F 7 13.63 0.26 -42.27
N ASN F 8 14.52 0.54 -41.32
CA ASN F 8 14.20 0.40 -39.91
C ASN F 8 13.05 1.33 -39.60
N PHE F 9 11.85 0.76 -39.50
CA PHE F 9 10.65 1.55 -39.23
C PHE F 9 10.88 2.53 -38.09
N PHE F 10 11.70 2.16 -37.13
CA PHE F 10 11.98 3.05 -36.01
C PHE F 10 12.82 4.24 -36.46
N LYS F 11 13.82 3.98 -37.30
CA LYS F 11 14.67 5.07 -37.76
C LYS F 11 13.93 5.96 -38.75
N MET F 12 13.09 5.37 -39.60
CA MET F 12 12.24 6.18 -40.46
C MET F 12 11.59 7.30 -39.67
N VAL F 13 10.76 6.94 -38.69
CA VAL F 13 10.12 7.94 -37.84
C VAL F 13 11.17 8.89 -37.29
N GLU F 14 12.33 8.36 -36.95
CA GLU F 14 13.37 9.17 -36.34
C GLU F 14 13.97 10.12 -37.35
N GLY F 15 14.09 9.66 -38.59
CA GLY F 15 14.59 10.54 -39.64
C GLY F 15 13.68 11.73 -39.84
N PHE F 16 12.37 11.51 -39.81
CA PHE F 16 11.43 12.62 -39.84
C PHE F 16 11.69 13.59 -38.69
N PHE F 17 11.55 13.10 -37.47
CA PHE F 17 11.64 13.93 -36.27
C PHE F 17 12.78 14.95 -36.39
N ASP F 18 13.91 14.53 -36.93
CA ASP F 18 15.01 15.46 -37.12
C ASP F 18 14.62 16.59 -38.05
N ARG F 19 14.07 16.25 -39.23
CA ARG F 19 13.66 17.28 -40.18
C ARG F 19 12.94 18.41 -39.48
N GLY F 20 11.98 18.07 -38.61
CA GLY F 20 11.27 19.10 -37.87
C GLY F 20 12.15 19.86 -36.92
N ALA F 21 13.06 19.16 -36.25
CA ALA F 21 13.87 19.80 -35.22
C ALA F 21 14.95 20.67 -35.83
N SER F 22 15.48 20.27 -36.99
CA SER F 22 16.43 21.11 -37.70
C SER F 22 15.89 22.51 -37.92
N ILE F 23 14.58 22.65 -37.97
CA ILE F 23 13.92 23.87 -38.40
C ILE F 23 13.59 24.72 -37.19
N VAL F 24 12.87 24.11 -36.24
CA VAL F 24 12.38 24.85 -35.09
C VAL F 24 13.53 25.26 -34.18
N GLU F 25 14.68 24.58 -34.29
CA GLU F 25 15.82 24.88 -33.45
C GLU F 25 16.06 26.37 -33.35
N ASP F 26 16.15 27.02 -34.50
CA ASP F 26 16.50 28.44 -34.54
C ASP F 26 15.53 29.27 -33.72
N LYS F 27 14.26 29.28 -34.11
CA LYS F 27 13.25 30.01 -33.34
C LYS F 27 13.21 29.52 -31.90
N LEU F 28 13.44 28.22 -31.72
CA LEU F 28 13.32 27.62 -30.40
C LEU F 28 14.35 28.20 -29.44
N VAL F 29 15.51 28.56 -29.97
CA VAL F 29 16.55 29.18 -29.15
C VAL F 29 16.13 30.59 -28.77
N GLU F 30 15.54 31.31 -29.72
CA GLU F 30 15.10 32.68 -29.47
C GLU F 30 14.06 32.73 -28.36
N ASP F 31 13.08 31.83 -28.41
CA ASP F 31 12.09 31.74 -27.34
C ASP F 31 12.76 31.52 -26.00
N LEU F 32 13.74 30.62 -25.95
CA LEU F 32 14.44 30.33 -24.71
C LEU F 32 15.05 31.60 -24.14
N LYS F 33 14.66 31.95 -22.92
CA LYS F 33 15.15 33.15 -22.25
C LYS F 33 16.11 32.76 -21.15
N THR F 34 17.31 33.35 -21.19
CA THR F 34 18.35 33.07 -20.21
C THR F 34 19.53 34.01 -20.43
N ARG F 35 20.57 33.86 -19.61
CA ARG F 35 21.78 34.64 -19.75
C ARG F 35 22.93 33.83 -20.37
N GLU F 36 22.67 32.60 -20.78
CA GLU F 36 23.70 31.78 -21.40
C GLU F 36 24.21 32.43 -22.68
N THR F 37 25.34 31.92 -23.15
CA THR F 37 25.84 32.27 -24.47
C THR F 37 24.92 31.73 -25.54
N GLU F 38 24.92 32.39 -26.70
CA GLU F 38 24.07 31.97 -27.81
C GLU F 38 24.31 30.52 -28.15
N GLU F 39 25.58 30.09 -28.14
CA GLU F 39 25.88 28.71 -28.45
C GLU F 39 25.44 27.78 -27.33
N GLN F 40 25.61 28.22 -26.07
CA GLN F 40 25.21 27.38 -24.96
C GLN F 40 23.71 27.07 -25.01
N LYS F 41 22.89 28.08 -25.30
CA LYS F 41 21.48 27.83 -25.51
C LYS F 41 21.27 26.75 -26.58
N ARG F 42 22.01 26.83 -27.68
CA ARG F 42 21.90 25.80 -28.70
C ARG F 42 22.25 24.43 -28.16
N ASN F 43 23.12 24.38 -27.16
CA ASN F 43 23.50 23.11 -26.57
C ASN F 43 22.51 22.70 -25.49
N ARG F 44 21.65 23.62 -25.04
CA ARG F 44 20.54 23.25 -24.18
C ARG F 44 19.45 22.56 -24.97
N VAL F 45 19.04 23.18 -26.08
CA VAL F 45 17.95 22.64 -26.86
C VAL F 45 18.35 21.32 -27.50
N ARG F 46 19.53 21.25 -28.11
CA ARG F 46 19.95 20.02 -28.75
C ARG F 46 20.04 18.89 -27.75
N SER F 47 20.49 19.17 -26.54
CA SER F 47 20.57 18.14 -25.52
C SER F 47 19.18 17.61 -25.19
N ILE F 48 18.22 18.51 -25.00
CA ILE F 48 16.86 18.08 -24.71
C ILE F 48 16.34 17.22 -25.86
N LEU F 49 16.51 17.69 -27.09
CA LEU F 49 16.04 16.94 -28.24
C LEU F 49 16.70 15.57 -28.32
N ARG F 50 17.85 15.40 -27.69
CA ARG F 50 18.46 14.08 -27.65
C ARG F 50 17.82 13.22 -26.57
N ILE F 51 17.00 13.83 -25.73
CA ILE F 51 16.31 13.10 -24.67
C ILE F 51 14.91 12.70 -25.12
N ILE F 52 14.25 13.58 -25.84
CA ILE F 52 12.89 13.32 -26.31
C ILE F 52 12.87 12.11 -27.23
N LYS F 53 13.75 12.08 -28.21
CA LYS F 53 13.66 11.17 -29.33
C LYS F 53 13.56 9.70 -28.93
N PRO F 54 14.28 9.23 -27.92
CA PRO F 54 14.23 7.81 -27.60
C PRO F 54 13.14 7.47 -26.59
N CYS F 55 12.83 6.17 -26.54
CA CYS F 55 11.85 5.64 -25.62
C CYS F 55 12.52 5.31 -24.29
N ASN F 56 11.76 5.54 -23.21
CA ASN F 56 12.29 5.50 -21.85
C ASN F 56 12.15 4.13 -21.21
N HIS F 57 11.08 3.41 -21.52
CA HIS F 57 10.86 2.10 -20.96
C HIS F 57 10.39 1.16 -22.06
N VAL F 58 10.99 -0.03 -22.08
CA VAL F 58 10.59 -1.09 -22.98
C VAL F 58 10.64 -2.39 -22.20
N LEU F 59 9.61 -3.20 -22.34
CA LEU F 59 9.50 -4.46 -21.64
C LEU F 59 9.24 -5.58 -22.62
N SER F 60 10.07 -6.61 -22.55
CA SER F 60 9.93 -7.80 -23.35
C SER F 60 9.75 -8.98 -22.42
N LEU F 61 8.67 -9.73 -22.63
CA LEU F 61 8.36 -10.82 -21.72
C LEU F 61 7.84 -12.01 -22.48
N SER F 62 7.82 -13.15 -21.79
CA SER F 62 7.46 -14.44 -22.35
C SER F 62 6.52 -15.18 -21.42
N PHE F 63 5.56 -15.89 -22.00
CA PHE F 63 4.48 -16.52 -21.29
C PHE F 63 4.44 -18.02 -21.49
N PRO F 64 4.34 -18.76 -20.44
CA PRO F 64 3.87 -20.14 -20.59
C PRO F 64 2.37 -20.20 -20.57
N ILE F 65 1.77 -20.78 -21.60
CA ILE F 65 0.33 -20.99 -21.61
C ILE F 65 0.05 -22.41 -22.06
N ARG F 66 -1.01 -22.99 -21.51
CA ARG F 66 -1.45 -24.33 -21.88
C ARG F 66 -2.60 -24.22 -22.85
N ARG F 67 -2.52 -24.94 -23.96
CA ARG F 67 -3.53 -24.91 -24.99
C ARG F 67 -4.71 -25.79 -24.60
N ASP F 68 -5.63 -25.94 -25.55
CA ASP F 68 -6.76 -26.83 -25.38
C ASP F 68 -6.33 -28.29 -25.47
N ASP F 69 -5.39 -28.59 -26.35
CA ASP F 69 -4.89 -29.95 -26.51
C ASP F 69 -3.92 -30.37 -25.40
N GLY F 70 -3.80 -29.58 -24.34
CA GLY F 70 -2.91 -29.90 -23.24
C GLY F 70 -1.47 -29.50 -23.43
N SER F 71 -1.06 -29.13 -24.64
CA SER F 71 0.31 -28.76 -24.92
C SER F 71 0.56 -27.28 -24.63
N TRP F 72 1.72 -27.00 -24.04
CA TRP F 72 2.14 -25.65 -23.77
C TRP F 72 2.86 -25.05 -24.97
N GLU F 73 2.82 -23.73 -25.06
CA GLU F 73 3.72 -22.99 -25.93
C GLU F 73 4.04 -21.67 -25.25
N VAL F 74 5.01 -20.97 -25.80
CA VAL F 74 5.43 -19.69 -25.25
C VAL F 74 4.98 -18.57 -26.17
N ILE F 75 4.86 -17.39 -25.60
CA ILE F 75 4.38 -16.21 -26.29
C ILE F 75 5.28 -15.05 -25.95
N GLU F 76 5.58 -14.24 -26.94
CA GLU F 76 6.45 -13.10 -26.79
C GLU F 76 5.62 -11.82 -26.86
N GLY F 77 5.73 -10.99 -25.84
CA GLY F 77 4.94 -9.79 -25.74
C GLY F 77 5.80 -8.60 -25.37
N TYR F 78 5.38 -7.42 -25.83
CA TYR F 78 6.15 -6.20 -25.71
C TYR F 78 5.25 -5.08 -25.21
N ARG F 79 5.86 -4.06 -24.63
CA ARG F 79 5.13 -2.89 -24.14
C ARG F 79 6.13 -1.77 -23.95
N ALA F 80 5.99 -0.71 -24.73
CA ALA F 80 6.88 0.42 -24.68
C ALA F 80 6.18 1.66 -24.17
N GLN F 81 6.93 2.46 -23.42
CA GLN F 81 6.53 3.79 -23.02
C GLN F 81 7.58 4.77 -23.49
N HIS F 82 7.13 5.77 -24.22
CA HIS F 82 8.04 6.71 -24.85
C HIS F 82 8.39 7.86 -23.93
N SER F 83 7.38 8.52 -23.39
CA SER F 83 7.59 9.77 -22.71
C SER F 83 6.73 9.82 -21.47
N GLN F 84 7.33 10.29 -20.39
CA GLN F 84 6.63 10.53 -19.14
C GLN F 84 6.40 12.01 -18.89
N HIS F 85 6.59 12.85 -19.90
CA HIS F 85 6.35 14.27 -19.75
C HIS F 85 4.94 14.55 -19.30
N ARG F 86 4.05 13.58 -19.48
CA ARG F 86 2.65 13.78 -19.21
C ARG F 86 1.97 12.43 -19.17
N THR F 87 1.43 12.07 -18.02
CA THR F 87 0.80 10.79 -17.80
C THR F 87 -0.69 10.98 -17.73
N PRO F 88 -1.46 9.91 -17.97
CA PRO F 88 -1.02 8.58 -18.36
C PRO F 88 -0.41 8.44 -19.74
N CYS F 89 0.15 7.27 -19.96
CA CYS F 89 0.63 6.88 -21.26
C CYS F 89 -0.36 5.92 -21.91
N LYS F 90 -0.51 6.04 -23.22
CA LYS F 90 -1.46 5.22 -23.92
C LYS F 90 -0.88 4.55 -25.15
N GLY F 91 -1.70 3.67 -25.70
CA GLY F 91 -1.38 2.95 -26.90
C GLY F 91 -2.16 1.66 -26.91
N GLY F 92 -2.14 1.01 -28.06
CA GLY F 92 -2.95 -0.15 -28.29
C GLY F 92 -2.18 -1.45 -28.21
N ILE F 93 -2.94 -2.52 -28.27
CA ILE F 93 -2.41 -3.86 -28.24
C ILE F 93 -2.62 -4.45 -29.61
N ARG F 94 -1.52 -4.80 -30.28
CA ARG F 94 -1.53 -5.34 -31.61
C ARG F 94 -1.18 -6.81 -31.57
N TYR F 95 -2.10 -7.65 -32.02
CA TYR F 95 -1.86 -9.08 -32.18
C TYR F 95 -1.42 -9.31 -33.61
N SER F 96 -0.21 -9.82 -33.78
CA SER F 96 0.34 -10.06 -35.10
C SER F 96 1.66 -10.81 -34.97
N THR F 97 2.01 -11.51 -36.03
CA THR F 97 3.27 -12.23 -36.11
C THR F 97 4.44 -11.37 -36.56
N ASP F 98 4.17 -10.21 -37.14
CA ASP F 98 5.21 -9.28 -37.54
C ASP F 98 5.45 -8.23 -36.47
N VAL F 99 5.31 -8.59 -35.21
CA VAL F 99 5.57 -7.66 -34.12
C VAL F 99 7.04 -7.73 -33.76
N SER F 100 7.60 -6.60 -33.38
CA SER F 100 9.02 -6.50 -33.10
C SER F 100 9.25 -5.30 -32.21
N VAL F 101 10.36 -5.37 -31.46
CA VAL F 101 10.69 -4.30 -30.53
C VAL F 101 10.77 -2.96 -31.25
N ASP F 102 11.24 -2.97 -32.49
CA ASP F 102 11.47 -1.73 -33.20
C ASP F 102 10.17 -1.12 -33.71
N GLU F 103 9.22 -1.95 -34.13
CA GLU F 103 7.91 -1.43 -34.50
C GLU F 103 7.21 -0.81 -33.30
N VAL F 104 7.37 -1.42 -32.13
CA VAL F 104 6.69 -0.94 -30.95
C VAL F 104 7.26 0.40 -30.52
N LYS F 105 8.58 0.50 -30.43
CA LYS F 105 9.20 1.77 -30.07
C LYS F 105 8.78 2.87 -31.02
N ALA F 106 8.73 2.58 -32.31
CA ALA F 106 8.30 3.58 -33.28
C ALA F 106 6.90 4.07 -32.99
N LEU F 107 5.93 3.16 -33.01
CA LEU F 107 4.54 3.56 -32.84
C LEU F 107 4.33 4.29 -31.54
N ALA F 108 5.04 3.88 -30.50
CA ALA F 108 4.97 4.59 -29.24
C ALA F 108 5.32 6.05 -29.42
N SER F 109 6.41 6.32 -30.14
CA SER F 109 6.82 7.68 -30.39
C SER F 109 5.73 8.50 -31.05
N LEU F 110 5.06 7.93 -32.04
CA LEU F 110 4.01 8.66 -32.72
C LEU F 110 2.89 9.06 -31.77
N MET F 111 2.36 8.10 -31.03
CA MET F 111 1.29 8.40 -30.08
C MET F 111 1.65 9.57 -29.19
N THR F 112 2.94 9.74 -28.93
CA THR F 112 3.38 10.86 -28.09
C THR F 112 3.22 12.17 -28.82
N TYR F 113 3.51 12.18 -30.11
CA TYR F 113 3.46 13.41 -30.88
C TYR F 113 2.05 13.70 -31.34
N LYS F 114 1.35 12.66 -31.78
CA LYS F 114 -0.05 12.79 -32.14
C LYS F 114 -0.86 13.42 -31.03
N CYS F 115 -0.73 12.89 -29.82
CA CYS F 115 -1.48 13.42 -28.68
C CYS F 115 -1.17 14.87 -28.41
N ALA F 116 -0.02 15.36 -28.89
CA ALA F 116 0.34 16.75 -28.64
C ALA F 116 -0.21 17.65 -29.73
N VAL F 117 -0.39 17.10 -30.92
CA VAL F 117 -1.06 17.83 -32.00
C VAL F 117 -2.47 18.22 -31.59
N VAL F 118 -3.21 17.27 -31.03
CA VAL F 118 -4.61 17.48 -30.69
C VAL F 118 -4.78 17.81 -29.22
N ASP F 119 -3.69 18.09 -28.52
CA ASP F 119 -3.75 18.60 -27.15
C ASP F 119 -4.54 17.68 -26.23
N VAL F 120 -4.14 16.43 -26.16
CA VAL F 120 -4.69 15.53 -25.15
C VAL F 120 -3.58 15.17 -24.17
N PRO F 121 -3.84 15.21 -22.91
CA PRO F 121 -2.76 15.14 -21.93
C PRO F 121 -2.20 13.74 -21.72
N PHE F 122 -1.74 13.09 -22.75
CA PHE F 122 -1.24 11.73 -22.62
C PHE F 122 0.11 11.60 -23.28
N GLY F 123 0.82 10.56 -22.87
CA GLY F 123 2.05 10.21 -23.49
C GLY F 123 1.83 9.10 -24.47
N GLY F 124 2.89 8.42 -24.85
CA GLY F 124 2.78 7.39 -25.84
C GLY F 124 3.22 6.04 -25.35
N ALA F 125 2.47 5.04 -25.78
CA ALA F 125 2.83 3.66 -25.56
C ALA F 125 2.31 2.84 -26.74
N LYS F 126 2.69 1.58 -26.74
CA LYS F 126 2.23 0.62 -27.72
C LYS F 126 2.67 -0.74 -27.27
N ALA F 127 1.80 -1.73 -27.43
CA ALA F 127 2.10 -3.10 -27.08
C ALA F 127 2.08 -3.97 -28.31
N GLY F 128 2.28 -5.26 -28.09
CA GLY F 128 2.43 -6.21 -29.17
C GLY F 128 2.47 -7.62 -28.64
N VAL F 129 2.12 -8.56 -29.50
CA VAL F 129 2.16 -9.98 -29.17
C VAL F 129 2.42 -10.74 -30.46
N LYS F 130 3.50 -11.51 -30.50
CA LYS F 130 3.75 -12.41 -31.62
C LYS F 130 2.72 -13.52 -31.54
N ILE F 131 1.70 -13.40 -32.38
CA ILE F 131 0.58 -14.31 -32.37
C ILE F 131 -0.23 -14.08 -33.63
N ASN F 132 -0.94 -15.12 -34.06
CA ASN F 132 -1.93 -15.01 -35.12
C ASN F 132 -3.26 -15.50 -34.57
N PRO F 133 -4.20 -14.62 -34.27
CA PRO F 133 -5.43 -15.04 -33.58
C PRO F 133 -6.20 -16.09 -34.32
N LYS F 134 -6.18 -16.05 -35.65
CA LYS F 134 -6.97 -16.97 -36.46
C LYS F 134 -6.71 -18.42 -36.12
N ASN F 135 -5.53 -18.74 -35.61
CA ASN F 135 -5.15 -20.11 -35.35
C ASN F 135 -5.58 -20.58 -33.96
N TYR F 136 -6.16 -19.69 -33.16
CA TYR F 136 -6.47 -20.00 -31.77
C TYR F 136 -7.95 -19.80 -31.52
N THR F 137 -8.46 -20.46 -30.49
CA THR F 137 -9.87 -20.39 -30.15
C THR F 137 -10.18 -19.11 -29.39
N ASP F 138 -11.43 -19.03 -28.92
CA ASP F 138 -11.80 -17.94 -28.03
C ASP F 138 -11.51 -18.30 -26.58
N ASN F 139 -11.18 -19.56 -26.32
CA ASN F 139 -10.81 -19.96 -24.97
C ASN F 139 -9.29 -19.95 -24.81
N GLU F 140 -8.57 -19.77 -25.91
CA GLU F 140 -7.13 -19.64 -25.84
C GLU F 140 -6.69 -18.19 -25.92
N LEU F 141 -7.43 -17.38 -26.68
CA LEU F 141 -7.14 -15.96 -26.76
C LEU F 141 -7.47 -15.27 -25.45
N GLU F 142 -8.42 -15.80 -24.70
CA GLU F 142 -8.82 -15.19 -23.44
C GLU F 142 -7.91 -15.64 -22.32
N LYS F 143 -7.24 -16.76 -22.51
CA LYS F 143 -6.31 -17.28 -21.53
C LYS F 143 -4.93 -16.66 -21.74
N ILE F 144 -4.69 -16.13 -22.93
CA ILE F 144 -3.51 -15.32 -23.19
C ILE F 144 -3.69 -13.93 -22.60
N THR F 145 -4.71 -13.23 -23.06
CA THR F 145 -4.96 -11.87 -22.67
C THR F 145 -4.97 -11.70 -21.16
N ARG F 146 -5.70 -12.56 -20.46
CA ARG F 146 -5.81 -12.41 -19.01
C ARG F 146 -4.50 -12.72 -18.32
N ARG F 147 -3.55 -13.32 -19.02
CA ARG F 147 -2.24 -13.57 -18.45
C ARG F 147 -1.27 -12.45 -18.80
N PHE F 148 -1.38 -11.94 -20.03
CA PHE F 148 -0.64 -10.75 -20.43
C PHE F 148 -0.91 -9.61 -19.48
N THR F 149 -2.18 -9.36 -19.17
CA THR F 149 -2.53 -8.25 -18.31
C THR F 149 -1.86 -8.37 -16.95
N MET F 150 -1.88 -9.55 -16.36
CA MET F 150 -1.31 -9.72 -15.02
C MET F 150 0.15 -9.30 -14.99
N GLU F 151 0.96 -9.91 -15.85
CA GLU F 151 2.40 -9.68 -15.81
C GLU F 151 2.74 -8.20 -15.90
N LEU F 152 2.01 -7.45 -16.70
CA LEU F 152 2.29 -6.02 -16.81
C LEU F 152 1.91 -5.28 -15.55
N ALA F 153 0.64 -5.33 -15.17
CA ALA F 153 0.22 -4.79 -13.89
C ALA F 153 1.16 -5.21 -12.78
N LYS F 154 1.63 -6.45 -12.86
CA LYS F 154 2.54 -6.99 -11.87
C LYS F 154 3.87 -6.28 -11.89
N LYS F 155 4.11 -5.45 -12.91
CA LYS F 155 5.35 -4.71 -13.08
C LYS F 155 5.11 -3.24 -13.38
N GLY F 156 3.91 -2.75 -13.12
CA GLY F 156 3.65 -1.33 -13.20
C GLY F 156 3.52 -0.74 -14.57
N PHE F 157 2.92 -1.45 -15.52
CA PHE F 157 2.65 -0.92 -16.84
C PHE F 157 1.18 -0.94 -17.20
N ILE F 158 0.29 -1.09 -16.24
CA ILE F 158 -1.14 -0.97 -16.47
C ILE F 158 -1.74 -0.30 -15.25
N GLY F 159 -2.64 0.65 -15.49
CA GLY F 159 -3.18 1.44 -14.43
C GLY F 159 -3.82 2.71 -14.92
N PRO F 160 -4.86 3.16 -14.21
CA PRO F 160 -5.54 4.38 -14.62
C PRO F 160 -4.65 5.59 -14.68
N GLY F 161 -3.59 5.60 -13.89
CA GLY F 161 -2.79 6.79 -13.73
C GLY F 161 -1.37 6.62 -14.20
N VAL F 162 -1.05 5.46 -14.75
CA VAL F 162 0.29 5.21 -15.25
C VAL F 162 0.25 4.83 -16.72
N ASP F 163 -0.66 3.95 -17.10
CA ASP F 163 -0.68 3.46 -18.47
C ASP F 163 -2.04 2.83 -18.76
N VAL F 164 -2.54 3.05 -19.97
CA VAL F 164 -3.92 2.77 -20.34
C VAL F 164 -3.94 2.19 -21.74
N PRO F 165 -4.22 0.90 -21.92
CA PRO F 165 -4.26 0.32 -23.24
C PRO F 165 -5.59 0.54 -23.97
N ALA F 166 -5.53 0.33 -25.27
CA ALA F 166 -6.68 0.53 -26.15
C ALA F 166 -6.62 -0.48 -27.27
N PRO F 167 -7.63 -0.51 -28.13
CA PRO F 167 -7.62 -1.46 -29.24
C PRO F 167 -6.71 -1.03 -30.37
N ASP F 168 -6.36 -2.00 -31.20
CA ASP F 168 -5.53 -1.79 -32.36
C ASP F 168 -5.75 -3.00 -33.28
N MET F 169 -4.89 -3.15 -34.28
CA MET F 169 -5.03 -4.23 -35.24
C MET F 169 -5.31 -5.55 -34.56
N SER F 170 -6.35 -6.23 -35.05
CA SER F 170 -6.66 -7.61 -34.70
C SER F 170 -7.19 -7.75 -33.28
N THR F 171 -7.65 -6.66 -32.70
CA THR F 171 -8.32 -6.68 -31.41
C THR F 171 -9.67 -5.99 -31.52
N GLY F 172 -10.33 -5.87 -30.38
CA GLY F 172 -11.65 -5.28 -30.34
C GLY F 172 -12.09 -5.05 -28.92
N GLU F 173 -13.41 -5.05 -28.75
CA GLU F 173 -13.99 -4.80 -27.44
C GLU F 173 -13.87 -5.99 -26.51
N ARG F 174 -14.01 -7.21 -27.01
CA ARG F 174 -13.81 -8.38 -26.18
C ARG F 174 -12.52 -8.28 -25.38
N GLU F 175 -11.40 -8.16 -26.07
CA GLU F 175 -10.11 -8.18 -25.40
C GLU F 175 -10.04 -7.10 -24.32
N MET F 176 -10.81 -6.04 -24.49
CA MET F 176 -10.82 -4.98 -23.49
C MET F 176 -11.71 -5.37 -22.31
N SER F 177 -12.70 -6.21 -22.57
CA SER F 177 -13.56 -6.71 -21.50
C SER F 177 -12.83 -7.76 -20.67
N TRP F 178 -11.76 -8.33 -21.22
CA TRP F 178 -11.02 -9.36 -20.52
C TRP F 178 -9.87 -8.77 -19.73
N ILE F 179 -9.43 -7.58 -20.13
CA ILE F 179 -8.39 -6.88 -19.40
C ILE F 179 -8.96 -6.20 -18.17
N ALA F 180 -10.12 -5.59 -18.33
CA ALA F 180 -10.76 -4.88 -17.22
C ALA F 180 -11.06 -5.81 -16.05
N ASP F 181 -11.72 -6.93 -16.33
CA ASP F 181 -12.10 -7.83 -15.26
C ASP F 181 -10.89 -8.42 -14.56
N THR F 182 -9.74 -8.41 -15.22
CA THR F 182 -8.55 -9.02 -14.67
C THR F 182 -7.82 -8.06 -13.74
N TYR F 183 -7.70 -6.80 -14.16
CA TYR F 183 -7.12 -5.78 -13.30
C TYR F 183 -8.04 -5.49 -12.12
N ALA F 184 -9.33 -5.31 -12.41
CA ALA F 184 -10.28 -4.96 -11.37
C ALA F 184 -10.46 -6.07 -10.36
N SER F 185 -10.09 -7.28 -10.72
CA SER F 185 -10.34 -8.42 -9.85
C SER F 185 -9.08 -8.93 -9.17
N THR F 186 -7.94 -8.29 -9.39
CA THR F 186 -6.72 -8.63 -8.70
C THR F 186 -6.23 -7.39 -7.95
N ILE F 187 -6.06 -6.25 -8.63
CA ILE F 187 -5.45 -5.08 -8.00
C ILE F 187 -6.48 -3.98 -7.83
N GLY F 188 -7.23 -3.69 -8.89
CA GLY F 188 -8.19 -2.61 -8.89
C GLY F 188 -9.27 -2.71 -7.84
N HIS F 189 -9.33 -3.79 -7.07
CA HIS F 189 -10.45 -3.98 -6.16
C HIS F 189 -10.62 -2.79 -5.23
N TYR F 190 -9.52 -2.27 -4.71
CA TYR F 190 -9.56 -1.15 -3.77
C TYR F 190 -9.44 0.18 -4.47
N ASP F 191 -9.15 0.19 -5.76
CA ASP F 191 -9.01 1.41 -6.54
C ASP F 191 -10.40 1.79 -7.02
N ILE F 192 -10.78 3.04 -6.78
CA ILE F 192 -12.11 3.53 -7.13
C ILE F 192 -12.19 3.76 -8.63
N ASN F 193 -11.04 3.84 -9.28
CA ASN F 193 -10.94 4.13 -10.70
C ASN F 193 -10.45 2.93 -11.51
N ALA F 194 -10.93 1.73 -11.23
CA ALA F 194 -10.40 0.52 -11.84
C ALA F 194 -10.82 0.37 -13.29
N HIS F 195 -12.01 0.85 -13.63
CA HIS F 195 -12.50 0.69 -15.00
C HIS F 195 -11.91 1.72 -15.93
N ALA F 196 -11.11 2.64 -15.40
CA ALA F 196 -10.37 3.57 -16.24
C ALA F 196 -9.04 3.01 -16.67
N CYS F 197 -8.76 1.75 -16.34
CA CYS F 197 -7.50 1.13 -16.70
C CYS F 197 -7.41 0.83 -18.17
N VAL F 198 -8.50 0.96 -18.91
CA VAL F 198 -8.53 0.52 -20.29
C VAL F 198 -9.67 1.23 -20.99
N THR F 199 -9.49 1.47 -22.27
CA THR F 199 -10.51 2.05 -23.11
C THR F 199 -10.87 1.09 -24.23
N GLY F 200 -11.85 1.48 -25.02
CA GLY F 200 -12.39 0.59 -26.01
C GLY F 200 -13.33 -0.45 -25.46
N LYS F 201 -13.87 -0.23 -24.29
CA LYS F 201 -14.69 -1.23 -23.64
C LYS F 201 -16.08 -1.25 -24.24
N PRO F 202 -16.82 -2.33 -24.02
CA PRO F 202 -18.22 -2.35 -24.40
C PRO F 202 -19.00 -1.30 -23.64
N ILE F 203 -20.19 -1.01 -24.15
CA ILE F 203 -21.00 0.05 -23.57
C ILE F 203 -21.40 -0.31 -22.14
N SER F 204 -21.74 -1.58 -21.94
CA SER F 204 -22.19 -2.03 -20.63
C SER F 204 -21.06 -2.11 -19.63
N GLN F 205 -19.83 -1.89 -20.06
CA GLN F 205 -18.67 -1.94 -19.19
C GLN F 205 -17.98 -0.59 -19.08
N GLY F 206 -18.60 0.48 -19.58
CA GLY F 206 -18.06 1.80 -19.42
C GLY F 206 -17.54 2.43 -20.69
N GLY F 207 -18.18 2.11 -21.80
CA GLY F 207 -17.76 2.63 -23.08
C GLY F 207 -18.47 3.87 -23.48
N ILE F 208 -18.27 4.24 -24.74
CA ILE F 208 -18.76 5.49 -25.29
C ILE F 208 -19.40 5.23 -26.64
N HIS F 209 -20.48 5.94 -26.91
CA HIS F 209 -21.05 5.95 -28.25
C HIS F 209 -20.03 6.46 -29.25
N GLY F 210 -20.00 5.84 -30.42
CA GLY F 210 -19.05 6.22 -31.43
C GLY F 210 -17.63 5.84 -31.12
N ARG F 211 -17.45 4.91 -30.21
CA ARG F 211 -16.15 4.39 -29.83
C ARG F 211 -15.28 4.14 -31.05
N ILE F 212 -15.82 3.43 -32.02
CA ILE F 212 -15.06 2.99 -33.17
C ILE F 212 -15.41 3.77 -34.43
N SER F 213 -16.68 4.05 -34.68
CA SER F 213 -17.06 4.87 -35.82
C SER F 213 -16.29 6.18 -35.85
N ALA F 214 -15.84 6.66 -34.70
CA ALA F 214 -15.30 8.01 -34.61
C ALA F 214 -13.97 8.13 -35.32
N THR F 215 -13.14 7.10 -35.27
CA THR F 215 -11.91 7.12 -36.02
C THR F 215 -12.16 7.48 -37.49
N GLY F 216 -13.04 6.73 -38.14
CA GLY F 216 -13.44 7.07 -39.50
C GLY F 216 -13.87 8.53 -39.62
N ARG F 217 -14.58 9.02 -38.62
CA ARG F 217 -15.06 10.39 -38.66
C ARG F 217 -13.92 11.38 -38.48
N GLY F 218 -12.97 11.05 -37.62
CA GLY F 218 -11.81 11.90 -37.49
C GLY F 218 -11.11 12.07 -38.82
N VAL F 219 -10.98 10.97 -39.56
CA VAL F 219 -10.48 11.02 -40.93
C VAL F 219 -11.27 12.04 -41.73
N PHE F 220 -12.58 11.79 -41.86
CA PHE F 220 -13.47 12.70 -42.55
C PHE F 220 -13.25 14.15 -42.13
N HIS F 221 -13.47 14.44 -40.85
CA HIS F 221 -13.38 15.82 -40.40
C HIS F 221 -12.01 16.41 -40.66
N GLY F 222 -11.00 15.57 -40.86
CA GLY F 222 -9.71 16.08 -41.29
C GLY F 222 -9.73 16.48 -42.75
N ILE F 223 -10.14 15.56 -43.62
CA ILE F 223 -10.27 15.87 -45.03
C ILE F 223 -11.15 17.11 -45.21
N GLU F 224 -12.35 17.07 -44.63
CA GLU F 224 -13.28 18.18 -44.76
C GLU F 224 -12.65 19.51 -44.35
N ASN F 225 -11.57 19.46 -43.57
CA ASN F 225 -10.98 20.68 -43.06
C ASN F 225 -9.85 21.20 -43.94
N PHE F 226 -9.51 20.47 -45.00
CA PHE F 226 -8.63 20.95 -46.03
C PHE F 226 -9.31 21.10 -47.38
N ILE F 227 -10.28 20.23 -47.68
CA ILE F 227 -11.01 20.34 -48.94
C ILE F 227 -11.75 21.66 -49.01
N ASN F 228 -12.12 22.20 -47.86
CA ASN F 228 -12.85 23.45 -47.76
C ASN F 228 -12.00 24.65 -48.05
N GLU F 229 -10.76 24.48 -48.46
CA GLU F 229 -9.84 25.59 -48.71
C GLU F 229 -9.19 25.39 -50.07
N ALA F 230 -9.51 26.27 -51.03
CA ALA F 230 -8.83 26.26 -52.31
C ALA F 230 -7.39 26.71 -52.17
N SER F 231 -7.05 27.35 -51.04
CA SER F 231 -5.68 27.78 -50.79
C SER F 231 -4.67 26.69 -51.15
N TYR F 232 -5.06 25.43 -51.04
CA TYR F 232 -4.21 24.29 -51.35
C TYR F 232 -4.72 23.46 -52.50
N MET F 233 -6.03 23.36 -52.69
CA MET F 233 -6.55 22.60 -53.81
C MET F 233 -6.38 23.33 -55.13
N SER F 234 -6.15 24.65 -55.08
CA SER F 234 -5.79 25.36 -56.30
C SER F 234 -4.47 24.86 -56.85
N ILE F 235 -3.53 24.54 -55.96
CA ILE F 235 -2.31 23.85 -56.37
C ILE F 235 -2.64 22.49 -56.96
N LEU F 236 -3.31 21.64 -56.19
CA LEU F 236 -3.63 20.30 -56.65
C LEU F 236 -4.36 20.31 -57.98
N GLY F 237 -5.05 21.39 -58.30
CA GLY F 237 -5.91 21.39 -59.47
C GLY F 237 -7.21 20.66 -59.23
N MET F 238 -7.79 20.81 -58.05
CA MET F 238 -9.03 20.13 -57.70
C MET F 238 -10.02 21.13 -57.14
N THR F 239 -11.30 20.78 -57.19
CA THR F 239 -12.36 21.65 -56.71
C THR F 239 -12.92 21.09 -55.42
N PRO F 240 -13.27 21.93 -54.45
CA PRO F 240 -13.88 21.42 -53.23
C PRO F 240 -15.18 20.66 -53.51
N GLY F 241 -15.49 19.71 -52.64
CA GLY F 241 -16.74 18.99 -52.71
C GLY F 241 -16.58 17.48 -52.73
N PHE F 242 -17.22 16.81 -51.78
CA PHE F 242 -17.15 15.36 -51.70
C PHE F 242 -18.08 14.70 -52.71
N GLY F 243 -19.17 15.36 -53.08
CA GLY F 243 -20.02 14.85 -54.14
C GLY F 243 -19.31 14.74 -55.47
N ASP F 244 -18.09 15.26 -55.56
CA ASP F 244 -17.32 15.29 -56.79
C ASP F 244 -16.12 14.37 -56.77
N LYS F 245 -15.95 13.58 -55.71
CA LYS F 245 -14.71 12.86 -55.46
C LYS F 245 -14.93 11.35 -55.50
N THR F 246 -13.92 10.64 -55.98
CA THR F 246 -13.85 9.19 -55.90
C THR F 246 -12.66 8.80 -55.04
N PHE F 247 -12.83 7.73 -54.26
CA PHE F 247 -11.78 7.30 -53.35
C PHE F 247 -11.73 5.79 -53.31
N VAL F 248 -10.59 5.28 -52.86
CA VAL F 248 -10.38 3.85 -52.71
C VAL F 248 -9.83 3.62 -51.31
N VAL F 249 -9.87 2.36 -50.88
CA VAL F 249 -9.53 2.00 -49.52
C VAL F 249 -8.62 0.78 -49.54
N GLN F 250 -7.61 0.79 -48.69
CA GLN F 250 -6.62 -0.28 -48.61
C GLN F 250 -6.89 -1.05 -47.33
N GLY F 251 -7.73 -2.05 -47.42
CA GLY F 251 -8.05 -2.88 -46.28
C GLY F 251 -9.30 -2.43 -45.57
N PHE F 252 -9.95 -3.38 -44.90
CA PHE F 252 -11.15 -3.11 -44.13
C PHE F 252 -10.87 -3.43 -42.67
N GLY F 253 -10.28 -2.48 -41.99
CA GLY F 253 -10.28 -2.45 -40.55
C GLY F 253 -11.57 -1.84 -40.06
N ASN F 254 -11.49 -1.22 -38.88
CA ASN F 254 -12.55 -0.34 -38.45
C ASN F 254 -12.41 1.02 -39.13
N VAL F 255 -11.18 1.36 -39.53
CA VAL F 255 -10.96 2.59 -40.28
C VAL F 255 -11.51 2.46 -41.68
N GLY F 256 -11.16 1.37 -42.36
CA GLY F 256 -11.53 1.24 -43.76
C GLY F 256 -13.03 1.23 -43.97
N LEU F 257 -13.75 0.49 -43.15
CA LEU F 257 -15.21 0.49 -43.26
C LEU F 257 -15.77 1.84 -42.86
N HIS F 258 -15.58 2.24 -41.60
CA HIS F 258 -16.31 3.35 -41.05
C HIS F 258 -15.86 4.67 -41.65
N SER F 259 -14.63 4.73 -42.16
CA SER F 259 -14.21 5.86 -42.97
C SER F 259 -14.93 5.84 -44.31
N MET F 260 -15.15 4.64 -44.84
CA MET F 260 -15.77 4.52 -46.16
C MET F 260 -17.23 4.94 -46.13
N ARG F 261 -18.00 4.37 -45.21
CA ARG F 261 -19.43 4.66 -45.19
C ARG F 261 -19.72 6.07 -44.72
N TYR F 262 -18.89 6.58 -43.80
CA TYR F 262 -19.11 7.93 -43.29
C TYR F 262 -18.78 8.97 -44.36
N LEU F 263 -18.00 8.57 -45.36
CA LEU F 263 -17.86 9.37 -46.57
C LEU F 263 -19.07 9.22 -47.47
N HIS F 264 -19.44 7.98 -47.77
CA HIS F 264 -20.53 7.69 -48.69
C HIS F 264 -21.77 8.54 -48.38
N ARG F 265 -21.93 8.95 -47.13
CA ARG F 265 -23.10 9.75 -46.76
C ARG F 265 -23.11 11.10 -47.47
N PHE F 266 -21.95 11.66 -47.77
CA PHE F 266 -21.87 12.98 -48.38
C PHE F 266 -21.33 12.94 -49.81
N GLY F 267 -21.76 11.96 -50.60
CA GLY F 267 -21.53 11.97 -52.02
C GLY F 267 -20.15 11.56 -52.46
N ALA F 268 -19.30 11.12 -51.55
CA ALA F 268 -18.00 10.59 -51.94
C ALA F 268 -18.16 9.17 -52.45
N LYS F 269 -17.70 8.94 -53.67
CA LYS F 269 -17.91 7.70 -54.40
C LYS F 269 -16.70 6.80 -54.18
N CYS F 270 -16.93 5.56 -53.74
CA CYS F 270 -15.86 4.59 -53.74
C CYS F 270 -15.87 3.84 -55.06
N ILE F 271 -14.67 3.52 -55.56
CA ILE F 271 -14.55 2.78 -56.80
C ILE F 271 -13.90 1.42 -56.60
N THR F 272 -13.00 1.25 -55.64
CA THR F 272 -12.56 -0.08 -55.26
C THR F 272 -12.11 -0.11 -53.82
N VAL F 273 -11.66 -1.29 -53.41
CA VAL F 273 -11.19 -1.59 -52.07
C VAL F 273 -10.31 -2.81 -52.17
N GLY F 274 -9.34 -2.90 -51.29
CA GLY F 274 -8.39 -3.99 -51.33
C GLY F 274 -8.13 -4.55 -49.95
N GLU F 275 -8.37 -5.85 -49.83
CA GLU F 275 -8.09 -6.61 -48.64
C GLU F 275 -6.76 -7.35 -48.81
N SER F 276 -6.41 -8.15 -47.81
CA SER F 276 -5.14 -8.85 -47.84
C SER F 276 -5.15 -9.98 -48.87
N ASP F 277 -6.31 -10.29 -49.43
CA ASP F 277 -6.47 -11.43 -50.31
C ASP F 277 -6.86 -11.06 -51.72
N GLY F 278 -7.07 -9.79 -52.01
CA GLY F 278 -7.36 -9.34 -53.36
C GLY F 278 -8.22 -8.11 -53.36
N SER F 279 -8.10 -7.35 -54.45
CA SER F 279 -8.85 -6.12 -54.62
C SER F 279 -10.15 -6.39 -55.37
N ILE F 280 -10.98 -5.36 -55.46
CA ILE F 280 -12.24 -5.45 -56.19
C ILE F 280 -12.66 -4.04 -56.57
N TRP F 281 -13.06 -3.86 -57.83
CA TRP F 281 -13.27 -2.54 -58.40
C TRP F 281 -14.59 -2.49 -59.14
N ASN F 282 -15.27 -1.36 -59.03
CA ASN F 282 -16.51 -1.11 -59.76
C ASN F 282 -16.62 0.39 -59.95
N PRO F 283 -16.31 0.90 -61.14
CA PRO F 283 -16.30 2.35 -61.33
C PRO F 283 -17.65 3.02 -61.09
N ASP F 284 -18.75 2.27 -61.18
CA ASP F 284 -20.08 2.83 -60.95
C ASP F 284 -20.37 3.07 -59.49
N GLY F 285 -19.50 2.63 -58.59
CA GLY F 285 -19.70 2.83 -57.18
C GLY F 285 -19.79 1.50 -56.44
N ILE F 286 -19.72 1.58 -55.12
CA ILE F 286 -19.82 0.42 -54.25
C ILE F 286 -20.59 0.84 -52.99
N ASP F 287 -21.40 -0.07 -52.46
CA ASP F 287 -22.31 0.25 -51.37
C ASP F 287 -21.78 -0.36 -50.08
N PRO F 288 -21.28 0.44 -49.13
CA PRO F 288 -20.70 -0.15 -47.93
C PRO F 288 -21.69 -0.90 -47.08
N LYS F 289 -22.95 -0.48 -47.07
CA LYS F 289 -23.98 -1.27 -46.41
C LYS F 289 -24.03 -2.67 -46.99
N GLU F 290 -24.15 -2.77 -48.32
CA GLU F 290 -24.08 -4.05 -48.99
C GLU F 290 -22.78 -4.79 -48.68
N LEU F 291 -21.72 -4.06 -48.36
CA LEU F 291 -20.42 -4.71 -48.17
C LEU F 291 -20.37 -5.46 -46.85
N GLU F 292 -20.93 -4.88 -45.80
CA GLU F 292 -21.00 -5.60 -44.53
C GLU F 292 -21.78 -6.89 -44.68
N ASP F 293 -22.64 -6.98 -45.69
CA ASP F 293 -23.51 -8.14 -45.83
C ASP F 293 -22.69 -9.40 -46.11
N PHE F 294 -21.88 -9.37 -47.16
CA PHE F 294 -21.07 -10.55 -47.47
C PHE F 294 -20.04 -10.83 -46.39
N LYS F 295 -19.61 -9.80 -45.67
CA LYS F 295 -18.60 -10.00 -44.63
C LYS F 295 -19.16 -10.82 -43.48
N LEU F 296 -20.48 -10.79 -43.29
CA LEU F 296 -21.10 -11.62 -42.28
C LEU F 296 -21.39 -13.01 -42.82
N GLN F 297 -21.56 -13.12 -44.14
CA GLN F 297 -21.93 -14.37 -44.78
C GLN F 297 -20.76 -15.07 -45.46
N HIS F 298 -19.67 -14.36 -45.75
CA HIS F 298 -18.55 -14.95 -46.47
C HIS F 298 -17.19 -14.72 -45.83
N GLY F 299 -16.96 -13.61 -45.13
CA GLY F 299 -15.67 -13.28 -44.58
C GLY F 299 -14.80 -12.42 -45.47
N THR F 300 -14.78 -12.66 -46.78
CA THR F 300 -13.95 -11.86 -47.69
C THR F 300 -14.82 -11.10 -48.66
N ILE F 301 -14.19 -10.21 -49.42
CA ILE F 301 -14.89 -9.40 -50.39
C ILE F 301 -14.86 -10.03 -51.78
N LEU F 302 -13.88 -10.89 -52.05
CA LEU F 302 -13.85 -11.60 -53.31
C LEU F 302 -15.05 -12.53 -53.41
N GLY F 303 -15.88 -12.30 -54.41
CA GLY F 303 -17.18 -12.94 -54.51
C GLY F 303 -18.35 -12.00 -54.34
N PHE F 304 -18.11 -10.74 -54.05
CA PHE F 304 -19.16 -9.76 -53.98
C PHE F 304 -19.78 -9.59 -55.35
N PRO F 305 -21.10 -9.70 -55.49
CA PRO F 305 -21.70 -9.71 -56.84
C PRO F 305 -21.70 -8.37 -57.57
N LYS F 306 -21.81 -7.26 -56.86
CA LYS F 306 -21.94 -5.95 -57.49
C LYS F 306 -20.60 -5.24 -57.63
N ALA F 307 -19.52 -6.01 -57.84
CA ALA F 307 -18.23 -5.40 -58.14
C ALA F 307 -17.36 -6.45 -58.80
N LYS F 308 -16.41 -5.97 -59.60
CA LYS F 308 -15.54 -6.83 -60.39
C LYS F 308 -14.22 -7.01 -59.68
N ILE F 309 -13.79 -8.27 -59.53
CA ILE F 309 -12.50 -8.55 -58.93
C ILE F 309 -11.43 -7.78 -59.70
N TYR F 310 -10.65 -6.97 -58.98
CA TYR F 310 -9.70 -6.06 -59.61
C TYR F 310 -8.30 -6.64 -59.52
N GLU F 311 -7.69 -6.84 -60.69
CA GLU F 311 -6.34 -7.37 -60.76
C GLU F 311 -5.33 -6.24 -60.63
N GLY F 312 -4.56 -6.25 -59.55
CA GLY F 312 -3.56 -5.25 -59.29
C GLY F 312 -3.74 -4.60 -57.93
N SER F 313 -2.68 -3.93 -57.50
CA SER F 313 -2.71 -3.24 -56.22
C SER F 313 -3.60 -2.01 -56.27
N ILE F 314 -4.35 -1.79 -55.17
CA ILE F 314 -5.16 -0.58 -55.07
C ILE F 314 -4.31 0.64 -55.35
N LEU F 315 -3.07 0.63 -54.88
CA LEU F 315 -2.16 1.75 -55.07
C LEU F 315 -1.96 2.11 -56.53
N GLU F 316 -2.35 1.24 -57.45
CA GLU F 316 -2.23 1.51 -58.87
C GLU F 316 -3.55 1.91 -59.52
N VAL F 317 -4.52 2.33 -58.71
CA VAL F 317 -5.85 2.67 -59.20
C VAL F 317 -5.94 4.17 -59.40
N ASP F 318 -6.49 4.57 -60.55
CA ASP F 318 -6.81 5.97 -60.78
C ASP F 318 -7.96 6.38 -59.89
N CYS F 319 -7.80 7.50 -59.20
CA CYS F 319 -8.77 7.99 -58.24
C CYS F 319 -8.45 9.45 -57.94
N ASP F 320 -9.15 10.01 -56.96
CA ASP F 320 -8.89 11.38 -56.51
C ASP F 320 -8.30 11.41 -55.11
N ILE F 321 -8.59 10.41 -54.29
CA ILE F 321 -8.10 10.34 -52.91
C ILE F 321 -7.81 8.88 -52.59
N LEU F 322 -6.62 8.63 -52.05
CA LEU F 322 -6.16 7.28 -51.75
C LEU F 322 -6.06 7.09 -50.25
N ILE F 323 -6.86 6.16 -49.71
CA ILE F 323 -6.91 5.94 -48.27
C ILE F 323 -6.17 4.66 -47.91
N PRO F 324 -4.88 4.73 -47.57
CA PRO F 324 -4.21 3.56 -47.00
C PRO F 324 -4.58 3.35 -45.55
N ALA F 325 -5.14 2.17 -45.27
CA ALA F 325 -5.66 1.88 -43.94
C ALA F 325 -5.22 0.52 -43.45
N ALA F 326 -4.53 -0.24 -44.30
CA ALA F 326 -4.20 -1.62 -43.98
C ALA F 326 -3.07 -1.72 -42.97
N SER F 327 -1.88 -1.26 -43.36
CA SER F 327 -0.72 -1.41 -42.51
C SER F 327 0.38 -0.49 -43.02
N GLU F 328 1.28 -0.13 -42.12
CA GLU F 328 2.38 0.76 -42.47
C GLU F 328 3.23 0.14 -43.56
N LYS F 329 4.05 0.98 -44.21
CA LYS F 329 5.01 0.59 -45.23
C LYS F 329 4.31 0.22 -46.52
N GLN F 330 3.03 0.54 -46.67
CA GLN F 330 2.26 0.02 -47.79
C GLN F 330 2.67 0.69 -49.10
N LEU F 331 3.15 1.92 -49.01
CA LEU F 331 3.52 2.71 -50.18
C LEU F 331 4.99 3.10 -50.08
N THR F 332 5.78 2.66 -51.05
CA THR F 332 7.23 2.87 -51.03
C THR F 332 7.66 3.62 -52.29
N LYS F 333 8.97 3.76 -52.44
CA LYS F 333 9.54 4.50 -53.56
C LYS F 333 9.48 3.68 -54.85
N SER F 334 9.42 2.36 -54.73
CA SER F 334 9.32 1.51 -55.90
C SER F 334 8.03 1.72 -56.68
N ASN F 335 7.02 2.30 -56.06
CA ASN F 335 5.73 2.51 -56.69
C ASN F 335 5.18 3.90 -56.51
N ALA F 336 5.76 4.71 -55.65
CA ALA F 336 5.27 6.08 -55.46
C ALA F 336 5.11 6.83 -56.76
N PRO F 337 6.02 6.74 -57.73
CA PRO F 337 5.84 7.50 -58.98
C PRO F 337 4.52 7.19 -59.66
N ARG F 338 3.91 6.05 -59.35
CA ARG F 338 2.65 5.63 -59.97
C ARG F 338 1.46 5.90 -59.05
N VAL F 339 1.49 7.03 -58.36
CA VAL F 339 0.46 7.38 -57.39
C VAL F 339 -0.91 7.38 -58.06
N LYS F 340 -1.01 8.01 -59.23
CA LYS F 340 -2.25 8.05 -59.99
C LYS F 340 -3.37 8.74 -59.21
N ALA F 341 -2.99 9.47 -58.17
CA ALA F 341 -3.97 10.10 -57.29
C ALA F 341 -3.37 11.38 -56.76
N LYS F 342 -4.26 12.31 -56.41
CA LYS F 342 -3.90 13.68 -56.08
C LYS F 342 -3.68 13.92 -54.61
N ILE F 343 -4.49 13.31 -53.76
CA ILE F 343 -4.34 13.42 -52.31
C ILE F 343 -4.16 12.02 -51.76
N ILE F 344 -3.36 11.90 -50.72
CA ILE F 344 -3.20 10.67 -49.97
C ILE F 344 -3.45 10.99 -48.52
N ALA F 345 -4.15 10.10 -47.83
CA ALA F 345 -4.57 10.34 -46.46
C ALA F 345 -4.18 9.13 -45.62
N GLU F 346 -3.12 9.29 -44.84
CA GLU F 346 -2.51 8.17 -44.14
C GLU F 346 -3.34 7.84 -42.90
N GLY F 347 -4.27 6.92 -43.09
CA GLY F 347 -4.99 6.36 -41.98
C GLY F 347 -4.34 5.08 -41.47
N ALA F 348 -3.02 4.93 -41.71
CA ALA F 348 -2.38 3.63 -41.50
C ALA F 348 -1.00 3.75 -40.87
N ASN F 349 -0.80 4.70 -39.97
CA ASN F 349 0.37 4.69 -39.08
C ASN F 349 1.68 4.55 -39.85
N GLY F 350 1.87 5.43 -40.83
CA GLY F 350 3.11 5.51 -41.54
C GLY F 350 3.19 4.50 -42.68
N PRO F 351 2.18 4.54 -43.55
CA PRO F 351 2.27 3.73 -44.77
C PRO F 351 3.37 4.17 -45.71
N THR F 352 3.65 5.46 -45.78
CA THR F 352 4.59 6.02 -46.75
C THR F 352 6.00 6.01 -46.18
N THR F 353 6.90 6.68 -46.89
CA THR F 353 8.32 6.67 -46.60
C THR F 353 8.89 8.07 -46.71
N PRO F 354 10.13 8.26 -46.27
CA PRO F 354 10.79 9.55 -46.49
C PRO F 354 11.06 9.83 -47.95
N GLU F 355 11.35 8.78 -48.72
CA GLU F 355 11.52 8.93 -50.16
C GLU F 355 10.20 9.28 -50.84
N ALA F 356 9.18 8.45 -50.64
CA ALA F 356 7.86 8.75 -51.18
C ALA F 356 7.51 10.22 -50.94
N ASP F 357 7.74 10.71 -49.72
CA ASP F 357 7.55 12.12 -49.43
C ASP F 357 8.30 12.99 -50.44
N LYS F 358 9.54 12.61 -50.73
CA LYS F 358 10.33 13.33 -51.73
C LYS F 358 9.64 13.29 -53.08
N ILE F 359 9.21 12.10 -53.49
CA ILE F 359 8.47 11.95 -54.75
C ILE F 359 7.24 12.86 -54.75
N PHE F 360 6.48 12.82 -53.65
CA PHE F 360 5.17 13.45 -53.64
C PHE F 360 5.24 14.95 -53.50
N LEU F 361 6.36 15.48 -53.00
CA LEU F 361 6.60 16.91 -53.13
C LEU F 361 6.91 17.28 -54.57
N GLU F 362 7.75 16.49 -55.23
CA GLU F 362 8.07 16.76 -56.62
C GLU F 362 6.82 16.70 -57.49
N ARG F 363 5.98 15.68 -57.28
CA ARG F 363 4.75 15.51 -58.03
C ARG F 363 3.64 16.44 -57.58
N ASN F 364 3.88 17.29 -56.58
CA ASN F 364 2.83 18.11 -55.99
C ASN F 364 1.63 17.24 -55.60
N ILE F 365 1.88 16.31 -54.67
CA ILE F 365 0.83 15.46 -54.13
C ILE F 365 0.63 15.82 -52.66
N MET F 366 -0.59 16.21 -52.32
CA MET F 366 -0.94 16.45 -50.93
C MET F 366 -0.99 15.13 -50.19
N VAL F 367 -0.18 15.01 -49.13
CA VAL F 367 -0.20 13.84 -48.27
C VAL F 367 -0.66 14.31 -46.90
N ILE F 368 -1.75 13.72 -46.41
CA ILE F 368 -2.29 14.02 -45.10
C ILE F 368 -1.61 13.06 -44.11
N PRO F 369 -0.93 13.56 -43.09
CA PRO F 369 -0.15 12.67 -42.23
C PRO F 369 -1.03 11.90 -41.26
N ASP F 370 -0.54 10.72 -40.88
CA ASP F 370 -1.13 10.03 -39.75
C ASP F 370 -1.47 11.00 -38.63
N LEU F 371 -0.47 11.73 -38.16
CA LEU F 371 -0.72 12.80 -37.23
C LEU F 371 -1.87 13.66 -37.73
N TYR F 372 -2.69 14.10 -36.80
CA TYR F 372 -3.86 14.93 -37.07
C TYR F 372 -4.93 14.20 -37.87
N LEU F 373 -4.67 12.99 -38.33
CA LEU F 373 -5.66 12.32 -39.16
C LEU F 373 -6.21 11.09 -38.48
N ASN F 374 -5.37 10.35 -37.79
CA ASN F 374 -5.78 9.20 -37.00
C ASN F 374 -5.96 9.56 -35.54
N ALA F 375 -6.12 10.83 -35.24
CA ALA F 375 -6.25 11.29 -33.87
C ALA F 375 -7.69 11.34 -33.41
N GLY F 376 -8.59 10.67 -34.11
CA GLY F 376 -9.97 10.56 -33.69
C GLY F 376 -10.14 9.55 -32.60
N GLY F 377 -9.55 8.38 -32.81
CA GLY F 377 -9.69 7.30 -31.85
C GLY F 377 -9.02 7.61 -30.53
N VAL F 378 -8.28 8.72 -30.46
CA VAL F 378 -7.61 9.09 -29.23
C VAL F 378 -8.49 10.02 -28.40
N THR F 379 -8.94 11.12 -28.98
CA THR F 379 -9.83 12.02 -28.27
C THR F 379 -10.99 11.27 -27.67
N VAL F 380 -11.62 10.39 -28.43
CA VAL F 380 -12.73 9.62 -27.91
C VAL F 380 -12.29 8.84 -26.69
N SER F 381 -11.17 8.12 -26.80
CA SER F 381 -10.66 7.39 -25.66
C SER F 381 -10.27 8.31 -24.52
N TYR F 382 -10.15 9.60 -24.80
CA TYR F 382 -9.94 10.58 -23.73
C TYR F 382 -11.26 10.91 -23.07
N PHE F 383 -12.35 10.77 -23.79
CA PHE F 383 -13.66 11.04 -23.23
C PHE F 383 -14.21 9.83 -22.50
N GLU F 384 -13.66 8.65 -22.79
CA GLU F 384 -14.07 7.43 -22.11
C GLU F 384 -13.30 7.25 -20.82
N TRP F 385 -12.10 7.82 -20.77
CA TRP F 385 -11.30 7.82 -19.55
C TRP F 385 -11.87 8.78 -18.55
N LEU F 386 -12.44 9.89 -19.03
CA LEU F 386 -13.10 10.83 -18.15
C LEU F 386 -14.41 10.28 -17.63
N ASN F 387 -15.30 9.87 -18.54
CA ASN F 387 -16.57 9.27 -18.14
C ASN F 387 -16.40 8.35 -16.95
N ASN F 388 -15.29 7.63 -16.91
CA ASN F 388 -15.09 6.61 -15.90
C ASN F 388 -14.33 7.13 -14.71
N LEU F 389 -13.91 8.40 -14.74
CA LEU F 389 -13.33 9.02 -13.57
C LEU F 389 -14.34 9.90 -12.87
N ASN F 390 -15.39 10.29 -13.56
CA ASN F 390 -16.41 11.16 -12.99
C ASN F 390 -17.63 10.36 -12.56
N HIS F 391 -17.68 9.10 -12.93
CA HIS F 391 -18.67 8.17 -12.42
C HIS F 391 -20.08 8.67 -12.66
N VAL F 392 -20.31 9.23 -13.84
CA VAL F 392 -21.63 9.77 -14.15
C VAL F 392 -21.77 10.00 -15.64
N SER F 393 -22.98 9.78 -16.14
CA SER F 393 -23.30 10.15 -17.51
C SER F 393 -23.26 11.65 -17.65
N TYR F 394 -22.76 12.12 -18.79
CA TYR F 394 -22.61 13.56 -18.98
C TYR F 394 -23.97 14.21 -19.08
N GLY F 395 -24.16 15.27 -18.28
CA GLY F 395 -25.34 16.08 -18.36
C GLY F 395 -26.52 15.58 -17.58
N ARG F 396 -26.51 14.31 -17.19
CA ARG F 396 -27.65 13.71 -16.50
C ARG F 396 -28.24 14.65 -15.47
N LEU F 397 -27.37 15.36 -14.76
CA LEU F 397 -27.80 16.14 -13.61
C LEU F 397 -28.62 17.35 -14.01
N THR F 398 -28.58 17.75 -15.29
CA THR F 398 -29.09 19.04 -15.70
C THR F 398 -30.10 18.95 -16.84
N PHE F 399 -30.36 17.75 -17.36
CA PHE F 399 -31.24 17.63 -18.51
C PHE F 399 -32.57 18.31 -18.26
N LYS F 400 -33.14 18.14 -17.07
CA LYS F 400 -34.44 18.71 -16.79
C LYS F 400 -34.33 20.19 -16.41
N TYR F 401 -33.24 20.58 -15.77
CA TYR F 401 -33.06 21.96 -15.37
C TYR F 401 -32.75 22.84 -16.57
N GLU F 402 -31.79 22.42 -17.39
CA GLU F 402 -31.43 23.18 -18.57
C GLU F 402 -32.60 23.25 -19.56
N ARG F 403 -33.47 22.24 -19.53
CA ARG F 403 -34.56 22.20 -20.49
C ARG F 403 -35.52 23.35 -20.28
N ASP F 404 -36.03 23.50 -19.07
CA ASP F 404 -37.02 24.52 -18.78
C ASP F 404 -36.40 25.89 -18.53
N SER F 405 -35.18 25.94 -18.01
CA SER F 405 -34.46 27.21 -17.95
C SER F 405 -34.46 27.91 -19.29
N ASN F 406 -34.37 27.15 -20.38
CA ASN F 406 -34.44 27.75 -21.70
C ASN F 406 -35.89 28.05 -22.06
N TYR F 407 -36.82 27.33 -21.46
CA TYR F 407 -38.24 27.59 -21.71
C TYR F 407 -38.72 28.79 -20.91
N HIS F 408 -38.10 29.05 -19.76
CA HIS F 408 -38.46 30.25 -19.00
C HIS F 408 -37.77 31.47 -19.56
N LEU F 409 -36.74 31.25 -20.37
CA LEU F 409 -36.07 32.35 -21.05
C LEU F 409 -36.96 32.89 -22.17
N LEU F 410 -37.45 31.99 -23.00
CA LEU F 410 -38.29 32.39 -24.12
C LEU F 410 -39.58 33.06 -23.65
N MET F 411 -40.08 32.66 -22.48
CA MET F 411 -41.25 33.31 -21.94
C MET F 411 -40.93 34.71 -21.46
N SER F 412 -39.68 34.95 -21.09
CA SER F 412 -39.29 36.28 -20.64
C SER F 412 -39.12 37.22 -21.82
N VAL F 413 -38.81 36.68 -22.99
CA VAL F 413 -38.89 37.44 -24.22
C VAL F 413 -40.34 37.68 -24.59
N GLN F 414 -41.10 36.59 -24.71
CA GLN F 414 -42.50 36.68 -25.11
C GLN F 414 -43.26 37.67 -24.25
N GLU F 415 -43.12 37.55 -22.94
CA GLU F 415 -43.98 38.31 -22.04
C GLU F 415 -43.56 39.77 -21.99
N SER F 416 -42.28 40.04 -22.19
CA SER F 416 -41.83 41.42 -22.21
C SER F 416 -42.21 42.10 -23.52
N LEU F 417 -42.19 41.35 -24.61
CA LEU F 417 -42.60 41.89 -25.89
C LEU F 417 -44.10 42.17 -25.89
N GLU F 418 -44.92 41.16 -25.62
CA GLU F 418 -46.35 41.39 -25.40
C GLU F 418 -46.58 42.59 -24.52
N ARG F 419 -45.80 42.70 -23.43
CA ARG F 419 -46.03 43.75 -22.44
C ARG F 419 -46.06 45.12 -23.10
N LYS F 420 -45.27 45.29 -24.15
CA LYS F 420 -45.18 46.59 -24.80
C LYS F 420 -46.18 46.70 -25.94
N PHE F 421 -46.13 45.75 -26.87
CA PHE F 421 -47.03 45.74 -28.01
C PHE F 421 -48.36 45.07 -27.67
N GLY F 422 -48.31 43.90 -27.05
CA GLY F 422 -49.52 43.22 -26.68
C GLY F 422 -50.56 43.20 -27.79
N LYS F 423 -51.69 43.86 -27.51
CA LYS F 423 -52.82 43.94 -28.43
C LYS F 423 -52.41 44.22 -29.86
N HIS F 424 -51.28 44.92 -30.05
CA HIS F 424 -50.81 45.24 -31.39
C HIS F 424 -50.88 44.02 -32.31
N GLY F 425 -50.39 42.89 -31.82
CA GLY F 425 -50.44 41.65 -32.57
C GLY F 425 -51.01 40.52 -31.74
N GLY F 426 -51.50 40.84 -30.55
CA GLY F 426 -52.12 39.85 -29.69
C GLY F 426 -51.11 39.12 -28.85
N THR F 427 -51.01 37.80 -29.03
CA THR F 427 -50.00 36.98 -28.40
C THR F 427 -48.94 36.61 -29.41
N ILE F 428 -47.70 36.56 -28.94
CA ILE F 428 -46.56 36.30 -29.80
C ILE F 428 -45.90 35.01 -29.34
N PRO F 429 -46.28 33.88 -29.88
CA PRO F 429 -45.66 32.63 -29.45
C PRO F 429 -44.19 32.55 -29.82
N ILE F 430 -43.35 32.40 -28.82
CA ILE F 430 -41.93 32.17 -29.01
C ILE F 430 -41.68 30.71 -28.70
N VAL F 431 -41.43 29.93 -29.74
CA VAL F 431 -41.25 28.49 -29.56
C VAL F 431 -39.98 28.05 -30.27
N PRO F 432 -39.42 26.94 -29.84
CA PRO F 432 -38.21 26.43 -30.48
C PRO F 432 -38.42 26.18 -31.96
N THR F 433 -37.30 25.98 -32.64
CA THR F 433 -37.32 25.42 -33.98
C THR F 433 -37.39 23.90 -33.90
N ALA F 434 -37.08 23.26 -35.03
CA ALA F 434 -37.02 21.82 -35.06
C ALA F 434 -35.82 21.30 -34.29
N GLU F 435 -34.62 21.71 -34.70
CA GLU F 435 -33.40 21.16 -34.14
C GLU F 435 -33.15 21.64 -32.71
N PHE F 436 -33.47 22.89 -32.40
CA PHE F 436 -33.30 23.35 -31.03
C PHE F 436 -34.17 22.54 -30.08
N GLN F 437 -35.34 22.10 -30.56
CA GLN F 437 -36.18 21.24 -29.75
C GLN F 437 -35.48 19.93 -29.45
N ASP F 438 -34.48 19.58 -30.26
CA ASP F 438 -33.69 18.40 -29.98
C ASP F 438 -32.56 18.73 -29.03
N ARG F 439 -32.18 20.00 -28.96
CA ARG F 439 -31.03 20.44 -28.18
C ARG F 439 -31.40 21.36 -27.04
N ILE F 440 -32.65 21.31 -26.58
CA ILE F 440 -33.09 22.21 -25.54
C ILE F 440 -32.82 21.65 -24.16
N SER F 441 -32.76 20.33 -24.04
CA SER F 441 -32.52 19.68 -22.77
C SER F 441 -31.05 19.62 -22.38
N GLY F 442 -30.14 20.01 -23.27
CA GLY F 442 -28.73 19.98 -22.99
C GLY F 442 -28.02 18.87 -23.75
N ALA F 443 -26.73 18.75 -23.46
CA ALA F 443 -25.86 17.85 -24.20
C ALA F 443 -25.95 16.42 -23.67
N SER F 444 -26.16 15.48 -24.60
CA SER F 444 -26.03 14.06 -24.30
C SER F 444 -24.69 13.56 -24.83
N GLU F 445 -24.20 12.47 -24.24
CA GLU F 445 -22.89 11.96 -24.62
C GLU F 445 -22.74 11.88 -26.12
N LYS F 446 -23.78 11.39 -26.80
CA LYS F 446 -23.71 11.30 -28.25
C LYS F 446 -23.42 12.64 -28.89
N ASP F 447 -23.72 13.73 -28.18
CA ASP F 447 -23.60 15.06 -28.77
C ASP F 447 -22.26 15.68 -28.40
N ILE F 448 -21.85 15.52 -27.15
CA ILE F 448 -20.53 15.93 -26.72
C ILE F 448 -19.47 15.32 -27.63
N VAL F 449 -19.53 14.00 -27.81
CA VAL F 449 -18.57 13.30 -28.65
C VAL F 449 -18.54 13.90 -30.05
N HIS F 450 -19.66 13.81 -30.75
CA HIS F 450 -19.71 14.28 -32.14
C HIS F 450 -19.12 15.67 -32.27
N SER F 451 -19.40 16.54 -31.32
CA SER F 451 -18.95 17.92 -31.39
C SER F 451 -17.48 18.06 -30.98
N GLY F 452 -17.14 17.62 -29.77
CA GLY F 452 -15.78 17.75 -29.30
C GLY F 452 -14.76 17.30 -30.33
N LEU F 453 -15.06 16.20 -31.03
CA LEU F 453 -14.17 15.70 -32.05
C LEU F 453 -13.99 16.72 -33.17
N ALA F 454 -15.09 17.11 -33.80
CA ALA F 454 -15.03 18.06 -34.90
C ALA F 454 -14.36 19.36 -34.48
N TYR F 455 -14.51 19.74 -33.21
CA TYR F 455 -13.89 20.97 -32.74
C TYR F 455 -12.39 20.85 -32.72
N THR F 456 -11.88 19.91 -31.94
CA THR F 456 -10.45 19.68 -31.85
C THR F 456 -9.81 19.65 -33.23
N MET F 457 -10.31 18.78 -34.11
CA MET F 457 -9.73 18.62 -35.42
C MET F 457 -9.56 19.96 -36.14
N GLU F 458 -10.61 20.77 -36.16
CA GLU F 458 -10.50 22.08 -36.82
C GLU F 458 -9.49 22.96 -36.11
N ARG F 459 -9.59 23.05 -34.78
CA ARG F 459 -8.64 23.85 -34.03
C ARG F 459 -7.21 23.50 -34.39
N SER F 460 -6.93 22.21 -34.57
CA SER F 460 -5.58 21.76 -34.77
C SER F 460 -5.09 22.05 -36.17
N ALA F 461 -5.84 21.64 -37.19
CA ALA F 461 -5.48 21.97 -38.57
C ALA F 461 -5.22 23.46 -38.71
N ARG F 462 -5.98 24.28 -38.00
CA ARG F 462 -5.73 25.71 -38.03
C ARG F 462 -4.32 26.02 -37.57
N GLN F 463 -3.89 25.41 -36.45
CA GLN F 463 -2.52 25.59 -35.98
C GLN F 463 -1.52 25.00 -36.95
N ILE F 464 -1.88 23.91 -37.62
CA ILE F 464 -0.97 23.27 -38.55
C ILE F 464 -0.73 24.17 -39.76
N MET F 465 -1.80 24.47 -40.49
CA MET F 465 -1.67 25.31 -41.68
C MET F 465 -1.09 26.66 -41.34
N ARG F 466 -1.19 27.08 -40.08
CA ARG F 466 -0.73 28.40 -39.68
C ARG F 466 0.80 28.44 -39.62
N THR F 467 1.42 27.32 -39.24
CA THR F 467 2.87 27.27 -39.19
C THR F 467 3.46 26.88 -40.53
N ALA F 468 2.76 26.04 -41.29
CA ALA F 468 3.23 25.70 -42.63
C ALA F 468 3.42 26.94 -43.48
N MET F 469 2.58 27.96 -43.24
CA MET F 469 2.75 29.22 -43.93
C MET F 469 3.78 30.10 -43.24
N LYS F 470 3.92 29.96 -41.92
CA LYS F 470 4.95 30.71 -41.21
C LYS F 470 6.33 30.34 -41.72
N TYR F 471 6.49 29.10 -42.18
CA TYR F 471 7.78 28.60 -42.63
C TYR F 471 7.78 28.21 -44.10
N ASN F 472 6.64 28.30 -44.77
CA ASN F 472 6.57 28.11 -46.20
C ASN F 472 6.98 26.70 -46.57
N LEU F 473 6.36 25.74 -45.90
CA LEU F 473 6.57 24.33 -46.19
C LEU F 473 5.69 23.84 -47.33
N GLY F 474 4.77 24.67 -47.80
CA GLY F 474 3.93 24.27 -48.92
C GLY F 474 3.11 23.06 -48.57
N LEU F 475 3.31 21.99 -49.33
CA LEU F 475 2.54 20.76 -49.19
C LEU F 475 3.10 19.84 -48.12
N ASP F 476 4.30 20.10 -47.62
CA ASP F 476 4.94 19.22 -46.64
C ASP F 476 4.27 19.44 -45.29
N LEU F 477 3.01 19.02 -45.20
CA LEU F 477 2.28 19.11 -43.96
C LEU F 477 2.95 18.30 -42.86
N ARG F 478 3.49 17.13 -43.20
CA ARG F 478 4.06 16.26 -42.19
C ARG F 478 5.03 17.02 -41.30
N THR F 479 6.01 17.69 -41.90
CA THR F 479 6.95 18.47 -41.12
C THR F 479 6.26 19.59 -40.38
N ALA F 480 5.16 20.11 -40.94
CA ALA F 480 4.44 21.18 -40.29
C ALA F 480 3.85 20.71 -38.97
N ALA F 481 3.59 19.41 -38.85
CA ALA F 481 3.02 18.87 -37.64
C ALA F 481 4.07 18.69 -36.56
N TYR F 482 5.12 17.95 -36.87
CA TYR F 482 6.17 17.69 -35.90
C TYR F 482 6.65 18.95 -35.23
N VAL F 483 6.73 20.05 -35.99
CA VAL F 483 7.22 21.30 -35.42
C VAL F 483 6.35 21.74 -34.25
N ASN F 484 5.03 21.65 -34.42
CA ASN F 484 4.14 21.97 -33.32
C ASN F 484 4.34 21.01 -32.16
N ALA F 485 4.29 19.72 -32.44
CA ALA F 485 4.53 18.73 -31.40
C ALA F 485 5.81 19.03 -30.64
N ILE F 486 6.94 18.99 -31.35
CA ILE F 486 8.23 19.22 -30.71
C ILE F 486 8.21 20.51 -29.92
N GLU F 487 7.57 21.53 -30.46
CA GLU F 487 7.54 22.83 -29.81
C GLU F 487 6.79 22.78 -28.50
N LYS F 488 5.78 21.91 -28.43
CA LYS F 488 5.03 21.76 -27.19
C LYS F 488 5.80 20.89 -26.19
N VAL F 489 6.07 19.65 -26.58
CA VAL F 489 6.82 18.75 -25.72
C VAL F 489 8.02 19.43 -25.12
N PHE F 490 8.76 20.18 -25.94
CA PHE F 490 9.98 20.81 -25.48
C PHE F 490 9.71 21.70 -24.26
N ARG F 491 8.71 22.56 -24.35
CA ARG F 491 8.41 23.47 -23.25
C ARG F 491 8.24 22.74 -21.93
N VAL F 492 7.84 21.47 -21.99
CA VAL F 492 7.54 20.73 -20.78
C VAL F 492 8.83 20.31 -20.09
N TYR F 493 9.74 19.68 -20.84
CA TYR F 493 11.01 19.29 -20.27
C TYR F 493 11.79 20.51 -19.79
N ASN F 494 11.78 21.58 -20.58
CA ASN F 494 12.55 22.76 -20.23
C ASN F 494 12.05 23.38 -18.94
N GLU F 495 10.80 23.85 -18.93
CA GLU F 495 10.26 24.48 -17.73
C GLU F 495 10.30 23.55 -16.53
N ALA F 496 10.36 22.25 -16.76
CA ALA F 496 10.27 21.28 -15.68
C ALA F 496 11.57 21.08 -14.93
N GLY F 497 12.68 21.62 -15.39
CA GLY F 497 13.91 21.30 -14.72
C GLY F 497 14.42 19.92 -15.08
N VAL F 498 15.00 19.76 -16.27
CA VAL F 498 14.94 18.53 -17.06
C VAL F 498 14.82 17.28 -16.21
N THR F 499 15.41 17.29 -15.01
CA THR F 499 15.37 16.13 -14.15
C THR F 499 15.20 16.58 -12.71
N PHE F 500 14.82 15.62 -11.86
CA PHE F 500 14.67 15.84 -10.44
C PHE F 500 15.85 15.31 -9.64
N THR F 501 16.90 14.84 -10.32
CA THR F 501 18.06 14.33 -9.63
C THR F 501 18.85 15.50 -9.07
PA NAI G . -9.51 -38.37 4.28
O1A NAI G . -9.50 -37.23 3.29
O2A NAI G . -8.33 -39.31 4.36
O5B NAI G . -10.83 -39.25 4.02
C5B NAI G . -11.31 -40.15 5.02
C4B NAI G . -11.49 -41.53 4.40
O4B NAI G . -12.39 -42.30 5.19
C3B NAI G . -12.06 -41.44 2.99
O3B NAI G . -11.14 -41.99 2.05
C2B NAI G . -13.34 -42.27 3.00
O2B NAI G . -13.24 -43.32 2.05
C1B NAI G . -13.46 -42.84 4.41
N9A NAI G . -14.77 -42.46 4.99
C8A NAI G . -15.42 -41.31 4.77
N7A NAI G . -16.59 -41.29 5.46
C5A NAI G . -16.70 -42.44 6.14
C6A NAI G . -17.67 -43.06 7.06
N6A NAI G . -18.82 -42.42 7.40
N1A NAI G . -17.39 -44.29 7.55
C2A NAI G . -16.26 -44.95 7.22
N3A NAI G . -15.33 -44.44 6.39
C4A NAI G . -15.48 -43.22 5.83
O3 NAI G . -9.76 -37.76 5.74
PN NAI G . -8.53 -37.16 6.59
O1N NAI G . -8.93 -35.79 7.08
O2N NAI G . -7.28 -37.32 5.76
O5D NAI G . -8.44 -38.14 7.85
C5D NAI G . -9.63 -38.69 8.43
C4D NAI G . -10.08 -37.84 9.60
O4D NAI G . -8.95 -37.28 10.28
C3D NAI G . -10.97 -36.69 9.17
O3D NAI G . -12.32 -36.94 9.56
C2D NAI G . -10.42 -35.46 9.87
O2D NAI G . -11.42 -34.93 10.75
C1D NAI G . -9.22 -35.93 10.67
N1N NAI G . -8.08 -35.07 10.39
C2N NAI G . -7.40 -35.22 9.25
C3N NAI G . -6.31 -34.43 8.94
C7N NAI G . -5.60 -34.66 7.64
O7N NAI G . -4.64 -33.96 7.36
N7N NAI G . -6.03 -35.62 6.83
C4N NAI G . -5.83 -33.35 9.87
C5N NAI G . -6.65 -33.28 11.08
C6N NAI G . -7.73 -34.13 11.28
PA NAI H . 16.12 -28.68 0.92
O1A NAI H . 15.76 -30.14 0.83
O2A NAI H . 16.50 -28.06 2.25
O5B NAI H . 17.29 -28.37 -0.14
C5B NAI H . 17.06 -27.51 -1.26
C4B NAI H . 16.22 -28.23 -2.29
O4B NAI H . 15.54 -27.28 -3.12
C3B NAI H . 17.08 -29.10 -3.19
O3B NAI H . 16.67 -30.46 -3.11
C2B NAI H . 16.87 -28.59 -4.61
O2B NAI H . 16.32 -29.63 -5.43
C1B NAI H . 15.88 -27.44 -4.50
N9A NAI H . 16.52 -26.19 -4.99
C8A NAI H . 17.44 -25.46 -4.34
N7A NAI H . 17.83 -24.38 -5.06
C5A NAI H . 17.14 -24.41 -6.23
C6A NAI H . 17.06 -23.56 -7.44
N6A NAI H . 17.82 -22.44 -7.57
N1A NAI H . 16.22 -23.96 -8.42
C2A NAI H . 15.45 -25.06 -8.30
N3A NAI H . 15.48 -25.87 -7.22
C4A NAI H . 16.28 -25.60 -6.17
O3 NAI H . 14.88 -27.82 0.32
PN NAI H . 14.92 -26.22 0.30
O1N NAI H . 14.98 -25.76 -1.14
O2N NAI H . 15.99 -25.77 1.28
O5D NAI H . 13.49 -25.82 0.90
C5D NAI H . 13.38 -24.90 1.99
C4D NAI H . 14.09 -23.60 1.63
O4D NAI H . 13.98 -23.36 0.22
C3D NAI H . 13.47 -22.42 2.36
O3D NAI H . 14.45 -21.77 3.18
C2D NAI H . 12.99 -21.46 1.28
O2D NAI H . 13.66 -20.21 1.40
C1D NAI H . 13.33 -22.11 -0.05
N1N NAI H . 12.12 -22.34 -0.82
C2N NAI H . 11.73 -21.44 -1.72
C3N NAI H . 10.57 -21.61 -2.48
C7N NAI H . 10.18 -20.56 -3.48
O7N NAI H . 10.51 -19.40 -3.28
N7N NAI H . 9.49 -20.92 -4.55
C4N NAI H . 9.70 -22.83 -2.31
C5N NAI H . 10.24 -23.73 -1.30
C6N NAI H . 11.41 -23.46 -0.60
PA NAI I . 10.05 5.81 38.03
O1A NAI I . 8.88 5.85 37.07
O2A NAI I . 10.35 4.55 38.80
O5B NAI I . 9.87 7.01 39.08
C5B NAI I . 10.97 7.48 39.86
C4B NAI I . 10.58 7.47 41.33
O4B NAI I . 11.44 8.34 42.06
C3B NAI I . 9.15 7.94 41.54
O3B NAI I . 8.37 6.90 42.12
C2B NAI I . 9.23 9.11 42.48
O2B NAI I . 8.47 8.85 43.66
C1B NAI I . 10.69 9.28 42.85
N9A NAI I . 11.13 10.66 42.53
C8A NAI I . 10.69 11.42 41.51
N7A NAI I . 11.31 12.63 41.50
C5A NAI I . 12.15 12.66 42.54
C6A NAI I . 13.11 13.64 43.11
N6A NAI I . 13.28 14.86 42.55
N1A NAI I . 13.81 13.27 44.20
C2A NAI I . 13.66 12.05 44.77
N3A NAI I . 12.81 11.12 44.31
C4A NAI I . 12.04 11.36 43.21
O3 NAI I . 11.38 6.24 37.23
PN NAI I . 12.18 5.14 36.36
O1N NAI I . 12.41 5.72 34.99
O2N NAI I . 11.46 3.82 36.52
O5D NAI I . 13.59 5.05 37.12
C5D NAI I . 14.17 6.20 37.70
C4D NAI I . 15.18 6.83 36.73
O4D NAI I . 15.80 5.81 35.94
C3D NAI I . 14.50 7.79 35.77
O3D NAI I . 14.86 9.14 36.09
C2D NAI I . 15.02 7.43 34.39
O2D NAI I . 15.74 8.54 33.84
C1D NAI I . 15.96 6.25 34.59
N1N NAI I . 15.60 5.19 33.65
C2N NAI I . 14.54 4.41 33.91
C3N NAI I . 14.16 3.39 33.06
C7N NAI I . 12.96 2.56 33.40
O7N NAI I . 12.62 1.66 32.66
N7N NAI I . 12.30 2.83 34.53
C4N NAI I . 14.93 3.09 31.79
C5N NAI I . 16.06 4.00 31.64
C6N NAI I . 16.35 5.00 32.56
PA NAI J . 6.58 -18.86 26.15
O1A NAI J . 6.72 -18.67 27.64
O2A NAI J . 7.80 -19.08 25.30
O5B NAI J . 5.55 -20.08 25.89
C5B NAI J . 4.29 -19.84 25.25
C4B NAI J . 3.35 -19.15 26.22
O4B NAI J . 2.34 -18.45 25.49
C3B NAI J . 2.65 -20.17 27.12
O3B NAI J . 2.94 -19.89 28.49
C2B NAI J . 1.16 -20.01 26.86
O2B NAI J . 0.50 -19.63 28.07
C1B NAI J . 1.03 -18.90 25.82
N9A NAI J . 0.36 -19.45 24.60
C8A NAI J . 0.94 -20.23 23.68
N7A NAI J . 0.07 -20.56 22.69
C5A NAI J . -1.11 -19.96 22.99
C6A NAI J . -2.45 -19.89 22.36
N6A NAI J . -2.72 -20.54 21.20
N1A NAI J . -3.39 -19.17 23.00
C2A NAI J . -3.14 -18.52 24.15
N3A NAI J . -1.94 -18.54 24.77
C4A NAI J . -0.90 -19.23 24.24
O3 NAI J . 5.78 -17.59 25.55
PN NAI J . 5.49 -17.47 23.97
O1N NAI J . 4.00 -17.59 23.75
O2N NAI J . 6.44 -18.41 23.25
O5D NAI J . 5.94 -15.97 23.64
C5D NAI J . 6.85 -15.69 22.58
C4D NAI J . 6.32 -16.28 21.29
O4D NAI J . 4.89 -16.25 21.29
C3D NAI J . 6.80 -15.49 20.09
O3D NAI J . 7.56 -16.33 19.21
C2D NAI J . 5.56 -15.00 19.37
O2D NAI J . 5.50 -15.52 18.05
C1D NAI J . 4.37 -15.50 20.18
N1N NAI J . 3.59 -14.37 20.67
C2N NAI J . 2.52 -13.96 19.97
C3N NAI J . 1.74 -12.88 20.38
C7N NAI J . 0.57 -12.47 19.56
O7N NAI J . 0.58 -12.65 18.36
N7N NAI J . -0.47 -11.90 20.16
C4N NAI J . 2.06 -12.13 21.67
C5N NAI J . 3.23 -12.69 22.33
C6N NAI J . 3.94 -13.77 21.81
PA NAI K . 37.04 -6.55 -12.88
O1A NAI K . 36.02 -5.46 -12.63
O2A NAI K . 38.02 -6.92 -11.80
O5B NAI K . 37.87 -6.17 -14.21
C5B NAI K . 38.62 -7.16 -14.91
C4B NAI K . 40.04 -6.66 -15.09
O4B NAI K . 40.67 -7.37 -16.16
C3B NAI K . 40.09 -5.18 -15.43
O3B NAI K . 40.80 -4.47 -14.41
C2B NAI K . 40.83 -5.07 -16.74
O2B NAI K . 41.99 -4.26 -16.58
C1B NAI K . 41.24 -6.48 -17.13
N9A NAI K . 40.72 -6.80 -18.48
C8A NAI K . 39.57 -6.35 -19.01
N7A NAI K . 39.40 -6.83 -20.26
C5A NAI K . 40.46 -7.60 -20.56
C6A NAI K . 40.92 -8.41 -21.72
N6A NAI K . 40.18 -8.49 -22.85
N1A NAI K . 42.10 -9.06 -21.61
C2A NAI K . 42.84 -8.99 -20.48
N3A NAI K . 42.49 -8.28 -19.40
C4A NAI K . 41.34 -7.58 -19.38
O3 NAI K . 36.26 -7.88 -13.32
PN NAI K . 35.64 -8.85 -12.20
O1N NAI K . 34.19 -9.13 -12.58
O2N NAI K . 35.97 -8.26 -10.85
O5D NAI K . 36.48 -10.21 -12.39
C5D NAI K . 36.88 -10.63 -13.68
C4D NAI K . 35.88 -11.63 -14.25
O4D NAI K . 35.30 -12.42 -13.20
C3D NAI K . 34.74 -10.93 -14.97
O3D NAI K . 34.85 -11.12 -16.38
C2D NAI K . 33.48 -11.59 -14.46
O2D NAI K . 32.78 -12.22 -15.54
C1D NAI K . 33.91 -12.62 -13.43
N1N NAI K . 33.15 -12.45 -12.21
C2N NAI K . 33.47 -11.46 -11.37
C3N NAI K . 32.78 -11.25 -10.18
C7N NAI K . 33.20 -10.11 -9.29
O7N NAI K . 32.59 -9.93 -8.25
N7N NAI K . 34.22 -9.35 -9.67
C4N NAI K . 31.63 -12.13 -9.78
C5N NAI K . 31.38 -13.18 -10.77
C6N NAI K . 32.15 -13.28 -11.94
PA NAI L . 29.25 -6.52 13.59
O1A NAI L . 30.69 -6.53 13.15
O2A NAI L . 28.52 -7.82 13.81
O5B NAI L . 29.13 -5.65 14.94
C5B NAI L . 28.39 -4.42 14.96
C4B NAI L . 29.18 -3.34 14.24
O4B NAI L . 28.29 -2.32 13.78
C3B NAI L . 30.20 -2.69 15.17
O3B NAI L . 31.51 -2.85 14.65
C2B NAI L . 29.83 -1.22 15.22
O2B NAI L . 30.92 -0.43 14.73
C1B NAI L . 28.61 -1.04 14.32
N9A NAI L . 27.48 -0.53 15.12
C8A NAI L . 26.72 -1.26 15.97
N7A NAI L . 25.76 -0.50 16.55
C5A NAI L . 25.88 0.75 16.05
C6A NAI L . 25.18 2.05 16.23
N6A NAI L . 24.13 2.16 17.08
N1A NAI L . 25.63 3.10 15.52
C2A NAI L . 26.68 3.01 14.67
N3A NAI L . 27.35 1.86 14.47
C4A NAI L . 27.01 0.72 15.11
O3 NAI L . 28.40 -5.64 12.53
PN NAI L . 26.81 -5.46 12.70
O1N NAI L . 26.53 -4.01 13.02
O2N NAI L . 26.31 -6.55 13.63
O5D NAI L . 26.27 -5.77 11.22
C5D NAI L . 25.23 -6.72 11.02
C4D NAI L . 24.03 -6.36 11.86
O4D NAI L . 23.94 -4.94 12.00
C3D NAI L . 22.73 -6.85 11.23
O3D NAI L . 22.05 -7.75 12.11
C2D NAI L . 21.88 -5.62 10.99
O2D NAI L . 20.66 -5.72 11.73
C1D NAI L . 22.69 -4.43 11.50
N1N NAI L . 22.94 -3.50 10.40
C2N NAI L . 22.12 -2.46 10.23
C3N NAI L . 22.31 -1.54 9.20
C7N NAI L . 21.36 -0.39 9.06
O7N NAI L . 20.20 -0.52 9.43
N7N NAI L . 21.80 0.74 8.52
C4N NAI L . 23.46 -1.68 8.22
C5N NAI L . 24.27 -2.85 8.53
C6N NAI L . 23.98 -3.70 9.59
PA NAI M . 8.10 38.88 -1.81
O1A NAI M . 8.73 37.51 -1.93
O2A NAI M . 7.58 39.58 -3.04
O5B NAI M . 9.18 39.85 -1.10
C5B NAI M . 8.76 41.08 -0.51
C4B NAI M . 9.60 42.22 -1.07
O4B NAI M . 9.55 43.34 -0.19
C3B NAI M . 11.07 41.81 -1.22
O3B NAI M . 11.45 41.88 -2.59
C2B NAI M . 11.87 42.80 -0.41
O2B NAI M . 12.79 43.49 -1.26
C1B NAI M . 10.86 43.79 0.17
N9A NAI M . 11.01 43.85 1.64
C8A NAI M . 11.35 42.81 2.44
N7A NAI M . 11.38 43.20 3.74
C5A NAI M . 11.07 44.51 3.79
C6A NAI M . 10.93 45.54 4.84
N6A NAI M . 11.14 45.24 6.14
N1A NAI M . 10.59 46.79 4.46
C2A NAI M . 10.38 47.10 3.16
N3A NAI M . 10.49 46.22 2.16
C4A NAI M . 10.83 44.93 2.40
O3 NAI M . 6.92 38.81 -0.74
PN NAI M . 5.47 38.28 -1.17
O1N NAI M . 5.03 37.22 -0.20
O2N NAI M . 5.52 37.98 -2.65
O5D NAI M . 4.54 39.58 -0.96
C5D NAI M . 4.79 40.47 0.13
C4D NAI M . 3.90 40.12 1.31
O4D NAI M . 2.65 39.59 0.86
C3D NAI M . 4.53 39.05 2.19
O3D NAI M . 4.95 39.63 3.42
C2D NAI M . 3.45 38.02 2.45
O2D NAI M . 3.15 37.96 3.84
C1D NAI M . 2.23 38.50 1.68
N1N NAI M . 1.70 37.40 0.86
C2N NAI M . 2.31 37.09 -0.28
C3N NAI M . 1.86 36.06 -1.09
C7N NAI M . 2.60 35.75 -2.36
O7N NAI M . 2.21 34.84 -3.07
N7N NAI M . 3.67 36.48 -2.67
C4N NAI M . 0.65 35.25 -0.72
C5N NAI M . 0.07 35.70 0.54
C6N NAI M . 0.62 36.74 1.27
PA NAI N . -4.34 24.34 -21.70
O1A NAI N . -3.84 25.76 -21.89
O2A NAI N . -5.76 24.12 -21.22
O5B NAI N . -4.14 23.54 -23.07
C5B NAI N . -3.24 22.44 -23.14
C4B NAI N . -1.81 22.95 -23.15
O4B NAI N . -0.93 21.92 -22.68
C3B NAI N . -1.37 23.33 -24.54
O3B NAI N . -0.98 24.71 -24.58
C2B NAI N . -0.17 22.46 -24.88
O2B NAI N . 0.98 23.28 -25.12
C1B NAI N . 0.06 21.58 -23.65
N9A NAI N . -0.09 20.15 -24.03
C8A NAI N . -1.24 19.51 -24.27
N7A NAI N . -1.02 18.21 -24.59
C5A NAI N . 0.31 18.00 -24.58
C6A NAI N . 1.21 16.86 -24.82
N6A NAI N . 0.73 15.64 -25.17
N1A NAI N . 2.55 17.07 -24.69
C2A NAI N . 3.03 18.27 -24.35
N3A NAI N . 2.27 19.35 -24.11
C4A NAI N . 0.92 19.29 -24.20
O3 NAI N . -3.34 23.59 -20.69
PN NAI N . -3.63 22.07 -20.25
O1N NAI N . -2.54 21.19 -20.83
O2N NAI N . -5.08 21.75 -20.54
O5D NAI N . -3.43 22.12 -18.65
C5D NAI N . -4.44 21.61 -17.78
C4D NAI N . -4.74 20.16 -18.13
O4D NAI N . -3.55 19.53 -18.62
C3D NAI N . -5.22 19.39 -16.92
O3D NAI N . -6.52 18.87 -17.16
C2D NAI N . -4.23 18.25 -16.74
O2D NAI N . -4.91 16.99 -16.86
C1D NAI N . -3.20 18.39 -17.84
N1N NAI N . -1.87 18.59 -17.26
C2N NAI N . -1.07 17.53 -17.07
C3N NAI N . 0.19 17.65 -16.52
C7N NAI N . 1.05 16.43 -16.35
O7N NAI N . 0.51 15.36 -16.17
N7N NAI N . 2.37 16.57 -16.37
C4N NAI N . 0.73 19.00 -16.09
C5N NAI N . -0.23 20.06 -16.34
C6N NAI N . -1.48 19.81 -16.91
PA NAI O . -37.91 4.42 11.15
O1A NAI O . -36.50 4.30 11.69
O2A NAI O . -38.49 5.78 10.88
O5B NAI O . -38.89 3.64 12.16
C5B NAI O . -40.20 3.26 11.76
C4B NAI O . -41.22 3.79 12.75
O4B NAI O . -42.44 3.04 12.65
C3B NAI O . -40.71 3.65 14.19
O3B NAI O . -40.60 4.94 14.79
C2B NAI O . -41.74 2.82 14.92
O2B NAI O . -42.27 3.57 16.02
C1B NAI O . -42.85 2.53 13.92
N9A NAI O . -43.06 1.06 13.83
C8A NAI O . -42.11 0.11 13.96
N7A NAI O . -42.63 -1.13 13.81
C5A NAI O . -43.95 -0.98 13.60
C6A NAI O . -45.10 -1.89 13.37
N6A NAI O . -44.94 -3.24 13.34
N1A NAI O . -46.32 -1.33 13.18
C2A NAI O . -46.49 0.00 13.20
N3A NAI O . -45.50 0.88 13.40
C4A NAI O . -44.23 0.46 13.61
O3 NAI O . -38.02 3.55 9.81
PN NAI O . -37.53 4.16 8.41
O1N NAI O . -36.62 3.17 7.74
O2N NAI O . -37.06 5.58 8.67
O5D NAI O . -38.90 4.25 7.56
C5D NAI O . -39.89 3.23 7.70
C4D NAI O . -39.72 2.19 6.60
O4D NAI O . -39.22 2.78 5.40
C3D NAI O . -38.73 1.11 7.01
O3D NAI O . -39.42 -0.11 7.27
C2D NAI O . -37.79 0.93 5.82
O2D NAI O . -37.92 -0.40 5.31
C1D NAI O . -38.26 1.93 4.78
N1N NAI O . -37.11 2.71 4.31
C2N NAI O . -36.63 3.70 5.08
C3N NAI O . -35.54 4.46 4.68
C7N NAI O . -35.05 5.55 5.59
O7N NAI O . -34.09 6.22 5.26
N7N NAI O . -35.68 5.75 6.74
C4N NAI O . -34.85 4.22 3.36
C5N NAI O . -35.47 3.12 2.63
C6N NAI O . -36.56 2.42 3.13
PA NAI P . -21.94 24.50 0.98
O1A NAI P . -23.28 24.76 1.61
O2A NAI P . -21.84 24.25 -0.50
O5B NAI P . -20.97 25.73 1.34
C5B NAI P . -19.82 25.54 2.15
C4B NAI P . -20.24 25.36 3.60
O4B NAI P . -19.22 24.65 4.31
C3B NAI P . -20.44 26.70 4.29
O3B NAI P . -21.79 26.80 4.77
C2B NAI P . -19.47 26.73 5.45
O2B NAI P . -20.18 26.86 6.68
C1B NAI P . -18.72 25.41 5.42
N9A NAI P . -17.27 25.65 5.23
C8A NAI P . -16.67 26.01 4.08
N7A NAI P . -15.33 26.16 4.25
C5A NAI P . -15.05 25.90 5.55
C6A NAI P . -13.84 25.87 6.39
N6A NAI P . -12.62 26.17 5.88
N1A NAI P . -13.99 25.55 7.70
C2A NAI P . -15.20 25.25 8.22
N3A NAI P . -16.34 25.26 7.51
C4A NAI P . -16.34 25.56 6.19
O3 NAI P . -21.24 23.27 1.75
PN NAI P . -19.80 22.73 1.29
O1N NAI P . -18.81 23.02 2.38
O2N NAI P . -19.53 23.22 -0.12
O5D NAI P . -20.02 21.13 1.23
C5D NAI P . -19.68 20.39 0.06
C4D NAI P . -18.21 20.64 -0.29
O4D NAI P . -17.46 20.86 0.91
C3D NAI P . -17.61 19.45 -1.01
O3D NAI P . -17.13 19.85 -2.30
C2D NAI P . -16.44 18.99 -0.16
O2D NAI P . -15.23 19.09 -0.89
C1D NAI P . -16.40 19.92 1.05
N1N NAI P . -16.59 19.14 2.28
C2N NAI P . -15.51 18.72 2.96
C3N NAI P . -15.63 17.99 4.12
C7N NAI P . -14.39 17.54 4.85
O7N NAI P . -13.37 17.35 4.21
N7N NAI P . -14.44 17.37 6.16
C4N NAI P . -16.99 17.61 4.69
C5N NAI P . -18.07 18.12 3.86
C6N NAI P . -17.82 18.86 2.70
PA NAI Q . -7.79 -4.19 -38.76
O1A NAI Q . -7.64 -4.95 -37.47
O2A NAI Q . -9.14 -3.68 -39.19
O5B NAI Q . -7.19 -5.10 -39.95
C5B NAI Q . -6.83 -4.52 -41.20
C4B NAI Q . -7.53 -5.28 -42.33
O4B NAI Q . -6.84 -5.04 -43.56
C3B NAI Q . -7.52 -6.78 -42.07
O3B NAI Q . -8.86 -7.26 -41.96
C2B NAI Q . -6.84 -7.41 -43.26
O2B NAI Q . -7.74 -8.32 -43.90
C1B NAI Q . -6.50 -6.27 -44.21
N9A NAI Q . -5.05 -6.30 -44.51
C8A NAI Q . -4.07 -6.68 -43.66
N7A NAI Q . -2.85 -6.58 -44.25
C5A NAI Q . -3.04 -6.13 -45.50
C6A NAI Q . -2.18 -5.81 -46.67
N6A NAI Q . -0.84 -5.95 -46.61
N1A NAI Q . -2.78 -5.37 -47.80
C2A NAI Q . -4.12 -5.23 -47.87
N3A NAI Q . -4.96 -5.50 -46.86
C4A NAI Q . -4.49 -5.95 -45.68
O3 NAI Q . -6.78 -2.94 -38.73
PN NAI Q . -7.20 -1.58 -37.98
O1N NAI Q . -6.09 -1.18 -37.05
O2N NAI Q . -8.61 -1.78 -37.45
O5D NAI Q . -7.26 -0.51 -39.18
C5D NAI Q . -6.33 -0.59 -40.25
C4D NAI Q . -5.16 0.35 -39.99
O4D NAI Q . -5.59 1.50 -39.26
C3D NAI Q . -4.08 -0.33 -39.16
O3D NAI Q . -2.93 -0.59 -39.97
C2D NAI Q . -3.71 0.66 -38.07
O2D NAI Q . -2.35 1.06 -38.20
C1D NAI Q . -4.62 1.86 -38.27
N1N NAI Q . -5.27 2.21 -37.02
C2N NAI Q . -6.31 1.49 -36.59
C3N NAI Q . -6.96 1.77 -35.40
C7N NAI Q . -8.12 0.91 -34.99
O7N NAI Q . -8.69 1.15 -33.94
N7N NAI Q . -8.48 -0.09 -35.78
C4N NAI Q . -6.53 2.92 -34.53
C5N NAI Q . -5.40 3.63 -35.10
C6N NAI Q . -4.81 3.25 -36.31
PA NAI R . -25.65 5.20 -19.94
O1A NAI R . -26.05 4.82 -21.35
O2A NAI R . -25.22 6.61 -19.63
O5B NAI R . -26.86 4.81 -18.95
C5B NAI R . -26.69 3.81 -17.95
C4B NAI R . -26.70 2.43 -18.62
O4B NAI R . -26.02 1.49 -17.78
C3B NAI R . -28.12 1.93 -18.82
O3B NAI R . -28.36 1.69 -20.21
C2B NAI R . -28.23 0.63 -18.06
O2B NAI R . -28.54 -0.45 -18.94
C1B NAI R . -26.88 0.40 -17.41
N9A NAI R . -27.01 0.37 -15.94
C8A NAI R . -27.21 1.43 -15.13
N7A NAI R . -27.30 1.06 -13.83
C5A NAI R . -27.16 -0.28 -13.79
C6A NAI R . -27.17 -1.31 -12.72
N6A NAI R . -27.34 -0.98 -11.42
N1A NAI R . -27.00 -2.60 -13.10
C2A NAI R . -26.83 -2.94 -14.40
N3A NAI R . -26.83 -2.06 -15.41
C4A NAI R . -26.98 -0.73 -15.17
O3 NAI R . -24.48 4.20 -19.47
PN NAI R . -23.81 4.36 -18.01
O1N NAI R . -24.17 3.15 -17.18
O2N NAI R . -24.12 5.75 -17.49
O5D NAI R . -22.23 4.29 -18.34
C5D NAI R . -21.35 5.30 -17.86
C4D NAI R . -21.47 5.42 -16.36
O4D NAI R . -21.78 4.15 -15.79
C3D NAI R . -20.17 5.91 -15.73
O3D NAI R . -20.39 7.14 -15.03
C2D NAI R . -19.74 4.83 -14.75
O2D NAI R . -19.70 5.36 -13.44
C1D NAI R . -20.80 3.74 -14.83
N1N NAI R . -20.18 2.49 -15.27
C2N NAI R . -19.78 1.60 -14.35
C3N NAI R . -19.19 0.40 -14.71
C7N NAI R . -18.76 -0.56 -13.64
O7N NAI R . -18.44 -0.13 -12.54
N7N NAI R . -18.75 -1.87 -13.91
C4N NAI R . -18.96 0.03 -16.16
C5N NAI R . -19.44 1.08 -17.05
C6N NAI R . -20.02 2.25 -16.57
#